data_2L2G
#
_entry.id   2L2G
#
_entity_poly.entity_id   1
_entity_poly.type   'polypeptide(L)'
_entity_poly.pdbx_seq_one_letter_code
;MKSNIQDNCQVTNPATGHLFDLNSLKNDSGYSVAYSEKGLIYIGICGGTKNCPSGVGVCFGLTKINAGSWNSQLMYVDQV
LQLVYDDGAPCPSKNALKYKSVISFVCTHDSGANNKPVFVSLDKQTCTLYFSWHTPLACEKEEPRHHHHHH
;
_entity_poly.pdbx_strand_id   A
#
# COMPACT_ATOMS: atom_id res chain seq x y z
N MET A 1 -8.24 13.12 16.85
CA MET A 1 -9.06 13.13 15.64
C MET A 1 -8.13 12.94 14.47
N LYS A 2 -8.67 12.48 13.35
CA LYS A 2 -7.93 12.22 12.11
C LYS A 2 -6.98 10.99 12.27
N SER A 3 -6.61 10.40 11.16
CA SER A 3 -5.70 9.28 11.11
C SER A 3 -4.40 9.56 11.84
N ASN A 4 -3.82 8.52 12.34
CA ASN A 4 -2.55 8.56 13.02
C ASN A 4 -1.49 7.98 12.11
N ILE A 5 -0.90 8.84 11.29
CA ILE A 5 0.14 8.50 10.35
C ILE A 5 1.44 8.22 11.11
N GLN A 6 1.62 7.01 11.57
CA GLN A 6 2.83 6.69 12.28
C GLN A 6 3.77 5.92 11.34
N ASP A 7 5.05 5.90 11.66
CA ASP A 7 6.08 5.29 10.82
C ASP A 7 6.37 3.86 11.28
N ASN A 8 5.48 3.31 12.08
CA ASN A 8 5.66 1.94 12.56
C ASN A 8 4.68 0.99 11.90
N CYS A 9 4.16 1.44 10.76
CA CYS A 9 3.25 0.63 9.91
C CYS A 9 1.95 0.36 10.66
N GLN A 10 1.46 1.36 11.35
CA GLN A 10 0.29 1.21 12.15
C GLN A 10 -0.48 2.53 12.17
N VAL A 11 -1.77 2.48 12.35
CA VAL A 11 -2.60 3.66 12.44
C VAL A 11 -3.71 3.43 13.44
N THR A 12 -3.89 4.32 14.37
CA THR A 12 -4.94 4.16 15.33
C THR A 12 -6.16 4.88 14.80
N ASN A 13 -7.25 4.17 14.74
CA ASN A 13 -8.52 4.72 14.28
C ASN A 13 -9.02 5.77 15.27
N PRO A 14 -9.20 7.02 14.85
CA PRO A 14 -9.70 8.08 15.73
C PRO A 14 -11.17 7.85 16.17
N ALA A 15 -11.81 6.87 15.58
CA ALA A 15 -13.18 6.61 15.87
C ALA A 15 -13.31 5.59 16.99
N THR A 16 -12.39 4.65 17.04
CA THR A 16 -12.47 3.55 18.00
C THR A 16 -11.26 3.50 18.91
N GLY A 17 -10.16 3.97 18.40
CA GLY A 17 -8.92 3.83 19.07
C GLY A 17 -8.30 2.51 18.71
N HIS A 18 -8.89 1.82 17.72
CA HIS A 18 -8.33 0.57 17.29
C HIS A 18 -7.12 0.81 16.41
N LEU A 19 -5.98 0.40 16.90
CA LEU A 19 -4.75 0.46 16.20
C LEU A 19 -4.74 -0.61 15.12
N PHE A 20 -4.31 -0.21 13.98
CA PHE A 20 -4.22 -1.03 12.79
C PHE A 20 -2.78 -1.39 12.55
N ASP A 21 -2.53 -2.54 11.97
CA ASP A 21 -1.17 -3.03 11.82
C ASP A 21 -1.01 -3.76 10.53
N LEU A 22 -0.02 -3.36 9.78
CA LEU A 22 0.31 -4.05 8.56
C LEU A 22 1.62 -4.77 8.69
N ASN A 23 2.19 -4.74 9.89
CA ASN A 23 3.49 -5.41 10.14
C ASN A 23 3.33 -6.90 10.02
N SER A 24 2.10 -7.34 10.16
CA SER A 24 1.73 -8.74 10.00
C SER A 24 1.84 -9.17 8.50
N LEU A 25 1.96 -8.20 7.59
CA LEU A 25 2.08 -8.48 6.18
C LEU A 25 3.53 -8.33 5.76
N LYS A 26 4.42 -8.30 6.71
CA LYS A 26 5.82 -8.14 6.43
C LYS A 26 6.52 -9.46 6.27
N ASN A 27 6.74 -9.79 5.06
CA ASN A 27 7.44 -10.96 4.68
C ASN A 27 8.29 -10.61 3.49
N ASP A 28 9.41 -11.22 3.43
CA ASP A 28 10.40 -10.97 2.37
C ASP A 28 9.99 -11.68 1.10
N SER A 29 9.05 -12.59 1.24
CA SER A 29 8.48 -13.33 0.13
C SER A 29 8.03 -12.35 -0.95
N GLY A 30 7.39 -11.28 -0.50
CA GLY A 30 7.05 -10.22 -1.39
C GLY A 30 5.71 -10.38 -2.03
N TYR A 31 5.30 -9.34 -2.69
CA TYR A 31 3.96 -9.25 -3.29
C TYR A 31 4.04 -8.82 -4.72
N SER A 32 3.01 -9.07 -5.46
CA SER A 32 2.98 -8.72 -6.86
C SER A 32 1.62 -8.20 -7.24
N VAL A 33 1.60 -7.33 -8.21
CA VAL A 33 0.39 -6.68 -8.67
C VAL A 33 0.47 -6.52 -10.17
N ALA A 34 -0.08 -7.45 -10.88
CA ALA A 34 -0.19 -7.39 -12.33
C ALA A 34 -0.63 -6.02 -12.83
N TYR A 35 0.21 -5.44 -13.61
CA TYR A 35 0.02 -4.13 -14.18
C TYR A 35 -0.73 -4.30 -15.48
N SER A 36 -1.57 -3.35 -15.78
CA SER A 36 -2.49 -3.40 -16.89
C SER A 36 -1.83 -3.67 -18.25
N GLU A 37 -0.67 -3.09 -18.50
CA GLU A 37 -0.01 -3.24 -19.78
C GLU A 37 0.59 -4.64 -20.01
N LYS A 38 1.84 -4.85 -19.62
CA LYS A 38 2.50 -6.13 -19.92
C LYS A 38 3.49 -6.55 -18.84
N GLY A 39 3.20 -6.21 -17.62
CA GLY A 39 4.05 -6.56 -16.52
C GLY A 39 3.28 -6.55 -15.26
N LEU A 40 3.94 -6.66 -14.17
CA LEU A 40 3.35 -6.55 -12.87
C LEU A 40 4.18 -5.55 -12.06
N ILE A 41 3.70 -5.26 -10.89
CA ILE A 41 4.35 -4.36 -9.96
C ILE A 41 4.51 -5.09 -8.64
N TYR A 42 5.72 -5.26 -8.18
CA TYR A 42 5.98 -5.98 -6.96
C TYR A 42 5.75 -5.03 -5.78
N ILE A 43 5.34 -5.59 -4.66
CA ILE A 43 5.09 -4.79 -3.48
C ILE A 43 5.77 -5.39 -2.22
N GLY A 44 6.24 -4.50 -1.37
CA GLY A 44 6.69 -4.82 -0.05
C GLY A 44 5.92 -3.93 0.91
N ILE A 45 5.48 -4.47 2.02
CA ILE A 45 4.67 -3.70 2.96
C ILE A 45 5.48 -3.32 4.17
N CYS A 46 5.97 -2.05 4.19
CA CYS A 46 6.72 -1.44 5.33
C CYS A 46 7.90 -2.28 5.79
N GLY A 47 8.32 -3.18 4.94
CA GLY A 47 9.38 -4.07 5.23
C GLY A 47 10.03 -4.53 3.97
N GLY A 48 11.17 -5.15 4.10
CA GLY A 48 11.90 -5.57 2.96
C GLY A 48 11.38 -6.86 2.36
N THR A 49 11.51 -6.94 1.08
CA THR A 49 11.17 -8.10 0.33
C THR A 49 12.35 -8.45 -0.53
N LYS A 50 12.35 -9.63 -1.06
CA LYS A 50 13.37 -10.02 -1.98
C LYS A 50 12.91 -9.73 -3.40
N ASN A 51 11.65 -9.43 -3.54
CA ASN A 51 11.08 -9.20 -4.85
C ASN A 51 11.16 -7.73 -5.25
N CYS A 52 11.29 -6.92 -4.26
CA CYS A 52 11.58 -5.49 -4.39
C CYS A 52 12.72 -5.15 -3.46
N PRO A 53 13.62 -4.23 -3.86
CA PRO A 53 14.79 -3.83 -3.04
C PRO A 53 14.37 -3.28 -1.67
N SER A 54 15.19 -3.50 -0.67
CA SER A 54 14.96 -2.91 0.61
C SER A 54 15.26 -1.43 0.44
N GLY A 55 14.29 -0.62 0.74
CA GLY A 55 14.38 0.79 0.47
C GLY A 55 13.38 1.15 -0.60
N VAL A 56 12.87 0.13 -1.23
CA VAL A 56 11.88 0.24 -2.25
C VAL A 56 10.63 -0.44 -1.75
N GLY A 57 9.57 0.29 -1.67
CA GLY A 57 8.35 -0.26 -1.15
C GLY A 57 7.59 -0.95 -2.23
N VAL A 58 7.58 -0.35 -3.39
CA VAL A 58 6.88 -0.87 -4.55
C VAL A 58 7.74 -0.70 -5.79
N CYS A 59 7.82 -1.71 -6.61
CA CYS A 59 8.63 -1.62 -7.81
C CYS A 59 8.05 -2.44 -8.97
N PHE A 60 8.02 -1.85 -10.16
CA PHE A 60 7.57 -2.54 -11.36
C PHE A 60 8.52 -3.66 -11.70
N GLY A 61 8.00 -4.69 -12.29
CA GLY A 61 8.81 -5.82 -12.64
C GLY A 61 9.30 -5.77 -14.05
N LEU A 62 8.56 -5.06 -14.88
CA LEU A 62 8.82 -4.93 -16.26
C LEU A 62 10.23 -4.41 -16.52
N THR A 63 10.46 -3.19 -16.12
CA THR A 63 11.74 -2.59 -16.32
C THR A 63 12.32 -2.12 -14.97
N LYS A 64 11.80 -2.75 -13.89
CA LYS A 64 12.22 -2.48 -12.52
C LYS A 64 12.16 -1.00 -12.16
N ILE A 65 10.95 -0.51 -12.09
CA ILE A 65 10.68 0.87 -11.77
C ILE A 65 10.15 1.00 -10.36
N ASN A 66 10.98 1.41 -9.43
CA ASN A 66 10.52 1.74 -8.08
C ASN A 66 9.34 2.72 -8.14
N ALA A 67 8.19 2.23 -7.85
CA ALA A 67 6.96 2.98 -7.99
C ALA A 67 6.59 3.64 -6.69
N GLY A 68 7.44 3.53 -5.73
CA GLY A 68 7.19 4.10 -4.45
C GLY A 68 8.16 3.57 -3.47
N SER A 69 8.92 4.44 -2.88
CA SER A 69 9.96 4.01 -2.00
C SER A 69 9.40 3.58 -0.66
N TRP A 70 10.16 2.75 0.00
CA TRP A 70 9.89 2.20 1.35
C TRP A 70 9.28 3.24 2.29
N ASN A 71 8.13 2.90 2.86
CA ASN A 71 7.49 3.73 3.85
C ASN A 71 6.72 2.83 4.76
N SER A 72 6.47 3.28 5.93
CA SER A 72 5.67 2.57 6.90
C SER A 72 4.60 3.54 7.37
N GLN A 73 4.43 4.58 6.55
CA GLN A 73 3.50 5.66 6.78
C GLN A 73 2.10 5.16 6.54
N LEU A 74 1.50 4.66 7.58
CA LEU A 74 0.19 4.10 7.50
C LEU A 74 -0.83 5.06 8.00
N MET A 75 -1.94 5.06 7.34
CA MET A 75 -3.03 5.91 7.66
C MET A 75 -4.31 5.15 7.54
N TYR A 76 -5.32 5.72 8.08
CA TYR A 76 -6.66 5.23 8.04
C TYR A 76 -7.51 6.37 7.55
N VAL A 77 -7.84 6.29 6.33
CA VAL A 77 -8.51 7.31 5.61
C VAL A 77 -9.58 6.71 4.71
N ASP A 78 -10.82 7.18 4.88
CA ASP A 78 -12.00 6.70 4.14
C ASP A 78 -12.31 5.27 4.48
N GLN A 79 -12.14 4.92 5.76
CA GLN A 79 -12.36 3.56 6.26
C GLN A 79 -11.38 2.57 5.66
N VAL A 80 -10.35 3.11 5.04
CA VAL A 80 -9.32 2.34 4.36
C VAL A 80 -7.94 2.68 4.93
N LEU A 81 -7.15 1.67 5.18
CA LEU A 81 -5.78 1.88 5.58
C LEU A 81 -5.02 2.26 4.35
N GLN A 82 -4.15 3.18 4.45
CA GLN A 82 -3.47 3.60 3.27
C GLN A 82 -2.03 3.87 3.53
N LEU A 83 -1.21 3.33 2.68
CA LEU A 83 0.21 3.53 2.71
C LEU A 83 0.56 4.32 1.49
N VAL A 84 1.24 5.39 1.67
CA VAL A 84 1.64 6.21 0.58
C VAL A 84 3.16 6.15 0.38
N TYR A 85 3.54 5.24 -0.46
CA TYR A 85 4.92 5.04 -0.83
C TYR A 85 5.28 6.10 -1.82
N ASP A 86 5.80 7.15 -1.35
CA ASP A 86 6.12 8.29 -2.18
C ASP A 86 7.60 8.45 -2.34
N ASP A 87 7.95 9.31 -3.25
CA ASP A 87 9.33 9.66 -3.59
C ASP A 87 10.08 8.42 -4.10
N GLY A 88 9.45 7.75 -5.05
CA GLY A 88 10.02 6.56 -5.65
C GLY A 88 10.96 6.89 -6.78
N ALA A 89 10.83 6.19 -7.87
CA ALA A 89 11.66 6.46 -9.04
C ALA A 89 11.08 7.64 -9.82
N PRO A 90 11.88 8.30 -10.69
CA PRO A 90 11.42 9.45 -11.45
C PRO A 90 10.45 9.04 -12.57
N CYS A 91 9.33 9.69 -12.60
CA CYS A 91 8.30 9.45 -13.58
C CYS A 91 8.42 10.44 -14.73
N PRO A 92 8.89 10.00 -15.90
CA PRO A 92 8.99 10.84 -17.09
C PRO A 92 7.85 10.57 -18.08
N SER A 93 6.91 9.80 -17.64
CA SER A 93 5.79 9.34 -18.43
C SER A 93 4.88 10.48 -18.95
N LYS A 94 4.28 11.22 -18.03
CA LYS A 94 3.35 12.29 -18.41
C LYS A 94 3.69 13.54 -17.66
N ASN A 95 3.63 13.46 -16.37
CA ASN A 95 4.04 14.55 -15.55
C ASN A 95 5.40 14.22 -15.03
N ALA A 96 6.07 15.17 -14.47
CA ALA A 96 7.46 14.98 -14.11
C ALA A 96 7.65 14.76 -12.62
N LEU A 97 6.70 14.13 -12.00
CA LEU A 97 6.77 13.82 -10.59
C LEU A 97 7.49 12.50 -10.44
N LYS A 98 7.50 12.00 -9.27
CA LYS A 98 8.08 10.74 -9.04
C LYS A 98 6.98 9.75 -8.79
N TYR A 99 7.30 8.49 -8.91
CA TYR A 99 6.34 7.46 -8.68
C TYR A 99 5.98 7.37 -7.21
N LYS A 100 4.73 7.18 -6.97
CA LYS A 100 4.20 7.07 -5.69
C LYS A 100 3.11 6.04 -5.70
N SER A 101 3.07 5.26 -4.69
CA SER A 101 2.14 4.18 -4.57
C SER A 101 1.20 4.40 -3.40
N VAL A 102 -0.06 4.27 -3.66
CA VAL A 102 -1.10 4.42 -2.66
C VAL A 102 -1.89 3.16 -2.53
N ILE A 103 -1.48 2.37 -1.63
CA ILE A 103 -2.11 1.11 -1.40
C ILE A 103 -3.27 1.33 -0.43
N SER A 104 -4.45 1.21 -0.95
CA SER A 104 -5.64 1.36 -0.20
C SER A 104 -6.07 -0.01 0.36
N PHE A 105 -6.04 -0.13 1.66
CA PHE A 105 -6.35 -1.36 2.35
C PHE A 105 -7.79 -1.39 2.71
N VAL A 106 -8.44 -2.23 2.05
CA VAL A 106 -9.83 -2.42 2.10
C VAL A 106 -10.17 -3.66 2.89
N CYS A 107 -10.98 -3.47 3.88
CA CYS A 107 -11.52 -4.52 4.73
C CYS A 107 -11.97 -5.73 3.95
N THR A 108 -11.43 -6.85 4.28
CA THR A 108 -11.95 -8.06 3.78
C THR A 108 -12.26 -8.90 4.98
N HIS A 109 -13.32 -9.64 4.91
CA HIS A 109 -13.83 -10.42 6.04
C HIS A 109 -13.00 -11.65 6.36
N ASP A 110 -11.89 -11.81 5.64
CA ASP A 110 -10.94 -12.92 5.85
C ASP A 110 -10.31 -12.84 7.24
N SER A 111 -9.47 -13.77 7.59
CA SER A 111 -8.89 -13.77 8.86
C SER A 111 -7.36 -13.47 8.81
N GLY A 112 -6.98 -12.18 8.93
CA GLY A 112 -5.57 -11.82 9.01
C GLY A 112 -4.77 -12.22 7.78
N ALA A 113 -5.15 -11.67 6.67
CA ALA A 113 -4.60 -12.03 5.37
C ALA A 113 -4.29 -10.77 4.59
N ASN A 114 -3.81 -10.90 3.39
CA ASN A 114 -3.60 -9.76 2.56
C ASN A 114 -4.37 -9.96 1.29
N ASN A 115 -4.72 -11.23 1.06
CA ASN A 115 -5.50 -11.68 -0.10
C ASN A 115 -4.75 -11.49 -1.36
N LYS A 116 -4.77 -10.31 -1.83
CA LYS A 116 -4.13 -9.95 -3.06
C LYS A 116 -4.18 -8.45 -3.26
N PRO A 117 -3.03 -7.83 -3.45
CA PRO A 117 -2.97 -6.45 -3.92
C PRO A 117 -3.40 -6.38 -5.41
N VAL A 118 -4.37 -5.55 -5.68
CA VAL A 118 -4.94 -5.41 -7.02
C VAL A 118 -4.63 -4.01 -7.53
N PHE A 119 -4.17 -3.89 -8.75
CA PHE A 119 -3.95 -2.61 -9.36
C PHE A 119 -5.28 -2.09 -9.82
N VAL A 120 -5.71 -1.03 -9.24
CA VAL A 120 -6.95 -0.46 -9.62
C VAL A 120 -6.75 0.62 -10.66
N SER A 121 -5.93 1.58 -10.36
CA SER A 121 -5.80 2.73 -11.24
C SER A 121 -4.41 3.32 -11.18
N LEU A 122 -4.04 4.00 -12.23
CA LEU A 122 -2.81 4.72 -12.26
C LEU A 122 -3.14 6.17 -12.48
N ASP A 123 -2.40 6.99 -11.84
CA ASP A 123 -2.60 8.40 -11.92
C ASP A 123 -1.43 8.97 -12.64
N LYS A 124 -1.67 9.54 -13.76
CA LYS A 124 -0.62 10.08 -14.61
C LYS A 124 -0.40 11.55 -14.33
N GLN A 125 -1.10 12.04 -13.35
CA GLN A 125 -1.01 13.45 -12.98
C GLN A 125 0.01 13.63 -11.89
N THR A 126 0.08 12.65 -11.04
CA THR A 126 1.01 12.67 -9.95
C THR A 126 1.75 11.32 -9.84
N CYS A 127 1.69 10.57 -10.96
CA CYS A 127 2.36 9.26 -11.12
C CYS A 127 2.11 8.36 -9.91
N THR A 128 0.86 8.23 -9.59
CA THR A 128 0.44 7.57 -8.40
C THR A 128 -0.23 6.21 -8.70
N LEU A 129 0.44 5.18 -8.26
CA LEU A 129 0.04 3.81 -8.39
C LEU A 129 -1.03 3.52 -7.34
N TYR A 130 -2.27 3.44 -7.75
CA TYR A 130 -3.34 3.13 -6.84
C TYR A 130 -3.51 1.65 -6.71
N PHE A 131 -3.37 1.16 -5.51
CA PHE A 131 -3.52 -0.23 -5.27
C PHE A 131 -4.70 -0.49 -4.38
N SER A 132 -5.38 -1.54 -4.65
CA SER A 132 -6.48 -1.99 -3.86
C SER A 132 -6.05 -3.25 -3.15
N TRP A 133 -6.04 -3.20 -1.87
CA TRP A 133 -5.56 -4.30 -1.10
C TRP A 133 -6.67 -4.74 -0.19
N HIS A 134 -7.15 -5.93 -0.36
CA HIS A 134 -8.21 -6.42 0.49
C HIS A 134 -7.60 -7.12 1.66
N THR A 135 -7.58 -6.47 2.79
CA THR A 135 -6.98 -7.03 3.94
C THR A 135 -7.97 -7.02 5.12
N PRO A 136 -8.03 -8.12 5.87
CA PRO A 136 -8.89 -8.26 7.05
C PRO A 136 -8.49 -7.36 8.15
N LEU A 137 -7.27 -6.92 8.11
CA LEU A 137 -6.76 -6.12 9.17
C LEU A 137 -7.25 -4.69 9.05
N ALA A 138 -7.69 -4.35 7.86
CA ALA A 138 -8.23 -3.05 7.56
C ALA A 138 -9.66 -3.02 7.98
N CYS A 139 -10.11 -4.13 8.45
CA CYS A 139 -11.46 -4.25 8.87
C CYS A 139 -11.54 -4.16 10.36
N GLU A 140 -12.56 -3.52 10.84
CA GLU A 140 -12.76 -3.40 12.21
C GLU A 140 -13.84 -4.29 12.70
N LYS A 141 -13.46 -5.14 13.58
CA LYS A 141 -14.38 -5.86 14.38
C LYS A 141 -14.76 -4.99 15.57
N GLU A 142 -13.93 -3.96 15.80
CA GLU A 142 -14.12 -3.02 16.88
C GLU A 142 -15.25 -2.08 16.54
N GLU A 143 -16.21 -1.99 17.41
CA GLU A 143 -17.38 -1.18 17.19
C GLU A 143 -17.06 0.30 17.36
N PRO A 144 -17.50 1.13 16.41
CA PRO A 144 -17.27 2.55 16.43
C PRO A 144 -18.22 3.28 17.36
N ARG A 145 -18.24 4.61 17.27
CA ARG A 145 -19.11 5.42 18.09
C ARG A 145 -20.56 5.16 17.74
N HIS A 146 -20.87 5.22 16.46
CA HIS A 146 -22.22 4.94 15.99
C HIS A 146 -22.21 3.59 15.30
N HIS A 147 -22.51 2.56 16.04
CA HIS A 147 -22.53 1.23 15.49
C HIS A 147 -23.95 0.71 15.45
N MET A 1 -8.00 10.72 20.75
CA MET A 1 -6.66 11.26 21.02
C MET A 1 -5.70 10.89 19.90
N LYS A 2 -5.93 9.76 19.23
CA LYS A 2 -5.10 9.40 18.10
C LYS A 2 -5.93 9.28 16.86
N SER A 3 -5.37 9.72 15.79
CA SER A 3 -6.02 9.71 14.51
C SER A 3 -5.08 9.13 13.45
N ASN A 4 -5.50 9.19 12.20
CA ASN A 4 -4.72 8.73 11.08
C ASN A 4 -3.55 9.67 10.78
N ILE A 5 -2.40 9.30 11.27
CA ILE A 5 -1.21 10.03 11.21
C ILE A 5 -0.06 9.08 10.92
N GLN A 6 1.13 9.61 10.89
CA GLN A 6 2.33 8.85 10.65
C GLN A 6 2.65 8.01 11.90
N ASP A 7 3.29 6.87 11.71
CA ASP A 7 3.64 5.98 12.83
C ASP A 7 4.71 4.92 12.43
N ASN A 8 4.26 3.69 12.08
CA ASN A 8 5.15 2.57 11.77
C ASN A 8 4.33 1.36 11.31
N CYS A 9 3.77 1.49 10.11
CA CYS A 9 2.99 0.42 9.45
C CYS A 9 1.74 0.11 10.24
N GLN A 10 1.26 1.11 10.94
CA GLN A 10 0.13 0.97 11.79
C GLN A 10 -0.57 2.31 11.89
N VAL A 11 -1.88 2.27 12.00
CA VAL A 11 -2.68 3.48 12.02
C VAL A 11 -3.79 3.34 13.03
N THR A 12 -3.95 4.30 13.83
CA THR A 12 -4.98 4.28 14.81
C THR A 12 -6.20 5.03 14.24
N ASN A 13 -7.33 4.35 14.26
CA ASN A 13 -8.59 4.90 13.78
C ASN A 13 -9.01 6.06 14.66
N PRO A 14 -9.21 7.24 14.09
CA PRO A 14 -9.68 8.41 14.83
C PRO A 14 -11.08 8.23 15.45
N ALA A 15 -11.82 7.19 15.06
CA ALA A 15 -13.17 7.03 15.55
C ALA A 15 -13.23 6.06 16.72
N THR A 16 -12.31 5.15 16.76
CA THR A 16 -12.35 4.11 17.77
C THR A 16 -11.13 4.17 18.66
N GLY A 17 -10.03 4.56 18.09
CA GLY A 17 -8.79 4.49 18.74
C GLY A 17 -8.18 3.14 18.51
N HIS A 18 -8.77 2.40 17.60
CA HIS A 18 -8.29 1.09 17.22
C HIS A 18 -7.11 1.18 16.28
N LEU A 19 -5.99 0.68 16.72
CA LEU A 19 -4.80 0.58 15.94
C LEU A 19 -4.92 -0.54 14.89
N PHE A 20 -4.55 -0.20 13.71
CA PHE A 20 -4.52 -1.08 12.57
C PHE A 20 -3.09 -1.36 12.30
N ASP A 21 -2.75 -2.52 11.84
CA ASP A 21 -1.37 -2.88 11.71
C ASP A 21 -1.13 -3.75 10.52
N LEU A 22 -0.15 -3.38 9.74
CA LEU A 22 0.22 -4.13 8.55
C LEU A 22 1.54 -4.81 8.77
N ASN A 23 2.06 -4.73 9.99
CA ASN A 23 3.34 -5.37 10.32
C ASN A 23 3.20 -6.87 10.21
N SER A 24 1.96 -7.32 10.32
CA SER A 24 1.60 -8.71 10.17
C SER A 24 1.82 -9.19 8.71
N LEU A 25 1.77 -8.27 7.75
CA LEU A 25 1.89 -8.61 6.33
C LEU A 25 3.32 -8.57 5.86
N LYS A 26 4.19 -8.14 6.72
CA LYS A 26 5.54 -8.01 6.43
C LYS A 26 6.20 -9.35 6.36
N ASN A 27 6.36 -9.82 5.18
CA ASN A 27 6.96 -11.07 4.90
C ASN A 27 7.93 -10.87 3.76
N ASP A 28 8.94 -11.67 3.76
CA ASP A 28 10.11 -11.57 2.88
C ASP A 28 9.79 -11.88 1.44
N SER A 29 8.77 -12.71 1.23
CA SER A 29 8.35 -13.10 -0.04
C SER A 29 7.96 -11.88 -0.87
N GLY A 30 7.18 -11.01 -0.28
CA GLY A 30 6.80 -9.83 -0.96
C GLY A 30 5.57 -10.03 -1.76
N TYR A 31 5.07 -8.98 -2.27
CA TYR A 31 3.82 -8.98 -2.97
C TYR A 31 4.02 -8.52 -4.40
N SER A 32 3.01 -8.67 -5.19
CA SER A 32 3.07 -8.35 -6.59
C SER A 32 1.69 -7.99 -7.10
N VAL A 33 1.66 -7.15 -8.09
CA VAL A 33 0.45 -6.66 -8.68
C VAL A 33 0.66 -6.54 -10.16
N ALA A 34 0.29 -7.57 -10.87
CA ALA A 34 0.28 -7.56 -12.33
C ALA A 34 -0.34 -6.28 -12.89
N TYR A 35 0.39 -5.60 -13.74
CA TYR A 35 -0.06 -4.35 -14.33
C TYR A 35 -0.77 -4.67 -15.65
N SER A 36 -1.56 -3.75 -16.10
CA SER A 36 -2.41 -3.88 -17.28
C SER A 36 -1.65 -4.13 -18.62
N GLU A 37 -0.35 -3.91 -18.66
CA GLU A 37 0.35 -4.04 -19.93
C GLU A 37 1.06 -5.38 -20.10
N LYS A 38 2.25 -5.52 -19.54
CA LYS A 38 3.02 -6.75 -19.76
C LYS A 38 3.86 -7.17 -18.56
N GLY A 39 3.74 -6.47 -17.46
CA GLY A 39 4.50 -6.78 -16.32
C GLY A 39 3.74 -6.43 -15.09
N LEU A 40 4.24 -6.79 -13.98
CA LEU A 40 3.62 -6.56 -12.71
C LEU A 40 4.35 -5.46 -11.95
N ILE A 41 3.85 -5.18 -10.78
CA ILE A 41 4.43 -4.23 -9.87
C ILE A 41 4.63 -4.95 -8.52
N TYR A 42 5.85 -5.05 -8.08
CA TYR A 42 6.17 -5.73 -6.83
C TYR A 42 5.91 -4.79 -5.68
N ILE A 43 5.46 -5.34 -4.58
CA ILE A 43 5.15 -4.56 -3.41
C ILE A 43 5.80 -5.17 -2.16
N GLY A 44 6.37 -4.34 -1.35
CA GLY A 44 6.84 -4.74 -0.05
C GLY A 44 6.10 -3.92 0.97
N ILE A 45 5.54 -4.55 1.95
CA ILE A 45 4.72 -3.82 2.92
C ILE A 45 5.56 -3.47 4.14
N CYS A 46 6.07 -2.23 4.15
CA CYS A 46 6.86 -1.66 5.26
C CYS A 46 8.12 -2.49 5.55
N GLY A 47 8.47 -3.34 4.65
CA GLY A 47 9.54 -4.23 4.88
C GLY A 47 10.16 -4.67 3.62
N GLY A 48 11.32 -5.24 3.72
CA GLY A 48 12.05 -5.67 2.57
C GLY A 48 11.56 -6.98 2.05
N THR A 49 11.62 -7.13 0.79
CA THR A 49 11.24 -8.32 0.12
C THR A 49 12.37 -8.75 -0.79
N LYS A 50 12.32 -9.96 -1.23
CA LYS A 50 13.29 -10.46 -2.17
C LYS A 50 12.80 -10.23 -3.59
N ASN A 51 11.55 -9.84 -3.71
CA ASN A 51 10.94 -9.57 -5.00
C ASN A 51 11.03 -8.10 -5.36
N CYS A 52 11.21 -7.27 -4.36
CA CYS A 52 11.33 -5.85 -4.57
C CYS A 52 12.48 -5.40 -3.68
N PRO A 53 13.32 -4.46 -4.14
CA PRO A 53 14.54 -4.07 -3.44
C PRO A 53 14.37 -3.50 -2.04
N SER A 54 15.40 -3.66 -1.25
CA SER A 54 15.48 -3.07 0.04
C SER A 54 15.54 -1.54 -0.12
N GLY A 55 14.71 -0.85 0.61
CA GLY A 55 14.62 0.59 0.47
C GLY A 55 13.57 0.96 -0.55
N VAL A 56 12.95 -0.05 -1.10
CA VAL A 56 11.93 0.12 -2.08
C VAL A 56 10.63 -0.46 -1.55
N GLY A 57 9.61 0.36 -1.52
CA GLY A 57 8.34 -0.08 -1.01
C GLY A 57 7.53 -0.75 -2.09
N VAL A 58 7.62 -0.22 -3.28
CA VAL A 58 6.89 -0.73 -4.44
C VAL A 58 7.79 -0.52 -5.63
N CYS A 59 7.77 -1.45 -6.55
CA CYS A 59 8.63 -1.35 -7.74
C CYS A 59 8.02 -2.08 -8.93
N PHE A 60 8.10 -1.47 -10.11
CA PHE A 60 7.66 -2.15 -11.31
C PHE A 60 8.54 -3.35 -11.55
N GLY A 61 7.97 -4.37 -12.06
CA GLY A 61 8.67 -5.61 -12.23
C GLY A 61 9.39 -5.71 -13.53
N LEU A 62 8.70 -5.31 -14.57
CA LEU A 62 9.18 -5.38 -15.90
C LEU A 62 10.41 -4.51 -16.06
N THR A 63 10.24 -3.25 -15.83
CA THR A 63 11.24 -2.28 -16.06
C THR A 63 11.95 -1.85 -14.76
N LYS A 64 11.61 -2.56 -13.67
CA LYS A 64 12.21 -2.37 -12.33
C LYS A 64 12.26 -0.92 -11.86
N ILE A 65 11.14 -0.28 -11.97
CA ILE A 65 11.01 1.12 -11.59
C ILE A 65 10.27 1.23 -10.29
N ASN A 66 10.99 1.43 -9.21
CA ASN A 66 10.39 1.56 -7.90
C ASN A 66 9.32 2.65 -7.83
N ALA A 67 8.11 2.22 -7.70
CA ALA A 67 6.96 3.07 -7.72
C ALA A 67 6.64 3.60 -6.32
N GLY A 68 7.59 3.49 -5.44
CA GLY A 68 7.42 4.00 -4.13
C GLY A 68 8.61 3.63 -3.28
N SER A 69 9.00 4.49 -2.41
CA SER A 69 10.10 4.22 -1.56
C SER A 69 9.62 3.63 -0.25
N TRP A 70 10.39 2.67 0.26
CA TRP A 70 10.17 1.92 1.51
C TRP A 70 9.67 2.84 2.62
N ASN A 71 8.52 2.54 3.18
CA ASN A 71 7.95 3.33 4.27
C ASN A 71 7.07 2.47 5.09
N SER A 72 6.68 3.01 6.20
CA SER A 72 5.72 2.41 7.09
C SER A 72 4.65 3.49 7.33
N GLN A 73 4.47 4.32 6.31
CA GLN A 73 3.56 5.45 6.34
C GLN A 73 2.15 4.97 6.14
N LEU A 74 1.51 4.64 7.23
CA LEU A 74 0.17 4.15 7.17
C LEU A 74 -0.80 5.12 7.77
N MET A 75 -1.89 5.27 7.10
CA MET A 75 -2.98 6.13 7.52
C MET A 75 -4.29 5.42 7.33
N TYR A 76 -5.37 6.08 7.63
CA TYR A 76 -6.70 5.51 7.57
C TYR A 76 -7.59 6.58 7.00
N VAL A 77 -7.92 6.42 5.79
CA VAL A 77 -8.69 7.37 5.05
C VAL A 77 -9.77 6.65 4.25
N ASP A 78 -11.01 7.05 4.48
CA ASP A 78 -12.19 6.48 3.81
C ASP A 78 -12.40 5.03 4.20
N GLN A 79 -12.17 4.73 5.47
CA GLN A 79 -12.31 3.38 6.04
C GLN A 79 -11.29 2.42 5.43
N VAL A 80 -10.31 3.00 4.81
CA VAL A 80 -9.27 2.29 4.14
C VAL A 80 -7.90 2.70 4.70
N LEU A 81 -7.06 1.74 4.98
CA LEU A 81 -5.72 2.02 5.47
C LEU A 81 -4.94 2.49 4.24
N GLN A 82 -4.08 3.45 4.37
CA GLN A 82 -3.40 3.96 3.23
C GLN A 82 -1.91 3.94 3.44
N LEU A 83 -1.20 3.24 2.61
CA LEU A 83 0.24 3.35 2.60
C LEU A 83 0.61 4.24 1.47
N VAL A 84 1.36 5.27 1.78
CA VAL A 84 1.78 6.24 0.79
C VAL A 84 3.29 6.23 0.68
N TYR A 85 3.76 5.53 -0.30
CA TYR A 85 5.16 5.46 -0.61
C TYR A 85 5.50 6.54 -1.61
N ASP A 86 5.88 7.70 -1.13
CA ASP A 86 6.19 8.85 -1.97
C ASP A 86 7.65 8.89 -2.34
N ASP A 87 7.97 9.79 -3.25
CA ASP A 87 9.31 10.02 -3.81
C ASP A 87 9.99 8.73 -4.19
N GLY A 88 9.38 8.02 -5.11
CA GLY A 88 9.95 6.80 -5.61
C GLY A 88 10.91 7.05 -6.75
N ALA A 89 10.88 6.17 -7.71
CA ALA A 89 11.73 6.25 -8.86
C ALA A 89 11.13 7.19 -9.90
N PRO A 90 11.90 7.60 -10.94
CA PRO A 90 11.40 8.48 -11.96
C PRO A 90 10.31 7.83 -12.77
N CYS A 91 9.22 8.52 -12.87
CA CYS A 91 8.03 8.09 -13.52
C CYS A 91 8.05 8.48 -14.99
N PRO A 92 8.22 7.52 -15.90
CA PRO A 92 8.27 7.75 -17.34
C PRO A 92 6.87 8.02 -17.91
N SER A 93 5.87 7.79 -17.10
CA SER A 93 4.50 8.03 -17.48
C SER A 93 4.28 9.54 -17.65
N LYS A 94 4.81 10.32 -16.72
CA LYS A 94 4.68 11.77 -16.75
C LYS A 94 6.04 12.46 -16.83
N ASN A 95 7.04 11.63 -16.93
CA ASN A 95 8.45 11.97 -17.18
C ASN A 95 9.15 12.59 -16.00
N ALA A 96 8.73 13.76 -15.63
CA ALA A 96 9.43 14.55 -14.62
C ALA A 96 9.05 14.22 -13.20
N LEU A 97 8.02 13.44 -12.99
CA LEU A 97 7.62 13.18 -11.64
C LEU A 97 8.14 11.85 -11.18
N LYS A 98 7.94 11.59 -9.93
CA LYS A 98 8.39 10.36 -9.35
C LYS A 98 7.17 9.53 -9.09
N TYR A 99 7.36 8.26 -8.99
CA TYR A 99 6.27 7.39 -8.64
C TYR A 99 5.99 7.43 -7.15
N LYS A 100 4.74 7.32 -6.83
CA LYS A 100 4.31 7.18 -5.49
C LYS A 100 3.23 6.16 -5.46
N SER A 101 3.22 5.39 -4.45
CA SER A 101 2.28 4.33 -4.34
C SER A 101 1.33 4.59 -3.21
N VAL A 102 0.08 4.33 -3.48
CA VAL A 102 -0.99 4.45 -2.53
C VAL A 102 -1.76 3.16 -2.45
N ILE A 103 -1.35 2.37 -1.55
CA ILE A 103 -1.96 1.09 -1.34
C ILE A 103 -3.13 1.28 -0.41
N SER A 104 -4.30 1.13 -0.96
CA SER A 104 -5.50 1.25 -0.23
C SER A 104 -5.93 -0.10 0.33
N PHE A 105 -6.00 -0.18 1.66
CA PHE A 105 -6.31 -1.40 2.36
C PHE A 105 -7.76 -1.46 2.68
N VAL A 106 -8.39 -2.31 1.97
CA VAL A 106 -9.78 -2.52 1.98
C VAL A 106 -10.09 -3.79 2.74
N CYS A 107 -10.92 -3.64 3.72
CA CYS A 107 -11.39 -4.70 4.60
C CYS A 107 -11.91 -5.95 3.84
N THR A 108 -11.35 -7.11 4.20
CA THR A 108 -11.78 -8.38 3.65
C THR A 108 -12.01 -9.37 4.83
N HIS A 109 -13.01 -10.23 4.70
CA HIS A 109 -13.42 -11.20 5.76
C HIS A 109 -12.38 -12.28 6.11
N ASP A 110 -11.22 -12.22 5.49
CA ASP A 110 -10.14 -13.21 5.67
C ASP A 110 -9.43 -13.05 7.03
N SER A 111 -8.25 -13.66 7.17
CA SER A 111 -7.46 -13.50 8.39
C SER A 111 -6.03 -13.04 8.04
N GLY A 112 -5.74 -11.74 8.32
CA GLY A 112 -4.43 -11.13 8.10
C GLY A 112 -3.78 -11.52 6.79
N ALA A 113 -4.45 -11.26 5.73
CA ALA A 113 -4.04 -11.70 4.42
C ALA A 113 -3.85 -10.53 3.45
N ASN A 114 -3.46 -10.85 2.22
CA ASN A 114 -3.34 -9.88 1.17
C ASN A 114 -4.51 -10.05 0.27
N ASN A 115 -5.08 -11.27 0.35
CA ASN A 115 -6.18 -11.75 -0.47
C ASN A 115 -5.72 -11.82 -1.91
N LYS A 116 -5.66 -10.68 -2.48
CA LYS A 116 -5.22 -10.44 -3.83
C LYS A 116 -5.17 -8.91 -4.03
N PRO A 117 -3.97 -8.31 -4.07
CA PRO A 117 -3.81 -6.88 -4.34
C PRO A 117 -4.03 -6.58 -5.81
N VAL A 118 -4.79 -5.57 -6.11
CA VAL A 118 -5.10 -5.23 -7.47
C VAL A 118 -4.59 -3.82 -7.77
N PHE A 119 -4.33 -3.55 -8.99
CA PHE A 119 -4.03 -2.24 -9.43
C PHE A 119 -5.30 -1.63 -9.92
N VAL A 120 -5.83 -0.73 -9.15
CA VAL A 120 -7.06 -0.10 -9.49
C VAL A 120 -6.86 0.96 -10.56
N SER A 121 -5.94 1.88 -10.34
CA SER A 121 -5.75 2.95 -11.32
C SER A 121 -4.41 3.64 -11.10
N LEU A 122 -3.86 4.22 -12.16
CA LEU A 122 -2.68 5.04 -12.06
C LEU A 122 -3.10 6.47 -12.17
N ASP A 123 -2.54 7.26 -11.34
CA ASP A 123 -2.82 8.66 -11.31
C ASP A 123 -1.82 9.33 -12.14
N LYS A 124 -2.27 9.75 -13.25
CA LYS A 124 -1.44 10.33 -14.28
C LYS A 124 -1.27 11.80 -14.04
N GLN A 125 -1.69 12.22 -12.88
CA GLN A 125 -1.56 13.57 -12.47
C GLN A 125 -0.21 13.71 -11.78
N THR A 126 0.09 12.79 -10.91
CA THR A 126 1.30 12.88 -10.15
C THR A 126 2.01 11.52 -9.98
N CYS A 127 1.66 10.58 -10.85
CA CYS A 127 2.24 9.24 -10.88
C CYS A 127 1.96 8.47 -9.59
N THR A 128 0.71 8.40 -9.24
CA THR A 128 0.30 7.77 -8.02
C THR A 128 -0.31 6.37 -8.31
N LEU A 129 0.40 5.34 -7.90
CA LEU A 129 0.01 3.94 -8.07
C LEU A 129 -1.05 3.57 -7.06
N TYR A 130 -2.29 3.56 -7.47
CA TYR A 130 -3.36 3.18 -6.59
C TYR A 130 -3.51 1.68 -6.58
N PHE A 131 -3.29 1.10 -5.45
CA PHE A 131 -3.43 -0.33 -5.30
C PHE A 131 -4.58 -0.63 -4.41
N SER A 132 -5.34 -1.62 -4.73
CA SER A 132 -6.43 -2.01 -3.94
C SER A 132 -6.07 -3.31 -3.26
N TRP A 133 -6.03 -3.29 -2.00
CA TRP A 133 -5.60 -4.41 -1.24
C TRP A 133 -6.74 -4.83 -0.39
N HIS A 134 -7.04 -6.08 -0.42
CA HIS A 134 -8.08 -6.61 0.40
C HIS A 134 -7.44 -7.21 1.63
N THR A 135 -7.49 -6.51 2.72
CA THR A 135 -6.85 -7.00 3.89
C THR A 135 -7.84 -7.08 5.07
N PRO A 136 -7.79 -8.19 5.80
CA PRO A 136 -8.66 -8.46 6.97
C PRO A 136 -8.35 -7.59 8.14
N LEU A 137 -7.19 -7.05 8.14
CA LEU A 137 -6.73 -6.22 9.21
C LEU A 137 -7.31 -4.81 9.10
N ALA A 138 -7.80 -4.51 7.91
CA ALA A 138 -8.44 -3.23 7.61
C ALA A 138 -9.87 -3.33 8.07
N CYS A 139 -10.20 -4.50 8.54
CA CYS A 139 -11.49 -4.76 9.10
C CYS A 139 -11.46 -4.50 10.55
N GLU A 140 -12.22 -3.57 10.95
CA GLU A 140 -12.33 -3.23 12.32
C GLU A 140 -13.62 -3.82 12.83
N LYS A 141 -13.56 -4.40 13.97
CA LYS A 141 -14.68 -5.11 14.57
C LYS A 141 -15.81 -4.16 14.94
N GLU A 142 -15.45 -2.94 15.26
CA GLU A 142 -16.43 -1.92 15.55
C GLU A 142 -16.91 -1.36 14.24
N GLU A 143 -17.99 -1.85 13.77
CA GLU A 143 -18.47 -1.43 12.48
C GLU A 143 -19.54 -0.37 12.58
N PRO A 144 -19.56 0.55 11.61
CA PRO A 144 -20.61 1.58 11.49
C PRO A 144 -21.98 0.94 11.23
N ARG A 145 -23.00 1.77 11.10
CA ARG A 145 -24.36 1.30 10.92
C ARG A 145 -24.51 0.46 9.65
N HIS A 146 -23.88 0.89 8.59
CA HIS A 146 -23.88 0.13 7.36
C HIS A 146 -22.48 -0.11 6.92
N HIS A 147 -21.95 -1.24 7.21
CA HIS A 147 -20.63 -1.56 6.74
C HIS A 147 -20.75 -2.75 5.82
N MET A 1 -13.57 12.38 9.66
CA MET A 1 -12.67 11.29 10.03
C MET A 1 -11.26 11.65 9.60
N LYS A 2 -10.41 11.88 10.57
CA LYS A 2 -9.04 12.26 10.34
C LYS A 2 -8.18 11.11 9.86
N SER A 3 -7.30 11.41 8.96
CA SER A 3 -6.39 10.42 8.50
C SER A 3 -5.26 10.31 9.50
N ASN A 4 -5.23 9.24 10.22
CA ASN A 4 -4.21 9.04 11.20
C ASN A 4 -2.98 8.49 10.52
N ILE A 5 -1.90 9.16 10.68
CA ILE A 5 -0.63 8.87 10.06
C ILE A 5 0.30 8.33 11.14
N GLN A 6 0.41 7.05 11.24
CA GLN A 6 1.25 6.48 12.26
C GLN A 6 2.48 5.86 11.58
N ASP A 7 3.55 5.70 12.33
CA ASP A 7 4.88 5.48 11.75
C ASP A 7 5.37 4.06 11.93
N ASN A 8 4.50 3.15 12.26
CA ASN A 8 4.97 1.81 12.57
C ASN A 8 4.18 0.76 11.79
N CYS A 9 3.68 1.15 10.61
CA CYS A 9 2.89 0.27 9.71
C CYS A 9 1.58 -0.10 10.40
N GLN A 10 1.11 0.83 11.17
CA GLN A 10 -0.07 0.68 11.96
C GLN A 10 -0.72 2.03 12.02
N VAL A 11 -2.00 2.07 12.28
CA VAL A 11 -2.74 3.33 12.33
C VAL A 11 -3.88 3.20 13.32
N THR A 12 -4.06 4.16 14.17
CA THR A 12 -5.11 4.08 15.16
C THR A 12 -6.32 4.86 14.65
N ASN A 13 -7.47 4.20 14.63
CA ASN A 13 -8.72 4.80 14.16
C ASN A 13 -9.09 5.99 15.03
N PRO A 14 -9.23 7.19 14.47
CA PRO A 14 -9.66 8.35 15.25
C PRO A 14 -11.13 8.25 15.73
N ALA A 15 -11.85 7.22 15.29
CA ALA A 15 -13.24 7.07 15.70
C ALA A 15 -13.37 6.08 16.84
N THR A 16 -12.53 5.08 16.88
CA THR A 16 -12.66 4.03 17.87
C THR A 16 -11.44 3.91 18.73
N GLY A 17 -10.34 4.39 18.21
CA GLY A 17 -9.09 4.30 18.88
C GLY A 17 -8.48 2.95 18.68
N HIS A 18 -9.09 2.14 17.83
CA HIS A 18 -8.54 0.86 17.55
C HIS A 18 -7.41 0.93 16.55
N LEU A 19 -6.29 0.42 16.94
CA LEU A 19 -5.11 0.33 16.14
C LEU A 19 -5.29 -0.73 15.05
N PHE A 20 -4.81 -0.40 13.88
CA PHE A 20 -4.80 -1.25 12.72
C PHE A 20 -3.36 -1.49 12.41
N ASP A 21 -3.01 -2.65 11.93
CA ASP A 21 -1.59 -2.94 11.75
C ASP A 21 -1.39 -3.85 10.55
N LEU A 22 -0.40 -3.56 9.73
CA LEU A 22 -0.13 -4.32 8.54
C LEU A 22 1.22 -5.00 8.62
N ASN A 23 1.84 -4.97 9.78
CA ASN A 23 3.21 -5.54 9.96
C ASN A 23 3.28 -7.01 9.69
N SER A 24 2.13 -7.64 9.71
CA SER A 24 1.99 -9.04 9.42
C SER A 24 2.32 -9.33 7.94
N LEU A 25 2.22 -8.30 7.10
CA LEU A 25 2.48 -8.44 5.69
C LEU A 25 3.95 -8.24 5.38
N LYS A 26 4.73 -8.00 6.41
CA LYS A 26 6.15 -7.85 6.24
C LYS A 26 6.76 -9.21 6.12
N ASN A 27 6.97 -9.60 4.91
CA ASN A 27 7.53 -10.85 4.60
C ASN A 27 8.56 -10.60 3.52
N ASP A 28 9.60 -11.36 3.57
CA ASP A 28 10.75 -11.22 2.67
C ASP A 28 10.41 -11.60 1.25
N SER A 29 9.37 -12.39 1.11
CA SER A 29 8.91 -12.80 -0.18
C SER A 29 8.48 -11.60 -0.98
N GLY A 30 7.61 -10.82 -0.41
CA GLY A 30 7.11 -9.68 -1.10
C GLY A 30 5.83 -10.01 -1.79
N TYR A 31 5.33 -9.05 -2.47
CA TYR A 31 4.05 -9.16 -3.15
C TYR A 31 4.17 -8.76 -4.59
N SER A 32 3.12 -8.97 -5.33
CA SER A 32 3.07 -8.68 -6.73
C SER A 32 1.65 -8.34 -7.17
N VAL A 33 1.57 -7.48 -8.15
CA VAL A 33 0.32 -6.99 -8.68
C VAL A 33 0.48 -6.84 -10.18
N ALA A 34 0.09 -7.86 -10.89
CA ALA A 34 0.06 -7.87 -12.36
C ALA A 34 -0.42 -6.54 -12.92
N TYR A 35 0.43 -5.95 -13.68
CA TYR A 35 0.20 -4.66 -14.23
C TYR A 35 -0.52 -4.79 -15.57
N SER A 36 -1.30 -3.79 -15.87
CA SER A 36 -2.19 -3.71 -17.02
C SER A 36 -1.49 -3.81 -18.41
N GLU A 37 -0.18 -3.90 -18.46
CA GLU A 37 0.49 -3.94 -19.76
C GLU A 37 1.12 -5.26 -20.09
N LYS A 38 2.27 -5.51 -19.55
CA LYS A 38 3.06 -6.70 -19.89
C LYS A 38 3.99 -7.13 -18.76
N GLY A 39 3.65 -6.73 -17.56
CA GLY A 39 4.43 -7.04 -16.43
C GLY A 39 3.59 -6.94 -15.21
N LEU A 40 4.19 -6.99 -14.08
CA LEU A 40 3.53 -6.84 -12.82
C LEU A 40 4.23 -5.77 -12.03
N ILE A 41 3.69 -5.45 -10.90
CA ILE A 41 4.27 -4.52 -10.00
C ILE A 41 4.50 -5.23 -8.67
N TYR A 42 5.73 -5.29 -8.25
CA TYR A 42 6.06 -5.91 -7.00
C TYR A 42 5.79 -4.95 -5.89
N ILE A 43 5.39 -5.47 -4.77
CA ILE A 43 5.08 -4.66 -3.64
C ILE A 43 5.79 -5.21 -2.37
N GLY A 44 6.27 -4.31 -1.56
CA GLY A 44 6.81 -4.60 -0.28
C GLY A 44 6.08 -3.78 0.75
N ILE A 45 5.60 -4.39 1.79
CA ILE A 45 4.78 -3.69 2.76
C ILE A 45 5.55 -3.45 4.03
N CYS A 46 6.13 -2.24 4.16
CA CYS A 46 6.82 -1.79 5.38
C CYS A 46 8.07 -2.61 5.67
N GLY A 47 8.44 -3.45 4.72
CA GLY A 47 9.54 -4.34 4.92
C GLY A 47 10.18 -4.74 3.62
N GLY A 48 11.41 -5.20 3.70
CA GLY A 48 12.18 -5.54 2.55
C GLY A 48 11.79 -6.87 1.94
N THR A 49 11.74 -6.89 0.63
CA THR A 49 11.43 -8.07 -0.12
C THR A 49 12.57 -8.43 -1.05
N LYS A 50 12.56 -9.64 -1.54
CA LYS A 50 13.53 -10.07 -2.50
C LYS A 50 13.02 -9.87 -3.93
N ASN A 51 11.75 -9.60 -4.04
CA ASN A 51 11.14 -9.39 -5.33
C ASN A 51 11.13 -7.91 -5.68
N CYS A 52 11.21 -7.09 -4.67
CA CYS A 52 11.24 -5.66 -4.85
C CYS A 52 12.32 -5.15 -3.91
N PRO A 53 13.11 -4.13 -4.29
CA PRO A 53 14.21 -3.60 -3.46
C PRO A 53 13.79 -3.14 -2.06
N SER A 54 14.69 -3.25 -1.12
CA SER A 54 14.47 -2.79 0.19
C SER A 54 14.52 -1.25 0.14
N GLY A 55 13.55 -0.62 0.75
CA GLY A 55 13.43 0.81 0.65
C GLY A 55 12.46 1.17 -0.44
N VAL A 56 12.03 0.15 -1.16
CA VAL A 56 11.12 0.25 -2.25
C VAL A 56 9.88 -0.54 -1.89
N GLY A 57 8.79 0.13 -1.82
CA GLY A 57 7.58 -0.51 -1.43
C GLY A 57 6.80 -0.97 -2.57
N VAL A 58 7.05 -0.37 -3.69
CA VAL A 58 6.37 -0.72 -4.90
C VAL A 58 7.33 -0.54 -6.05
N CYS A 59 7.38 -1.48 -6.92
CA CYS A 59 8.27 -1.39 -8.07
C CYS A 59 7.75 -2.19 -9.26
N PHE A 60 7.81 -1.61 -10.44
CA PHE A 60 7.44 -2.33 -11.64
C PHE A 60 8.42 -3.45 -11.85
N GLY A 61 7.92 -4.59 -12.14
CA GLY A 61 8.71 -5.79 -12.18
C GLY A 61 9.44 -5.99 -13.47
N LEU A 62 9.04 -5.24 -14.47
CA LEU A 62 9.62 -5.27 -15.74
C LEU A 62 11.09 -4.97 -15.67
N THR A 63 11.38 -3.77 -15.29
CA THR A 63 12.73 -3.31 -15.27
C THR A 63 13.09 -2.83 -13.87
N LYS A 64 12.21 -3.18 -12.92
CA LYS A 64 12.36 -2.77 -11.52
C LYS A 64 12.36 -1.28 -11.37
N ILE A 65 11.19 -0.71 -11.62
CA ILE A 65 10.97 0.72 -11.51
C ILE A 65 10.29 1.00 -10.22
N ASN A 66 11.06 1.40 -9.25
CA ASN A 66 10.54 1.81 -7.95
C ASN A 66 9.41 2.82 -8.11
N ALA A 67 8.26 2.39 -7.83
CA ALA A 67 7.07 3.15 -7.98
C ALA A 67 6.59 3.69 -6.64
N GLY A 68 7.44 3.60 -5.66
CA GLY A 68 7.12 4.12 -4.36
C GLY A 68 8.06 3.58 -3.31
N SER A 69 8.67 4.44 -2.52
CA SER A 69 9.65 4.00 -1.56
C SER A 69 8.97 3.55 -0.28
N TRP A 70 9.27 2.33 0.20
CA TRP A 70 8.58 1.83 1.37
C TRP A 70 8.89 2.58 2.62
N ASN A 71 7.88 2.66 3.42
CA ASN A 71 7.89 3.35 4.67
C ASN A 71 6.97 2.61 5.57
N SER A 72 6.75 3.11 6.73
CA SER A 72 5.86 2.49 7.63
C SER A 72 4.73 3.49 7.91
N GLN A 73 4.57 4.43 6.98
CA GLN A 73 3.58 5.50 7.10
C GLN A 73 2.21 5.02 6.72
N LEU A 74 1.49 4.60 7.69
CA LEU A 74 0.18 4.08 7.48
C LEU A 74 -0.85 5.07 7.93
N MET A 75 -1.87 5.20 7.16
CA MET A 75 -2.96 6.08 7.44
C MET A 75 -4.26 5.36 7.35
N TYR A 76 -5.31 6.03 7.68
CA TYR A 76 -6.63 5.49 7.67
C TYR A 76 -7.53 6.58 7.13
N VAL A 77 -7.97 6.39 5.94
CA VAL A 77 -8.75 7.34 5.20
C VAL A 77 -9.88 6.63 4.45
N ASP A 78 -11.10 7.03 4.74
CA ASP A 78 -12.32 6.44 4.18
C ASP A 78 -12.47 5.00 4.56
N GLN A 79 -12.10 4.70 5.80
CA GLN A 79 -12.16 3.36 6.40
C GLN A 79 -11.17 2.43 5.72
N VAL A 80 -10.25 3.03 5.02
CA VAL A 80 -9.22 2.35 4.32
C VAL A 80 -7.85 2.80 4.81
N LEU A 81 -7.04 1.85 5.14
CA LEU A 81 -5.68 2.09 5.59
C LEU A 81 -4.90 2.44 4.34
N GLN A 82 -4.12 3.46 4.38
CA GLN A 82 -3.45 3.89 3.20
C GLN A 82 -1.97 3.95 3.43
N LEU A 83 -1.22 3.27 2.61
CA LEU A 83 0.20 3.44 2.62
C LEU A 83 0.54 4.28 1.41
N VAL A 84 1.19 5.37 1.64
CA VAL A 84 1.57 6.25 0.56
C VAL A 84 3.06 6.23 0.47
N TYR A 85 3.51 5.49 -0.48
CA TYR A 85 4.90 5.38 -0.74
C TYR A 85 5.28 6.43 -1.76
N ASP A 86 5.65 7.59 -1.33
CA ASP A 86 5.97 8.65 -2.24
C ASP A 86 7.45 8.80 -2.35
N ASP A 87 7.85 9.47 -3.40
CA ASP A 87 9.23 9.65 -3.77
C ASP A 87 9.93 8.34 -4.09
N GLY A 88 9.41 7.68 -5.12
CA GLY A 88 10.04 6.49 -5.62
C GLY A 88 11.02 6.84 -6.71
N ALA A 89 10.98 6.11 -7.79
CA ALA A 89 11.85 6.41 -8.91
C ALA A 89 11.22 7.53 -9.71
N PRO A 90 11.99 8.29 -10.45
CA PRO A 90 11.45 9.35 -11.24
C PRO A 90 10.92 8.84 -12.59
N CYS A 91 9.75 9.32 -12.94
CA CYS A 91 9.11 9.05 -14.20
C CYS A 91 9.84 9.87 -15.25
N PRO A 92 10.61 9.22 -16.10
CA PRO A 92 11.43 9.88 -17.08
C PRO A 92 10.77 10.10 -18.44
N SER A 93 9.69 9.41 -18.72
CA SER A 93 9.09 9.53 -20.03
C SER A 93 7.58 9.41 -20.01
N LYS A 94 7.07 8.32 -19.44
CA LYS A 94 5.64 8.06 -19.41
C LYS A 94 4.89 9.14 -18.64
N ASN A 95 5.44 9.53 -17.53
CA ASN A 95 4.89 10.54 -16.70
C ASN A 95 6.03 11.51 -16.41
N ALA A 96 5.80 12.56 -15.63
CA ALA A 96 6.85 13.56 -15.42
C ALA A 96 7.28 13.70 -13.97
N LEU A 97 6.61 13.06 -13.07
CA LEU A 97 6.96 13.20 -11.64
C LEU A 97 7.78 12.04 -11.18
N LYS A 98 7.88 11.86 -9.92
CA LYS A 98 8.43 10.66 -9.40
C LYS A 98 7.28 9.77 -9.07
N TYR A 99 7.47 8.52 -9.22
CA TYR A 99 6.45 7.54 -8.90
C TYR A 99 6.12 7.56 -7.42
N LYS A 100 4.89 7.33 -7.10
CA LYS A 100 4.47 7.13 -5.76
C LYS A 100 3.34 6.16 -5.78
N SER A 101 3.07 5.59 -4.68
CA SER A 101 2.10 4.57 -4.60
C SER A 101 1.15 4.81 -3.47
N VAL A 102 -0.08 4.45 -3.70
CA VAL A 102 -1.15 4.56 -2.74
C VAL A 102 -1.88 3.25 -2.63
N ILE A 103 -1.43 2.47 -1.71
CA ILE A 103 -2.00 1.18 -1.48
C ILE A 103 -3.10 1.33 -0.46
N SER A 104 -4.30 1.23 -0.94
CA SER A 104 -5.46 1.36 -0.14
C SER A 104 -5.87 -0.01 0.41
N PHE A 105 -5.92 -0.12 1.71
CA PHE A 105 -6.22 -1.36 2.38
C PHE A 105 -7.66 -1.37 2.79
N VAL A 106 -8.35 -2.20 2.14
CA VAL A 106 -9.75 -2.39 2.26
C VAL A 106 -10.04 -3.60 3.09
N CYS A 107 -10.84 -3.41 4.09
CA CYS A 107 -11.26 -4.46 5.00
C CYS A 107 -11.91 -5.62 4.26
N THR A 108 -11.39 -6.80 4.47
CA THR A 108 -12.00 -7.98 3.95
C THR A 108 -12.24 -8.92 5.13
N HIS A 109 -13.37 -9.59 5.13
CA HIS A 109 -13.84 -10.42 6.25
C HIS A 109 -12.98 -11.66 6.51
N ASP A 110 -11.92 -11.80 5.75
CA ASP A 110 -10.97 -12.91 5.86
C ASP A 110 -10.20 -12.82 7.20
N SER A 111 -9.20 -13.65 7.38
CA SER A 111 -8.46 -13.60 8.61
C SER A 111 -6.95 -13.47 8.33
N GLY A 112 -6.42 -12.24 8.54
CA GLY A 112 -5.00 -11.95 8.35
C GLY A 112 -4.46 -12.38 7.00
N ALA A 113 -5.03 -11.85 5.98
CA ALA A 113 -4.68 -12.22 4.62
C ALA A 113 -4.35 -10.97 3.82
N ASN A 114 -4.00 -11.16 2.57
CA ASN A 114 -3.71 -10.07 1.70
C ASN A 114 -4.66 -10.18 0.54
N ASN A 115 -5.24 -11.37 0.45
CA ASN A 115 -6.18 -11.78 -0.57
C ASN A 115 -5.58 -11.69 -1.93
N LYS A 116 -5.60 -10.54 -2.45
CA LYS A 116 -5.08 -10.23 -3.75
C LYS A 116 -5.14 -8.71 -3.97
N PRO A 117 -3.99 -8.05 -4.05
CA PRO A 117 -3.93 -6.62 -4.34
C PRO A 117 -4.26 -6.33 -5.81
N VAL A 118 -5.05 -5.33 -6.04
CA VAL A 118 -5.50 -4.99 -7.38
C VAL A 118 -4.95 -3.63 -7.78
N PHE A 119 -4.29 -3.58 -8.91
CA PHE A 119 -3.90 -2.34 -9.48
C PHE A 119 -5.13 -1.75 -10.09
N VAL A 120 -5.66 -0.79 -9.42
CA VAL A 120 -6.87 -0.17 -9.81
C VAL A 120 -6.65 0.89 -10.88
N SER A 121 -5.73 1.80 -10.66
CA SER A 121 -5.53 2.86 -11.60
C SER A 121 -4.14 3.45 -11.45
N LEU A 122 -3.67 4.11 -12.48
CA LEU A 122 -2.44 4.80 -12.44
C LEU A 122 -2.73 6.24 -12.73
N ASP A 123 -2.05 7.10 -12.02
CA ASP A 123 -2.23 8.51 -12.15
C ASP A 123 -1.03 9.03 -12.87
N LYS A 124 -1.22 9.41 -14.08
CA LYS A 124 -0.12 9.84 -14.94
C LYS A 124 0.17 11.30 -14.78
N GLN A 125 -0.53 11.92 -13.90
CA GLN A 125 -0.35 13.31 -13.68
C GLN A 125 0.66 13.48 -12.60
N THR A 126 0.60 12.59 -11.62
CA THR A 126 1.46 12.69 -10.46
C THR A 126 2.17 11.38 -10.16
N CYS A 127 2.21 10.52 -11.16
CA CYS A 127 2.84 9.19 -11.09
C CYS A 127 2.33 8.36 -9.91
N THR A 128 1.05 8.40 -9.66
CA THR A 128 0.50 7.76 -8.48
C THR A 128 -0.10 6.37 -8.78
N LEU A 129 0.59 5.36 -8.31
CA LEU A 129 0.23 3.94 -8.41
C LEU A 129 -0.87 3.61 -7.39
N TYR A 130 -2.10 3.52 -7.85
CA TYR A 130 -3.21 3.18 -6.99
C TYR A 130 -3.38 1.69 -6.85
N PHE A 131 -3.29 1.20 -5.63
CA PHE A 131 -3.48 -0.20 -5.36
C PHE A 131 -4.64 -0.39 -4.42
N SER A 132 -5.35 -1.44 -4.61
CA SER A 132 -6.43 -1.80 -3.77
C SER A 132 -6.10 -3.14 -3.13
N TRP A 133 -6.02 -3.17 -1.84
CA TRP A 133 -5.59 -4.33 -1.13
C TRP A 133 -6.72 -4.77 -0.25
N HIS A 134 -7.16 -5.97 -0.41
CA HIS A 134 -8.24 -6.49 0.39
C HIS A 134 -7.61 -7.19 1.57
N THR A 135 -7.62 -6.57 2.71
CA THR A 135 -6.97 -7.15 3.83
C THR A 135 -7.83 -7.07 5.09
N PRO A 136 -7.82 -8.16 5.87
CA PRO A 136 -8.50 -8.26 7.18
C PRO A 136 -7.80 -7.40 8.22
N LEU A 137 -6.63 -6.91 7.87
CA LEU A 137 -5.86 -6.10 8.78
C LEU A 137 -6.44 -4.71 8.78
N ALA A 138 -7.17 -4.42 7.72
CA ALA A 138 -7.85 -3.17 7.56
C ALA A 138 -9.16 -3.24 8.27
N CYS A 139 -9.48 -4.42 8.73
CA CYS A 139 -10.68 -4.62 9.46
C CYS A 139 -10.41 -4.40 10.91
N GLU A 140 -11.18 -3.55 11.51
CA GLU A 140 -11.09 -3.33 12.91
C GLU A 140 -11.60 -4.59 13.56
N LYS A 141 -10.89 -5.04 14.54
CA LYS A 141 -11.12 -6.34 15.19
C LYS A 141 -12.56 -6.56 15.66
N GLU A 142 -13.19 -5.57 16.20
CA GLU A 142 -14.57 -5.71 16.58
C GLU A 142 -15.48 -5.28 15.45
N GLU A 143 -16.67 -5.85 15.41
CA GLU A 143 -17.62 -5.52 14.39
C GLU A 143 -18.23 -4.13 14.65
N PRO A 144 -18.37 -3.33 13.60
CA PRO A 144 -18.97 -2.02 13.67
C PRO A 144 -20.49 -2.11 13.50
N ARG A 145 -21.13 -0.97 13.19
CA ARG A 145 -22.58 -0.92 12.97
C ARG A 145 -23.02 -1.94 11.92
N HIS A 146 -22.21 -2.12 10.92
CA HIS A 146 -22.47 -3.08 9.89
C HIS A 146 -21.28 -4.01 9.80
N HIS A 147 -21.42 -5.19 10.32
CA HIS A 147 -20.36 -6.16 10.24
C HIS A 147 -20.32 -6.71 8.83
N MET A 1 -13.39 13.42 10.50
CA MET A 1 -12.64 12.18 10.35
C MET A 1 -11.40 12.45 9.50
N LYS A 2 -10.27 12.63 10.13
CA LYS A 2 -9.02 12.90 9.43
C LYS A 2 -8.10 11.69 9.55
N SER A 3 -7.29 11.47 8.53
CA SER A 3 -6.38 10.36 8.46
C SER A 3 -5.26 10.47 9.51
N ASN A 4 -5.16 9.46 10.35
CA ASN A 4 -4.07 9.34 11.29
C ASN A 4 -2.90 8.68 10.59
N ILE A 5 -1.78 9.32 10.62
CA ILE A 5 -0.57 8.92 9.92
C ILE A 5 0.44 8.46 10.95
N GLN A 6 0.64 7.19 11.08
CA GLN A 6 1.61 6.71 12.02
C GLN A 6 2.73 5.97 11.28
N ASP A 7 3.90 6.00 11.87
CA ASP A 7 5.14 5.46 11.25
C ASP A 7 5.44 4.06 11.77
N ASN A 8 4.47 3.43 12.34
CA ASN A 8 4.68 2.11 12.92
C ASN A 8 4.04 1.03 12.08
N CYS A 9 3.69 1.38 10.83
CA CYS A 9 3.04 0.44 9.87
C CYS A 9 1.71 0.00 10.46
N GLN A 10 1.14 0.89 11.22
CA GLN A 10 -0.06 0.68 11.94
C GLN A 10 -0.66 2.06 12.15
N VAL A 11 -1.96 2.14 12.20
CA VAL A 11 -2.64 3.42 12.31
C VAL A 11 -3.73 3.31 13.34
N THR A 12 -3.85 4.27 14.19
CA THR A 12 -4.86 4.20 15.18
C THR A 12 -6.08 4.92 14.65
N ASN A 13 -7.20 4.23 14.66
CA ASN A 13 -8.46 4.78 14.17
C ASN A 13 -8.82 6.01 14.98
N PRO A 14 -8.93 7.16 14.35
CA PRO A 14 -9.30 8.39 15.05
C PRO A 14 -10.76 8.37 15.56
N ALA A 15 -11.54 7.35 15.21
CA ALA A 15 -12.92 7.28 15.61
C ALA A 15 -13.11 6.36 16.80
N THR A 16 -12.21 5.42 16.96
CA THR A 16 -12.33 4.45 18.05
C THR A 16 -11.11 4.47 18.95
N GLY A 17 -9.98 4.74 18.37
CA GLY A 17 -8.74 4.64 19.04
C GLY A 17 -8.17 3.26 18.89
N HIS A 18 -8.85 2.45 18.10
CA HIS A 18 -8.37 1.10 17.85
C HIS A 18 -7.26 1.12 16.79
N LEU A 19 -6.12 0.65 17.18
CA LEU A 19 -4.96 0.52 16.33
C LEU A 19 -5.19 -0.55 15.22
N PHE A 20 -4.72 -0.22 14.03
CA PHE A 20 -4.73 -1.04 12.85
C PHE A 20 -3.34 -1.40 12.54
N ASP A 21 -3.09 -2.57 12.01
CA ASP A 21 -1.72 -3.01 11.83
C ASP A 21 -1.53 -3.81 10.56
N LEU A 22 -0.44 -3.53 9.85
CA LEU A 22 -0.11 -4.26 8.67
C LEU A 22 1.21 -4.98 8.82
N ASN A 23 1.74 -5.03 10.04
CA ASN A 23 3.05 -5.72 10.27
C ASN A 23 2.96 -7.21 9.99
N SER A 24 1.75 -7.70 9.88
CA SER A 24 1.48 -9.08 9.52
C SER A 24 1.86 -9.33 8.04
N LEU A 25 1.81 -8.28 7.23
CA LEU A 25 2.09 -8.37 5.80
C LEU A 25 3.57 -8.23 5.50
N LYS A 26 4.37 -8.25 6.52
CA LYS A 26 5.77 -8.23 6.37
C LYS A 26 6.25 -9.62 5.99
N ASN A 27 6.30 -9.84 4.72
CA ASN A 27 6.65 -11.09 4.14
C ASN A 27 7.87 -10.91 3.28
N ASP A 28 8.77 -11.82 3.45
CA ASP A 28 10.10 -11.80 2.81
C ASP A 28 10.00 -11.95 1.31
N SER A 29 9.12 -12.85 0.88
CA SER A 29 8.88 -13.05 -0.53
C SER A 29 8.43 -11.76 -1.19
N GLY A 30 7.47 -11.09 -0.60
CA GLY A 30 7.00 -9.87 -1.13
C GLY A 30 5.74 -10.07 -1.90
N TYR A 31 5.17 -9.01 -2.30
CA TYR A 31 3.91 -9.01 -2.96
C TYR A 31 4.04 -8.54 -4.37
N SER A 32 3.02 -8.70 -5.14
CA SER A 32 3.01 -8.38 -6.54
C SER A 32 1.62 -7.95 -6.96
N VAL A 33 1.54 -7.18 -8.01
CA VAL A 33 0.31 -6.67 -8.57
C VAL A 33 0.46 -6.67 -10.07
N ALA A 34 0.02 -7.73 -10.71
CA ALA A 34 -0.02 -7.81 -12.17
C ALA A 34 -0.61 -6.55 -12.79
N TYR A 35 0.20 -5.92 -13.59
CA TYR A 35 -0.12 -4.67 -14.19
C TYR A 35 -0.67 -4.90 -15.60
N SER A 36 -1.68 -4.13 -15.94
CA SER A 36 -2.43 -4.21 -17.19
C SER A 36 -1.59 -4.35 -18.47
N GLU A 37 -0.44 -3.68 -18.55
CA GLU A 37 0.37 -3.71 -19.75
C GLU A 37 1.06 -5.06 -20.00
N LYS A 38 2.27 -5.22 -19.48
CA LYS A 38 3.02 -6.47 -19.74
C LYS A 38 3.90 -6.90 -18.59
N GLY A 39 3.58 -6.45 -17.42
CA GLY A 39 4.35 -6.79 -16.26
C GLY A 39 3.52 -6.63 -15.06
N LEU A 40 4.08 -6.80 -13.93
CA LEU A 40 3.41 -6.61 -12.68
C LEU A 40 4.15 -5.53 -11.89
N ILE A 41 3.63 -5.22 -10.73
CA ILE A 41 4.23 -4.28 -9.83
C ILE A 41 4.45 -4.97 -8.46
N TYR A 42 5.69 -5.09 -8.06
CA TYR A 42 6.04 -5.75 -6.80
C TYR A 42 5.84 -4.81 -5.65
N ILE A 43 5.44 -5.36 -4.52
CA ILE A 43 5.18 -4.57 -3.34
C ILE A 43 5.87 -5.16 -2.09
N GLY A 44 6.43 -4.29 -1.29
CA GLY A 44 6.94 -4.62 0.01
C GLY A 44 6.23 -3.76 1.03
N ILE A 45 5.71 -4.37 2.06
CA ILE A 45 4.86 -3.67 3.04
C ILE A 45 5.61 -3.49 4.34
N CYS A 46 6.21 -2.28 4.55
CA CYS A 46 6.91 -1.97 5.81
C CYS A 46 8.18 -2.85 5.98
N GLY A 47 8.54 -3.55 4.94
CA GLY A 47 9.60 -4.48 5.03
C GLY A 47 10.25 -4.74 3.71
N GLY A 48 11.43 -5.32 3.77
CA GLY A 48 12.17 -5.60 2.61
C GLY A 48 11.77 -6.91 2.00
N THR A 49 11.70 -6.93 0.73
CA THR A 49 11.35 -8.09 0.00
C THR A 49 12.47 -8.47 -0.94
N LYS A 50 12.42 -9.67 -1.43
CA LYS A 50 13.36 -10.11 -2.41
C LYS A 50 12.87 -9.75 -3.81
N ASN A 51 11.58 -9.45 -3.91
CA ASN A 51 10.97 -9.12 -5.19
C ASN A 51 11.11 -7.65 -5.51
N CYS A 52 11.32 -6.86 -4.49
CA CYS A 52 11.45 -5.45 -4.65
C CYS A 52 12.62 -5.02 -3.78
N PRO A 53 13.44 -4.06 -4.22
CA PRO A 53 14.63 -3.62 -3.47
C PRO A 53 14.36 -3.10 -2.07
N SER A 54 15.29 -3.31 -1.19
CA SER A 54 15.24 -2.76 0.13
C SER A 54 15.40 -1.24 0.02
N GLY A 55 14.44 -0.51 0.53
CA GLY A 55 14.41 0.92 0.36
C GLY A 55 13.37 1.28 -0.66
N VAL A 56 12.85 0.28 -1.32
CA VAL A 56 11.83 0.42 -2.30
C VAL A 56 10.60 -0.31 -1.81
N GLY A 57 9.53 0.40 -1.67
CA GLY A 57 8.33 -0.18 -1.16
C GLY A 57 7.52 -0.80 -2.25
N VAL A 58 7.53 -0.17 -3.38
CA VAL A 58 6.79 -0.64 -4.53
C VAL A 58 7.63 -0.45 -5.76
N CYS A 59 7.63 -1.41 -6.64
CA CYS A 59 8.42 -1.32 -7.85
C CYS A 59 7.86 -2.15 -9.00
N PHE A 60 7.87 -1.60 -10.20
CA PHE A 60 7.43 -2.32 -11.38
C PHE A 60 8.39 -3.46 -11.63
N GLY A 61 7.87 -4.55 -12.06
CA GLY A 61 8.64 -5.74 -12.23
C GLY A 61 9.27 -5.84 -13.58
N LEU A 62 8.80 -4.97 -14.49
CA LEU A 62 9.27 -4.89 -15.81
C LEU A 62 10.77 -4.72 -15.81
N THR A 63 11.18 -3.59 -15.31
CA THR A 63 12.55 -3.24 -15.32
C THR A 63 12.96 -2.76 -13.93
N LYS A 64 12.14 -3.12 -12.91
CA LYS A 64 12.37 -2.68 -11.53
C LYS A 64 12.33 -1.17 -11.40
N ILE A 65 11.15 -0.65 -11.58
CA ILE A 65 10.92 0.77 -11.50
C ILE A 65 10.27 1.08 -10.19
N ASN A 66 11.03 1.53 -9.23
CA ASN A 66 10.51 1.94 -7.93
C ASN A 66 9.31 2.88 -8.08
N ALA A 67 8.17 2.38 -7.77
CA ALA A 67 6.94 3.10 -7.91
C ALA A 67 6.54 3.73 -6.59
N GLY A 68 7.41 3.66 -5.64
CA GLY A 68 7.13 4.21 -4.34
C GLY A 68 8.11 3.73 -3.32
N SER A 69 8.81 4.64 -2.70
CA SER A 69 9.84 4.27 -1.79
C SER A 69 9.30 3.80 -0.45
N TRP A 70 10.03 2.85 0.11
CA TRP A 70 9.82 2.19 1.42
C TRP A 70 9.34 3.17 2.47
N ASN A 71 8.21 2.88 3.09
CA ASN A 71 7.66 3.74 4.15
C ASN A 71 6.91 2.91 5.13
N SER A 72 6.74 3.45 6.28
CA SER A 72 6.01 2.84 7.36
C SER A 72 4.79 3.70 7.66
N GLN A 73 4.57 4.66 6.76
CA GLN A 73 3.53 5.66 6.86
C GLN A 73 2.17 5.08 6.55
N LEU A 74 1.49 4.63 7.59
CA LEU A 74 0.19 4.05 7.44
C LEU A 74 -0.85 4.98 7.96
N MET A 75 -1.94 5.03 7.27
CA MET A 75 -3.05 5.84 7.62
C MET A 75 -4.32 5.09 7.49
N TYR A 76 -5.34 5.65 8.01
CA TYR A 76 -6.68 5.16 7.95
C TYR A 76 -7.48 6.31 7.41
N VAL A 77 -7.83 6.20 6.18
CA VAL A 77 -8.47 7.20 5.42
C VAL A 77 -9.58 6.58 4.60
N ASP A 78 -10.79 7.07 4.82
CA ASP A 78 -12.02 6.63 4.14
C ASP A 78 -12.30 5.19 4.49
N GLN A 79 -12.02 4.85 5.75
CA GLN A 79 -12.17 3.49 6.29
C GLN A 79 -11.16 2.54 5.66
N VAL A 80 -10.22 3.10 4.96
CA VAL A 80 -9.21 2.36 4.27
C VAL A 80 -7.83 2.66 4.86
N LEU A 81 -7.08 1.62 5.18
CA LEU A 81 -5.72 1.81 5.61
C LEU A 81 -4.94 2.12 4.38
N GLN A 82 -4.11 3.07 4.42
CA GLN A 82 -3.43 3.40 3.23
C GLN A 82 -2.00 3.73 3.50
N LEU A 83 -1.15 3.13 2.74
CA LEU A 83 0.24 3.40 2.79
C LEU A 83 0.59 4.19 1.56
N VAL A 84 1.19 5.32 1.75
CA VAL A 84 1.61 6.14 0.65
C VAL A 84 3.10 6.04 0.52
N TYR A 85 3.49 5.20 -0.37
CA TYR A 85 4.87 4.99 -0.69
C TYR A 85 5.25 6.02 -1.73
N ASP A 86 5.71 7.14 -1.28
CA ASP A 86 6.00 8.24 -2.15
C ASP A 86 7.48 8.36 -2.44
N ASP A 87 7.77 9.33 -3.30
CA ASP A 87 9.14 9.70 -3.72
C ASP A 87 9.89 8.48 -4.27
N GLY A 88 9.27 7.81 -5.21
CA GLY A 88 9.87 6.66 -5.83
C GLY A 88 10.76 7.05 -6.98
N ALA A 89 10.77 6.25 -8.01
CA ALA A 89 11.58 6.51 -9.17
C ALA A 89 10.95 7.62 -10.00
N PRO A 90 11.73 8.35 -10.78
CA PRO A 90 11.21 9.42 -11.58
C PRO A 90 10.64 8.91 -12.91
N CYS A 91 9.38 9.19 -13.15
CA CYS A 91 8.73 8.81 -14.34
C CYS A 91 8.83 9.94 -15.35
N PRO A 92 9.51 9.70 -16.46
CA PRO A 92 9.63 10.67 -17.52
C PRO A 92 8.67 10.38 -18.70
N SER A 93 7.97 9.28 -18.61
CA SER A 93 7.13 8.82 -19.71
C SER A 93 5.64 9.06 -19.43
N LYS A 94 5.14 8.48 -18.35
CA LYS A 94 3.72 8.53 -18.02
C LYS A 94 3.33 9.89 -17.42
N ASN A 95 4.29 10.56 -16.90
CA ASN A 95 4.14 11.81 -16.19
C ASN A 95 5.52 12.40 -16.13
N ALA A 96 5.72 13.41 -15.33
CA ALA A 96 7.03 14.01 -15.19
C ALA A 96 7.46 14.05 -13.73
N LEU A 97 6.71 13.39 -12.86
CA LEU A 97 7.02 13.38 -11.43
C LEU A 97 7.75 12.12 -11.05
N LYS A 98 7.82 11.86 -9.78
CA LYS A 98 8.29 10.61 -9.30
C LYS A 98 7.09 9.77 -8.97
N TYR A 99 7.24 8.48 -9.01
CA TYR A 99 6.17 7.58 -8.69
C TYR A 99 5.86 7.58 -7.20
N LYS A 100 4.65 7.27 -6.88
CA LYS A 100 4.24 7.04 -5.55
C LYS A 100 3.11 6.04 -5.60
N SER A 101 2.95 5.35 -4.57
CA SER A 101 1.99 4.30 -4.51
C SER A 101 1.06 4.51 -3.35
N VAL A 102 -0.19 4.29 -3.61
CA VAL A 102 -1.22 4.42 -2.63
C VAL A 102 -1.95 3.12 -2.51
N ILE A 103 -1.46 2.35 -1.62
CA ILE A 103 -2.00 1.05 -1.39
C ILE A 103 -3.13 1.19 -0.40
N SER A 104 -4.31 1.08 -0.90
CA SER A 104 -5.48 1.20 -0.12
C SER A 104 -5.90 -0.18 0.39
N PHE A 105 -5.88 -0.31 1.68
CA PHE A 105 -6.19 -1.52 2.34
C PHE A 105 -7.63 -1.51 2.69
N VAL A 106 -8.29 -2.32 2.00
CA VAL A 106 -9.68 -2.48 2.05
C VAL A 106 -10.00 -3.73 2.83
N CYS A 107 -10.69 -3.53 3.90
CA CYS A 107 -11.17 -4.55 4.79
C CYS A 107 -11.84 -5.69 4.02
N THR A 108 -11.39 -6.88 4.27
CA THR A 108 -11.98 -8.04 3.68
C THR A 108 -12.36 -9.00 4.78
N HIS A 109 -13.48 -9.71 4.61
CA HIS A 109 -14.04 -10.61 5.64
C HIS A 109 -13.15 -11.85 5.90
N ASP A 110 -12.03 -11.92 5.21
CA ASP A 110 -11.09 -13.04 5.31
C ASP A 110 -10.37 -13.03 6.66
N SER A 111 -9.45 -13.95 6.87
CA SER A 111 -8.75 -14.04 8.09
C SER A 111 -7.23 -13.86 7.88
N GLY A 112 -6.74 -12.65 8.18
CA GLY A 112 -5.31 -12.32 8.08
C GLY A 112 -4.71 -12.67 6.73
N ALA A 113 -5.23 -12.08 5.70
CA ALA A 113 -4.81 -12.36 4.35
C ALA A 113 -4.43 -11.08 3.64
N ASN A 114 -4.01 -11.21 2.40
CA ASN A 114 -3.69 -10.08 1.58
C ASN A 114 -4.58 -10.16 0.38
N ASN A 115 -5.10 -11.37 0.17
CA ASN A 115 -5.95 -11.75 -0.92
C ASN A 115 -5.21 -11.60 -2.21
N LYS A 116 -5.19 -10.41 -2.66
CA LYS A 116 -4.52 -10.01 -3.86
C LYS A 116 -4.58 -8.50 -3.99
N PRO A 117 -3.44 -7.83 -4.12
CA PRO A 117 -3.40 -6.43 -4.40
C PRO A 117 -3.76 -6.17 -5.87
N VAL A 118 -4.76 -5.35 -6.07
CA VAL A 118 -5.33 -5.05 -7.36
C VAL A 118 -4.94 -3.65 -7.77
N PHE A 119 -4.29 -3.51 -8.87
CA PHE A 119 -4.02 -2.23 -9.41
C PHE A 119 -5.29 -1.69 -10.01
N VAL A 120 -5.86 -0.74 -9.36
CA VAL A 120 -7.11 -0.19 -9.76
C VAL A 120 -6.92 0.92 -10.80
N SER A 121 -6.05 1.85 -10.54
CA SER A 121 -5.86 2.94 -11.47
C SER A 121 -4.47 3.55 -11.34
N LEU A 122 -4.08 4.31 -12.34
CA LEU A 122 -2.81 4.97 -12.34
C LEU A 122 -3.06 6.43 -12.51
N ASP A 123 -2.29 7.20 -11.83
CA ASP A 123 -2.42 8.63 -11.87
C ASP A 123 -1.24 9.19 -12.61
N LYS A 124 -1.52 9.76 -13.73
CA LYS A 124 -0.51 10.31 -14.64
C LYS A 124 -0.30 11.78 -14.35
N GLN A 125 -0.90 12.23 -13.31
CA GLN A 125 -0.78 13.60 -12.92
C GLN A 125 0.34 13.73 -11.90
N THR A 126 0.49 12.71 -11.09
CA THR A 126 1.52 12.68 -10.09
C THR A 126 2.18 11.27 -9.94
N CYS A 127 2.02 10.42 -10.97
CA CYS A 127 2.51 9.04 -10.96
C CYS A 127 2.11 8.28 -9.72
N THR A 128 0.84 8.20 -9.52
CA THR A 128 0.30 7.60 -8.34
C THR A 128 -0.31 6.23 -8.64
N LEU A 129 0.35 5.23 -8.17
CA LEU A 129 -0.04 3.86 -8.31
C LEU A 129 -1.12 3.53 -7.30
N TYR A 130 -2.36 3.48 -7.74
CA TYR A 130 -3.46 3.16 -6.86
C TYR A 130 -3.62 1.67 -6.72
N PHE A 131 -3.45 1.18 -5.52
CA PHE A 131 -3.60 -0.23 -5.27
C PHE A 131 -4.77 -0.47 -4.37
N SER A 132 -5.50 -1.48 -4.66
CA SER A 132 -6.58 -1.94 -3.86
C SER A 132 -6.14 -3.24 -3.22
N TRP A 133 -6.09 -3.29 -1.95
CA TRP A 133 -5.61 -4.43 -1.25
C TRP A 133 -6.70 -4.91 -0.32
N HIS A 134 -7.13 -6.12 -0.48
CA HIS A 134 -8.14 -6.67 0.40
C HIS A 134 -7.48 -7.32 1.59
N THR A 135 -7.52 -6.67 2.71
CA THR A 135 -6.90 -7.23 3.85
C THR A 135 -7.81 -7.15 5.09
N PRO A 136 -7.88 -8.25 5.84
CA PRO A 136 -8.63 -8.35 7.10
C PRO A 136 -8.00 -7.50 8.19
N LEU A 137 -6.82 -7.03 7.90
CA LEU A 137 -6.05 -6.20 8.79
C LEU A 137 -6.59 -4.80 8.74
N ALA A 138 -7.28 -4.51 7.65
CA ALA A 138 -7.90 -3.24 7.45
C ALA A 138 -9.24 -3.27 8.12
N CYS A 139 -9.59 -4.44 8.60
CA CYS A 139 -10.82 -4.62 9.29
C CYS A 139 -10.63 -4.31 10.73
N GLU A 140 -11.47 -3.47 11.24
CA GLU A 140 -11.40 -3.15 12.62
C GLU A 140 -12.05 -4.26 13.38
N LYS A 141 -11.30 -4.84 14.23
CA LYS A 141 -11.68 -6.04 15.00
C LYS A 141 -12.83 -5.77 15.96
N GLU A 142 -13.01 -4.52 16.31
CA GLU A 142 -14.09 -4.13 17.18
C GLU A 142 -15.29 -3.78 16.34
N GLU A 143 -16.40 -4.43 16.60
CA GLU A 143 -17.60 -4.14 15.88
C GLU A 143 -18.26 -2.91 16.46
N PRO A 144 -18.52 -1.93 15.62
CA PRO A 144 -19.07 -0.66 16.03
C PRO A 144 -20.59 -0.70 16.12
N ARG A 145 -21.21 0.48 16.14
CA ARG A 145 -22.67 0.61 16.20
C ARG A 145 -23.32 -0.17 15.06
N HIS A 146 -22.78 -0.07 13.86
CA HIS A 146 -23.27 -0.85 12.75
C HIS A 146 -22.11 -1.58 12.09
N HIS A 147 -22.20 -2.86 12.01
CA HIS A 147 -21.22 -3.66 11.34
C HIS A 147 -21.94 -4.51 10.35
N MET A 1 -10.49 15.56 12.41
CA MET A 1 -9.85 14.36 12.98
C MET A 1 -8.95 13.74 11.94
N LYS A 2 -7.81 13.31 12.36
CA LYS A 2 -6.85 12.70 11.47
C LYS A 2 -6.54 11.32 12.02
N SER A 3 -6.18 10.40 11.17
CA SER A 3 -5.82 9.09 11.63
C SER A 3 -4.39 9.10 12.12
N ASN A 4 -4.02 8.14 12.93
CA ASN A 4 -2.67 8.11 13.47
C ASN A 4 -1.68 7.59 12.44
N ILE A 5 -1.18 8.51 11.64
CA ILE A 5 -0.15 8.25 10.66
C ILE A 5 1.19 7.98 11.35
N GLN A 6 1.33 6.78 11.81
CA GLN A 6 2.50 6.36 12.45
C GLN A 6 3.33 5.53 11.55
N ASP A 7 4.62 5.69 11.67
CA ASP A 7 5.58 5.00 10.80
C ASP A 7 5.94 3.66 11.42
N ASN A 8 4.97 3.10 12.08
CA ASN A 8 5.06 1.78 12.69
C ASN A 8 4.37 0.81 11.78
N CYS A 9 3.80 1.35 10.68
CA CYS A 9 3.03 0.60 9.71
C CYS A 9 1.74 0.11 10.38
N GLN A 10 1.17 1.02 11.15
CA GLN A 10 0.00 0.80 11.91
C GLN A 10 -0.67 2.14 12.13
N VAL A 11 -1.99 2.15 12.18
CA VAL A 11 -2.74 3.37 12.33
C VAL A 11 -3.86 3.17 13.32
N THR A 12 -3.96 4.02 14.28
CA THR A 12 -5.03 3.94 15.22
C THR A 12 -6.17 4.80 14.69
N ASN A 13 -7.33 4.20 14.63
CA ASN A 13 -8.54 4.88 14.19
C ASN A 13 -8.86 5.99 15.17
N PRO A 14 -8.94 7.23 14.71
CA PRO A 14 -9.28 8.36 15.58
C PRO A 14 -10.72 8.28 16.11
N ALA A 15 -11.52 7.36 15.60
CA ALA A 15 -12.89 7.28 15.99
C ALA A 15 -13.09 6.25 17.07
N THR A 16 -12.27 5.20 17.08
CA THR A 16 -12.49 4.10 18.00
C THR A 16 -11.28 3.78 18.84
N GLY A 17 -10.18 4.34 18.45
CA GLY A 17 -8.93 4.06 19.11
C GLY A 17 -8.42 2.69 18.76
N HIS A 18 -9.04 2.06 17.80
CA HIS A 18 -8.60 0.76 17.36
C HIS A 18 -7.40 0.89 16.41
N LEU A 19 -6.31 0.30 16.82
CA LEU A 19 -5.10 0.26 16.08
C LEU A 19 -5.18 -0.78 14.96
N PHE A 20 -4.70 -0.37 13.83
CA PHE A 20 -4.62 -1.17 12.64
C PHE A 20 -3.16 -1.46 12.41
N ASP A 21 -2.82 -2.62 11.92
CA ASP A 21 -1.41 -2.99 11.83
C ASP A 21 -1.18 -3.88 10.64
N LEU A 22 -0.19 -3.55 9.84
CA LEU A 22 0.13 -4.32 8.66
C LEU A 22 1.40 -5.11 8.84
N ASN A 23 1.97 -5.07 10.03
CA ASN A 23 3.24 -5.75 10.30
C ASN A 23 3.08 -7.25 10.20
N SER A 24 1.86 -7.69 10.39
CA SER A 24 1.50 -9.09 10.29
C SER A 24 1.58 -9.60 8.83
N LEU A 25 1.58 -8.68 7.86
CA LEU A 25 1.62 -9.08 6.46
C LEU A 25 3.05 -9.21 5.98
N LYS A 26 3.95 -8.45 6.62
CA LYS A 26 5.33 -8.28 6.23
C LYS A 26 6.03 -9.59 6.00
N ASN A 27 6.20 -9.87 4.77
CA ASN A 27 6.85 -11.05 4.34
C ASN A 27 7.83 -10.72 3.25
N ASP A 28 9.02 -11.23 3.42
CA ASP A 28 10.17 -11.02 2.51
C ASP A 28 9.94 -11.66 1.16
N SER A 29 9.08 -12.65 1.15
CA SER A 29 8.72 -13.38 -0.02
C SER A 29 8.09 -12.48 -1.11
N GLY A 30 7.58 -11.33 -0.72
CA GLY A 30 7.17 -10.35 -1.67
C GLY A 30 5.72 -10.30 -1.98
N TYR A 31 5.35 -9.20 -2.58
CA TYR A 31 4.00 -8.91 -2.98
C TYR A 31 4.04 -8.56 -4.43
N SER A 32 2.93 -8.64 -5.08
CA SER A 32 2.88 -8.40 -6.51
C SER A 32 1.51 -7.94 -6.98
N VAL A 33 1.53 -7.08 -7.97
CA VAL A 33 0.35 -6.54 -8.58
C VAL A 33 0.54 -6.59 -10.06
N ALA A 34 0.09 -7.64 -10.66
CA ALA A 34 0.12 -7.83 -12.09
C ALA A 34 -0.49 -6.65 -12.82
N TYR A 35 0.29 -6.07 -13.72
CA TYR A 35 -0.17 -4.93 -14.47
C TYR A 35 -0.70 -5.47 -15.77
N SER A 36 -1.79 -4.92 -16.21
CA SER A 36 -2.48 -5.39 -17.42
C SER A 36 -1.67 -5.22 -18.75
N GLU A 37 -0.46 -4.70 -18.69
CA GLU A 37 0.32 -4.58 -19.90
C GLU A 37 1.12 -5.86 -20.16
N LYS A 38 2.26 -6.03 -19.50
CA LYS A 38 3.06 -7.25 -19.70
C LYS A 38 3.93 -7.62 -18.50
N GLY A 39 3.67 -7.02 -17.37
CA GLY A 39 4.40 -7.32 -16.18
C GLY A 39 3.57 -7.10 -14.97
N LEU A 40 4.18 -7.00 -13.85
CA LEU A 40 3.53 -6.77 -12.59
C LEU A 40 4.29 -5.69 -11.82
N ILE A 41 3.75 -5.32 -10.70
CA ILE A 41 4.36 -4.37 -9.81
C ILE A 41 4.60 -5.06 -8.47
N TYR A 42 5.84 -5.19 -8.10
CA TYR A 42 6.20 -5.82 -6.86
C TYR A 42 6.02 -4.84 -5.75
N ILE A 43 5.60 -5.33 -4.64
CA ILE A 43 5.44 -4.49 -3.49
C ILE A 43 6.14 -5.15 -2.29
N GLY A 44 6.51 -4.32 -1.34
CA GLY A 44 6.96 -4.73 -0.05
C GLY A 44 6.24 -3.84 0.94
N ILE A 45 5.62 -4.42 1.92
CA ILE A 45 4.79 -3.64 2.84
C ILE A 45 5.57 -3.29 4.08
N CYS A 46 6.13 -2.06 4.09
CA CYS A 46 6.87 -1.51 5.23
C CYS A 46 8.08 -2.35 5.59
N GLY A 47 8.47 -3.19 4.68
CA GLY A 47 9.53 -4.10 4.90
C GLY A 47 10.12 -4.50 3.59
N GLY A 48 11.20 -5.20 3.65
CA GLY A 48 11.89 -5.56 2.47
C GLY A 48 11.46 -6.87 1.92
N THR A 49 11.60 -7.00 0.65
CA THR A 49 11.34 -8.19 -0.05
C THR A 49 12.52 -8.52 -0.92
N LYS A 50 12.57 -9.72 -1.40
CA LYS A 50 13.60 -10.12 -2.31
C LYS A 50 13.17 -9.83 -3.74
N ASN A 51 11.90 -9.51 -3.92
CA ASN A 51 11.34 -9.24 -5.22
C ASN A 51 11.33 -7.77 -5.54
N CYS A 52 11.43 -6.96 -4.53
CA CYS A 52 11.49 -5.53 -4.70
C CYS A 52 12.67 -5.07 -3.85
N PRO A 53 13.46 -4.07 -4.29
CA PRO A 53 14.68 -3.64 -3.59
C PRO A 53 14.48 -3.20 -2.15
N SER A 54 15.51 -3.39 -1.35
CA SER A 54 15.53 -2.94 -0.01
C SER A 54 15.62 -1.40 -0.05
N GLY A 55 14.59 -0.75 0.45
CA GLY A 55 14.54 0.70 0.37
C GLY A 55 13.44 1.12 -0.58
N VAL A 56 12.92 0.15 -1.29
CA VAL A 56 11.87 0.32 -2.22
C VAL A 56 10.65 -0.41 -1.71
N GLY A 57 9.57 0.32 -1.57
CA GLY A 57 8.37 -0.25 -1.05
C GLY A 57 7.52 -0.81 -2.16
N VAL A 58 7.57 -0.18 -3.29
CA VAL A 58 6.82 -0.59 -4.46
C VAL A 58 7.66 -0.40 -5.69
N CYS A 59 7.66 -1.36 -6.57
CA CYS A 59 8.46 -1.25 -7.79
C CYS A 59 7.88 -2.08 -8.93
N PHE A 60 7.85 -1.50 -10.12
CA PHE A 60 7.40 -2.24 -11.30
C PHE A 60 8.42 -3.29 -11.57
N GLY A 61 7.99 -4.46 -11.83
CA GLY A 61 8.88 -5.58 -12.02
C GLY A 61 9.29 -5.71 -13.45
N LEU A 62 8.68 -4.88 -14.26
CA LEU A 62 8.89 -4.82 -15.66
C LEU A 62 10.37 -4.54 -15.90
N THR A 63 10.83 -3.43 -15.39
CA THR A 63 12.22 -3.05 -15.49
C THR A 63 12.75 -2.55 -14.14
N LYS A 64 12.08 -2.99 -13.06
CA LYS A 64 12.38 -2.58 -11.68
C LYS A 64 12.36 -1.08 -11.53
N ILE A 65 11.16 -0.56 -11.64
CA ILE A 65 10.89 0.86 -11.54
C ILE A 65 10.27 1.13 -10.21
N ASN A 66 11.05 1.57 -9.26
CA ASN A 66 10.55 1.95 -7.94
C ASN A 66 9.35 2.90 -8.05
N ALA A 67 8.22 2.43 -7.68
CA ALA A 67 6.99 3.15 -7.77
C ALA A 67 6.57 3.68 -6.41
N GLY A 68 7.48 3.68 -5.49
CA GLY A 68 7.22 4.19 -4.17
C GLY A 68 8.21 3.67 -3.19
N SER A 69 8.92 4.54 -2.54
CA SER A 69 9.98 4.10 -1.67
C SER A 69 9.46 3.65 -0.31
N TRP A 70 10.22 2.73 0.28
CA TRP A 70 9.99 2.14 1.62
C TRP A 70 9.48 3.17 2.62
N ASN A 71 8.33 2.88 3.20
CA ASN A 71 7.74 3.70 4.25
C ASN A 71 6.96 2.80 5.11
N SER A 72 6.61 3.26 6.26
CA SER A 72 5.74 2.54 7.13
C SER A 72 4.62 3.50 7.52
N GLN A 73 4.40 4.45 6.61
CA GLN A 73 3.43 5.52 6.74
C GLN A 73 2.05 4.98 6.45
N LEU A 74 1.36 4.60 7.50
CA LEU A 74 0.04 4.06 7.37
C LEU A 74 -0.97 4.99 7.95
N MET A 75 -2.03 5.16 7.22
CA MET A 75 -3.13 5.98 7.62
C MET A 75 -4.42 5.23 7.47
N TYR A 76 -5.47 5.78 8.00
CA TYR A 76 -6.80 5.24 7.94
C TYR A 76 -7.72 6.33 7.41
N VAL A 77 -8.02 6.21 6.17
CA VAL A 77 -8.70 7.18 5.40
C VAL A 77 -9.76 6.50 4.53
N ASP A 78 -11.00 6.94 4.71
CA ASP A 78 -12.17 6.41 4.01
C ASP A 78 -12.45 4.99 4.39
N GLN A 79 -12.23 4.66 5.68
CA GLN A 79 -12.45 3.30 6.23
C GLN A 79 -11.44 2.32 5.62
N VAL A 80 -10.43 2.90 5.03
CA VAL A 80 -9.41 2.21 4.33
C VAL A 80 -8.04 2.59 4.89
N LEU A 81 -7.21 1.61 5.13
CA LEU A 81 -5.84 1.86 5.53
C LEU A 81 -5.08 2.24 4.30
N GLN A 82 -4.23 3.18 4.37
CA GLN A 82 -3.55 3.55 3.18
C GLN A 82 -2.09 3.76 3.43
N LEU A 83 -1.30 3.13 2.62
CA LEU A 83 0.12 3.32 2.63
C LEU A 83 0.49 4.17 1.46
N VAL A 84 1.16 5.24 1.74
CA VAL A 84 1.59 6.13 0.71
C VAL A 84 3.10 6.08 0.62
N TYR A 85 3.55 5.43 -0.39
CA TYR A 85 4.95 5.30 -0.67
C TYR A 85 5.33 6.31 -1.73
N ASP A 86 5.80 7.46 -1.34
CA ASP A 86 6.17 8.49 -2.32
C ASP A 86 7.68 8.61 -2.43
N ASP A 87 8.09 9.39 -3.40
CA ASP A 87 9.48 9.64 -3.77
C ASP A 87 10.13 8.35 -4.22
N GLY A 88 9.53 7.76 -5.23
CA GLY A 88 10.07 6.55 -5.78
C GLY A 88 11.09 6.84 -6.86
N ALA A 89 11.01 6.12 -7.92
CA ALA A 89 11.89 6.29 -9.05
C ALA A 89 11.29 7.33 -9.98
N PRO A 90 12.06 7.86 -10.93
CA PRO A 90 11.56 8.88 -11.83
C PRO A 90 10.56 8.32 -12.83
N CYS A 91 9.48 9.02 -12.95
CA CYS A 91 8.45 8.73 -13.89
C CYS A 91 8.68 9.60 -15.09
N PRO A 92 9.14 9.01 -16.19
CA PRO A 92 9.30 9.73 -17.45
C PRO A 92 8.18 9.36 -18.43
N SER A 93 7.29 8.57 -17.94
CA SER A 93 6.28 7.95 -18.74
C SER A 93 4.96 8.74 -18.73
N LYS A 94 4.36 8.84 -17.57
CA LYS A 94 3.04 9.42 -17.47
C LYS A 94 3.11 10.92 -17.37
N ASN A 95 4.03 11.35 -16.59
CA ASN A 95 4.33 12.74 -16.46
C ASN A 95 5.79 12.73 -16.12
N ALA A 96 6.29 13.73 -15.49
CA ALA A 96 7.70 13.76 -15.22
C ALA A 96 7.98 13.91 -13.72
N LEU A 97 7.19 13.25 -12.92
CA LEU A 97 7.40 13.26 -11.45
C LEU A 97 8.05 11.97 -11.07
N LYS A 98 8.11 11.68 -9.81
CA LYS A 98 8.54 10.39 -9.39
C LYS A 98 7.32 9.57 -9.10
N TYR A 99 7.46 8.29 -9.07
CA TYR A 99 6.34 7.44 -8.77
C TYR A 99 6.04 7.44 -7.29
N LYS A 100 4.80 7.31 -6.96
CA LYS A 100 4.37 7.12 -5.61
C LYS A 100 3.27 6.11 -5.62
N SER A 101 3.02 5.53 -4.52
CA SER A 101 2.11 4.45 -4.41
C SER A 101 1.10 4.73 -3.31
N VAL A 102 -0.13 4.36 -3.55
CA VAL A 102 -1.22 4.50 -2.62
C VAL A 102 -2.05 3.23 -2.54
N ILE A 103 -1.65 2.40 -1.65
CA ILE A 103 -2.28 1.12 -1.44
C ILE A 103 -3.43 1.28 -0.45
N SER A 104 -4.64 1.15 -0.94
CA SER A 104 -5.81 1.26 -0.15
C SER A 104 -6.25 -0.11 0.42
N PHE A 105 -6.16 -0.24 1.72
CA PHE A 105 -6.48 -1.45 2.45
C PHE A 105 -7.90 -1.44 2.86
N VAL A 106 -8.62 -2.23 2.21
CA VAL A 106 -10.00 -2.39 2.34
C VAL A 106 -10.29 -3.63 3.16
N CYS A 107 -11.19 -3.49 4.08
CA CYS A 107 -11.61 -4.57 4.96
C CYS A 107 -12.13 -5.79 4.20
N THR A 108 -11.57 -6.94 4.51
CA THR A 108 -12.09 -8.18 4.02
C THR A 108 -12.23 -9.12 5.21
N HIS A 109 -13.27 -9.90 5.22
CA HIS A 109 -13.61 -10.78 6.33
C HIS A 109 -12.69 -11.98 6.53
N ASP A 110 -11.63 -12.03 5.74
CA ASP A 110 -10.59 -13.10 5.83
C ASP A 110 -9.81 -12.99 7.17
N SER A 111 -8.70 -13.70 7.29
CA SER A 111 -7.86 -13.60 8.46
C SER A 111 -6.41 -13.27 8.04
N GLY A 112 -5.98 -12.02 8.33
CA GLY A 112 -4.63 -11.52 8.05
C GLY A 112 -4.11 -11.88 6.68
N ALA A 113 -4.81 -11.46 5.68
CA ALA A 113 -4.52 -11.84 4.32
C ALA A 113 -4.03 -10.66 3.46
N ASN A 114 -3.60 -11.03 2.28
CA ASN A 114 -3.07 -10.18 1.27
C ASN A 114 -3.95 -10.38 0.08
N ASN A 115 -4.25 -11.68 -0.14
CA ASN A 115 -5.04 -12.17 -1.22
C ASN A 115 -4.33 -11.91 -2.53
N LYS A 116 -4.50 -10.75 -3.00
CA LYS A 116 -3.88 -10.23 -4.19
C LYS A 116 -4.23 -8.75 -4.34
N PRO A 117 -3.23 -7.87 -4.32
CA PRO A 117 -3.45 -6.44 -4.51
C PRO A 117 -3.89 -6.14 -5.96
N VAL A 118 -4.81 -5.24 -6.09
CA VAL A 118 -5.44 -4.90 -7.36
C VAL A 118 -4.94 -3.57 -7.84
N PHE A 119 -4.42 -3.51 -9.03
CA PHE A 119 -4.11 -2.26 -9.63
C PHE A 119 -5.40 -1.63 -10.07
N VAL A 120 -5.82 -0.66 -9.35
CA VAL A 120 -7.05 0.01 -9.63
C VAL A 120 -6.85 1.11 -10.67
N SER A 121 -5.92 2.01 -10.44
CA SER A 121 -5.74 3.11 -11.36
C SER A 121 -4.34 3.66 -11.27
N LEU A 122 -3.89 4.25 -12.35
CA LEU A 122 -2.64 4.91 -12.36
C LEU A 122 -2.89 6.38 -12.59
N ASP A 123 -2.27 7.17 -11.79
CA ASP A 123 -2.41 8.59 -11.83
C ASP A 123 -1.30 9.11 -12.65
N LYS A 124 -1.65 9.62 -13.73
CA LYS A 124 -0.69 10.09 -14.72
C LYS A 124 -0.43 11.56 -14.53
N GLN A 125 -0.97 12.10 -13.50
CA GLN A 125 -0.85 13.50 -13.21
C GLN A 125 0.34 13.70 -12.28
N THR A 126 0.52 12.78 -11.37
CA THR A 126 1.61 12.83 -10.43
C THR A 126 2.27 11.46 -10.27
N CYS A 127 2.01 10.58 -11.24
CA CYS A 127 2.55 9.23 -11.29
C CYS A 127 2.29 8.46 -10.00
N THR A 128 1.02 8.29 -9.70
CA THR A 128 0.56 7.68 -8.48
C THR A 128 -0.07 6.30 -8.74
N LEU A 129 0.55 5.31 -8.19
CA LEU A 129 0.16 3.93 -8.27
C LEU A 129 -0.96 3.64 -7.27
N TYR A 130 -2.18 3.58 -7.71
CA TYR A 130 -3.29 3.24 -6.85
C TYR A 130 -3.45 1.75 -6.76
N PHE A 131 -3.30 1.23 -5.57
CA PHE A 131 -3.47 -0.19 -5.35
C PHE A 131 -4.61 -0.41 -4.41
N SER A 132 -5.37 -1.41 -4.67
CA SER A 132 -6.43 -1.80 -3.81
C SER A 132 -6.10 -3.12 -3.16
N TRP A 133 -6.22 -3.16 -1.89
CA TRP A 133 -5.85 -4.31 -1.13
C TRP A 133 -7.02 -4.67 -0.25
N HIS A 134 -7.39 -5.90 -0.26
CA HIS A 134 -8.43 -6.37 0.61
C HIS A 134 -7.75 -7.05 1.76
N THR A 135 -7.71 -6.41 2.90
CA THR A 135 -7.05 -6.97 4.01
C THR A 135 -7.99 -7.06 5.23
N PRO A 136 -7.95 -8.18 5.92
CA PRO A 136 -8.75 -8.44 7.13
C PRO A 136 -8.40 -7.56 8.29
N LEU A 137 -7.22 -7.03 8.25
CA LEU A 137 -6.75 -6.22 9.32
C LEU A 137 -7.32 -4.81 9.24
N ALA A 138 -7.83 -4.49 8.06
CA ALA A 138 -8.44 -3.20 7.79
C ALA A 138 -9.86 -3.24 8.28
N CYS A 139 -10.21 -4.37 8.80
CA CYS A 139 -11.50 -4.58 9.39
C CYS A 139 -11.48 -4.17 10.83
N GLU A 140 -12.56 -3.63 11.27
CA GLU A 140 -12.69 -3.20 12.63
C GLU A 140 -14.03 -3.63 13.15
N LYS A 141 -14.05 -4.07 14.38
CA LYS A 141 -15.27 -4.50 15.04
C LYS A 141 -15.95 -3.31 15.66
N GLU A 142 -15.17 -2.27 15.84
CA GLU A 142 -15.67 -1.04 16.38
C GLU A 142 -16.29 -0.21 15.26
N GLU A 143 -17.03 0.79 15.62
CA GLU A 143 -17.63 1.64 14.65
C GLU A 143 -17.53 3.11 15.05
N PRO A 144 -17.33 3.98 14.06
CA PRO A 144 -17.28 5.44 14.27
C PRO A 144 -18.70 6.02 14.40
N ARG A 145 -18.83 7.34 14.24
CA ARG A 145 -20.15 7.98 14.30
C ARG A 145 -21.02 7.51 13.14
N HIS A 146 -20.41 7.34 12.00
CA HIS A 146 -21.07 6.81 10.83
C HIS A 146 -20.10 5.88 10.15
N HIS A 147 -20.50 4.67 9.93
CA HIS A 147 -19.65 3.66 9.33
C HIS A 147 -19.97 3.56 7.86
N MET A 1 -11.38 13.86 12.65
CA MET A 1 -10.73 13.35 11.44
C MET A 1 -9.24 13.47 11.63
N LYS A 2 -8.48 13.32 10.52
CA LYS A 2 -7.00 13.29 10.55
C LYS A 2 -6.55 11.97 11.11
N SER A 3 -5.94 11.23 10.29
CA SER A 3 -5.60 9.88 10.58
C SER A 3 -4.24 9.79 11.29
N ASN A 4 -4.00 8.68 11.97
CA ASN A 4 -2.76 8.50 12.69
C ASN A 4 -1.70 7.89 11.80
N ILE A 5 -1.12 8.73 10.98
CA ILE A 5 -0.07 8.35 10.08
C ILE A 5 1.26 8.09 10.82
N GLN A 6 1.39 6.91 11.35
CA GLN A 6 2.61 6.53 12.00
C GLN A 6 3.55 5.86 11.04
N ASP A 7 4.76 5.70 11.50
CA ASP A 7 5.82 5.04 10.74
C ASP A 7 6.06 3.68 11.36
N ASN A 8 5.05 3.19 12.06
CA ASN A 8 5.11 1.91 12.72
C ASN A 8 4.19 0.91 12.01
N CYS A 9 3.74 1.30 10.80
CA CYS A 9 2.86 0.45 9.97
C CYS A 9 1.55 0.18 10.67
N GLN A 10 1.12 1.15 11.43
CA GLN A 10 -0.04 1.04 12.21
C GLN A 10 -0.72 2.39 12.23
N VAL A 11 -2.04 2.38 12.26
CA VAL A 11 -2.80 3.59 12.24
C VAL A 11 -3.96 3.46 13.21
N THR A 12 -4.06 4.36 14.09
CA THR A 12 -5.11 4.35 15.04
C THR A 12 -6.25 5.17 14.46
N ASN A 13 -7.40 4.56 14.41
CA ASN A 13 -8.60 5.19 13.90
C ASN A 13 -8.90 6.43 14.70
N PRO A 14 -8.96 7.58 14.06
CA PRO A 14 -9.28 8.85 14.72
C PRO A 14 -10.72 8.89 15.29
N ALA A 15 -11.53 7.88 15.00
CA ALA A 15 -12.89 7.86 15.47
C ALA A 15 -13.07 6.90 16.64
N THR A 16 -12.35 5.80 16.64
CA THR A 16 -12.57 4.77 17.65
C THR A 16 -11.39 4.67 18.59
N GLY A 17 -10.24 5.01 18.09
CA GLY A 17 -9.04 4.84 18.82
C GLY A 17 -8.51 3.44 18.64
N HIS A 18 -9.15 2.70 17.75
CA HIS A 18 -8.70 1.36 17.43
C HIS A 18 -7.52 1.40 16.45
N LEU A 19 -6.41 0.84 16.84
CA LEU A 19 -5.25 0.73 16.00
C LEU A 19 -5.42 -0.35 14.95
N PHE A 20 -4.90 -0.07 13.83
CA PHE A 20 -4.81 -0.96 12.72
C PHE A 20 -3.35 -1.18 12.49
N ASP A 21 -2.96 -2.34 12.08
CA ASP A 21 -1.55 -2.63 11.97
C ASP A 21 -1.32 -3.61 10.83
N LEU A 22 -0.29 -3.37 10.05
CA LEU A 22 0.02 -4.20 8.90
C LEU A 22 1.35 -4.91 9.07
N ASN A 23 1.89 -4.92 10.28
CA ASN A 23 3.20 -5.55 10.53
C ASN A 23 3.17 -7.06 10.31
N SER A 24 1.99 -7.58 10.24
CA SER A 24 1.78 -8.97 9.95
C SER A 24 2.13 -9.28 8.47
N LEU A 25 2.06 -8.25 7.62
CA LEU A 25 2.28 -8.39 6.20
C LEU A 25 3.72 -8.11 5.80
N LYS A 26 4.60 -7.98 6.75
CA LYS A 26 5.98 -7.75 6.41
C LYS A 26 6.71 -9.06 6.14
N ASN A 27 6.71 -9.44 4.90
CA ASN A 27 7.35 -10.64 4.50
C ASN A 27 8.23 -10.32 3.33
N ASP A 28 9.37 -10.90 3.35
CA ASP A 28 10.44 -10.68 2.36
C ASP A 28 10.17 -11.39 1.06
N SER A 29 9.22 -12.30 1.10
CA SER A 29 8.77 -13.01 -0.08
C SER A 29 8.36 -12.00 -1.14
N GLY A 30 7.60 -11.04 -0.71
CA GLY A 30 7.19 -10.00 -1.57
C GLY A 30 5.83 -10.18 -2.12
N TYR A 31 5.30 -9.11 -2.61
CA TYR A 31 3.98 -9.09 -3.14
C TYR A 31 4.03 -8.65 -4.58
N SER A 32 2.97 -8.82 -5.27
CA SER A 32 2.92 -8.55 -6.68
C SER A 32 1.52 -8.13 -7.13
N VAL A 33 1.48 -7.36 -8.19
CA VAL A 33 0.26 -6.81 -8.73
C VAL A 33 0.38 -6.76 -10.24
N ALA A 34 -0.09 -7.79 -10.91
CA ALA A 34 -0.16 -7.83 -12.40
C ALA A 34 -0.59 -6.48 -12.98
N TYR A 35 0.28 -5.94 -13.78
CA TYR A 35 0.08 -4.63 -14.33
C TYR A 35 -0.51 -4.76 -15.73
N SER A 36 -1.15 -3.74 -16.17
CA SER A 36 -1.89 -3.70 -17.42
C SER A 36 -1.00 -3.66 -18.70
N GLU A 37 0.26 -4.04 -18.61
CA GLU A 37 1.09 -4.09 -19.81
C GLU A 37 1.55 -5.49 -20.14
N LYS A 38 2.71 -5.88 -19.64
CA LYS A 38 3.26 -7.19 -19.94
C LYS A 38 3.80 -7.86 -18.69
N GLY A 39 3.56 -7.27 -17.55
CA GLY A 39 4.13 -7.76 -16.34
C GLY A 39 3.35 -7.30 -15.17
N LEU A 40 3.94 -7.31 -14.02
CA LEU A 40 3.30 -6.93 -12.79
C LEU A 40 4.08 -5.81 -12.07
N ILE A 41 3.59 -5.46 -10.90
CA ILE A 41 4.23 -4.49 -10.01
C ILE A 41 4.47 -5.17 -8.65
N TYR A 42 5.70 -5.20 -8.20
CA TYR A 42 6.04 -5.85 -6.95
C TYR A 42 5.84 -4.90 -5.79
N ILE A 43 5.42 -5.43 -4.68
CA ILE A 43 5.18 -4.64 -3.49
C ILE A 43 5.87 -5.25 -2.25
N GLY A 44 6.38 -4.38 -1.41
CA GLY A 44 6.89 -4.74 -0.12
C GLY A 44 6.17 -3.91 0.93
N ILE A 45 5.66 -4.53 1.95
CA ILE A 45 4.87 -3.81 2.97
C ILE A 45 5.71 -3.60 4.22
N CYS A 46 6.31 -2.38 4.35
CA CYS A 46 7.17 -2.01 5.50
C CYS A 46 8.40 -2.91 5.60
N GLY A 47 8.70 -3.57 4.54
CA GLY A 47 9.71 -4.57 4.60
C GLY A 47 10.33 -4.81 3.28
N GLY A 48 11.56 -5.24 3.30
CA GLY A 48 12.24 -5.51 2.10
C GLY A 48 11.84 -6.83 1.55
N THR A 49 11.81 -6.92 0.28
CA THR A 49 11.46 -8.12 -0.38
C THR A 49 12.60 -8.55 -1.28
N LYS A 50 12.55 -9.76 -1.71
CA LYS A 50 13.52 -10.29 -2.62
C LYS A 50 13.16 -9.92 -4.06
N ASN A 51 11.92 -9.53 -4.24
CA ASN A 51 11.41 -9.19 -5.56
C ASN A 51 11.49 -7.71 -5.81
N CYS A 52 11.57 -6.95 -4.76
CA CYS A 52 11.62 -5.52 -4.88
C CYS A 52 12.74 -5.07 -3.97
N PRO A 53 13.53 -4.07 -4.38
CA PRO A 53 14.73 -3.65 -3.62
C PRO A 53 14.47 -3.20 -2.19
N SER A 54 15.42 -3.52 -1.35
CA SER A 54 15.45 -3.05 -0.01
C SER A 54 15.59 -1.52 -0.02
N GLY A 55 14.57 -0.83 0.43
CA GLY A 55 14.55 0.61 0.34
C GLY A 55 13.49 1.06 -0.64
N VAL A 56 12.92 0.09 -1.30
CA VAL A 56 11.90 0.31 -2.27
C VAL A 56 10.64 -0.37 -1.76
N GLY A 57 9.58 0.38 -1.66
CA GLY A 57 8.36 -0.15 -1.13
C GLY A 57 7.55 -0.81 -2.21
N VAL A 58 7.57 -0.23 -3.38
CA VAL A 58 6.84 -0.74 -4.53
C VAL A 58 7.67 -0.52 -5.77
N CYS A 59 7.68 -1.47 -6.66
CA CYS A 59 8.43 -1.34 -7.89
C CYS A 59 7.81 -2.15 -9.01
N PHE A 60 7.72 -1.57 -10.20
CA PHE A 60 7.22 -2.28 -11.37
C PHE A 60 8.15 -3.42 -11.68
N GLY A 61 7.60 -4.48 -12.13
CA GLY A 61 8.36 -5.66 -12.39
C GLY A 61 8.86 -5.69 -13.79
N LEU A 62 8.24 -4.87 -14.63
CA LEU A 62 8.56 -4.74 -16.00
C LEU A 62 10.01 -4.43 -16.21
N THR A 63 10.39 -3.27 -15.80
CA THR A 63 11.74 -2.84 -15.97
C THR A 63 12.33 -2.42 -14.61
N LYS A 64 11.67 -2.90 -13.53
CA LYS A 64 12.02 -2.60 -12.14
C LYS A 64 12.02 -1.10 -11.87
N ILE A 65 10.84 -0.55 -11.90
CA ILE A 65 10.62 0.87 -11.69
C ILE A 65 10.05 1.09 -10.32
N ASN A 66 10.88 1.48 -9.41
CA ASN A 66 10.45 1.83 -8.06
C ASN A 66 9.28 2.83 -8.10
N ALA A 67 8.14 2.39 -7.71
CA ALA A 67 6.95 3.17 -7.78
C ALA A 67 6.62 3.79 -6.42
N GLY A 68 7.52 3.65 -5.49
CA GLY A 68 7.32 4.23 -4.18
C GLY A 68 8.35 3.76 -3.21
N SER A 69 8.98 4.67 -2.48
CA SER A 69 10.04 4.31 -1.59
C SER A 69 9.51 3.64 -0.34
N TRP A 70 10.30 2.71 0.18
CA TRP A 70 10.09 2.00 1.44
C TRP A 70 9.55 2.94 2.52
N ASN A 71 8.42 2.63 3.06
CA ASN A 71 7.82 3.43 4.10
C ASN A 71 7.05 2.54 4.99
N SER A 72 6.64 3.09 6.08
CA SER A 72 5.86 2.43 7.05
C SER A 72 4.68 3.35 7.38
N GLN A 73 4.45 4.27 6.44
CA GLN A 73 3.48 5.34 6.56
C GLN A 73 2.09 4.84 6.33
N LEU A 74 1.42 4.53 7.40
CA LEU A 74 0.10 4.02 7.32
C LEU A 74 -0.89 5.04 7.78
N MET A 75 -1.97 5.09 7.09
CA MET A 75 -3.08 5.95 7.40
C MET A 75 -4.34 5.16 7.33
N TYR A 76 -5.41 5.77 7.68
CA TYR A 76 -6.72 5.21 7.68
C TYR A 76 -7.60 6.32 7.18
N VAL A 77 -7.84 6.29 5.93
CA VAL A 77 -8.52 7.31 5.22
C VAL A 77 -9.76 6.75 4.53
N ASP A 78 -10.87 7.25 4.99
CA ASP A 78 -12.21 6.85 4.58
C ASP A 78 -12.41 5.36 4.77
N GLN A 79 -12.19 4.93 6.01
CA GLN A 79 -12.37 3.54 6.45
C GLN A 79 -11.42 2.56 5.75
N VAL A 80 -10.44 3.10 5.09
CA VAL A 80 -9.43 2.33 4.39
C VAL A 80 -8.02 2.70 4.88
N LEU A 81 -7.24 1.71 5.24
CA LEU A 81 -5.86 1.90 5.68
C LEU A 81 -5.08 2.17 4.42
N GLN A 82 -4.14 3.04 4.44
CA GLN A 82 -3.47 3.32 3.21
C GLN A 82 -2.02 3.58 3.44
N LEU A 83 -1.20 2.91 2.67
CA LEU A 83 0.23 3.13 2.70
C LEU A 83 0.58 4.00 1.54
N VAL A 84 1.24 5.09 1.83
CA VAL A 84 1.65 6.03 0.82
C VAL A 84 3.16 5.98 0.69
N TYR A 85 3.58 5.28 -0.28
CA TYR A 85 4.97 5.16 -0.62
C TYR A 85 5.28 6.22 -1.66
N ASP A 86 5.72 7.37 -1.23
CA ASP A 86 6.05 8.43 -2.14
C ASP A 86 7.52 8.42 -2.43
N ASP A 87 7.97 9.40 -3.20
CA ASP A 87 9.40 9.59 -3.56
C ASP A 87 10.02 8.30 -4.10
N GLY A 88 9.34 7.68 -5.03
CA GLY A 88 9.84 6.48 -5.62
C GLY A 88 10.89 6.78 -6.66
N ALA A 89 10.79 6.14 -7.77
CA ALA A 89 11.69 6.42 -8.83
C ALA A 89 11.09 7.50 -9.68
N PRO A 90 11.90 8.32 -10.33
CA PRO A 90 11.41 9.43 -11.09
C PRO A 90 10.81 8.96 -12.41
N CYS A 91 9.63 9.42 -12.70
CA CYS A 91 8.97 9.12 -13.90
C CYS A 91 9.21 10.25 -14.89
N PRO A 92 10.09 10.06 -15.89
CA PRO A 92 10.26 11.00 -16.98
C PRO A 92 9.47 10.53 -18.20
N SER A 93 8.76 9.45 -17.98
CA SER A 93 7.98 8.74 -18.94
C SER A 93 6.92 9.64 -19.56
N LYS A 94 6.01 10.12 -18.75
CA LYS A 94 4.94 10.97 -19.22
C LYS A 94 4.87 12.24 -18.41
N ASN A 95 5.47 12.20 -17.28
CA ASN A 95 5.57 13.33 -16.41
C ASN A 95 7.00 13.53 -16.11
N ALA A 96 7.29 14.42 -15.22
CA ALA A 96 8.63 14.61 -14.74
C ALA A 96 8.65 14.55 -13.21
N LEU A 97 7.77 13.73 -12.66
CA LEU A 97 7.66 13.58 -11.20
C LEU A 97 8.33 12.29 -10.80
N LYS A 98 8.05 11.83 -9.63
CA LYS A 98 8.45 10.52 -9.19
C LYS A 98 7.20 9.70 -8.97
N TYR A 99 7.34 8.40 -8.97
CA TYR A 99 6.23 7.53 -8.69
C TYR A 99 5.91 7.49 -7.19
N LYS A 100 4.65 7.33 -6.87
CA LYS A 100 4.19 7.17 -5.56
C LYS A 100 3.13 6.11 -5.57
N SER A 101 3.09 5.36 -4.54
CA SER A 101 2.14 4.27 -4.41
C SER A 101 1.20 4.52 -3.26
N VAL A 102 -0.06 4.28 -3.51
CA VAL A 102 -1.12 4.41 -2.54
C VAL A 102 -1.90 3.12 -2.44
N ILE A 103 -1.47 2.31 -1.55
CA ILE A 103 -2.08 1.03 -1.33
C ILE A 103 -3.23 1.19 -0.35
N SER A 104 -4.42 1.09 -0.86
CA SER A 104 -5.60 1.20 -0.07
C SER A 104 -6.02 -0.20 0.46
N PHE A 105 -6.07 -0.31 1.77
CA PHE A 105 -6.37 -1.54 2.47
C PHE A 105 -7.81 -1.55 2.84
N VAL A 106 -8.46 -2.45 2.25
CA VAL A 106 -9.86 -2.65 2.32
C VAL A 106 -10.16 -3.88 3.13
N CYS A 107 -10.97 -3.71 4.13
CA CYS A 107 -11.40 -4.78 5.03
C CYS A 107 -11.96 -5.96 4.27
N THR A 108 -11.43 -7.12 4.55
CA THR A 108 -11.94 -8.33 3.97
C THR A 108 -12.26 -9.29 5.10
N HIS A 109 -13.32 -10.06 4.94
CA HIS A 109 -13.87 -10.93 6.01
C HIS A 109 -12.95 -12.14 6.30
N ASP A 110 -11.83 -12.19 5.61
CA ASP A 110 -10.84 -13.27 5.73
C ASP A 110 -10.07 -13.15 7.06
N SER A 111 -9.01 -13.91 7.23
CA SER A 111 -8.20 -13.84 8.42
C SER A 111 -6.73 -13.59 8.03
N GLY A 112 -6.26 -12.36 8.29
CA GLY A 112 -4.90 -11.92 8.00
C GLY A 112 -4.43 -12.28 6.61
N ALA A 113 -5.14 -11.82 5.62
CA ALA A 113 -4.87 -12.17 4.24
C ALA A 113 -4.27 -11.02 3.44
N ASN A 114 -3.94 -11.34 2.22
CA ASN A 114 -3.35 -10.46 1.25
C ASN A 114 -4.17 -10.61 0.03
N ASN A 115 -4.48 -11.88 -0.29
CA ASN A 115 -5.19 -12.27 -1.48
C ASN A 115 -4.26 -12.06 -2.66
N LYS A 116 -4.31 -10.89 -3.13
CA LYS A 116 -3.50 -10.35 -4.18
C LYS A 116 -3.84 -8.88 -4.25
N PRO A 117 -2.88 -7.98 -4.25
CA PRO A 117 -3.17 -6.58 -4.40
C PRO A 117 -3.64 -6.31 -5.84
N VAL A 118 -4.57 -5.40 -5.98
CA VAL A 118 -5.18 -5.10 -7.27
C VAL A 118 -4.78 -3.70 -7.69
N PHE A 119 -4.29 -3.55 -8.88
CA PHE A 119 -3.98 -2.26 -9.40
C PHE A 119 -5.26 -1.67 -9.94
N VAL A 120 -5.80 -0.79 -9.17
CA VAL A 120 -7.05 -0.18 -9.50
C VAL A 120 -6.88 0.93 -10.52
N SER A 121 -5.99 1.86 -10.28
CA SER A 121 -5.86 2.97 -11.18
C SER A 121 -4.47 3.58 -11.06
N LEU A 122 -4.06 4.29 -12.08
CA LEU A 122 -2.82 4.99 -12.08
C LEU A 122 -3.11 6.45 -12.22
N ASP A 123 -2.39 7.25 -11.51
CA ASP A 123 -2.57 8.67 -11.51
C ASP A 123 -1.54 9.23 -12.40
N LYS A 124 -1.99 9.68 -13.49
CA LYS A 124 -1.12 10.14 -14.56
C LYS A 124 -0.78 11.60 -14.40
N GLN A 125 -1.21 12.16 -13.32
CA GLN A 125 -0.95 13.53 -13.03
C GLN A 125 0.31 13.62 -12.17
N THR A 126 0.40 12.70 -11.23
CA THR A 126 1.46 12.75 -10.28
C THR A 126 2.15 11.37 -10.08
N CYS A 127 1.96 10.48 -11.07
CA CYS A 127 2.59 9.14 -11.10
C CYS A 127 2.24 8.32 -9.85
N THR A 128 0.98 8.35 -9.48
CA THR A 128 0.53 7.71 -8.28
C THR A 128 -0.19 6.36 -8.56
N LEU A 129 0.44 5.31 -8.11
CA LEU A 129 0.03 3.92 -8.24
C LEU A 129 -1.03 3.60 -7.19
N TYR A 130 -2.27 3.53 -7.59
CA TYR A 130 -3.33 3.17 -6.68
C TYR A 130 -3.46 1.67 -6.60
N PHE A 131 -3.26 1.14 -5.43
CA PHE A 131 -3.39 -0.27 -5.21
C PHE A 131 -4.53 -0.54 -4.28
N SER A 132 -5.21 -1.59 -4.51
CA SER A 132 -6.30 -2.00 -3.68
C SER A 132 -5.99 -3.36 -3.07
N TRP A 133 -5.97 -3.39 -1.77
CA TRP A 133 -5.59 -4.57 -1.03
C TRP A 133 -6.73 -4.94 -0.10
N HIS A 134 -7.18 -6.15 -0.20
CA HIS A 134 -8.21 -6.65 0.68
C HIS A 134 -7.52 -7.32 1.85
N THR A 135 -7.59 -6.70 2.99
CA THR A 135 -6.97 -7.23 4.13
C THR A 135 -7.90 -7.18 5.36
N PRO A 136 -7.90 -8.26 6.14
CA PRO A 136 -8.65 -8.37 7.42
C PRO A 136 -8.07 -7.46 8.50
N LEU A 137 -6.93 -6.91 8.20
CA LEU A 137 -6.23 -6.01 9.08
C LEU A 137 -6.86 -4.65 8.98
N ALA A 138 -7.56 -4.45 7.88
CA ALA A 138 -8.27 -3.24 7.64
C ALA A 138 -9.61 -3.34 8.28
N CYS A 139 -9.88 -4.51 8.81
CA CYS A 139 -11.12 -4.76 9.48
C CYS A 139 -11.04 -4.33 10.91
N GLU A 140 -11.99 -3.55 11.32
CA GLU A 140 -12.06 -3.08 12.65
C GLU A 140 -13.12 -3.85 13.39
N LYS A 141 -12.80 -4.24 14.59
CA LYS A 141 -13.74 -4.95 15.47
C LYS A 141 -14.70 -3.96 16.08
N GLU A 142 -14.26 -2.73 16.13
CA GLU A 142 -15.03 -1.66 16.67
C GLU A 142 -15.73 -0.98 15.52
N GLU A 143 -16.59 -0.07 15.80
CA GLU A 143 -17.26 0.69 14.78
C GLU A 143 -17.49 2.11 15.24
N PRO A 144 -17.29 3.07 14.35
CA PRO A 144 -17.49 4.47 14.65
C PRO A 144 -18.98 4.81 14.72
N ARG A 145 -19.27 6.02 15.15
CA ARG A 145 -20.66 6.46 15.29
C ARG A 145 -21.37 6.60 13.95
N HIS A 146 -20.60 6.70 12.91
CA HIS A 146 -21.09 6.74 11.56
C HIS A 146 -20.22 5.85 10.70
N HIS A 147 -20.60 4.60 10.62
CA HIS A 147 -19.92 3.60 9.84
C HIS A 147 -20.72 3.29 8.58
N MET A 1 -1.70 5.89 21.73
CA MET A 1 -3.03 6.20 21.20
C MET A 1 -2.95 7.48 20.41
N LYS A 2 -3.03 7.38 19.11
CA LYS A 2 -2.91 8.53 18.24
C LYS A 2 -3.80 8.25 17.02
N SER A 3 -3.82 9.14 16.07
CA SER A 3 -4.52 8.95 14.82
C SER A 3 -3.54 8.36 13.80
N ASN A 4 -3.80 8.64 12.50
CA ASN A 4 -2.87 8.36 11.39
C ASN A 4 -1.49 8.81 11.80
N ILE A 5 -0.57 7.89 11.93
CA ILE A 5 0.70 8.18 12.59
C ILE A 5 1.89 7.44 11.94
N GLN A 6 3.08 7.98 12.12
CA GLN A 6 4.29 7.30 11.77
C GLN A 6 4.78 6.70 13.05
N ASP A 7 5.18 5.48 13.00
CA ASP A 7 5.53 4.73 14.20
C ASP A 7 6.10 3.39 13.82
N ASN A 8 5.26 2.54 13.22
CA ASN A 8 5.64 1.16 12.86
C ASN A 8 4.54 0.49 12.04
N CYS A 9 4.17 1.12 10.93
CA CYS A 9 3.21 0.55 9.96
C CYS A 9 1.86 0.25 10.65
N GLN A 10 1.41 1.19 11.46
CA GLN A 10 0.21 1.00 12.23
C GLN A 10 -0.54 2.31 12.38
N VAL A 11 -1.85 2.25 12.35
CA VAL A 11 -2.68 3.43 12.49
C VAL A 11 -3.80 3.13 13.45
N THR A 12 -3.92 3.92 14.46
CA THR A 12 -4.96 3.75 15.40
C THR A 12 -6.14 4.59 14.97
N ASN A 13 -7.27 3.94 14.87
CA ASN A 13 -8.53 4.54 14.46
C ASN A 13 -8.84 5.72 15.34
N PRO A 14 -8.97 6.91 14.78
CA PRO A 14 -9.29 8.10 15.54
C PRO A 14 -10.71 8.06 16.15
N ALA A 15 -11.51 7.04 15.81
CA ALA A 15 -12.83 6.97 16.33
C ALA A 15 -12.95 5.96 17.45
N THR A 16 -12.19 4.86 17.36
CA THR A 16 -12.38 3.77 18.31
C THR A 16 -11.14 3.42 19.07
N GLY A 17 -10.03 3.93 18.62
CA GLY A 17 -8.79 3.63 19.23
C GLY A 17 -8.29 2.25 18.87
N HIS A 18 -8.97 1.61 17.97
CA HIS A 18 -8.53 0.35 17.45
C HIS A 18 -7.35 0.56 16.49
N LEU A 19 -6.22 0.00 16.83
CA LEU A 19 -5.05 0.06 16.00
C LEU A 19 -5.18 -0.88 14.82
N PHE A 20 -4.64 -0.46 13.75
CA PHE A 20 -4.53 -1.19 12.53
C PHE A 20 -3.08 -1.36 12.28
N ASP A 21 -2.68 -2.49 11.79
CA ASP A 21 -1.26 -2.76 11.65
C ASP A 21 -1.05 -3.63 10.45
N LEU A 22 -0.09 -3.29 9.64
CA LEU A 22 0.17 -4.06 8.44
C LEU A 22 1.45 -4.85 8.50
N ASN A 23 2.01 -4.96 9.68
CA ASN A 23 3.27 -5.73 9.86
C ASN A 23 3.02 -7.21 9.62
N SER A 24 1.77 -7.57 9.59
CA SER A 24 1.35 -8.93 9.27
C SER A 24 1.64 -9.20 7.79
N LEU A 25 1.64 -8.15 7.00
CA LEU A 25 1.90 -8.21 5.60
C LEU A 25 3.36 -7.93 5.32
N LYS A 26 4.12 -7.72 6.35
CA LYS A 26 5.47 -7.46 6.24
C LYS A 26 6.19 -8.80 6.28
N ASN A 27 6.60 -9.22 5.12
CA ASN A 27 7.28 -10.44 4.92
C ASN A 27 8.34 -10.15 3.87
N ASP A 28 9.24 -11.03 3.71
CA ASP A 28 10.36 -10.87 2.78
C ASP A 28 10.00 -11.34 1.39
N SER A 29 9.07 -12.30 1.30
CA SER A 29 8.66 -12.87 0.02
C SER A 29 8.21 -11.78 -0.92
N GLY A 30 7.32 -10.96 -0.46
CA GLY A 30 6.88 -9.87 -1.27
C GLY A 30 5.62 -10.15 -2.01
N TYR A 31 5.10 -9.12 -2.58
CA TYR A 31 3.81 -9.19 -3.26
C TYR A 31 3.97 -8.78 -4.71
N SER A 32 2.96 -9.01 -5.48
CA SER A 32 2.97 -8.68 -6.90
C SER A 32 1.57 -8.26 -7.34
N VAL A 33 1.50 -7.45 -8.37
CA VAL A 33 0.27 -6.91 -8.90
C VAL A 33 0.42 -6.80 -10.41
N ALA A 34 -0.02 -7.82 -11.10
CA ALA A 34 -0.07 -7.86 -12.57
C ALA A 34 -0.51 -6.53 -13.18
N TYR A 35 0.32 -6.03 -14.05
CA TYR A 35 0.15 -4.77 -14.71
C TYR A 35 -0.23 -5.04 -16.16
N SER A 36 -1.40 -4.59 -16.50
CA SER A 36 -2.08 -4.87 -17.78
C SER A 36 -1.25 -4.63 -19.06
N GLU A 37 -0.37 -3.65 -19.08
CA GLU A 37 0.43 -3.42 -20.28
C GLU A 37 1.33 -4.61 -20.64
N LYS A 38 2.29 -4.94 -19.78
CA LYS A 38 3.24 -6.01 -20.14
C LYS A 38 3.92 -6.75 -18.96
N GLY A 39 3.55 -6.47 -17.73
CA GLY A 39 4.23 -7.14 -16.62
C GLY A 39 3.41 -7.13 -15.37
N LEU A 40 4.06 -6.96 -14.25
CA LEU A 40 3.41 -6.76 -12.99
C LEU A 40 4.16 -5.71 -12.20
N ILE A 41 3.63 -5.39 -11.04
CA ILE A 41 4.22 -4.48 -10.12
C ILE A 41 4.40 -5.18 -8.77
N TYR A 42 5.62 -5.29 -8.31
CA TYR A 42 5.89 -5.96 -7.05
C TYR A 42 5.63 -5.01 -5.90
N ILE A 43 5.23 -5.55 -4.78
CA ILE A 43 4.93 -4.75 -3.61
C ILE A 43 5.64 -5.33 -2.34
N GLY A 44 6.00 -4.44 -1.44
CA GLY A 44 6.53 -4.76 -0.14
C GLY A 44 5.84 -3.85 0.86
N ILE A 45 5.45 -4.38 2.00
CA ILE A 45 4.64 -3.61 2.94
C ILE A 45 5.44 -3.22 4.19
N CYS A 46 5.97 -1.97 4.17
CA CYS A 46 6.67 -1.34 5.32
C CYS A 46 7.96 -2.07 5.66
N GLY A 47 8.35 -3.00 4.83
CA GLY A 47 9.50 -3.78 5.09
C GLY A 47 10.07 -4.33 3.83
N GLY A 48 11.34 -4.66 3.89
CA GLY A 48 12.06 -5.14 2.75
C GLY A 48 11.54 -6.45 2.23
N THR A 49 11.44 -6.53 0.94
CA THR A 49 11.08 -7.71 0.25
C THR A 49 12.22 -8.10 -0.66
N LYS A 50 12.18 -9.28 -1.16
CA LYS A 50 13.14 -9.72 -2.10
C LYS A 50 12.69 -9.35 -3.52
N ASN A 51 11.42 -9.01 -3.65
CA ASN A 51 10.81 -8.66 -4.94
C ASN A 51 11.02 -7.18 -5.24
N CYS A 52 11.22 -6.41 -4.21
CA CYS A 52 11.53 -5.00 -4.33
C CYS A 52 12.61 -4.65 -3.36
N PRO A 53 13.53 -3.76 -3.74
CA PRO A 53 14.62 -3.32 -2.88
C PRO A 53 14.18 -2.85 -1.50
N SER A 54 15.05 -3.03 -0.55
CA SER A 54 14.84 -2.55 0.78
C SER A 54 14.82 -1.01 0.74
N GLY A 55 13.66 -0.44 1.00
CA GLY A 55 13.47 0.99 0.89
C GLY A 55 12.51 1.31 -0.24
N VAL A 56 12.14 0.28 -0.98
CA VAL A 56 11.23 0.36 -2.09
C VAL A 56 10.03 -0.48 -1.74
N GLY A 57 8.90 0.15 -1.70
CA GLY A 57 7.71 -0.54 -1.31
C GLY A 57 6.99 -1.06 -2.48
N VAL A 58 7.18 -0.44 -3.58
CA VAL A 58 6.54 -0.84 -4.79
C VAL A 58 7.49 -0.66 -5.94
N CYS A 59 7.60 -1.65 -6.76
CA CYS A 59 8.46 -1.55 -7.92
C CYS A 59 7.94 -2.41 -9.08
N PHE A 60 7.98 -1.85 -10.28
CA PHE A 60 7.57 -2.59 -11.47
C PHE A 60 8.52 -3.73 -11.72
N GLY A 61 8.04 -4.75 -12.34
CA GLY A 61 8.81 -5.95 -12.55
C GLY A 61 9.45 -5.98 -13.89
N LEU A 62 9.02 -5.08 -14.75
CA LEU A 62 9.50 -4.95 -16.06
C LEU A 62 10.98 -4.70 -16.06
N THR A 63 11.34 -3.53 -15.59
CA THR A 63 12.68 -3.09 -15.62
C THR A 63 13.06 -2.64 -14.21
N LYS A 64 12.29 -3.17 -13.22
CA LYS A 64 12.46 -2.86 -11.81
C LYS A 64 12.43 -1.37 -11.54
N ILE A 65 11.25 -0.84 -11.73
CA ILE A 65 10.98 0.58 -11.60
C ILE A 65 10.37 0.84 -10.26
N ASN A 66 11.15 1.32 -9.33
CA ASN A 66 10.63 1.71 -8.03
C ASN A 66 9.46 2.70 -8.20
N ALA A 67 8.30 2.23 -7.91
CA ALA A 67 7.11 2.99 -8.10
C ALA A 67 6.68 3.63 -6.79
N GLY A 68 7.52 3.52 -5.80
CA GLY A 68 7.22 4.09 -4.51
C GLY A 68 8.13 3.55 -3.45
N SER A 69 8.86 4.42 -2.79
CA SER A 69 9.81 4.01 -1.80
C SER A 69 9.08 3.71 -0.49
N TRP A 70 9.37 2.56 0.11
CA TRP A 70 8.62 2.14 1.27
C TRP A 70 8.80 2.99 2.49
N ASN A 71 7.79 2.97 3.29
CA ASN A 71 7.68 3.78 4.44
C ASN A 71 6.78 3.00 5.36
N SER A 72 6.53 3.52 6.49
CA SER A 72 5.65 2.89 7.44
C SER A 72 4.48 3.85 7.68
N GLN A 73 4.27 4.74 6.72
CA GLN A 73 3.21 5.74 6.77
C GLN A 73 1.86 5.14 6.52
N LEU A 74 1.32 4.56 7.55
CA LEU A 74 0.04 3.95 7.51
C LEU A 74 -0.98 4.88 8.06
N MET A 75 -2.08 4.93 7.39
CA MET A 75 -3.15 5.79 7.73
C MET A 75 -4.45 5.06 7.56
N TYR A 76 -5.46 5.60 8.14
CA TYR A 76 -6.81 5.11 8.08
C TYR A 76 -7.65 6.28 7.66
N VAL A 77 -7.80 6.37 6.40
CA VAL A 77 -8.44 7.48 5.75
C VAL A 77 -9.55 6.98 4.86
N ASP A 78 -10.74 7.48 5.12
CA ASP A 78 -11.97 7.11 4.41
C ASP A 78 -12.31 5.68 4.68
N GLN A 79 -12.07 5.26 5.92
CA GLN A 79 -12.34 3.91 6.42
C GLN A 79 -11.47 2.88 5.70
N VAL A 80 -10.44 3.36 5.03
CA VAL A 80 -9.50 2.55 4.31
C VAL A 80 -8.08 2.84 4.81
N LEU A 81 -7.28 1.81 4.97
CA LEU A 81 -5.89 2.00 5.34
C LEU A 81 -5.14 2.48 4.13
N GLN A 82 -4.20 3.32 4.32
CA GLN A 82 -3.53 3.86 3.21
C GLN A 82 -2.05 3.86 3.47
N LEU A 83 -1.32 3.44 2.50
CA LEU A 83 0.12 3.57 2.53
C LEU A 83 0.48 4.33 1.29
N VAL A 84 1.17 5.41 1.48
CA VAL A 84 1.61 6.21 0.38
C VAL A 84 3.12 6.16 0.34
N TYR A 85 3.60 5.32 -0.51
CA TYR A 85 5.00 5.19 -0.74
C TYR A 85 5.37 6.23 -1.76
N ASP A 86 5.92 7.32 -1.33
CA ASP A 86 6.23 8.40 -2.22
C ASP A 86 7.68 8.43 -2.55
N ASP A 87 7.99 9.35 -3.46
CA ASP A 87 9.33 9.61 -3.95
C ASP A 87 10.03 8.32 -4.39
N GLY A 88 9.44 7.68 -5.37
CA GLY A 88 10.04 6.48 -5.92
C GLY A 88 10.98 6.82 -7.04
N ALA A 89 10.93 6.07 -8.09
CA ALA A 89 11.75 6.31 -9.26
C ALA A 89 10.99 7.26 -10.16
N PRO A 90 11.66 8.03 -11.01
CA PRO A 90 11.01 9.00 -11.85
C PRO A 90 10.42 8.40 -13.13
N CYS A 91 9.23 8.84 -13.46
CA CYS A 91 8.55 8.47 -14.62
C CYS A 91 8.93 9.45 -15.72
N PRO A 92 9.55 8.97 -16.78
CA PRO A 92 9.93 9.78 -17.91
C PRO A 92 8.94 9.70 -19.10
N SER A 93 8.02 8.76 -19.06
CA SER A 93 7.13 8.55 -20.18
C SER A 93 5.73 9.07 -19.90
N LYS A 94 5.16 8.66 -18.79
CA LYS A 94 3.78 9.01 -18.50
C LYS A 94 3.65 10.48 -18.10
N ASN A 95 4.70 10.96 -17.46
CA ASN A 95 4.82 12.33 -17.08
C ASN A 95 6.29 12.53 -16.78
N ALA A 96 6.64 13.48 -15.94
CA ALA A 96 8.02 13.70 -15.59
C ALA A 96 8.24 13.70 -14.07
N LEU A 97 7.33 13.13 -13.30
CA LEU A 97 7.50 13.13 -11.84
C LEU A 97 8.14 11.85 -11.40
N LYS A 98 8.14 11.61 -10.13
CA LYS A 98 8.55 10.34 -9.63
C LYS A 98 7.30 9.55 -9.34
N TYR A 99 7.41 8.26 -9.34
CA TYR A 99 6.31 7.42 -8.99
C TYR A 99 6.09 7.44 -7.49
N LYS A 100 4.89 7.17 -7.11
CA LYS A 100 4.53 6.96 -5.76
C LYS A 100 3.39 5.97 -5.78
N SER A 101 3.18 5.32 -4.72
CA SER A 101 2.19 4.28 -4.65
C SER A 101 1.28 4.49 -3.47
N VAL A 102 0.01 4.45 -3.71
CA VAL A 102 -0.97 4.62 -2.71
C VAL A 102 -1.81 3.34 -2.64
N ILE A 103 -1.44 2.52 -1.71
CA ILE A 103 -2.10 1.26 -1.52
C ILE A 103 -3.24 1.48 -0.54
N SER A 104 -4.43 1.30 -1.03
CA SER A 104 -5.60 1.44 -0.24
C SER A 104 -6.01 0.07 0.31
N PHE A 105 -6.10 -0.04 1.61
CA PHE A 105 -6.38 -1.28 2.26
C PHE A 105 -7.82 -1.35 2.64
N VAL A 106 -8.47 -2.19 1.96
CA VAL A 106 -9.85 -2.43 2.05
C VAL A 106 -10.08 -3.67 2.89
N CYS A 107 -10.94 -3.55 3.85
CA CYS A 107 -11.28 -4.62 4.76
C CYS A 107 -11.80 -5.87 4.05
N THR A 108 -11.25 -7.00 4.40
CA THR A 108 -11.75 -8.27 3.98
C THR A 108 -11.82 -9.11 5.26
N HIS A 109 -12.98 -9.63 5.55
CA HIS A 109 -13.28 -10.35 6.83
C HIS A 109 -12.45 -11.62 7.11
N ASP A 110 -11.49 -11.90 6.25
CA ASP A 110 -10.59 -13.06 6.37
C ASP A 110 -9.70 -12.96 7.63
N SER A 111 -8.76 -13.84 7.75
CA SER A 111 -7.88 -13.82 8.88
C SER A 111 -6.44 -13.49 8.43
N GLY A 112 -6.07 -12.22 8.64
CA GLY A 112 -4.74 -11.69 8.33
C GLY A 112 -4.21 -12.08 6.96
N ALA A 113 -4.97 -11.80 5.95
CA ALA A 113 -4.62 -12.14 4.59
C ALA A 113 -4.26 -10.89 3.80
N ASN A 114 -3.86 -11.08 2.57
CA ASN A 114 -3.57 -9.99 1.68
C ASN A 114 -4.51 -10.13 0.53
N ASN A 115 -5.01 -11.38 0.38
CA ASN A 115 -5.90 -11.82 -0.65
C ASN A 115 -5.26 -11.69 -2.00
N LYS A 116 -5.24 -10.51 -2.47
CA LYS A 116 -4.61 -10.12 -3.69
C LYS A 116 -4.64 -8.61 -3.82
N PRO A 117 -3.49 -7.98 -4.03
CA PRO A 117 -3.43 -6.56 -4.33
C PRO A 117 -3.90 -6.34 -5.78
N VAL A 118 -4.81 -5.44 -5.95
CA VAL A 118 -5.43 -5.18 -7.24
C VAL A 118 -5.05 -3.78 -7.69
N PHE A 119 -4.42 -3.66 -8.81
CA PHE A 119 -4.13 -2.37 -9.35
C PHE A 119 -5.41 -1.76 -9.85
N VAL A 120 -5.86 -0.76 -9.15
CA VAL A 120 -7.10 -0.13 -9.45
C VAL A 120 -6.92 0.95 -10.51
N SER A 121 -5.99 1.85 -10.32
CA SER A 121 -5.82 2.96 -11.24
C SER A 121 -4.40 3.52 -11.18
N LEU A 122 -3.98 4.15 -12.25
CA LEU A 122 -2.70 4.83 -12.29
C LEU A 122 -2.96 6.30 -12.50
N ASP A 123 -2.18 7.10 -11.87
CA ASP A 123 -2.29 8.54 -11.98
C ASP A 123 -1.07 9.03 -12.69
N LYS A 124 -1.24 9.58 -13.83
CA LYS A 124 -0.10 10.08 -14.62
C LYS A 124 0.10 11.53 -14.34
N GLN A 125 -0.65 12.07 -13.43
CA GLN A 125 -0.51 13.47 -13.13
C GLN A 125 0.60 13.61 -12.13
N THR A 126 0.67 12.70 -11.22
CA THR A 126 1.72 12.71 -10.25
C THR A 126 2.38 11.34 -10.13
N CYS A 127 2.18 10.51 -11.16
CA CYS A 127 2.71 9.15 -11.23
C CYS A 127 2.42 8.35 -9.97
N THR A 128 1.14 8.17 -9.72
CA THR A 128 0.65 7.52 -8.53
C THR A 128 0.01 6.18 -8.83
N LEU A 129 0.64 5.16 -8.35
CA LEU A 129 0.19 3.80 -8.46
C LEU A 129 -0.88 3.56 -7.40
N TYR A 130 -2.12 3.45 -7.80
CA TYR A 130 -3.17 3.17 -6.86
C TYR A 130 -3.43 1.67 -6.79
N PHE A 131 -3.28 1.14 -5.62
CA PHE A 131 -3.48 -0.28 -5.39
C PHE A 131 -4.64 -0.48 -4.44
N SER A 132 -5.41 -1.47 -4.68
CA SER A 132 -6.48 -1.85 -3.82
C SER A 132 -6.11 -3.16 -3.18
N TRP A 133 -6.03 -3.16 -1.90
CA TRP A 133 -5.60 -4.30 -1.19
C TRP A 133 -6.72 -4.74 -0.30
N HIS A 134 -7.07 -5.98 -0.36
CA HIS A 134 -8.11 -6.51 0.47
C HIS A 134 -7.47 -7.18 1.66
N THR A 135 -7.53 -6.55 2.80
CA THR A 135 -6.88 -7.09 3.96
C THR A 135 -7.78 -7.01 5.21
N PRO A 136 -7.74 -8.06 6.04
CA PRO A 136 -8.45 -8.13 7.34
C PRO A 136 -7.85 -7.17 8.35
N LEU A 137 -6.73 -6.66 8.00
CA LEU A 137 -5.98 -5.74 8.83
C LEU A 137 -6.61 -4.40 8.74
N ALA A 138 -7.37 -4.21 7.67
CA ALA A 138 -8.09 -2.99 7.44
C ALA A 138 -9.43 -3.11 8.10
N CYS A 139 -9.67 -4.28 8.63
CA CYS A 139 -10.93 -4.55 9.29
C CYS A 139 -10.92 -4.16 10.74
N GLU A 140 -12.04 -3.70 11.16
CA GLU A 140 -12.32 -3.43 12.49
C GLU A 140 -13.55 -4.26 12.79
N LYS A 141 -13.86 -4.52 14.05
CA LYS A 141 -15.03 -5.35 14.38
C LYS A 141 -16.32 -4.77 13.81
N GLU A 142 -16.41 -3.45 13.78
CA GLU A 142 -17.56 -2.80 13.19
C GLU A 142 -17.38 -2.68 11.68
N GLU A 143 -18.40 -2.22 11.01
CA GLU A 143 -18.39 -2.15 9.57
C GLU A 143 -17.52 -1.03 9.01
N PRO A 144 -17.04 -1.22 7.77
CA PRO A 144 -16.31 -0.20 7.00
C PRO A 144 -17.21 1.01 6.66
N ARG A 145 -16.82 1.82 5.68
CA ARG A 145 -17.62 2.99 5.33
C ARG A 145 -19.03 2.62 4.90
N HIS A 146 -19.16 1.54 4.14
CA HIS A 146 -20.46 1.12 3.70
C HIS A 146 -20.56 -0.40 3.74
N HIS A 147 -21.57 -0.87 4.44
CA HIS A 147 -21.91 -2.28 4.46
C HIS A 147 -22.69 -2.57 3.20
N MET A 1 -6.88 6.69 21.12
CA MET A 1 -6.73 8.13 21.26
C MET A 1 -5.92 8.73 20.12
N LYS A 2 -5.05 7.94 19.49
CA LYS A 2 -4.23 8.42 18.39
C LYS A 2 -5.10 8.66 17.15
N SER A 3 -4.66 9.57 16.35
CA SER A 3 -5.40 9.99 15.19
C SER A 3 -4.87 9.30 13.92
N ASN A 4 -5.51 9.56 12.79
CA ASN A 4 -5.11 8.96 11.53
C ASN A 4 -3.95 9.72 10.88
N ILE A 5 -2.78 9.34 11.25
CA ILE A 5 -1.58 9.97 10.82
C ILE A 5 -0.51 8.88 10.69
N GLN A 6 0.64 9.24 10.18
CA GLN A 6 1.79 8.36 10.05
C GLN A 6 2.23 7.85 11.44
N ASP A 7 2.96 6.76 11.47
CA ASP A 7 3.36 6.15 12.73
C ASP A 7 4.46 5.13 12.50
N ASN A 8 4.07 3.94 12.04
CA ASN A 8 4.98 2.81 11.84
C ASN A 8 4.19 1.61 11.34
N CYS A 9 3.64 1.74 10.14
CA CYS A 9 2.90 0.67 9.46
C CYS A 9 1.63 0.31 10.24
N GLN A 10 1.15 1.28 10.98
CA GLN A 10 0.01 1.10 11.83
C GLN A 10 -0.69 2.44 11.95
N VAL A 11 -2.00 2.39 12.06
CA VAL A 11 -2.81 3.60 12.11
C VAL A 11 -3.92 3.39 13.12
N THR A 12 -4.12 4.33 13.95
CA THR A 12 -5.14 4.21 14.95
C THR A 12 -6.38 4.96 14.48
N ASN A 13 -7.52 4.28 14.48
CA ASN A 13 -8.79 4.91 14.13
C ASN A 13 -9.10 5.99 15.15
N PRO A 14 -9.22 7.25 14.74
CA PRO A 14 -9.55 8.34 15.65
C PRO A 14 -10.95 8.20 16.29
N ALA A 15 -11.76 7.26 15.80
CA ALA A 15 -13.09 7.12 16.31
C ALA A 15 -13.15 6.07 17.40
N THR A 16 -12.38 5.03 17.26
CA THR A 16 -12.47 3.92 18.18
C THR A 16 -11.23 3.77 19.01
N GLY A 17 -10.15 4.22 18.46
CA GLY A 17 -8.90 4.01 19.05
C GLY A 17 -8.38 2.64 18.71
N HIS A 18 -9.00 1.99 17.73
CA HIS A 18 -8.48 0.73 17.24
C HIS A 18 -7.33 0.94 16.29
N LEU A 19 -6.18 0.52 16.73
CA LEU A 19 -4.97 0.56 15.96
C LEU A 19 -5.01 -0.55 14.91
N PHE A 20 -4.65 -0.19 13.73
CA PHE A 20 -4.58 -1.05 12.60
C PHE A 20 -3.14 -1.29 12.32
N ASP A 21 -2.76 -2.49 12.01
CA ASP A 21 -1.36 -2.81 11.88
C ASP A 21 -1.10 -3.69 10.69
N LEU A 22 -0.21 -3.26 9.85
CA LEU A 22 0.13 -4.00 8.67
C LEU A 22 1.52 -4.59 8.83
N ASN A 23 2.10 -4.45 10.03
CA ASN A 23 3.46 -4.95 10.30
C ASN A 23 3.52 -6.46 10.20
N SER A 24 2.38 -7.07 10.23
CA SER A 24 2.25 -8.50 10.07
C SER A 24 2.47 -8.89 8.58
N LEU A 25 2.41 -7.91 7.68
CA LEU A 25 2.64 -8.13 6.27
C LEU A 25 4.10 -7.96 5.90
N LYS A 26 4.93 -7.76 6.90
CA LYS A 26 6.36 -7.67 6.69
C LYS A 26 6.90 -9.06 6.46
N ASN A 27 6.99 -9.38 5.21
CA ASN A 27 7.40 -10.65 4.74
C ASN A 27 8.32 -10.44 3.59
N ASP A 28 9.28 -11.29 3.49
CA ASP A 28 10.25 -11.28 2.39
C ASP A 28 9.68 -11.99 1.20
N SER A 29 8.63 -12.79 1.46
CA SER A 29 7.90 -13.55 0.46
C SER A 29 7.56 -12.66 -0.71
N GLY A 30 7.06 -11.50 -0.40
CA GLY A 30 6.86 -10.47 -1.39
C GLY A 30 5.50 -10.44 -1.96
N TYR A 31 5.19 -9.33 -2.56
CA TYR A 31 3.88 -9.11 -3.15
C TYR A 31 4.04 -8.66 -4.58
N SER A 32 2.99 -8.78 -5.32
CA SER A 32 2.95 -8.42 -6.73
C SER A 32 1.55 -8.01 -7.14
N VAL A 33 1.49 -7.16 -8.15
CA VAL A 33 0.28 -6.63 -8.67
C VAL A 33 0.42 -6.54 -10.17
N ALA A 34 -0.02 -7.55 -10.84
CA ALA A 34 -0.04 -7.61 -12.29
C ALA A 34 -0.60 -6.34 -12.90
N TYR A 35 0.17 -5.77 -13.78
CA TYR A 35 -0.20 -4.57 -14.47
C TYR A 35 -0.92 -5.02 -15.74
N SER A 36 -1.86 -4.23 -16.22
CA SER A 36 -2.75 -4.65 -17.32
C SER A 36 -2.05 -4.73 -18.70
N GLU A 37 -0.78 -4.43 -18.75
CA GLU A 37 -0.06 -4.48 -20.00
C GLU A 37 0.65 -5.81 -20.18
N LYS A 38 1.84 -5.92 -19.67
CA LYS A 38 2.65 -7.12 -19.88
C LYS A 38 3.66 -7.35 -18.76
N GLY A 39 3.36 -6.85 -17.59
CA GLY A 39 4.20 -7.03 -16.45
C GLY A 39 3.39 -6.84 -15.22
N LEU A 40 4.02 -6.82 -14.10
CA LEU A 40 3.38 -6.61 -12.83
C LEU A 40 4.14 -5.55 -12.03
N ILE A 41 3.64 -5.24 -10.87
CA ILE A 41 4.25 -4.32 -9.95
C ILE A 41 4.47 -5.02 -8.61
N TYR A 42 5.71 -5.13 -8.18
CA TYR A 42 6.04 -5.81 -6.94
C TYR A 42 5.84 -4.87 -5.76
N ILE A 43 5.41 -5.42 -4.65
CA ILE A 43 5.16 -4.63 -3.47
C ILE A 43 5.84 -5.25 -2.22
N GLY A 44 6.29 -4.37 -1.36
CA GLY A 44 6.76 -4.71 -0.05
C GLY A 44 5.98 -3.85 0.94
N ILE A 45 5.55 -4.42 2.03
CA ILE A 45 4.72 -3.68 2.99
C ILE A 45 5.50 -3.37 4.25
N CYS A 46 6.01 -2.11 4.33
CA CYS A 46 6.79 -1.56 5.48
C CYS A 46 7.97 -2.45 5.90
N GLY A 47 8.31 -3.39 5.05
CA GLY A 47 9.32 -4.34 5.30
C GLY A 47 9.88 -4.85 4.02
N GLY A 48 11.02 -5.47 4.08
CA GLY A 48 11.73 -5.86 2.90
C GLY A 48 11.29 -7.17 2.32
N THR A 49 11.38 -7.25 1.03
CA THR A 49 11.11 -8.42 0.28
C THR A 49 12.26 -8.67 -0.66
N LYS A 50 12.33 -9.84 -1.22
CA LYS A 50 13.29 -10.13 -2.24
C LYS A 50 12.68 -9.77 -3.62
N ASN A 51 11.36 -9.61 -3.64
CA ASN A 51 10.64 -9.35 -4.88
C ASN A 51 10.78 -7.89 -5.26
N CYS A 52 11.03 -7.08 -4.27
CA CYS A 52 11.23 -5.67 -4.47
C CYS A 52 12.41 -5.30 -3.60
N PRO A 53 13.29 -4.39 -4.04
CA PRO A 53 14.52 -4.03 -3.30
C PRO A 53 14.28 -3.46 -1.90
N SER A 54 15.22 -3.70 -1.02
CA SER A 54 15.20 -3.16 0.29
C SER A 54 15.41 -1.65 0.17
N GLY A 55 14.52 -0.88 0.76
CA GLY A 55 14.55 0.56 0.60
C GLY A 55 13.52 0.98 -0.42
N VAL A 56 12.91 0.00 -1.04
CA VAL A 56 11.90 0.18 -2.04
C VAL A 56 10.61 -0.44 -1.54
N GLY A 57 9.55 0.33 -1.57
CA GLY A 57 8.30 -0.16 -1.08
C GLY A 57 7.51 -0.82 -2.17
N VAL A 58 7.56 -0.24 -3.34
CA VAL A 58 6.85 -0.75 -4.51
C VAL A 58 7.73 -0.56 -5.71
N CYS A 59 7.70 -1.49 -6.63
CA CYS A 59 8.55 -1.41 -7.82
C CYS A 59 7.97 -2.19 -9.01
N PHE A 60 8.00 -1.59 -10.20
CA PHE A 60 7.57 -2.28 -11.41
C PHE A 60 8.48 -3.48 -11.67
N GLY A 61 7.93 -4.48 -12.25
CA GLY A 61 8.65 -5.73 -12.43
C GLY A 61 9.41 -5.82 -13.72
N LEU A 62 8.91 -5.16 -14.73
CA LEU A 62 9.48 -5.18 -16.02
C LEU A 62 10.83 -4.50 -16.04
N THR A 63 10.77 -3.21 -15.96
CA THR A 63 11.86 -2.35 -16.08
C THR A 63 12.36 -1.88 -14.70
N LYS A 64 11.85 -2.57 -13.67
CA LYS A 64 12.21 -2.41 -12.25
C LYS A 64 12.21 -0.97 -11.80
N ILE A 65 11.08 -0.36 -11.93
CA ILE A 65 10.93 1.05 -11.59
C ILE A 65 10.22 1.16 -10.27
N ASN A 66 10.96 1.43 -9.23
CA ASN A 66 10.37 1.57 -7.92
C ASN A 66 9.28 2.63 -7.85
N ALA A 67 8.08 2.17 -7.75
CA ALA A 67 6.90 2.98 -7.80
C ALA A 67 6.53 3.49 -6.41
N GLY A 68 7.46 3.37 -5.51
CA GLY A 68 7.28 3.85 -4.19
C GLY A 68 8.45 3.47 -3.35
N SER A 69 8.86 4.35 -2.50
CA SER A 69 9.97 4.07 -1.64
C SER A 69 9.50 3.61 -0.29
N TRP A 70 10.25 2.67 0.26
CA TRP A 70 10.01 2.01 1.56
C TRP A 70 9.52 3.00 2.61
N ASN A 71 8.36 2.74 3.15
CA ASN A 71 7.77 3.59 4.18
C ASN A 71 6.88 2.75 5.03
N SER A 72 6.54 3.28 6.16
CA SER A 72 5.61 2.68 7.06
C SER A 72 4.50 3.72 7.31
N GLN A 73 4.39 4.63 6.36
CA GLN A 73 3.46 5.74 6.41
C GLN A 73 2.04 5.25 6.17
N LEU A 74 1.37 4.88 7.25
CA LEU A 74 0.02 4.37 7.18
C LEU A 74 -0.94 5.35 7.74
N MET A 75 -2.08 5.42 7.13
CA MET A 75 -3.17 6.29 7.55
C MET A 75 -4.49 5.56 7.37
N TYR A 76 -5.57 6.19 7.75
CA TYR A 76 -6.89 5.59 7.73
C TYR A 76 -7.85 6.65 7.25
N VAL A 77 -8.20 6.56 6.03
CA VAL A 77 -9.01 7.52 5.37
C VAL A 77 -10.03 6.80 4.49
N ASP A 78 -11.29 7.14 4.69
CA ASP A 78 -12.43 6.54 3.99
C ASP A 78 -12.57 5.09 4.37
N GLN A 79 -12.30 4.80 5.64
CA GLN A 79 -12.41 3.46 6.24
C GLN A 79 -11.38 2.51 5.64
N VAL A 80 -10.43 3.09 4.96
CA VAL A 80 -9.37 2.38 4.32
C VAL A 80 -8.03 2.85 4.90
N LEU A 81 -7.13 1.93 5.05
CA LEU A 81 -5.77 2.19 5.51
C LEU A 81 -4.96 2.52 4.28
N GLN A 82 -4.18 3.57 4.31
CA GLN A 82 -3.36 3.88 3.16
C GLN A 82 -1.92 3.99 3.46
N LEU A 83 -1.14 3.37 2.65
CA LEU A 83 0.28 3.53 2.70
C LEU A 83 0.66 4.36 1.52
N VAL A 84 1.34 5.44 1.79
CA VAL A 84 1.76 6.34 0.75
C VAL A 84 3.26 6.22 0.56
N TYR A 85 3.61 5.41 -0.37
CA TYR A 85 4.98 5.23 -0.73
C TYR A 85 5.34 6.29 -1.75
N ASP A 86 5.71 7.44 -1.28
CA ASP A 86 6.03 8.58 -2.15
C ASP A 86 7.52 8.63 -2.37
N ASP A 87 7.94 9.56 -3.20
CA ASP A 87 9.38 9.82 -3.51
C ASP A 87 10.05 8.55 -4.09
N GLY A 88 9.33 7.88 -4.98
CA GLY A 88 9.85 6.69 -5.60
C GLY A 88 10.74 7.02 -6.78
N ALA A 89 10.76 6.15 -7.72
CA ALA A 89 11.54 6.32 -8.93
C ALA A 89 10.81 7.27 -9.85
N PRO A 90 11.50 8.00 -10.69
CA PRO A 90 10.87 8.98 -11.53
C PRO A 90 10.25 8.38 -12.78
N CYS A 91 9.08 8.85 -13.12
CA CYS A 91 8.41 8.46 -14.27
C CYS A 91 8.80 9.42 -15.37
N PRO A 92 9.39 8.93 -16.43
CA PRO A 92 9.74 9.74 -17.58
C PRO A 92 8.68 9.67 -18.69
N SER A 93 7.76 8.74 -18.56
CA SER A 93 6.81 8.46 -19.60
C SER A 93 5.41 9.04 -19.32
N LYS A 94 4.79 8.61 -18.23
CA LYS A 94 3.41 9.01 -17.90
C LYS A 94 3.30 10.50 -17.62
N ASN A 95 4.31 11.00 -16.98
CA ASN A 95 4.46 12.37 -16.63
C ASN A 95 5.93 12.49 -16.31
N ALA A 96 6.31 13.50 -15.59
CA ALA A 96 7.71 13.69 -15.26
C ALA A 96 7.93 13.76 -13.75
N LEU A 97 7.08 13.11 -12.98
CA LEU A 97 7.23 13.13 -11.52
C LEU A 97 7.88 11.84 -11.04
N LYS A 98 7.83 11.62 -9.77
CA LYS A 98 8.28 10.38 -9.22
C LYS A 98 7.07 9.57 -8.87
N TYR A 99 7.21 8.28 -8.95
CA TYR A 99 6.15 7.39 -8.62
C TYR A 99 5.88 7.36 -7.14
N LYS A 100 4.65 7.19 -6.84
CA LYS A 100 4.19 7.05 -5.54
C LYS A 100 3.13 6.01 -5.53
N SER A 101 3.08 5.29 -4.50
CA SER A 101 2.15 4.23 -4.38
C SER A 101 1.17 4.52 -3.28
N VAL A 102 -0.08 4.29 -3.57
CA VAL A 102 -1.17 4.45 -2.63
C VAL A 102 -1.95 3.18 -2.53
N ILE A 103 -1.53 2.38 -1.63
CA ILE A 103 -2.16 1.13 -1.41
C ILE A 103 -3.30 1.34 -0.45
N SER A 104 -4.48 1.16 -0.95
CA SER A 104 -5.68 1.33 -0.20
C SER A 104 -6.03 -0.03 0.42
N PHE A 105 -6.04 -0.10 1.73
CA PHE A 105 -6.29 -1.34 2.41
C PHE A 105 -7.73 -1.41 2.80
N VAL A 106 -8.38 -2.27 2.13
CA VAL A 106 -9.76 -2.53 2.22
C VAL A 106 -9.99 -3.79 3.03
N CYS A 107 -10.80 -3.67 4.03
CA CYS A 107 -11.16 -4.77 4.92
C CYS A 107 -11.67 -6.01 4.15
N THR A 108 -11.08 -7.15 4.45
CA THR A 108 -11.51 -8.40 3.86
C THR A 108 -11.85 -9.37 4.98
N HIS A 109 -12.86 -10.18 4.76
CA HIS A 109 -13.36 -11.15 5.74
C HIS A 109 -12.38 -12.28 6.08
N ASP A 110 -11.18 -12.23 5.49
CA ASP A 110 -10.13 -13.25 5.73
C ASP A 110 -9.56 -13.11 7.15
N SER A 111 -8.53 -13.87 7.46
CA SER A 111 -7.95 -13.80 8.77
C SER A 111 -6.44 -13.55 8.68
N GLY A 112 -6.06 -12.27 8.78
CA GLY A 112 -4.66 -11.87 8.71
C GLY A 112 -3.98 -12.31 7.43
N ALA A 113 -4.49 -11.83 6.34
CA ALA A 113 -4.03 -12.21 5.03
C ALA A 113 -3.80 -10.96 4.21
N ASN A 114 -3.35 -11.11 2.99
CA ASN A 114 -3.17 -9.97 2.15
C ASN A 114 -4.17 -10.06 1.05
N ASN A 115 -4.73 -11.27 0.90
CA ASN A 115 -5.75 -11.66 -0.06
C ASN A 115 -5.28 -11.44 -1.46
N LYS A 116 -5.27 -10.23 -1.86
CA LYS A 116 -4.87 -9.81 -3.17
C LYS A 116 -4.77 -8.29 -3.28
N PRO A 117 -3.60 -7.79 -3.67
CA PRO A 117 -3.40 -6.41 -4.04
C PRO A 117 -3.74 -6.24 -5.53
N VAL A 118 -4.50 -5.25 -5.88
CA VAL A 118 -4.84 -5.06 -7.26
C VAL A 118 -4.59 -3.63 -7.66
N PHE A 119 -4.35 -3.43 -8.91
CA PHE A 119 -4.12 -2.15 -9.45
C PHE A 119 -5.42 -1.60 -9.97
N VAL A 120 -5.90 -0.59 -9.31
CA VAL A 120 -7.13 0.04 -9.65
C VAL A 120 -6.92 1.16 -10.66
N SER A 121 -6.06 2.09 -10.36
CA SER A 121 -5.84 3.19 -11.28
C SER A 121 -4.42 3.72 -11.18
N LEU A 122 -3.93 4.24 -12.27
CA LEU A 122 -2.68 4.91 -12.26
C LEU A 122 -2.97 6.35 -12.44
N ASP A 123 -2.22 7.15 -11.78
CA ASP A 123 -2.39 8.56 -11.82
C ASP A 123 -1.24 9.13 -12.58
N LYS A 124 -1.51 9.62 -13.74
CA LYS A 124 -0.47 10.18 -14.62
C LYS A 124 -0.27 11.65 -14.34
N GLN A 125 -0.91 12.11 -13.33
CA GLN A 125 -0.78 13.50 -12.94
C GLN A 125 0.36 13.63 -11.96
N THR A 126 0.45 12.67 -11.10
CA THR A 126 1.47 12.67 -10.11
C THR A 126 2.14 11.29 -9.97
N CYS A 127 1.97 10.46 -11.00
CA CYS A 127 2.55 9.12 -11.08
C CYS A 127 2.28 8.30 -9.83
N THR A 128 1.01 8.24 -9.48
CA THR A 128 0.57 7.62 -8.28
C THR A 128 -0.17 6.29 -8.56
N LEU A 129 0.46 5.23 -8.12
CA LEU A 129 0.00 3.85 -8.27
C LEU A 129 -1.07 3.54 -7.24
N TYR A 130 -2.30 3.54 -7.65
CA TYR A 130 -3.39 3.21 -6.76
C TYR A 130 -3.59 1.72 -6.72
N PHE A 131 -3.47 1.16 -5.56
CA PHE A 131 -3.67 -0.26 -5.38
C PHE A 131 -4.81 -0.48 -4.42
N SER A 132 -5.62 -1.48 -4.66
CA SER A 132 -6.64 -1.82 -3.75
C SER A 132 -6.30 -3.18 -3.18
N TRP A 133 -6.13 -3.21 -1.89
CA TRP A 133 -5.62 -4.34 -1.20
C TRP A 133 -6.68 -4.79 -0.24
N HIS A 134 -7.01 -6.03 -0.29
CA HIS A 134 -8.02 -6.58 0.58
C HIS A 134 -7.34 -7.21 1.78
N THR A 135 -7.42 -6.60 2.92
CA THR A 135 -6.76 -7.12 4.09
C THR A 135 -7.65 -7.08 5.34
N PRO A 136 -7.59 -8.15 6.17
CA PRO A 136 -8.33 -8.26 7.47
C PRO A 136 -7.76 -7.31 8.50
N LEU A 137 -6.64 -6.77 8.16
CA LEU A 137 -5.92 -5.82 8.98
C LEU A 137 -6.56 -4.48 8.85
N ALA A 138 -7.29 -4.31 7.75
CA ALA A 138 -8.01 -3.09 7.50
C ALA A 138 -9.35 -3.20 8.17
N CYS A 139 -9.60 -4.38 8.69
CA CYS A 139 -10.82 -4.64 9.38
C CYS A 139 -10.66 -4.27 10.82
N GLU A 140 -11.48 -3.36 11.27
CA GLU A 140 -11.51 -3.01 12.64
C GLU A 140 -12.16 -4.17 13.33
N LYS A 141 -11.61 -4.55 14.42
CA LYS A 141 -12.05 -5.76 15.11
C LYS A 141 -13.43 -5.62 15.70
N GLU A 142 -13.89 -4.39 15.80
CA GLU A 142 -15.26 -4.14 16.09
C GLU A 142 -15.97 -4.09 14.78
N GLU A 143 -16.82 -5.01 14.55
CA GLU A 143 -17.45 -5.09 13.28
C GLU A 143 -18.80 -4.36 13.26
N PRO A 144 -19.08 -3.59 12.18
CA PRO A 144 -20.28 -2.77 12.05
C PRO A 144 -21.55 -3.60 11.81
N ARG A 145 -22.68 -2.90 11.63
CA ARG A 145 -23.98 -3.54 11.32
C ARG A 145 -23.82 -4.41 10.10
N HIS A 146 -23.24 -3.83 9.09
CA HIS A 146 -22.87 -4.55 7.93
C HIS A 146 -21.36 -4.68 7.96
N HIS A 147 -20.91 -5.82 8.37
CA HIS A 147 -19.50 -6.03 8.49
C HIS A 147 -18.98 -6.79 7.29
N MET A 1 -10.18 13.83 16.50
CA MET A 1 -10.16 12.66 15.63
C MET A 1 -8.92 12.74 14.78
N LYS A 2 -8.04 11.80 14.93
CA LYS A 2 -6.83 11.80 14.16
C LYS A 2 -6.52 10.40 13.69
N SER A 3 -6.16 10.28 12.45
CA SER A 3 -5.75 9.03 11.92
C SER A 3 -4.24 8.93 12.13
N ASN A 4 -3.81 7.85 12.72
CA ASN A 4 -2.43 7.68 13.09
C ASN A 4 -1.50 7.38 11.94
N ILE A 5 -1.02 8.42 11.33
CA ILE A 5 0.03 8.37 10.33
C ILE A 5 1.34 8.05 11.06
N GLN A 6 1.58 6.80 11.23
CA GLN A 6 2.72 6.34 11.96
C GLN A 6 3.73 5.69 11.02
N ASP A 7 4.95 5.56 11.50
CA ASP A 7 6.05 4.95 10.73
C ASP A 7 6.24 3.51 11.16
N ASN A 8 5.22 2.94 11.74
CA ASN A 8 5.30 1.56 12.22
C ASN A 8 4.26 0.71 11.53
N CYS A 9 3.81 1.18 10.35
CA CYS A 9 2.76 0.49 9.56
C CYS A 9 1.56 0.12 10.40
N GLN A 10 1.14 1.09 11.18
CA GLN A 10 0.04 0.94 12.07
C GLN A 10 -0.70 2.27 12.09
N VAL A 11 -2.01 2.21 12.12
CA VAL A 11 -2.83 3.39 12.11
C VAL A 11 -3.97 3.20 13.10
N THR A 12 -4.12 4.11 13.97
CA THR A 12 -5.11 4.03 14.97
C THR A 12 -6.36 4.68 14.45
N ASN A 13 -7.45 3.94 14.51
CA ASN A 13 -8.75 4.41 14.12
C ASN A 13 -9.09 5.62 14.94
N PRO A 14 -9.30 6.75 14.31
CA PRO A 14 -9.67 7.98 15.00
C PRO A 14 -10.97 7.86 15.80
N ALA A 15 -11.76 6.81 15.55
CA ALA A 15 -13.01 6.71 16.22
C ALA A 15 -12.90 5.84 17.46
N THR A 16 -12.20 4.75 17.37
CA THR A 16 -12.22 3.77 18.43
C THR A 16 -10.91 3.65 19.13
N GLY A 17 -9.92 4.27 18.56
CA GLY A 17 -8.61 4.19 19.10
C GLY A 17 -7.98 2.82 18.85
N HIS A 18 -8.64 2.05 18.02
CA HIS A 18 -8.13 0.74 17.62
C HIS A 18 -7.07 0.88 16.53
N LEU A 19 -5.89 0.44 16.84
CA LEU A 19 -4.81 0.40 15.91
C LEU A 19 -5.01 -0.68 14.87
N PHE A 20 -4.69 -0.32 13.70
CA PHE A 20 -4.64 -1.18 12.56
C PHE A 20 -3.19 -1.34 12.27
N ASP A 21 -2.78 -2.48 11.80
CA ASP A 21 -1.44 -2.73 11.58
C ASP A 21 -1.26 -3.60 10.40
N LEU A 22 -0.15 -3.45 9.76
CA LEU A 22 0.22 -4.23 8.61
C LEU A 22 1.51 -4.96 8.94
N ASN A 23 1.75 -5.09 10.21
CA ASN A 23 2.94 -5.74 10.77
C ASN A 23 2.98 -7.22 10.40
N SER A 24 1.83 -7.78 10.14
CA SER A 24 1.74 -9.18 9.77
C SER A 24 2.04 -9.35 8.27
N LEU A 25 2.01 -8.24 7.53
CA LEU A 25 2.29 -8.27 6.10
C LEU A 25 3.75 -7.93 5.86
N LYS A 26 4.47 -7.73 6.94
CA LYS A 26 5.85 -7.49 6.90
C LYS A 26 6.52 -8.84 6.73
N ASN A 27 6.77 -9.15 5.51
CA ASN A 27 7.32 -10.38 5.11
C ASN A 27 8.36 -10.11 4.10
N ASP A 28 9.34 -10.95 4.09
CA ASP A 28 10.49 -10.84 3.21
C ASP A 28 10.15 -11.37 1.85
N SER A 29 9.16 -12.25 1.82
CA SER A 29 8.64 -12.80 0.60
C SER A 29 8.23 -11.68 -0.34
N GLY A 30 7.33 -10.87 0.10
CA GLY A 30 6.92 -9.77 -0.68
C GLY A 30 5.71 -10.07 -1.48
N TYR A 31 5.22 -9.08 -2.12
CA TYR A 31 3.98 -9.17 -2.85
C TYR A 31 4.17 -8.71 -4.29
N SER A 32 3.14 -8.88 -5.08
CA SER A 32 3.12 -8.55 -6.48
C SER A 32 1.71 -8.19 -6.94
N VAL A 33 1.62 -7.32 -7.92
CA VAL A 33 0.37 -6.82 -8.47
C VAL A 33 0.48 -6.76 -9.97
N ALA A 34 0.06 -7.81 -10.63
CA ALA A 34 -0.02 -7.87 -12.09
C ALA A 34 -0.63 -6.59 -12.68
N TYR A 35 0.11 -5.98 -13.55
CA TYR A 35 -0.28 -4.73 -14.16
C TYR A 35 -0.88 -5.07 -15.52
N SER A 36 -1.85 -4.30 -15.96
CA SER A 36 -2.60 -4.57 -17.19
C SER A 36 -1.81 -4.36 -18.52
N GLU A 37 -0.50 -4.25 -18.46
CA GLU A 37 0.26 -4.08 -19.68
C GLU A 37 0.99 -5.35 -20.07
N LYS A 38 2.04 -5.69 -19.35
CA LYS A 38 2.84 -6.87 -19.70
C LYS A 38 3.58 -7.48 -18.51
N GLY A 39 3.42 -6.89 -17.35
CA GLY A 39 4.09 -7.37 -16.19
C GLY A 39 3.32 -7.03 -14.98
N LEU A 40 3.94 -7.12 -13.86
CA LEU A 40 3.33 -6.85 -12.58
C LEU A 40 4.11 -5.76 -11.85
N ILE A 41 3.65 -5.42 -10.68
CA ILE A 41 4.29 -4.48 -9.80
C ILE A 41 4.54 -5.15 -8.45
N TYR A 42 5.77 -5.27 -8.06
CA TYR A 42 6.14 -5.89 -6.82
C TYR A 42 5.93 -4.93 -5.68
N ILE A 43 5.48 -5.44 -4.57
CA ILE A 43 5.18 -4.64 -3.42
C ILE A 43 5.81 -5.24 -2.16
N GLY A 44 6.35 -4.37 -1.35
CA GLY A 44 6.81 -4.71 -0.05
C GLY A 44 6.01 -3.89 0.93
N ILE A 45 5.58 -4.49 1.99
CA ILE A 45 4.73 -3.77 2.93
C ILE A 45 5.49 -3.51 4.21
N CYS A 46 6.06 -2.28 4.35
CA CYS A 46 6.72 -1.87 5.60
C CYS A 46 7.95 -2.76 5.91
N GLY A 47 8.38 -3.51 4.93
CA GLY A 47 9.45 -4.43 5.13
C GLY A 47 10.15 -4.74 3.85
N GLY A 48 11.38 -5.19 3.98
CA GLY A 48 12.18 -5.50 2.86
C GLY A 48 11.83 -6.82 2.27
N THR A 49 11.57 -6.80 1.03
CA THR A 49 11.25 -7.98 0.32
C THR A 49 12.38 -8.36 -0.59
N LYS A 50 12.36 -9.56 -1.06
CA LYS A 50 13.30 -10.01 -2.02
C LYS A 50 12.75 -9.79 -3.44
N ASN A 51 11.49 -9.43 -3.50
CA ASN A 51 10.80 -9.17 -4.76
C ASN A 51 10.95 -7.73 -5.17
N CYS A 52 11.23 -6.88 -4.22
CA CYS A 52 11.41 -5.48 -4.45
C CYS A 52 12.62 -5.05 -3.59
N PRO A 53 13.48 -4.13 -4.09
CA PRO A 53 14.70 -3.69 -3.36
C PRO A 53 14.45 -3.15 -1.95
N SER A 54 15.44 -3.29 -1.10
CA SER A 54 15.38 -2.74 0.22
C SER A 54 15.60 -1.24 0.10
N GLY A 55 14.59 -0.50 0.42
CA GLY A 55 14.62 0.92 0.21
C GLY A 55 13.56 1.29 -0.80
N VAL A 56 13.02 0.28 -1.42
CA VAL A 56 12.00 0.40 -2.40
C VAL A 56 10.77 -0.29 -1.86
N GLY A 57 9.69 0.42 -1.77
CA GLY A 57 8.50 -0.15 -1.22
C GLY A 57 7.67 -0.81 -2.27
N VAL A 58 7.64 -0.20 -3.41
CA VAL A 58 6.89 -0.68 -4.54
C VAL A 58 7.71 -0.51 -5.79
N CYS A 59 7.70 -1.49 -6.64
CA CYS A 59 8.48 -1.43 -7.87
C CYS A 59 7.88 -2.30 -8.97
N PHE A 60 7.83 -1.77 -10.20
CA PHE A 60 7.36 -2.54 -11.34
C PHE A 60 8.30 -3.69 -11.60
N GLY A 61 7.79 -4.75 -12.11
CA GLY A 61 8.58 -5.92 -12.33
C GLY A 61 9.11 -6.00 -13.72
N LEU A 62 8.52 -5.23 -14.62
CA LEU A 62 8.89 -5.25 -16.00
C LEU A 62 10.25 -4.60 -16.16
N THR A 63 10.30 -3.33 -15.92
CA THR A 63 11.48 -2.59 -16.08
C THR A 63 12.03 -2.12 -14.73
N LYS A 64 11.62 -2.86 -13.66
CA LYS A 64 12.05 -2.63 -12.27
C LYS A 64 11.97 -1.16 -11.88
N ILE A 65 10.79 -0.64 -11.97
CA ILE A 65 10.56 0.77 -11.73
C ILE A 65 10.10 0.96 -10.32
N ASN A 66 10.98 1.39 -9.43
CA ASN A 66 10.55 1.80 -8.08
C ASN A 66 9.38 2.77 -8.19
N ALA A 67 8.24 2.31 -7.81
CA ALA A 67 7.02 3.03 -7.96
C ALA A 67 6.63 3.67 -6.65
N GLY A 68 7.52 3.63 -5.71
CA GLY A 68 7.25 4.21 -4.43
C GLY A 68 8.26 3.75 -3.43
N SER A 69 8.96 4.66 -2.83
CA SER A 69 10.01 4.30 -1.94
C SER A 69 9.49 3.82 -0.60
N TRP A 70 10.24 2.87 -0.07
CA TRP A 70 10.03 2.17 1.20
C TRP A 70 9.51 3.07 2.30
N ASN A 71 8.39 2.71 2.88
CA ASN A 71 7.77 3.48 3.95
C ASN A 71 6.98 2.57 4.79
N SER A 72 6.59 3.06 5.91
CA SER A 72 5.76 2.36 6.84
C SER A 72 4.64 3.30 7.23
N GLN A 73 4.48 4.32 6.38
CA GLN A 73 3.52 5.40 6.52
C GLN A 73 2.12 4.90 6.31
N LEU A 74 1.48 4.58 7.38
CA LEU A 74 0.15 4.09 7.31
C LEU A 74 -0.81 5.09 7.85
N MET A 75 -1.88 5.26 7.13
CA MET A 75 -2.95 6.14 7.48
C MET A 75 -4.27 5.42 7.38
N TYR A 76 -5.35 6.07 7.74
CA TYR A 76 -6.69 5.51 7.71
C TYR A 76 -7.59 6.59 7.22
N VAL A 77 -7.88 6.52 5.97
CA VAL A 77 -8.59 7.53 5.26
C VAL A 77 -9.63 6.85 4.36
N ASP A 78 -10.89 7.30 4.48
CA ASP A 78 -12.02 6.75 3.74
C ASP A 78 -12.28 5.32 4.14
N GLN A 79 -12.10 5.07 5.45
CA GLN A 79 -12.26 3.74 6.09
C GLN A 79 -11.22 2.76 5.54
N VAL A 80 -10.26 3.30 4.87
CA VAL A 80 -9.23 2.53 4.24
C VAL A 80 -7.85 2.91 4.78
N LEU A 81 -7.06 1.91 5.06
CA LEU A 81 -5.70 2.11 5.52
C LEU A 81 -4.91 2.50 4.29
N GLN A 82 -4.08 3.45 4.40
CA GLN A 82 -3.39 3.93 3.26
C GLN A 82 -1.90 3.86 3.48
N LEU A 83 -1.20 3.20 2.59
CA LEU A 83 0.23 3.29 2.61
C LEU A 83 0.65 4.15 1.45
N VAL A 84 1.38 5.19 1.73
CA VAL A 84 1.85 6.08 0.70
C VAL A 84 3.34 5.95 0.58
N TYR A 85 3.74 5.22 -0.40
CA TYR A 85 5.12 5.05 -0.72
C TYR A 85 5.47 6.12 -1.73
N ASP A 86 5.93 7.24 -1.27
CA ASP A 86 6.22 8.36 -2.12
C ASP A 86 7.68 8.48 -2.42
N ASP A 87 7.95 9.37 -3.33
CA ASP A 87 9.31 9.72 -3.79
C ASP A 87 10.04 8.49 -4.31
N GLY A 88 9.44 7.84 -5.27
CA GLY A 88 10.03 6.66 -5.87
C GLY A 88 10.93 7.01 -7.04
N ALA A 89 10.92 6.16 -8.03
CA ALA A 89 11.76 6.36 -9.21
C ALA A 89 11.14 7.40 -10.13
N PRO A 90 11.92 7.99 -11.05
CA PRO A 90 11.42 9.02 -11.93
C PRO A 90 10.44 8.46 -12.96
N CYS A 91 9.33 9.12 -13.07
CA CYS A 91 8.27 8.76 -13.97
C CYS A 91 8.39 9.54 -15.26
N PRO A 92 8.69 8.86 -16.35
CA PRO A 92 8.79 9.46 -17.67
C PRO A 92 7.53 9.22 -18.53
N SER A 93 6.57 8.60 -17.93
CA SER A 93 5.33 8.21 -18.58
C SER A 93 4.50 9.38 -19.12
N LYS A 94 4.04 10.23 -18.24
CA LYS A 94 3.19 11.35 -18.64
C LYS A 94 3.71 12.63 -18.08
N ASN A 95 3.67 12.73 -16.79
CA ASN A 95 4.26 13.86 -16.14
C ASN A 95 5.60 13.45 -15.65
N ALA A 96 6.39 14.39 -15.29
CA ALA A 96 7.78 14.13 -14.99
C ALA A 96 8.05 14.10 -13.50
N LEU A 97 7.09 13.62 -12.76
CA LEU A 97 7.27 13.48 -11.32
C LEU A 97 7.84 12.12 -11.04
N LYS A 98 7.93 11.77 -9.80
CA LYS A 98 8.39 10.47 -9.46
C LYS A 98 7.21 9.60 -9.17
N TYR A 99 7.38 8.32 -9.30
CA TYR A 99 6.33 7.39 -8.99
C TYR A 99 6.10 7.34 -7.50
N LYS A 100 4.88 7.15 -7.10
CA LYS A 100 4.55 6.94 -5.72
C LYS A 100 3.37 6.01 -5.67
N SER A 101 3.19 5.37 -4.59
CA SER A 101 2.19 4.37 -4.45
C SER A 101 1.26 4.66 -3.30
N VAL A 102 0.03 4.34 -3.50
CA VAL A 102 -1.02 4.48 -2.52
C VAL A 102 -1.81 3.20 -2.40
N ILE A 103 -1.38 2.39 -1.53
CA ILE A 103 -1.98 1.11 -1.30
C ILE A 103 -3.12 1.29 -0.33
N SER A 104 -4.30 1.14 -0.84
CA SER A 104 -5.50 1.28 -0.10
C SER A 104 -5.92 -0.07 0.49
N PHE A 105 -5.98 -0.14 1.79
CA PHE A 105 -6.30 -1.34 2.51
C PHE A 105 -7.74 -1.32 2.88
N VAL A 106 -8.42 -2.13 2.20
CA VAL A 106 -9.82 -2.29 2.28
C VAL A 106 -10.14 -3.53 3.08
N CYS A 107 -10.98 -3.37 4.04
CA CYS A 107 -11.46 -4.45 4.88
C CYS A 107 -11.99 -5.64 4.04
N THR A 108 -11.46 -6.82 4.31
CA THR A 108 -11.91 -8.03 3.65
C THR A 108 -12.29 -9.08 4.69
N HIS A 109 -13.31 -9.87 4.41
CA HIS A 109 -13.91 -10.84 5.36
C HIS A 109 -13.00 -11.98 5.84
N ASP A 110 -11.75 -11.98 5.44
CA ASP A 110 -10.80 -13.01 5.92
C ASP A 110 -10.38 -12.69 7.35
N SER A 111 -9.48 -13.46 7.90
CA SER A 111 -9.04 -13.17 9.23
C SER A 111 -7.52 -13.23 9.30
N GLY A 112 -6.89 -12.07 9.16
CA GLY A 112 -5.46 -12.02 9.23
C GLY A 112 -4.80 -12.52 7.98
N ALA A 113 -5.09 -11.86 6.90
CA ALA A 113 -4.62 -12.25 5.58
C ALA A 113 -4.23 -10.99 4.80
N ASN A 114 -3.81 -11.14 3.57
CA ASN A 114 -3.58 -10.00 2.74
C ASN A 114 -4.49 -10.12 1.55
N ASN A 115 -5.01 -11.36 1.39
CA ASN A 115 -5.97 -11.75 0.36
C ASN A 115 -5.38 -11.64 -1.03
N LYS A 116 -5.33 -10.44 -1.50
CA LYS A 116 -4.86 -10.11 -2.83
C LYS A 116 -4.75 -8.60 -3.03
N PRO A 117 -3.61 -8.12 -3.55
CA PRO A 117 -3.42 -6.74 -3.97
C PRO A 117 -3.81 -6.56 -5.45
N VAL A 118 -4.58 -5.56 -5.75
CA VAL A 118 -5.01 -5.30 -7.11
C VAL A 118 -4.58 -3.90 -7.51
N PHE A 119 -4.31 -3.68 -8.77
CA PHE A 119 -4.07 -2.39 -9.27
C PHE A 119 -5.40 -1.81 -9.71
N VAL A 120 -5.83 -0.79 -9.06
CA VAL A 120 -7.08 -0.18 -9.40
C VAL A 120 -6.87 0.97 -10.39
N SER A 121 -6.03 1.91 -10.05
CA SER A 121 -5.91 3.11 -10.85
C SER A 121 -4.49 3.66 -10.83
N LEU A 122 -4.14 4.41 -11.85
CA LEU A 122 -2.86 5.04 -11.92
C LEU A 122 -3.09 6.50 -12.18
N ASP A 123 -2.41 7.30 -11.44
CA ASP A 123 -2.52 8.72 -11.52
C ASP A 123 -1.42 9.15 -12.39
N LYS A 124 -1.74 9.64 -13.49
CA LYS A 124 -0.75 9.96 -14.50
C LYS A 124 -0.32 11.40 -14.39
N GLN A 125 -0.82 12.06 -13.39
CA GLN A 125 -0.53 13.44 -13.19
C GLN A 125 0.66 13.55 -12.25
N THR A 126 0.69 12.69 -11.28
CA THR A 126 1.76 12.67 -10.32
C THR A 126 2.30 11.26 -10.14
N CYS A 127 1.98 10.42 -11.12
CA CYS A 127 2.43 9.03 -11.19
C CYS A 127 2.20 8.26 -9.88
N THR A 128 0.94 8.23 -9.49
CA THR A 128 0.51 7.65 -8.24
C THR A 128 -0.17 6.29 -8.47
N LEU A 129 0.48 5.26 -8.02
CA LEU A 129 0.05 3.88 -8.14
C LEU A 129 -1.03 3.57 -7.10
N TYR A 130 -2.27 3.51 -7.51
CA TYR A 130 -3.33 3.16 -6.59
C TYR A 130 -3.49 1.68 -6.52
N PHE A 131 -3.32 1.15 -5.36
CA PHE A 131 -3.46 -0.27 -5.17
C PHE A 131 -4.63 -0.54 -4.29
N SER A 132 -5.36 -1.56 -4.59
CA SER A 132 -6.46 -1.96 -3.79
C SER A 132 -6.07 -3.24 -3.10
N TRP A 133 -6.05 -3.20 -1.83
CA TRP A 133 -5.63 -4.29 -1.06
C TRP A 133 -6.75 -4.69 -0.16
N HIS A 134 -7.27 -5.85 -0.34
CA HIS A 134 -8.33 -6.32 0.49
C HIS A 134 -7.70 -7.06 1.64
N THR A 135 -7.68 -6.45 2.79
CA THR A 135 -7.04 -7.04 3.92
C THR A 135 -7.99 -7.08 5.14
N PRO A 136 -7.97 -8.18 5.88
CA PRO A 136 -8.78 -8.40 7.08
C PRO A 136 -8.34 -7.53 8.23
N LEU A 137 -7.15 -7.02 8.13
CA LEU A 137 -6.63 -6.21 9.19
C LEU A 137 -7.19 -4.82 9.14
N ALA A 138 -7.71 -4.47 7.96
CA ALA A 138 -8.34 -3.19 7.73
C ALA A 138 -9.76 -3.27 8.23
N CYS A 139 -10.10 -4.42 8.70
CA CYS A 139 -11.40 -4.67 9.27
C CYS A 139 -11.36 -4.46 10.75
N GLU A 140 -12.31 -3.77 11.24
CA GLU A 140 -12.46 -3.64 12.65
C GLU A 140 -13.69 -4.41 13.03
N LYS A 141 -13.59 -5.14 14.11
CA LYS A 141 -14.67 -6.01 14.56
C LYS A 141 -15.88 -5.20 14.99
N GLU A 142 -15.62 -4.04 15.54
CA GLU A 142 -16.68 -3.10 15.81
C GLU A 142 -16.85 -2.27 14.58
N GLU A 143 -18.04 -1.90 14.27
CA GLU A 143 -18.28 -1.25 13.02
C GLU A 143 -18.99 0.08 13.19
N PRO A 144 -18.73 1.02 12.25
CA PRO A 144 -19.41 2.32 12.19
C PRO A 144 -20.83 2.14 11.63
N ARG A 145 -21.44 3.23 11.17
CA ARG A 145 -22.78 3.17 10.57
C ARG A 145 -22.81 2.10 9.47
N HIS A 146 -21.91 2.20 8.53
CA HIS A 146 -21.77 1.22 7.49
C HIS A 146 -20.28 1.01 7.19
N HIS A 147 -19.87 -0.23 7.08
CA HIS A 147 -18.50 -0.49 6.74
C HIS A 147 -18.41 -0.98 5.31
N MET A 1 -10.04 15.60 14.79
CA MET A 1 -10.34 16.08 13.42
C MET A 1 -9.59 15.30 12.34
N LYS A 2 -8.43 14.76 12.66
CA LYS A 2 -7.63 14.03 11.68
C LYS A 2 -7.45 12.61 12.11
N SER A 3 -6.83 11.84 11.26
CA SER A 3 -6.59 10.44 11.51
C SER A 3 -5.10 10.28 11.77
N ASN A 4 -4.63 9.07 11.77
CA ASN A 4 -3.22 8.83 11.95
C ASN A 4 -2.53 8.67 10.63
N ILE A 5 -1.37 9.18 10.60
CA ILE A 5 -0.37 9.08 9.58
C ILE A 5 0.89 8.68 10.32
N GLN A 6 0.96 7.43 10.62
CA GLN A 6 1.93 6.92 11.53
C GLN A 6 2.94 6.08 10.77
N ASP A 7 4.12 5.96 11.32
CA ASP A 7 5.26 5.35 10.61
C ASP A 7 5.71 4.05 11.22
N ASN A 8 4.87 3.46 12.01
CA ASN A 8 5.21 2.17 12.61
C ASN A 8 4.36 1.11 11.90
N CYS A 9 3.90 1.47 10.69
CA CYS A 9 3.08 0.61 9.82
C CYS A 9 1.77 0.30 10.54
N GLN A 10 1.26 1.33 11.19
CA GLN A 10 0.09 1.22 12.01
C GLN A 10 -0.67 2.54 11.96
N VAL A 11 -1.97 2.50 12.26
CA VAL A 11 -2.80 3.71 12.27
C VAL A 11 -3.99 3.50 13.23
N THR A 12 -4.21 4.42 14.15
CA THR A 12 -5.31 4.27 15.09
C THR A 12 -6.52 5.02 14.57
N ASN A 13 -7.64 4.34 14.47
CA ASN A 13 -8.91 4.96 14.04
C ASN A 13 -9.30 5.99 15.08
N PRO A 14 -9.47 7.25 14.70
CA PRO A 14 -9.94 8.30 15.61
C PRO A 14 -11.39 8.06 16.11
N ALA A 15 -12.07 7.08 15.52
CA ALA A 15 -13.43 6.77 15.85
C ALA A 15 -13.52 5.74 16.95
N THR A 16 -12.64 4.76 16.92
CA THR A 16 -12.74 3.63 17.82
C THR A 16 -11.54 3.44 18.67
N GLY A 17 -10.47 4.10 18.29
CA GLY A 17 -9.22 3.91 18.94
C GLY A 17 -8.59 2.61 18.53
N HIS A 18 -9.17 1.95 17.52
CA HIS A 18 -8.61 0.71 17.04
C HIS A 18 -7.39 0.99 16.18
N LEU A 19 -6.27 0.56 16.65
CA LEU A 19 -5.04 0.63 15.96
C LEU A 19 -5.02 -0.48 14.92
N PHE A 20 -4.62 -0.11 13.76
CA PHE A 20 -4.51 -0.98 12.63
C PHE A 20 -3.06 -1.16 12.39
N ASP A 21 -2.64 -2.31 12.00
CA ASP A 21 -1.23 -2.57 11.87
C ASP A 21 -1.02 -3.55 10.73
N LEU A 22 -0.03 -3.31 9.90
CA LEU A 22 0.22 -4.15 8.74
C LEU A 22 1.56 -4.84 8.84
N ASN A 23 2.21 -4.72 9.98
CA ASN A 23 3.58 -5.26 10.16
C ASN A 23 3.64 -6.77 10.02
N SER A 24 2.52 -7.42 10.16
CA SER A 24 2.46 -8.85 9.99
C SER A 24 2.59 -9.25 8.49
N LEU A 25 2.44 -8.28 7.58
CA LEU A 25 2.59 -8.53 6.16
C LEU A 25 4.04 -8.37 5.74
N LYS A 26 4.90 -8.08 6.69
CA LYS A 26 6.29 -7.91 6.43
C LYS A 26 6.93 -9.26 6.37
N ASN A 27 6.99 -9.74 5.20
CA ASN A 27 7.51 -10.99 4.89
C ASN A 27 8.54 -10.76 3.83
N ASP A 28 9.40 -11.68 3.69
CA ASP A 28 10.56 -11.56 2.82
C ASP A 28 10.18 -11.90 1.39
N SER A 29 9.21 -12.79 1.26
CA SER A 29 8.70 -13.24 -0.01
C SER A 29 8.26 -12.03 -0.84
N GLY A 30 7.33 -11.29 -0.35
CA GLY A 30 6.91 -10.12 -1.05
C GLY A 30 5.68 -10.33 -1.87
N TYR A 31 5.21 -9.26 -2.41
CA TYR A 31 3.94 -9.22 -3.12
C TYR A 31 4.10 -8.70 -4.52
N SER A 32 3.04 -8.78 -5.27
CA SER A 32 2.98 -8.40 -6.67
C SER A 32 1.55 -8.06 -7.10
N VAL A 33 1.44 -7.21 -8.09
CA VAL A 33 0.18 -6.74 -8.63
C VAL A 33 0.37 -6.53 -10.14
N ALA A 34 0.04 -7.55 -10.90
CA ALA A 34 0.07 -7.50 -12.36
C ALA A 34 -0.56 -6.21 -12.93
N TYR A 35 0.22 -5.54 -13.77
CA TYR A 35 -0.18 -4.29 -14.38
C TYR A 35 -0.92 -4.66 -15.66
N SER A 36 -1.79 -3.81 -16.14
CA SER A 36 -2.64 -4.11 -17.30
C SER A 36 -1.86 -4.27 -18.63
N GLU A 37 -0.60 -3.88 -18.66
CA GLU A 37 0.17 -3.98 -19.89
C GLU A 37 0.88 -5.31 -20.05
N LYS A 38 2.11 -5.41 -19.57
CA LYS A 38 2.86 -6.66 -19.77
C LYS A 38 3.73 -7.04 -18.58
N GLY A 39 3.57 -6.36 -17.48
CA GLY A 39 4.34 -6.67 -16.32
C GLY A 39 3.47 -6.53 -15.12
N LEU A 40 4.03 -6.71 -13.98
CA LEU A 40 3.35 -6.58 -12.73
C LEU A 40 4.07 -5.52 -11.91
N ILE A 41 3.54 -5.23 -10.76
CA ILE A 41 4.13 -4.31 -9.85
C ILE A 41 4.42 -5.03 -8.53
N TYR A 42 5.67 -5.11 -8.17
CA TYR A 42 6.09 -5.77 -6.96
C TYR A 42 5.86 -4.86 -5.77
N ILE A 43 5.45 -5.45 -4.67
CA ILE A 43 5.13 -4.69 -3.49
C ILE A 43 5.79 -5.29 -2.23
N GLY A 44 6.33 -4.42 -1.42
CA GLY A 44 6.79 -4.75 -0.11
C GLY A 44 6.02 -3.89 0.87
N ILE A 45 5.47 -4.50 1.88
CA ILE A 45 4.63 -3.77 2.84
C ILE A 45 5.42 -3.39 4.05
N CYS A 46 5.92 -2.12 4.07
CA CYS A 46 6.65 -1.52 5.19
C CYS A 46 7.87 -2.34 5.61
N GLY A 47 8.29 -3.20 4.72
CA GLY A 47 9.37 -4.10 4.97
C GLY A 47 10.01 -4.52 3.68
N GLY A 48 11.07 -5.27 3.78
CA GLY A 48 11.84 -5.62 2.62
C GLY A 48 11.47 -6.94 2.03
N THR A 49 11.53 -7.02 0.75
CA THR A 49 11.19 -8.20 0.03
C THR A 49 12.29 -8.59 -0.96
N LYS A 50 12.23 -9.80 -1.42
CA LYS A 50 13.12 -10.29 -2.44
C LYS A 50 12.53 -10.01 -3.84
N ASN A 51 11.27 -9.60 -3.84
CA ASN A 51 10.55 -9.29 -5.06
C ASN A 51 10.72 -7.84 -5.44
N CYS A 52 11.02 -7.01 -4.47
CA CYS A 52 11.22 -5.61 -4.72
C CYS A 52 12.45 -5.18 -3.92
N PRO A 53 13.30 -4.29 -4.49
CA PRO A 53 14.53 -3.83 -3.85
C PRO A 53 14.39 -3.26 -2.42
N SER A 54 15.39 -3.52 -1.61
CA SER A 54 15.49 -2.99 -0.28
C SER A 54 15.56 -1.46 -0.34
N GLY A 55 14.60 -0.80 0.28
CA GLY A 55 14.55 0.65 0.21
C GLY A 55 13.46 1.09 -0.74
N VAL A 56 12.89 0.13 -1.37
CA VAL A 56 11.84 0.31 -2.32
C VAL A 56 10.60 -0.40 -1.80
N GLY A 57 9.54 0.33 -1.67
CA GLY A 57 8.34 -0.23 -1.14
C GLY A 57 7.52 -0.85 -2.24
N VAL A 58 7.49 -0.19 -3.36
CA VAL A 58 6.74 -0.64 -4.52
C VAL A 58 7.57 -0.43 -5.74
N CYS A 59 7.54 -1.36 -6.64
CA CYS A 59 8.32 -1.23 -7.86
C CYS A 59 7.71 -2.00 -9.03
N PHE A 60 7.75 -1.40 -10.20
CA PHE A 60 7.31 -2.07 -11.41
C PHE A 60 8.28 -3.18 -11.71
N GLY A 61 7.79 -4.27 -12.17
CA GLY A 61 8.61 -5.42 -12.36
C GLY A 61 9.25 -5.46 -13.71
N LEU A 62 8.66 -4.71 -14.66
CA LEU A 62 9.08 -4.66 -16.05
C LEU A 62 10.57 -4.40 -16.11
N THR A 63 10.98 -3.29 -15.57
CA THR A 63 12.37 -2.93 -15.56
C THR A 63 12.80 -2.53 -14.15
N LYS A 64 12.00 -2.93 -13.15
CA LYS A 64 12.25 -2.58 -11.74
C LYS A 64 12.25 -1.09 -11.54
N ILE A 65 11.08 -0.51 -11.69
CA ILE A 65 10.89 0.91 -11.55
C ILE A 65 10.23 1.18 -10.22
N ASN A 66 11.02 1.55 -9.25
CA ASN A 66 10.53 1.93 -7.93
C ASN A 66 9.33 2.90 -8.04
N ALA A 67 8.19 2.39 -7.74
CA ALA A 67 6.95 3.10 -7.86
C ALA A 67 6.51 3.66 -6.53
N GLY A 68 7.39 3.63 -5.58
CA GLY A 68 7.10 4.16 -4.28
C GLY A 68 8.11 3.69 -3.28
N SER A 69 8.79 4.60 -2.65
CA SER A 69 9.86 4.21 -1.79
C SER A 69 9.37 3.72 -0.44
N TRP A 70 10.14 2.78 0.09
CA TRP A 70 9.96 2.10 1.38
C TRP A 70 9.48 3.05 2.46
N ASN A 71 8.34 2.75 3.05
CA ASN A 71 7.76 3.54 4.12
C ASN A 71 6.88 2.67 4.95
N SER A 72 6.52 3.15 6.10
CA SER A 72 5.60 2.49 6.97
C SER A 72 4.50 3.49 7.31
N GLN A 73 4.38 4.49 6.41
CA GLN A 73 3.42 5.58 6.50
C GLN A 73 2.02 5.07 6.28
N LEU A 74 1.37 4.73 7.35
CA LEU A 74 0.05 4.20 7.29
C LEU A 74 -0.94 5.19 7.82
N MET A 75 -2.05 5.24 7.17
CA MET A 75 -3.14 6.14 7.51
C MET A 75 -4.44 5.41 7.39
N TYR A 76 -5.50 6.03 7.81
CA TYR A 76 -6.81 5.44 7.78
C TYR A 76 -7.75 6.50 7.25
N VAL A 77 -8.09 6.33 6.03
CA VAL A 77 -8.86 7.28 5.29
C VAL A 77 -9.96 6.56 4.49
N ASP A 78 -11.18 6.94 4.79
CA ASP A 78 -12.39 6.38 4.18
C ASP A 78 -12.49 4.88 4.41
N GLN A 79 -12.24 4.50 5.68
CA GLN A 79 -12.28 3.09 6.15
C GLN A 79 -11.18 2.25 5.54
N VAL A 80 -10.25 2.92 4.97
CA VAL A 80 -9.17 2.30 4.29
C VAL A 80 -7.83 2.75 4.86
N LEU A 81 -7.03 1.79 5.21
CA LEU A 81 -5.68 2.00 5.67
C LEU A 81 -4.90 2.31 4.42
N GLN A 82 -4.18 3.36 4.36
CA GLN A 82 -3.53 3.67 3.13
C GLN A 82 -2.07 3.92 3.36
N LEU A 83 -1.25 3.20 2.64
CA LEU A 83 0.18 3.38 2.69
C LEU A 83 0.59 4.23 1.53
N VAL A 84 1.25 5.30 1.82
CA VAL A 84 1.74 6.19 0.81
C VAL A 84 3.24 6.08 0.71
N TYR A 85 3.65 5.33 -0.24
CA TYR A 85 5.04 5.17 -0.56
C TYR A 85 5.39 6.25 -1.54
N ASP A 86 5.85 7.36 -1.05
CA ASP A 86 6.14 8.49 -1.89
C ASP A 86 7.58 8.55 -2.25
N ASP A 87 7.88 9.46 -3.14
CA ASP A 87 9.22 9.78 -3.64
C ASP A 87 9.94 8.54 -4.14
N GLY A 88 9.32 7.86 -5.07
CA GLY A 88 9.92 6.69 -5.66
C GLY A 88 10.83 7.06 -6.80
N ALA A 89 10.86 6.25 -7.81
CA ALA A 89 11.69 6.50 -8.96
C ALA A 89 10.95 7.42 -9.90
N PRO A 90 11.62 8.15 -10.75
CA PRO A 90 10.97 9.09 -11.62
C PRO A 90 10.31 8.43 -12.81
N CYS A 91 9.17 8.93 -13.18
CA CYS A 91 8.46 8.50 -14.29
C CYS A 91 8.89 9.33 -15.48
N PRO A 92 9.46 8.69 -16.48
CA PRO A 92 9.79 9.36 -17.74
C PRO A 92 8.74 9.04 -18.80
N SER A 93 7.75 8.29 -18.40
CA SER A 93 6.76 7.76 -19.28
C SER A 93 5.53 8.67 -19.47
N LYS A 94 4.78 8.90 -18.42
CA LYS A 94 3.47 9.56 -18.57
C LYS A 94 3.47 10.96 -18.05
N ASN A 95 4.42 11.24 -17.23
CA ASN A 95 4.64 12.55 -16.73
C ASN A 95 6.07 12.54 -16.38
N ALA A 96 6.53 13.50 -15.68
CA ALA A 96 7.95 13.57 -15.38
C ALA A 96 8.22 13.71 -13.90
N LEU A 97 7.30 13.24 -13.07
CA LEU A 97 7.48 13.27 -11.62
C LEU A 97 8.11 11.99 -11.17
N LYS A 98 8.10 11.75 -9.91
CA LYS A 98 8.50 10.48 -9.40
C LYS A 98 7.26 9.68 -9.11
N TYR A 99 7.37 8.40 -9.09
CA TYR A 99 6.28 7.55 -8.75
C TYR A 99 6.06 7.56 -7.26
N LYS A 100 4.87 7.28 -6.87
CA LYS A 100 4.53 7.09 -5.52
C LYS A 100 3.39 6.13 -5.52
N SER A 101 3.15 5.51 -4.44
CA SER A 101 2.21 4.48 -4.36
C SER A 101 1.26 4.73 -3.23
N VAL A 102 0.02 4.40 -3.46
CA VAL A 102 -1.03 4.53 -2.49
C VAL A 102 -1.80 3.23 -2.39
N ILE A 103 -1.34 2.39 -1.54
CA ILE A 103 -1.96 1.12 -1.34
C ILE A 103 -3.06 1.28 -0.33
N SER A 104 -4.25 1.22 -0.82
CA SER A 104 -5.43 1.37 -0.06
C SER A 104 -5.89 -0.01 0.46
N PHE A 105 -5.86 -0.17 1.74
CA PHE A 105 -6.19 -1.39 2.42
C PHE A 105 -7.63 -1.38 2.81
N VAL A 106 -8.30 -2.27 2.22
CA VAL A 106 -9.70 -2.45 2.33
C VAL A 106 -9.97 -3.70 3.12
N CYS A 107 -10.81 -3.59 4.11
CA CYS A 107 -11.16 -4.70 4.98
C CYS A 107 -11.71 -5.89 4.21
N THR A 108 -11.21 -7.06 4.53
CA THR A 108 -11.76 -8.28 4.00
C THR A 108 -11.99 -9.22 5.18
N HIS A 109 -13.06 -9.96 5.13
CA HIS A 109 -13.50 -10.79 6.26
C HIS A 109 -12.59 -12.02 6.49
N ASP A 110 -11.52 -12.12 5.71
CA ASP A 110 -10.51 -13.20 5.82
C ASP A 110 -9.73 -13.06 7.13
N SER A 111 -8.69 -13.84 7.29
CA SER A 111 -7.86 -13.75 8.45
C SER A 111 -6.41 -13.51 8.03
N GLY A 112 -5.92 -12.28 8.26
CA GLY A 112 -4.55 -11.85 7.96
C GLY A 112 -4.07 -12.26 6.59
N ALA A 113 -4.76 -11.81 5.60
CA ALA A 113 -4.50 -12.21 4.24
C ALA A 113 -4.11 -11.03 3.33
N ASN A 114 -3.83 -11.39 2.11
CA ASN A 114 -3.50 -10.52 1.02
C ASN A 114 -4.75 -10.39 0.21
N ASN A 115 -5.43 -11.55 0.06
CA ASN A 115 -6.71 -11.73 -0.66
C ASN A 115 -6.58 -11.40 -2.11
N LYS A 116 -6.37 -10.16 -2.36
CA LYS A 116 -6.21 -9.61 -3.69
C LYS A 116 -5.81 -8.14 -3.63
N PRO A 117 -4.60 -7.80 -4.07
CA PRO A 117 -4.22 -6.44 -4.33
C PRO A 117 -4.54 -6.10 -5.81
N VAL A 118 -5.36 -5.13 -5.99
CA VAL A 118 -5.89 -4.75 -7.28
C VAL A 118 -5.27 -3.44 -7.70
N PHE A 119 -4.65 -3.41 -8.84
CA PHE A 119 -4.21 -2.19 -9.39
C PHE A 119 -5.40 -1.54 -10.03
N VAL A 120 -5.93 -0.59 -9.34
CA VAL A 120 -7.09 0.09 -9.77
C VAL A 120 -6.75 1.15 -10.80
N SER A 121 -5.83 2.04 -10.49
CA SER A 121 -5.50 3.08 -11.41
C SER A 121 -4.11 3.65 -11.20
N LEU A 122 -3.61 4.27 -12.22
CA LEU A 122 -2.37 4.96 -12.16
C LEU A 122 -2.69 6.41 -12.40
N ASP A 123 -2.00 7.23 -11.73
CA ASP A 123 -2.21 8.64 -11.84
C ASP A 123 -1.07 9.20 -12.60
N LYS A 124 -1.35 9.71 -13.72
CA LYS A 124 -0.34 10.23 -14.65
C LYS A 124 -0.11 11.70 -14.42
N GLN A 125 -0.73 12.22 -13.41
CA GLN A 125 -0.60 13.63 -13.11
C GLN A 125 0.50 13.79 -12.09
N THR A 126 0.57 12.85 -11.19
CA THR A 126 1.55 12.88 -10.16
C THR A 126 2.21 11.51 -9.97
N CYS A 127 2.08 10.65 -10.99
CA CYS A 127 2.66 9.30 -11.02
C CYS A 127 2.36 8.51 -9.75
N THR A 128 1.09 8.38 -9.46
CA THR A 128 0.62 7.75 -8.26
C THR A 128 -0.05 6.39 -8.53
N LEU A 129 0.58 5.36 -8.02
CA LEU A 129 0.15 3.97 -8.13
C LEU A 129 -0.96 3.66 -7.12
N TYR A 130 -2.18 3.61 -7.56
CA TYR A 130 -3.30 3.28 -6.70
C TYR A 130 -3.50 1.79 -6.61
N PHE A 131 -3.35 1.27 -5.43
CA PHE A 131 -3.56 -0.14 -5.20
C PHE A 131 -4.68 -0.33 -4.23
N SER A 132 -5.46 -1.31 -4.45
CA SER A 132 -6.50 -1.68 -3.56
C SER A 132 -6.20 -3.08 -3.02
N TRP A 133 -6.03 -3.18 -1.75
CA TRP A 133 -5.60 -4.41 -1.11
C TRP A 133 -6.68 -4.83 -0.17
N HIS A 134 -7.16 -6.02 -0.32
CA HIS A 134 -8.18 -6.52 0.56
C HIS A 134 -7.50 -7.19 1.74
N THR A 135 -7.44 -6.54 2.85
CA THR A 135 -6.76 -7.10 3.98
C THR A 135 -7.67 -7.11 5.22
N PRO A 136 -7.61 -8.20 5.98
CA PRO A 136 -8.34 -8.36 7.26
C PRO A 136 -7.77 -7.47 8.35
N LEU A 137 -6.62 -6.92 8.05
CA LEU A 137 -5.90 -6.04 8.94
C LEU A 137 -6.54 -4.68 8.91
N ALA A 138 -7.26 -4.44 7.82
CA ALA A 138 -7.97 -3.22 7.62
C ALA A 138 -9.30 -3.34 8.29
N CYS A 139 -9.53 -4.52 8.80
CA CYS A 139 -10.73 -4.77 9.50
C CYS A 139 -10.60 -4.39 10.93
N GLU A 140 -11.56 -3.70 11.35
CA GLU A 140 -11.68 -3.24 12.65
C GLU A 140 -12.69 -4.16 13.30
N LYS A 141 -12.72 -4.17 14.62
CA LYS A 141 -13.71 -4.95 15.37
C LYS A 141 -15.11 -4.59 14.89
N GLU A 142 -15.28 -3.31 14.70
CA GLU A 142 -16.51 -2.78 14.21
C GLU A 142 -16.47 -2.73 12.68
N GLU A 143 -17.59 -2.85 12.10
CA GLU A 143 -17.76 -2.76 10.69
C GLU A 143 -18.71 -1.65 10.45
N PRO A 144 -18.80 -1.12 9.22
CA PRO A 144 -19.77 -0.11 8.90
C PRO A 144 -21.16 -0.59 9.28
N ARG A 145 -22.00 0.35 9.60
CA ARG A 145 -23.35 0.06 10.02
C ARG A 145 -24.11 -0.68 8.93
N HIS A 146 -23.73 -0.41 7.70
CA HIS A 146 -24.18 -1.17 6.60
C HIS A 146 -22.96 -1.76 5.91
N HIS A 147 -22.48 -2.86 6.44
CA HIS A 147 -21.39 -3.59 5.84
C HIS A 147 -21.94 -4.62 4.85
N MET A 1 -10.04 15.60 14.79
CA MET A 1 -10.34 16.08 13.42
C MET A 1 -9.59 15.30 12.34
N LYS A 2 -8.43 14.76 12.66
CA LYS A 2 -7.63 14.03 11.68
C LYS A 2 -7.45 12.61 12.11
N SER A 3 -6.83 11.84 11.26
CA SER A 3 -6.59 10.44 11.51
C SER A 3 -5.10 10.28 11.77
N ASN A 4 -4.63 9.07 11.77
CA ASN A 4 -3.22 8.83 11.95
C ASN A 4 -2.53 8.67 10.63
N ILE A 5 -1.37 9.18 10.60
CA ILE A 5 -0.37 9.08 9.58
C ILE A 5 0.89 8.68 10.32
N GLN A 6 0.96 7.43 10.62
CA GLN A 6 1.93 6.92 11.53
C GLN A 6 2.94 6.08 10.77
N ASP A 7 4.12 5.96 11.32
CA ASP A 7 5.26 5.35 10.61
C ASP A 7 5.71 4.05 11.22
N ASN A 8 4.87 3.46 12.01
CA ASN A 8 5.21 2.17 12.61
C ASN A 8 4.36 1.11 11.90
N CYS A 9 3.90 1.47 10.69
CA CYS A 9 3.08 0.61 9.82
C CYS A 9 1.77 0.30 10.54
N GLN A 10 1.26 1.33 11.19
CA GLN A 10 0.09 1.22 12.01
C GLN A 10 -0.67 2.54 11.96
N VAL A 11 -1.97 2.50 12.26
CA VAL A 11 -2.80 3.71 12.27
C VAL A 11 -3.99 3.50 13.23
N THR A 12 -4.21 4.42 14.15
CA THR A 12 -5.31 4.27 15.09
C THR A 12 -6.52 5.02 14.57
N ASN A 13 -7.64 4.34 14.47
CA ASN A 13 -8.91 4.96 14.04
C ASN A 13 -9.30 5.99 15.08
N PRO A 14 -9.47 7.25 14.70
CA PRO A 14 -9.94 8.30 15.61
C PRO A 14 -11.39 8.06 16.11
N ALA A 15 -12.07 7.08 15.52
CA ALA A 15 -13.43 6.77 15.85
C ALA A 15 -13.52 5.74 16.95
N THR A 16 -12.64 4.76 16.92
CA THR A 16 -12.74 3.63 17.82
C THR A 16 -11.54 3.44 18.67
N GLY A 17 -10.47 4.10 18.29
CA GLY A 17 -9.22 3.91 18.94
C GLY A 17 -8.59 2.61 18.53
N HIS A 18 -9.17 1.95 17.52
CA HIS A 18 -8.61 0.71 17.04
C HIS A 18 -7.39 0.99 16.18
N LEU A 19 -6.27 0.56 16.65
CA LEU A 19 -5.04 0.63 15.96
C LEU A 19 -5.02 -0.48 14.92
N PHE A 20 -4.62 -0.11 13.76
CA PHE A 20 -4.51 -0.98 12.63
C PHE A 20 -3.06 -1.16 12.39
N ASP A 21 -2.64 -2.31 12.00
CA ASP A 21 -1.23 -2.57 11.87
C ASP A 21 -1.02 -3.55 10.73
N LEU A 22 -0.03 -3.31 9.90
CA LEU A 22 0.22 -4.15 8.74
C LEU A 22 1.56 -4.84 8.84
N ASN A 23 2.21 -4.72 9.98
CA ASN A 23 3.58 -5.26 10.16
C ASN A 23 3.64 -6.77 10.02
N SER A 24 2.52 -7.42 10.16
CA SER A 24 2.46 -8.85 9.99
C SER A 24 2.59 -9.25 8.49
N LEU A 25 2.44 -8.28 7.58
CA LEU A 25 2.59 -8.53 6.16
C LEU A 25 4.04 -8.37 5.74
N LYS A 26 4.90 -8.08 6.69
CA LYS A 26 6.29 -7.91 6.43
C LYS A 26 6.93 -9.26 6.37
N ASN A 27 6.99 -9.74 5.20
CA ASN A 27 7.51 -10.99 4.89
C ASN A 27 8.54 -10.76 3.83
N ASP A 28 9.40 -11.68 3.69
CA ASP A 28 10.56 -11.56 2.82
C ASP A 28 10.18 -11.90 1.39
N SER A 29 9.21 -12.79 1.26
CA SER A 29 8.70 -13.24 -0.01
C SER A 29 8.26 -12.03 -0.84
N GLY A 30 7.33 -11.29 -0.35
CA GLY A 30 6.91 -10.12 -1.05
C GLY A 30 5.68 -10.33 -1.87
N TYR A 31 5.21 -9.26 -2.41
CA TYR A 31 3.94 -9.22 -3.12
C TYR A 31 4.10 -8.70 -4.52
N SER A 32 3.04 -8.78 -5.27
CA SER A 32 2.98 -8.40 -6.67
C SER A 32 1.55 -8.06 -7.10
N VAL A 33 1.44 -7.21 -8.09
CA VAL A 33 0.18 -6.74 -8.63
C VAL A 33 0.37 -6.53 -10.14
N ALA A 34 0.04 -7.55 -10.90
CA ALA A 34 0.07 -7.50 -12.36
C ALA A 34 -0.56 -6.21 -12.93
N TYR A 35 0.22 -5.54 -13.77
CA TYR A 35 -0.18 -4.29 -14.38
C TYR A 35 -0.92 -4.66 -15.66
N SER A 36 -1.79 -3.81 -16.14
CA SER A 36 -2.64 -4.11 -17.30
C SER A 36 -1.86 -4.27 -18.63
N GLU A 37 -0.60 -3.88 -18.66
CA GLU A 37 0.17 -3.98 -19.89
C GLU A 37 0.88 -5.31 -20.05
N LYS A 38 2.11 -5.41 -19.57
CA LYS A 38 2.86 -6.66 -19.77
C LYS A 38 3.73 -7.04 -18.58
N GLY A 39 3.57 -6.36 -17.48
CA GLY A 39 4.34 -6.67 -16.32
C GLY A 39 3.47 -6.53 -15.12
N LEU A 40 4.03 -6.71 -13.98
CA LEU A 40 3.35 -6.58 -12.73
C LEU A 40 4.07 -5.52 -11.91
N ILE A 41 3.54 -5.23 -10.76
CA ILE A 41 4.13 -4.31 -9.85
C ILE A 41 4.42 -5.03 -8.53
N TYR A 42 5.67 -5.11 -8.17
CA TYR A 42 6.09 -5.77 -6.96
C TYR A 42 5.86 -4.86 -5.77
N ILE A 43 5.45 -5.45 -4.67
CA ILE A 43 5.13 -4.69 -3.49
C ILE A 43 5.79 -5.29 -2.23
N GLY A 44 6.33 -4.42 -1.42
CA GLY A 44 6.79 -4.75 -0.11
C GLY A 44 6.02 -3.89 0.87
N ILE A 45 5.47 -4.50 1.88
CA ILE A 45 4.63 -3.77 2.84
C ILE A 45 5.42 -3.39 4.05
N CYS A 46 5.92 -2.12 4.07
CA CYS A 46 6.65 -1.52 5.19
C CYS A 46 7.87 -2.34 5.61
N GLY A 47 8.29 -3.20 4.72
CA GLY A 47 9.37 -4.10 4.97
C GLY A 47 10.01 -4.52 3.68
N GLY A 48 11.07 -5.27 3.78
CA GLY A 48 11.84 -5.62 2.62
C GLY A 48 11.47 -6.94 2.03
N THR A 49 11.53 -7.02 0.75
CA THR A 49 11.19 -8.20 0.03
C THR A 49 12.29 -8.59 -0.96
N LYS A 50 12.23 -9.80 -1.42
CA LYS A 50 13.12 -10.29 -2.44
C LYS A 50 12.53 -10.01 -3.84
N ASN A 51 11.27 -9.60 -3.84
CA ASN A 51 10.55 -9.29 -5.06
C ASN A 51 10.72 -7.84 -5.44
N CYS A 52 11.02 -7.01 -4.47
CA CYS A 52 11.22 -5.61 -4.72
C CYS A 52 12.45 -5.18 -3.92
N PRO A 53 13.30 -4.29 -4.49
CA PRO A 53 14.53 -3.83 -3.85
C PRO A 53 14.39 -3.26 -2.42
N SER A 54 15.39 -3.52 -1.61
CA SER A 54 15.49 -2.99 -0.28
C SER A 54 15.56 -1.46 -0.34
N GLY A 55 14.60 -0.80 0.28
CA GLY A 55 14.55 0.65 0.21
C GLY A 55 13.46 1.09 -0.74
N VAL A 56 12.89 0.13 -1.37
CA VAL A 56 11.84 0.31 -2.32
C VAL A 56 10.60 -0.40 -1.80
N GLY A 57 9.54 0.33 -1.67
CA GLY A 57 8.34 -0.23 -1.14
C GLY A 57 7.52 -0.85 -2.24
N VAL A 58 7.49 -0.19 -3.36
CA VAL A 58 6.74 -0.64 -4.52
C VAL A 58 7.57 -0.43 -5.74
N CYS A 59 7.54 -1.36 -6.64
CA CYS A 59 8.32 -1.23 -7.86
C CYS A 59 7.71 -2.00 -9.03
N PHE A 60 7.75 -1.40 -10.20
CA PHE A 60 7.31 -2.07 -11.41
C PHE A 60 8.28 -3.18 -11.71
N GLY A 61 7.79 -4.27 -12.17
CA GLY A 61 8.61 -5.42 -12.36
C GLY A 61 9.25 -5.46 -13.71
N LEU A 62 8.66 -4.71 -14.66
CA LEU A 62 9.08 -4.66 -16.05
C LEU A 62 10.57 -4.40 -16.11
N THR A 63 10.98 -3.29 -15.57
CA THR A 63 12.37 -2.93 -15.56
C THR A 63 12.80 -2.53 -14.15
N LYS A 64 12.00 -2.93 -13.15
CA LYS A 64 12.25 -2.58 -11.74
C LYS A 64 12.25 -1.09 -11.54
N ILE A 65 11.08 -0.51 -11.69
CA ILE A 65 10.89 0.91 -11.55
C ILE A 65 10.23 1.18 -10.22
N ASN A 66 11.02 1.55 -9.25
CA ASN A 66 10.53 1.93 -7.93
C ASN A 66 9.33 2.90 -8.04
N ALA A 67 8.19 2.39 -7.74
CA ALA A 67 6.95 3.10 -7.86
C ALA A 67 6.51 3.66 -6.53
N GLY A 68 7.39 3.63 -5.58
CA GLY A 68 7.10 4.16 -4.28
C GLY A 68 8.11 3.69 -3.28
N SER A 69 8.79 4.60 -2.65
CA SER A 69 9.86 4.21 -1.79
C SER A 69 9.37 3.72 -0.44
N TRP A 70 10.14 2.78 0.09
CA TRP A 70 9.96 2.10 1.38
C TRP A 70 9.48 3.05 2.46
N ASN A 71 8.34 2.75 3.05
CA ASN A 71 7.76 3.54 4.12
C ASN A 71 6.88 2.67 4.95
N SER A 72 6.52 3.15 6.10
CA SER A 72 5.60 2.49 6.97
C SER A 72 4.50 3.49 7.31
N GLN A 73 4.38 4.49 6.41
CA GLN A 73 3.42 5.58 6.50
C GLN A 73 2.02 5.07 6.28
N LEU A 74 1.37 4.73 7.35
CA LEU A 74 0.05 4.20 7.29
C LEU A 74 -0.94 5.19 7.82
N MET A 75 -2.05 5.24 7.17
CA MET A 75 -3.14 6.14 7.51
C MET A 75 -4.44 5.41 7.39
N TYR A 76 -5.50 6.03 7.81
CA TYR A 76 -6.81 5.44 7.78
C TYR A 76 -7.75 6.50 7.25
N VAL A 77 -8.09 6.33 6.03
CA VAL A 77 -8.86 7.28 5.29
C VAL A 77 -9.96 6.56 4.49
N ASP A 78 -11.18 6.94 4.79
CA ASP A 78 -12.39 6.38 4.18
C ASP A 78 -12.49 4.88 4.41
N GLN A 79 -12.24 4.50 5.68
CA GLN A 79 -12.28 3.09 6.15
C GLN A 79 -11.18 2.25 5.54
N VAL A 80 -10.25 2.92 4.97
CA VAL A 80 -9.17 2.30 4.29
C VAL A 80 -7.83 2.75 4.86
N LEU A 81 -7.03 1.79 5.21
CA LEU A 81 -5.68 2.00 5.67
C LEU A 81 -4.90 2.31 4.42
N GLN A 82 -4.18 3.36 4.36
CA GLN A 82 -3.53 3.67 3.13
C GLN A 82 -2.07 3.92 3.36
N LEU A 83 -1.25 3.20 2.64
CA LEU A 83 0.18 3.38 2.69
C LEU A 83 0.59 4.23 1.53
N VAL A 84 1.25 5.30 1.82
CA VAL A 84 1.74 6.19 0.81
C VAL A 84 3.24 6.08 0.71
N TYR A 85 3.65 5.33 -0.24
CA TYR A 85 5.04 5.17 -0.56
C TYR A 85 5.39 6.25 -1.54
N ASP A 86 5.85 7.36 -1.05
CA ASP A 86 6.14 8.49 -1.89
C ASP A 86 7.58 8.55 -2.25
N ASP A 87 7.88 9.46 -3.14
CA ASP A 87 9.22 9.78 -3.64
C ASP A 87 9.94 8.54 -4.14
N GLY A 88 9.32 7.86 -5.07
CA GLY A 88 9.92 6.69 -5.66
C GLY A 88 10.83 7.06 -6.80
N ALA A 89 10.86 6.25 -7.81
CA ALA A 89 11.69 6.50 -8.96
C ALA A 89 10.95 7.42 -9.90
N PRO A 90 11.62 8.15 -10.75
CA PRO A 90 10.97 9.09 -11.62
C PRO A 90 10.31 8.43 -12.81
N CYS A 91 9.17 8.93 -13.18
CA CYS A 91 8.46 8.50 -14.29
C CYS A 91 8.89 9.33 -15.48
N PRO A 92 9.46 8.69 -16.48
CA PRO A 92 9.79 9.36 -17.74
C PRO A 92 8.74 9.04 -18.80
N SER A 93 7.75 8.29 -18.40
CA SER A 93 6.76 7.76 -19.28
C SER A 93 5.53 8.67 -19.47
N LYS A 94 4.78 8.90 -18.42
CA LYS A 94 3.47 9.56 -18.57
C LYS A 94 3.47 10.96 -18.05
N ASN A 95 4.42 11.24 -17.23
CA ASN A 95 4.64 12.55 -16.73
C ASN A 95 6.07 12.54 -16.38
N ALA A 96 6.53 13.50 -15.68
CA ALA A 96 7.95 13.57 -15.38
C ALA A 96 8.22 13.71 -13.90
N LEU A 97 7.30 13.24 -13.07
CA LEU A 97 7.48 13.27 -11.62
C LEU A 97 8.11 11.99 -11.17
N LYS A 98 8.10 11.75 -9.91
CA LYS A 98 8.50 10.48 -9.40
C LYS A 98 7.26 9.68 -9.11
N TYR A 99 7.37 8.40 -9.09
CA TYR A 99 6.28 7.55 -8.75
C TYR A 99 6.06 7.56 -7.26
N LYS A 100 4.87 7.28 -6.87
CA LYS A 100 4.53 7.09 -5.52
C LYS A 100 3.39 6.13 -5.52
N SER A 101 3.15 5.51 -4.44
CA SER A 101 2.21 4.48 -4.36
C SER A 101 1.26 4.73 -3.23
N VAL A 102 0.02 4.40 -3.46
CA VAL A 102 -1.03 4.53 -2.49
C VAL A 102 -1.80 3.23 -2.39
N ILE A 103 -1.34 2.39 -1.54
CA ILE A 103 -1.96 1.12 -1.34
C ILE A 103 -3.06 1.28 -0.33
N SER A 104 -4.25 1.22 -0.82
CA SER A 104 -5.43 1.37 -0.06
C SER A 104 -5.89 -0.01 0.46
N PHE A 105 -5.86 -0.17 1.74
CA PHE A 105 -6.19 -1.39 2.42
C PHE A 105 -7.63 -1.38 2.81
N VAL A 106 -8.30 -2.27 2.22
CA VAL A 106 -9.70 -2.45 2.33
C VAL A 106 -9.97 -3.70 3.12
N CYS A 107 -10.81 -3.59 4.11
CA CYS A 107 -11.16 -4.70 4.98
C CYS A 107 -11.71 -5.89 4.21
N THR A 108 -11.21 -7.06 4.53
CA THR A 108 -11.76 -8.28 4.00
C THR A 108 -11.99 -9.22 5.18
N HIS A 109 -13.06 -9.96 5.13
CA HIS A 109 -13.50 -10.79 6.26
C HIS A 109 -12.59 -12.02 6.49
N ASP A 110 -11.52 -12.12 5.71
CA ASP A 110 -10.51 -13.20 5.82
C ASP A 110 -9.73 -13.06 7.13
N SER A 111 -8.69 -13.84 7.29
CA SER A 111 -7.86 -13.75 8.45
C SER A 111 -6.41 -13.51 8.03
N GLY A 112 -5.92 -12.28 8.26
CA GLY A 112 -4.55 -11.85 7.96
C GLY A 112 -4.07 -12.26 6.59
N ALA A 113 -4.76 -11.81 5.60
CA ALA A 113 -4.50 -12.21 4.24
C ALA A 113 -4.11 -11.03 3.33
N ASN A 114 -3.83 -11.39 2.11
CA ASN A 114 -3.50 -10.52 1.02
C ASN A 114 -4.75 -10.39 0.21
N ASN A 115 -5.43 -11.55 0.06
CA ASN A 115 -6.71 -11.73 -0.66
C ASN A 115 -6.58 -11.40 -2.11
N LYS A 116 -6.37 -10.16 -2.36
CA LYS A 116 -6.21 -9.61 -3.69
C LYS A 116 -5.81 -8.14 -3.63
N PRO A 117 -4.60 -7.80 -4.07
CA PRO A 117 -4.22 -6.44 -4.33
C PRO A 117 -4.54 -6.10 -5.81
N VAL A 118 -5.36 -5.13 -5.99
CA VAL A 118 -5.89 -4.75 -7.28
C VAL A 118 -5.27 -3.44 -7.70
N PHE A 119 -4.65 -3.41 -8.84
CA PHE A 119 -4.21 -2.19 -9.39
C PHE A 119 -5.40 -1.54 -10.03
N VAL A 120 -5.93 -0.59 -9.34
CA VAL A 120 -7.09 0.09 -9.77
C VAL A 120 -6.75 1.15 -10.80
N SER A 121 -5.83 2.04 -10.49
CA SER A 121 -5.50 3.08 -11.41
C SER A 121 -4.11 3.65 -11.20
N LEU A 122 -3.61 4.27 -12.22
CA LEU A 122 -2.37 4.96 -12.16
C LEU A 122 -2.69 6.41 -12.40
N ASP A 123 -2.00 7.23 -11.73
CA ASP A 123 -2.21 8.64 -11.84
C ASP A 123 -1.07 9.20 -12.60
N LYS A 124 -1.35 9.71 -13.72
CA LYS A 124 -0.34 10.23 -14.65
C LYS A 124 -0.11 11.70 -14.42
N GLN A 125 -0.73 12.22 -13.41
CA GLN A 125 -0.60 13.63 -13.11
C GLN A 125 0.50 13.79 -12.09
N THR A 126 0.57 12.85 -11.19
CA THR A 126 1.55 12.88 -10.16
C THR A 126 2.21 11.51 -9.97
N CYS A 127 2.08 10.65 -10.99
CA CYS A 127 2.66 9.30 -11.02
C CYS A 127 2.36 8.51 -9.75
N THR A 128 1.09 8.38 -9.46
CA THR A 128 0.62 7.75 -8.26
C THR A 128 -0.05 6.39 -8.53
N LEU A 129 0.58 5.36 -8.02
CA LEU A 129 0.15 3.97 -8.13
C LEU A 129 -0.96 3.66 -7.12
N TYR A 130 -2.18 3.61 -7.56
CA TYR A 130 -3.30 3.28 -6.70
C TYR A 130 -3.50 1.79 -6.61
N PHE A 131 -3.35 1.27 -5.43
CA PHE A 131 -3.56 -0.14 -5.20
C PHE A 131 -4.68 -0.33 -4.23
N SER A 132 -5.46 -1.31 -4.45
CA SER A 132 -6.50 -1.68 -3.56
C SER A 132 -6.20 -3.08 -3.02
N TRP A 133 -6.03 -3.18 -1.75
CA TRP A 133 -5.60 -4.41 -1.11
C TRP A 133 -6.68 -4.83 -0.17
N HIS A 134 -7.16 -6.02 -0.32
CA HIS A 134 -8.18 -6.52 0.56
C HIS A 134 -7.50 -7.19 1.74
N THR A 135 -7.44 -6.54 2.85
CA THR A 135 -6.76 -7.10 3.98
C THR A 135 -7.67 -7.11 5.22
N PRO A 136 -7.61 -8.20 5.98
CA PRO A 136 -8.34 -8.36 7.26
C PRO A 136 -7.77 -7.47 8.35
N LEU A 137 -6.62 -6.92 8.05
CA LEU A 137 -5.90 -6.04 8.94
C LEU A 137 -6.54 -4.68 8.91
N ALA A 138 -7.26 -4.44 7.82
CA ALA A 138 -7.97 -3.22 7.62
C ALA A 138 -9.30 -3.34 8.29
N CYS A 139 -9.53 -4.52 8.80
CA CYS A 139 -10.73 -4.77 9.50
C CYS A 139 -10.60 -4.39 10.93
N GLU A 140 -11.56 -3.70 11.35
CA GLU A 140 -11.68 -3.24 12.65
C GLU A 140 -12.69 -4.16 13.30
N LYS A 141 -12.72 -4.17 14.62
CA LYS A 141 -13.71 -4.95 15.37
C LYS A 141 -15.11 -4.59 14.89
N GLU A 142 -15.28 -3.31 14.70
CA GLU A 142 -16.51 -2.78 14.21
C GLU A 142 -16.47 -2.73 12.68
N GLU A 143 -17.59 -2.85 12.10
CA GLU A 143 -17.76 -2.76 10.69
C GLU A 143 -18.71 -1.65 10.45
N PRO A 144 -18.80 -1.12 9.22
CA PRO A 144 -19.77 -0.11 8.90
C PRO A 144 -21.16 -0.59 9.28
N ARG A 145 -22.00 0.35 9.60
CA ARG A 145 -23.35 0.06 10.02
C ARG A 145 -24.11 -0.68 8.93
N HIS A 146 -23.73 -0.41 7.70
CA HIS A 146 -24.18 -1.17 6.60
C HIS A 146 -22.96 -1.76 5.91
N HIS A 147 -22.48 -2.86 6.44
CA HIS A 147 -21.39 -3.59 5.84
C HIS A 147 -21.94 -4.62 4.85
N MET A 1 -8.52 15.98 9.78
CA MET A 1 -9.49 15.69 8.72
C MET A 1 -9.62 14.18 8.49
N LYS A 2 -8.51 13.45 8.58
CA LYS A 2 -8.53 12.00 8.40
C LYS A 2 -7.81 11.35 9.57
N SER A 3 -7.74 10.03 9.57
CA SER A 3 -7.08 9.32 10.63
C SER A 3 -5.65 9.03 10.22
N ASN A 4 -4.74 9.64 10.90
CA ASN A 4 -3.34 9.56 10.56
C ASN A 4 -2.46 9.61 11.78
N ILE A 5 -1.83 8.51 12.05
CA ILE A 5 -0.89 8.44 13.13
C ILE A 5 0.28 7.50 12.77
N GLN A 6 1.23 8.05 12.05
CA GLN A 6 2.39 7.32 11.60
C GLN A 6 3.25 6.82 12.78
N ASP A 7 4.14 5.86 12.49
CA ASP A 7 5.11 5.28 13.43
C ASP A 7 5.72 4.03 12.84
N ASN A 8 4.92 2.99 12.72
CA ASN A 8 5.39 1.69 12.21
C ASN A 8 4.25 0.92 11.58
N CYS A 9 3.80 1.40 10.40
CA CYS A 9 2.76 0.74 9.59
C CYS A 9 1.52 0.38 10.38
N GLN A 10 1.06 1.34 11.15
CA GLN A 10 -0.05 1.18 12.03
C GLN A 10 -0.79 2.51 12.12
N VAL A 11 -2.10 2.45 12.33
CA VAL A 11 -2.91 3.64 12.47
C VAL A 11 -4.07 3.37 13.42
N THR A 12 -4.20 4.18 14.42
CA THR A 12 -5.28 4.04 15.36
C THR A 12 -6.44 4.89 14.89
N ASN A 13 -7.58 4.27 14.78
CA ASN A 13 -8.81 4.94 14.43
C ASN A 13 -9.20 5.87 15.56
N PRO A 14 -9.29 7.15 15.30
CA PRO A 14 -9.58 8.17 16.32
C PRO A 14 -11.01 8.08 16.87
N ALA A 15 -11.81 7.24 16.28
CA ALA A 15 -13.17 7.10 16.71
C ALA A 15 -13.28 5.97 17.72
N THR A 16 -12.52 4.93 17.50
CA THR A 16 -12.65 3.73 18.29
C THR A 16 -11.44 3.50 19.14
N GLY A 17 -10.32 3.90 18.63
CA GLY A 17 -9.11 3.61 19.25
C GLY A 17 -8.55 2.31 18.73
N HIS A 18 -9.18 1.78 17.67
CA HIS A 18 -8.67 0.55 17.08
C HIS A 18 -7.39 0.82 16.30
N LEU A 19 -6.29 0.29 16.78
CA LEU A 19 -5.04 0.37 16.09
C LEU A 19 -5.02 -0.67 14.98
N PHE A 20 -4.71 -0.20 13.83
CA PHE A 20 -4.61 -1.01 12.64
C PHE A 20 -3.17 -1.21 12.41
N ASP A 21 -2.79 -2.30 11.82
CA ASP A 21 -1.41 -2.63 11.76
C ASP A 21 -1.11 -3.55 10.59
N LEU A 22 -0.06 -3.23 9.87
CA LEU A 22 0.35 -4.00 8.72
C LEU A 22 1.61 -4.79 8.99
N ASN A 23 1.98 -4.91 10.25
CA ASN A 23 3.18 -5.67 10.63
C ASN A 23 2.97 -7.14 10.30
N SER A 24 1.73 -7.53 10.25
CA SER A 24 1.35 -8.88 9.90
C SER A 24 1.64 -9.16 8.40
N LEU A 25 1.86 -8.09 7.61
CA LEU A 25 2.13 -8.23 6.21
C LEU A 25 3.60 -7.96 5.90
N LYS A 26 4.40 -7.68 6.92
CA LYS A 26 5.80 -7.43 6.70
C LYS A 26 6.59 -8.71 6.79
N ASN A 27 6.95 -9.18 5.66
CA ASN A 27 7.71 -10.37 5.51
C ASN A 27 8.73 -10.14 4.42
N ASP A 28 9.33 -11.21 3.96
CA ASP A 28 10.41 -11.12 2.99
C ASP A 28 9.99 -11.64 1.64
N SER A 29 9.02 -12.57 1.65
CA SER A 29 8.52 -13.19 0.42
C SER A 29 8.11 -12.13 -0.59
N GLY A 30 7.28 -11.22 -0.14
CA GLY A 30 6.93 -10.12 -0.96
C GLY A 30 5.67 -10.31 -1.69
N TYR A 31 5.23 -9.25 -2.29
CA TYR A 31 3.97 -9.21 -2.97
C TYR A 31 4.18 -8.79 -4.40
N SER A 32 3.17 -8.99 -5.19
CA SER A 32 3.17 -8.70 -6.59
C SER A 32 1.74 -8.27 -7.00
N VAL A 33 1.65 -7.44 -8.01
CA VAL A 33 0.40 -6.86 -8.49
C VAL A 33 0.49 -6.70 -10.00
N ALA A 34 -0.01 -7.68 -10.71
CA ALA A 34 -0.12 -7.64 -12.20
C ALA A 34 -0.52 -6.27 -12.72
N TYR A 35 0.27 -5.77 -13.63
CA TYR A 35 0.08 -4.48 -14.20
C TYR A 35 -0.72 -4.66 -15.48
N SER A 36 -1.36 -3.62 -15.91
CA SER A 36 -2.23 -3.64 -17.07
C SER A 36 -1.51 -4.06 -18.37
N GLU A 37 -0.21 -3.81 -18.49
CA GLU A 37 0.46 -4.09 -19.76
C GLU A 37 0.95 -5.54 -19.92
N LYS A 38 2.19 -5.81 -19.56
CA LYS A 38 2.77 -7.13 -19.81
C LYS A 38 3.32 -7.78 -18.55
N GLY A 39 3.31 -7.07 -17.45
CA GLY A 39 3.93 -7.61 -16.28
C GLY A 39 3.16 -7.30 -15.05
N LEU A 40 3.85 -7.17 -13.96
CA LEU A 40 3.29 -6.86 -12.70
C LEU A 40 4.11 -5.79 -11.99
N ILE A 41 3.68 -5.42 -10.83
CA ILE A 41 4.35 -4.49 -9.96
C ILE A 41 4.55 -5.19 -8.61
N TYR A 42 5.76 -5.30 -8.18
CA TYR A 42 6.06 -5.96 -6.93
C TYR A 42 5.86 -4.99 -5.78
N ILE A 43 5.48 -5.53 -4.64
CA ILE A 43 5.20 -4.71 -3.49
C ILE A 43 5.82 -5.30 -2.21
N GLY A 44 6.37 -4.43 -1.40
CA GLY A 44 6.82 -4.75 -0.09
C GLY A 44 6.04 -3.89 0.88
N ILE A 45 5.53 -4.48 1.91
CA ILE A 45 4.68 -3.74 2.85
C ILE A 45 5.41 -3.48 4.15
N CYS A 46 6.01 -2.25 4.27
CA CYS A 46 6.68 -1.83 5.50
C CYS A 46 7.88 -2.77 5.82
N GLY A 47 8.29 -3.54 4.82
CA GLY A 47 9.33 -4.50 5.00
C GLY A 47 10.02 -4.81 3.71
N GLY A 48 11.25 -5.27 3.80
CA GLY A 48 12.04 -5.57 2.64
C GLY A 48 11.69 -6.91 2.06
N THR A 49 11.62 -6.96 0.79
CA THR A 49 11.27 -8.14 0.08
C THR A 49 12.35 -8.46 -0.94
N LYS A 50 12.30 -9.64 -1.45
CA LYS A 50 13.16 -10.04 -2.50
C LYS A 50 12.55 -9.60 -3.85
N ASN A 51 11.27 -9.22 -3.79
CA ASN A 51 10.52 -8.79 -4.96
C ASN A 51 10.81 -7.34 -5.26
N CYS A 52 11.21 -6.60 -4.26
CA CYS A 52 11.60 -5.22 -4.45
C CYS A 52 12.84 -4.92 -3.67
N PRO A 53 13.74 -4.10 -4.23
CA PRO A 53 14.97 -3.69 -3.57
C PRO A 53 14.75 -3.18 -2.14
N SER A 54 15.68 -3.48 -1.29
CA SER A 54 15.66 -3.04 0.08
C SER A 54 15.77 -1.51 0.11
N GLY A 55 14.70 -0.86 0.53
CA GLY A 55 14.64 0.59 0.49
C GLY A 55 13.59 1.04 -0.50
N VAL A 56 13.04 0.08 -1.21
CA VAL A 56 12.02 0.30 -2.19
C VAL A 56 10.78 -0.43 -1.72
N GLY A 57 9.70 0.30 -1.56
CA GLY A 57 8.50 -0.29 -1.08
C GLY A 57 7.72 -0.91 -2.21
N VAL A 58 7.76 -0.27 -3.34
CA VAL A 58 7.03 -0.74 -4.51
C VAL A 58 7.88 -0.57 -5.75
N CYS A 59 7.87 -1.55 -6.60
CA CYS A 59 8.66 -1.49 -7.81
C CYS A 59 8.02 -2.31 -8.93
N PHE A 60 7.98 -1.77 -10.13
CA PHE A 60 7.49 -2.49 -11.29
C PHE A 60 8.35 -3.73 -11.53
N GLY A 61 7.76 -4.73 -12.11
CA GLY A 61 8.44 -5.97 -12.29
C GLY A 61 8.95 -6.19 -13.68
N LEU A 62 8.49 -5.38 -14.61
CA LEU A 62 8.91 -5.52 -15.96
C LEU A 62 10.34 -5.00 -16.09
N THR A 63 10.48 -3.70 -15.99
CA THR A 63 11.78 -3.07 -16.14
C THR A 63 12.33 -2.63 -14.78
N LYS A 64 11.66 -3.08 -13.72
CA LYS A 64 12.03 -2.79 -12.33
C LYS A 64 12.11 -1.30 -12.03
N ILE A 65 10.95 -0.68 -12.04
CA ILE A 65 10.81 0.74 -11.79
C ILE A 65 10.27 0.97 -10.41
N ASN A 66 11.13 1.34 -9.48
CA ASN A 66 10.69 1.75 -8.14
C ASN A 66 9.52 2.73 -8.22
N ALA A 67 8.38 2.30 -7.81
CA ALA A 67 7.18 3.07 -7.91
C ALA A 67 6.84 3.71 -6.58
N GLY A 68 7.75 3.63 -5.66
CA GLY A 68 7.54 4.24 -4.36
C GLY A 68 8.50 3.71 -3.33
N SER A 69 9.15 4.61 -2.62
CA SER A 69 10.14 4.19 -1.67
C SER A 69 9.52 3.66 -0.40
N TRP A 70 10.24 2.72 0.17
CA TRP A 70 9.96 2.04 1.44
C TRP A 70 9.43 3.01 2.49
N ASN A 71 8.25 2.72 3.02
CA ASN A 71 7.65 3.54 4.06
C ASN A 71 6.81 2.69 4.96
N SER A 72 6.50 3.23 6.09
CA SER A 72 5.62 2.62 7.07
C SER A 72 4.49 3.60 7.37
N GLN A 73 4.38 4.58 6.50
CA GLN A 73 3.42 5.67 6.58
C GLN A 73 2.01 5.19 6.34
N LEU A 74 1.36 4.78 7.40
CA LEU A 74 0.03 4.26 7.32
C LEU A 74 -0.97 5.25 7.84
N MET A 75 -2.10 5.24 7.23
CA MET A 75 -3.22 6.08 7.58
C MET A 75 -4.48 5.29 7.44
N TYR A 76 -5.53 5.86 7.92
CA TYR A 76 -6.85 5.31 7.88
C TYR A 76 -7.75 6.40 7.34
N VAL A 77 -7.95 6.35 6.10
CA VAL A 77 -8.66 7.35 5.40
C VAL A 77 -9.84 6.76 4.68
N ASP A 78 -11.01 7.17 5.13
CA ASP A 78 -12.28 6.71 4.60
C ASP A 78 -12.49 5.26 4.82
N GLN A 79 -12.23 4.84 6.05
CA GLN A 79 -12.39 3.45 6.49
C GLN A 79 -11.41 2.51 5.79
N VAL A 80 -10.49 3.08 5.05
CA VAL A 80 -9.49 2.34 4.33
C VAL A 80 -8.11 2.76 4.78
N LEU A 81 -7.23 1.81 4.99
CA LEU A 81 -5.88 2.09 5.37
C LEU A 81 -5.12 2.55 4.14
N GLN A 82 -4.18 3.41 4.31
CA GLN A 82 -3.49 3.92 3.18
C GLN A 82 -2.02 3.92 3.43
N LEU A 83 -1.28 3.44 2.48
CA LEU A 83 0.16 3.56 2.51
C LEU A 83 0.55 4.34 1.30
N VAL A 84 1.26 5.40 1.49
CA VAL A 84 1.73 6.20 0.40
C VAL A 84 3.24 6.12 0.34
N TYR A 85 3.69 5.25 -0.49
CA TYR A 85 5.09 5.09 -0.74
C TYR A 85 5.48 6.13 -1.76
N ASP A 86 5.99 7.24 -1.32
CA ASP A 86 6.33 8.31 -2.24
C ASP A 86 7.79 8.28 -2.54
N ASP A 87 8.21 9.22 -3.36
CA ASP A 87 9.58 9.40 -3.83
C ASP A 87 10.19 8.11 -4.33
N GLY A 88 9.57 7.58 -5.34
CA GLY A 88 10.11 6.42 -5.97
C GLY A 88 11.04 6.82 -7.07
N ALA A 89 10.98 6.12 -8.14
CA ALA A 89 11.75 6.42 -9.30
C ALA A 89 11.01 7.50 -10.07
N PRO A 90 11.66 8.28 -10.92
CA PRO A 90 11.00 9.32 -11.65
C PRO A 90 10.33 8.78 -12.92
N CYS A 91 9.19 9.31 -13.25
CA CYS A 91 8.51 8.97 -14.41
C CYS A 91 8.87 9.98 -15.48
N PRO A 92 9.55 9.56 -16.53
CA PRO A 92 9.90 10.41 -17.65
C PRO A 92 8.93 10.28 -18.82
N SER A 93 7.94 9.45 -18.66
CA SER A 93 7.01 9.19 -19.71
C SER A 93 5.56 9.47 -19.27
N LYS A 94 5.15 8.90 -18.13
CA LYS A 94 3.78 9.08 -17.61
C LYS A 94 3.49 10.55 -17.39
N ASN A 95 4.43 11.19 -16.77
CA ASN A 95 4.39 12.60 -16.53
C ASN A 95 5.84 12.96 -16.31
N ALA A 96 6.11 13.90 -15.43
CA ALA A 96 7.45 14.28 -15.12
C ALA A 96 7.70 14.21 -13.60
N LEU A 97 6.87 13.49 -12.87
CA LEU A 97 7.06 13.41 -11.42
C LEU A 97 7.78 12.15 -11.03
N LYS A 98 7.80 11.88 -9.78
CA LYS A 98 8.31 10.64 -9.29
C LYS A 98 7.15 9.75 -9.01
N TYR A 99 7.36 8.47 -9.12
CA TYR A 99 6.33 7.52 -8.82
C TYR A 99 6.07 7.48 -7.34
N LYS A 100 4.86 7.23 -7.00
CA LYS A 100 4.48 6.97 -5.65
C LYS A 100 3.35 5.98 -5.71
N SER A 101 3.19 5.28 -4.67
CA SER A 101 2.22 4.22 -4.61
C SER A 101 1.30 4.42 -3.45
N VAL A 102 0.03 4.39 -3.71
CA VAL A 102 -0.96 4.57 -2.73
C VAL A 102 -1.78 3.30 -2.62
N ILE A 103 -1.40 2.48 -1.70
CA ILE A 103 -2.03 1.22 -1.48
C ILE A 103 -3.17 1.42 -0.50
N SER A 104 -4.36 1.23 -0.99
CA SER A 104 -5.55 1.37 -0.22
C SER A 104 -5.92 0.02 0.39
N PHE A 105 -5.99 -0.04 1.70
CA PHE A 105 -6.25 -1.25 2.41
C PHE A 105 -7.68 -1.33 2.76
N VAL A 106 -8.32 -2.18 2.07
CA VAL A 106 -9.71 -2.42 2.13
C VAL A 106 -9.98 -3.66 2.93
N CYS A 107 -10.77 -3.49 3.94
CA CYS A 107 -11.24 -4.53 4.81
C CYS A 107 -11.78 -5.76 4.04
N THR A 108 -11.17 -6.89 4.31
CA THR A 108 -11.61 -8.15 3.75
C THR A 108 -11.81 -9.13 4.91
N HIS A 109 -12.82 -9.97 4.82
CA HIS A 109 -13.21 -10.89 5.90
C HIS A 109 -12.16 -12.02 6.19
N ASP A 110 -11.05 -11.98 5.50
CA ASP A 110 -9.95 -12.98 5.66
C ASP A 110 -9.26 -12.78 7.03
N SER A 111 -8.13 -13.44 7.27
CA SER A 111 -7.41 -13.29 8.52
C SER A 111 -5.93 -12.93 8.25
N GLY A 112 -5.59 -11.63 8.39
CA GLY A 112 -4.21 -11.12 8.21
C GLY A 112 -3.57 -11.58 6.94
N ALA A 113 -4.17 -11.24 5.85
CA ALA A 113 -3.74 -11.69 4.55
C ALA A 113 -3.61 -10.52 3.60
N ASN A 114 -3.21 -10.81 2.38
CA ASN A 114 -3.15 -9.80 1.36
C ASN A 114 -4.33 -10.03 0.47
N ASN A 115 -4.79 -11.30 0.50
CA ASN A 115 -5.86 -11.84 -0.32
C ASN A 115 -5.51 -11.75 -1.79
N LYS A 116 -5.56 -10.57 -2.26
CA LYS A 116 -5.28 -10.24 -3.63
C LYS A 116 -5.23 -8.73 -3.80
N PRO A 117 -4.04 -8.15 -3.99
CA PRO A 117 -3.88 -6.73 -4.29
C PRO A 117 -4.19 -6.48 -5.78
N VAL A 118 -4.94 -5.45 -6.04
CA VAL A 118 -5.40 -5.14 -7.36
C VAL A 118 -4.83 -3.80 -7.79
N PHE A 119 -4.26 -3.74 -8.94
CA PHE A 119 -3.92 -2.49 -9.52
C PHE A 119 -5.20 -1.91 -10.03
N VAL A 120 -5.67 -0.89 -9.38
CA VAL A 120 -6.89 -0.28 -9.76
C VAL A 120 -6.67 0.80 -10.82
N SER A 121 -5.79 1.73 -10.53
CA SER A 121 -5.60 2.83 -11.45
C SER A 121 -4.18 3.38 -11.36
N LEU A 122 -3.77 4.08 -12.40
CA LEU A 122 -2.50 4.73 -12.43
C LEU A 122 -2.75 6.17 -12.75
N ASP A 123 -2.10 7.02 -12.04
CA ASP A 123 -2.27 8.42 -12.21
C ASP A 123 -1.06 8.95 -12.89
N LYS A 124 -1.26 9.42 -14.06
CA LYS A 124 -0.20 9.93 -14.93
C LYS A 124 -0.08 11.43 -14.75
N GLN A 125 -0.76 11.96 -13.77
CA GLN A 125 -0.72 13.36 -13.50
C GLN A 125 0.34 13.63 -12.45
N THR A 126 0.46 12.71 -11.51
CA THR A 126 1.44 12.82 -10.46
C THR A 126 2.14 11.47 -10.22
N CYS A 127 2.03 10.60 -11.20
CA CYS A 127 2.60 9.26 -11.18
C CYS A 127 2.30 8.49 -9.91
N THR A 128 1.02 8.27 -9.68
CA THR A 128 0.56 7.62 -8.49
C THR A 128 -0.03 6.25 -8.81
N LEU A 129 0.63 5.24 -8.32
CA LEU A 129 0.23 3.87 -8.42
C LEU A 129 -0.88 3.61 -7.40
N TYR A 130 -2.08 3.42 -7.86
CA TYR A 130 -3.17 3.13 -6.96
C TYR A 130 -3.39 1.64 -6.87
N PHE A 131 -3.26 1.13 -5.68
CA PHE A 131 -3.46 -0.28 -5.45
C PHE A 131 -4.61 -0.48 -4.48
N SER A 132 -5.42 -1.44 -4.75
CA SER A 132 -6.48 -1.80 -3.89
C SER A 132 -6.13 -3.12 -3.25
N TRP A 133 -6.03 -3.10 -1.97
CA TRP A 133 -5.57 -4.24 -1.25
C TRP A 133 -6.65 -4.70 -0.34
N HIS A 134 -7.04 -5.91 -0.46
CA HIS A 134 -8.03 -6.46 0.41
C HIS A 134 -7.33 -7.05 1.62
N THR A 135 -7.31 -6.32 2.70
CA THR A 135 -6.63 -6.80 3.85
C THR A 135 -7.59 -6.89 5.05
N PRO A 136 -7.51 -7.99 5.77
CA PRO A 136 -8.34 -8.27 6.96
C PRO A 136 -8.02 -7.38 8.13
N LEU A 137 -6.86 -6.83 8.10
CA LEU A 137 -6.39 -6.02 9.16
C LEU A 137 -6.99 -4.63 9.09
N ALA A 138 -7.51 -4.31 7.92
CA ALA A 138 -8.16 -3.04 7.67
C ALA A 138 -9.57 -3.15 8.19
N CYS A 139 -9.89 -4.31 8.66
CA CYS A 139 -11.16 -4.57 9.25
C CYS A 139 -11.08 -4.30 10.71
N GLU A 140 -11.81 -3.34 11.15
CA GLU A 140 -11.96 -3.12 12.53
C GLU A 140 -12.94 -4.18 12.94
N LYS A 141 -12.48 -5.07 13.73
CA LYS A 141 -13.22 -6.25 14.13
C LYS A 141 -14.48 -5.87 14.87
N GLU A 142 -14.42 -4.76 15.52
CA GLU A 142 -15.53 -4.19 16.19
C GLU A 142 -16.34 -3.43 15.17
N GLU A 143 -17.56 -3.78 14.98
CA GLU A 143 -18.37 -3.03 14.07
C GLU A 143 -19.07 -1.93 14.83
N PRO A 144 -18.97 -0.71 14.33
CA PRO A 144 -19.54 0.45 14.97
C PRO A 144 -21.04 0.52 14.77
N ARG A 145 -21.64 1.58 15.25
CA ARG A 145 -23.09 1.76 15.15
C ARG A 145 -23.53 1.94 13.69
N HIS A 146 -22.64 2.45 12.88
CA HIS A 146 -22.88 2.58 11.45
C HIS A 146 -21.64 2.17 10.71
N HIS A 147 -21.67 1.00 10.10
CA HIS A 147 -20.56 0.55 9.30
C HIS A 147 -21.06 0.30 7.89
N MET A 1 -9.88 15.23 8.06
CA MET A 1 -9.16 14.79 9.25
C MET A 1 -8.50 13.45 8.99
N LYS A 2 -7.24 13.37 9.31
CA LYS A 2 -6.44 12.19 9.10
C LYS A 2 -6.48 11.30 10.33
N SER A 3 -5.72 10.25 10.28
CA SER A 3 -5.64 9.31 11.35
C SER A 3 -4.21 9.30 11.91
N ASN A 4 -3.93 8.36 12.78
CA ASN A 4 -2.62 8.30 13.41
C ASN A 4 -1.62 7.55 12.57
N ILE A 5 -1.01 8.25 11.68
CA ILE A 5 0.04 7.74 10.82
C ILE A 5 1.34 7.57 11.61
N GLN A 6 1.62 6.34 11.96
CA GLN A 6 2.81 6.05 12.70
C GLN A 6 3.71 5.16 11.85
N ASP A 7 5.00 5.22 12.11
CA ASP A 7 6.04 4.52 11.35
C ASP A 7 6.18 3.08 11.81
N ASN A 8 5.25 2.63 12.59
CA ASN A 8 5.25 1.28 13.11
C ASN A 8 4.40 0.41 12.22
N CYS A 9 4.16 0.88 11.00
CA CYS A 9 3.32 0.19 10.00
C CYS A 9 1.91 0.05 10.57
N GLN A 10 1.45 1.11 11.24
CA GLN A 10 0.22 1.06 11.98
C GLN A 10 -0.51 2.39 11.88
N VAL A 11 -1.82 2.34 12.09
CA VAL A 11 -2.61 3.54 12.12
C VAL A 11 -3.75 3.38 13.11
N THR A 12 -3.89 4.32 13.99
CA THR A 12 -4.95 4.30 14.94
C THR A 12 -6.13 5.08 14.36
N ASN A 13 -7.30 4.44 14.34
CA ASN A 13 -8.55 5.04 13.86
C ASN A 13 -8.90 6.21 14.76
N PRO A 14 -9.09 7.40 14.21
CA PRO A 14 -9.44 8.58 14.99
C PRO A 14 -10.87 8.53 15.55
N ALA A 15 -11.64 7.51 15.12
CA ALA A 15 -13.01 7.41 15.56
C ALA A 15 -13.17 6.42 16.70
N THR A 16 -12.27 5.46 16.78
CA THR A 16 -12.40 4.40 17.78
C THR A 16 -11.17 4.26 18.64
N GLY A 17 -10.07 4.74 18.13
CA GLY A 17 -8.83 4.59 18.80
C GLY A 17 -8.26 3.23 18.56
N HIS A 18 -8.90 2.45 17.67
CA HIS A 18 -8.40 1.14 17.34
C HIS A 18 -7.25 1.19 16.35
N LEU A 19 -6.12 0.71 16.79
CA LEU A 19 -4.89 0.62 16.04
C LEU A 19 -4.98 -0.48 14.97
N PHE A 20 -4.44 -0.17 13.83
CA PHE A 20 -4.37 -1.06 12.68
C PHE A 20 -2.92 -1.46 12.46
N ASP A 21 -2.68 -2.56 11.78
CA ASP A 21 -1.32 -3.10 11.68
C ASP A 21 -1.07 -3.75 10.37
N LEU A 22 0.00 -3.37 9.73
CA LEU A 22 0.39 -4.00 8.50
C LEU A 22 1.64 -4.82 8.68
N ASN A 23 2.09 -4.94 9.92
CA ASN A 23 3.29 -5.75 10.21
C ASN A 23 3.00 -7.19 9.94
N SER A 24 1.72 -7.50 10.00
CA SER A 24 1.19 -8.79 9.69
C SER A 24 1.48 -9.19 8.22
N LEU A 25 1.72 -8.19 7.36
CA LEU A 25 1.97 -8.44 5.96
C LEU A 25 3.44 -8.26 5.62
N LYS A 26 4.29 -8.17 6.61
CA LYS A 26 5.70 -7.99 6.36
C LYS A 26 6.38 -9.32 6.29
N ASN A 27 6.57 -9.78 5.11
CA ASN A 27 7.25 -10.98 4.88
C ASN A 27 8.36 -10.71 3.89
N ASP A 28 9.29 -11.56 3.91
CA ASP A 28 10.48 -11.51 3.06
C ASP A 28 10.10 -11.73 1.62
N SER A 29 9.16 -12.62 1.43
CA SER A 29 8.63 -13.00 0.19
C SER A 29 8.19 -11.81 -0.63
N GLY A 30 7.31 -11.02 -0.08
CA GLY A 30 6.85 -9.89 -0.78
C GLY A 30 5.62 -10.18 -1.57
N TYR A 31 5.16 -9.18 -2.24
CA TYR A 31 3.92 -9.23 -2.97
C TYR A 31 4.11 -8.80 -4.41
N SER A 32 3.05 -8.89 -5.15
CA SER A 32 3.02 -8.61 -6.56
C SER A 32 1.61 -8.22 -7.02
N VAL A 33 1.56 -7.42 -8.07
CA VAL A 33 0.32 -6.91 -8.65
C VAL A 33 0.52 -6.78 -10.14
N ALA A 34 0.11 -7.79 -10.86
CA ALA A 34 0.22 -7.81 -12.31
C ALA A 34 -0.30 -6.54 -12.95
N TYR A 35 0.47 -5.99 -13.87
CA TYR A 35 0.13 -4.77 -14.50
C TYR A 35 -0.59 -5.08 -15.80
N SER A 36 -1.41 -4.15 -16.24
CA SER A 36 -2.24 -4.28 -17.43
C SER A 36 -1.48 -4.70 -18.71
N GLU A 37 -0.17 -4.45 -18.79
CA GLU A 37 0.54 -4.74 -20.01
C GLU A 37 1.17 -6.14 -20.06
N LYS A 38 2.42 -6.28 -19.64
CA LYS A 38 3.11 -7.55 -19.76
C LYS A 38 3.59 -8.11 -18.42
N GLY A 39 3.77 -7.26 -17.44
CA GLY A 39 4.38 -7.71 -16.22
C GLY A 39 3.55 -7.40 -15.04
N LEU A 40 4.17 -7.27 -13.92
CA LEU A 40 3.50 -6.99 -12.70
C LEU A 40 4.25 -5.89 -11.94
N ILE A 41 3.69 -5.49 -10.85
CA ILE A 41 4.27 -4.54 -9.96
C ILE A 41 4.47 -5.22 -8.60
N TYR A 42 5.69 -5.34 -8.18
CA TYR A 42 6.00 -5.99 -6.92
C TYR A 42 5.76 -5.04 -5.78
N ILE A 43 5.44 -5.58 -4.63
CA ILE A 43 5.13 -4.80 -3.46
C ILE A 43 5.80 -5.36 -2.20
N GLY A 44 6.28 -4.46 -1.38
CA GLY A 44 6.75 -4.75 -0.06
C GLY A 44 5.98 -3.88 0.89
N ILE A 45 5.46 -4.44 1.94
CA ILE A 45 4.60 -3.68 2.85
C ILE A 45 5.37 -3.22 4.07
N CYS A 46 5.85 -1.95 4.05
CA CYS A 46 6.52 -1.31 5.19
C CYS A 46 7.82 -2.06 5.58
N GLY A 47 8.24 -2.96 4.74
CA GLY A 47 9.37 -3.78 5.05
C GLY A 47 10.05 -4.27 3.81
N GLY A 48 11.12 -4.98 4.00
CA GLY A 48 11.91 -5.43 2.91
C GLY A 48 11.42 -6.71 2.33
N THR A 49 11.48 -6.78 1.06
CA THR A 49 11.11 -7.93 0.33
C THR A 49 12.21 -8.29 -0.63
N LYS A 50 12.15 -9.45 -1.16
CA LYS A 50 13.05 -9.88 -2.18
C LYS A 50 12.45 -9.50 -3.57
N ASN A 51 11.17 -9.13 -3.56
CA ASN A 51 10.45 -8.75 -4.76
C ASN A 51 10.75 -7.33 -5.15
N CYS A 52 11.14 -6.54 -4.18
CA CYS A 52 11.54 -5.16 -4.41
C CYS A 52 12.78 -4.87 -3.60
N PRO A 53 13.69 -4.04 -4.12
CA PRO A 53 14.91 -3.63 -3.40
C PRO A 53 14.64 -3.13 -1.98
N SER A 54 15.58 -3.34 -1.11
CA SER A 54 15.51 -2.87 0.23
C SER A 54 15.60 -1.33 0.19
N GLY A 55 14.49 -0.68 0.47
CA GLY A 55 14.42 0.75 0.35
C GLY A 55 13.39 1.12 -0.70
N VAL A 56 12.88 0.10 -1.33
CA VAL A 56 11.86 0.24 -2.32
C VAL A 56 10.61 -0.45 -1.81
N GLY A 57 9.57 0.31 -1.66
CA GLY A 57 8.34 -0.23 -1.14
C GLY A 57 7.56 -0.91 -2.23
N VAL A 58 7.51 -0.30 -3.37
CA VAL A 58 6.79 -0.82 -4.52
C VAL A 58 7.63 -0.66 -5.75
N CYS A 59 7.62 -1.63 -6.63
CA CYS A 59 8.42 -1.53 -7.84
C CYS A 59 7.81 -2.33 -9.00
N PHE A 60 7.77 -1.73 -10.19
CA PHE A 60 7.30 -2.44 -11.39
C PHE A 60 8.30 -3.51 -11.71
N GLY A 61 7.85 -4.70 -11.74
CA GLY A 61 8.69 -5.86 -11.88
C GLY A 61 9.29 -6.02 -13.26
N LEU A 62 8.78 -5.21 -14.19
CA LEU A 62 9.19 -5.16 -15.55
C LEU A 62 10.70 -5.04 -15.62
N THR A 63 11.20 -4.06 -14.90
CA THR A 63 12.60 -3.78 -14.84
C THR A 63 12.93 -3.19 -13.45
N LYS A 64 12.06 -3.51 -12.50
CA LYS A 64 12.17 -3.11 -11.09
C LYS A 64 12.19 -1.61 -10.93
N ILE A 65 11.13 -1.00 -11.41
CA ILE A 65 10.93 0.45 -11.38
C ILE A 65 10.28 0.81 -10.09
N ASN A 66 11.05 1.31 -9.17
CA ASN A 66 10.55 1.74 -7.88
C ASN A 66 9.35 2.70 -8.05
N ALA A 67 8.19 2.20 -7.75
CA ALA A 67 6.94 2.91 -7.92
C ALA A 67 6.50 3.53 -6.62
N GLY A 68 7.39 3.55 -5.67
CA GLY A 68 7.11 4.14 -4.39
C GLY A 68 8.11 3.67 -3.38
N SER A 69 8.82 4.59 -2.80
CA SER A 69 9.88 4.21 -1.90
C SER A 69 9.36 3.76 -0.56
N TRP A 70 10.11 2.83 0.02
CA TRP A 70 9.87 2.21 1.36
C TRP A 70 9.33 3.22 2.37
N ASN A 71 8.16 2.95 2.92
CA ASN A 71 7.59 3.81 3.94
C ASN A 71 6.83 3.03 4.93
N SER A 72 6.70 3.60 6.05
CA SER A 72 5.99 3.06 7.17
C SER A 72 4.78 3.93 7.45
N GLN A 73 4.55 4.82 6.53
CA GLN A 73 3.54 5.82 6.62
C GLN A 73 2.17 5.26 6.30
N LEU A 74 1.55 4.72 7.32
CA LEU A 74 0.26 4.13 7.21
C LEU A 74 -0.79 5.04 7.76
N MET A 75 -1.88 5.12 7.09
CA MET A 75 -2.98 5.93 7.49
C MET A 75 -4.27 5.18 7.30
N TYR A 76 -5.30 5.73 7.82
CA TYR A 76 -6.63 5.21 7.73
C TYR A 76 -7.47 6.34 7.17
N VAL A 77 -7.73 6.25 5.94
CA VAL A 77 -8.38 7.28 5.18
C VAL A 77 -9.45 6.65 4.31
N ASP A 78 -10.68 7.15 4.44
CA ASP A 78 -11.89 6.60 3.78
C ASP A 78 -12.15 5.23 4.30
N GLN A 79 -11.90 5.06 5.60
CA GLN A 79 -12.03 3.79 6.31
C GLN A 79 -11.16 2.69 5.69
N VAL A 80 -10.18 3.12 4.97
CA VAL A 80 -9.23 2.29 4.29
C VAL A 80 -7.82 2.63 4.77
N LEU A 81 -7.03 1.62 5.06
CA LEU A 81 -5.65 1.84 5.42
C LEU A 81 -4.91 2.15 4.17
N GLN A 82 -4.04 3.07 4.19
CA GLN A 82 -3.37 3.38 2.98
C GLN A 82 -1.97 3.82 3.22
N LEU A 83 -1.08 3.22 2.49
CA LEU A 83 0.32 3.53 2.53
C LEU A 83 0.65 4.35 1.33
N VAL A 84 1.24 5.48 1.56
CA VAL A 84 1.66 6.35 0.50
C VAL A 84 3.16 6.27 0.40
N TYR A 85 3.59 5.43 -0.48
CA TYR A 85 4.98 5.26 -0.79
C TYR A 85 5.36 6.33 -1.79
N ASP A 86 5.85 7.41 -1.31
CA ASP A 86 6.17 8.53 -2.15
C ASP A 86 7.60 8.53 -2.57
N ASP A 87 7.88 9.43 -3.49
CA ASP A 87 9.18 9.66 -4.09
C ASP A 87 9.93 8.42 -4.44
N GLY A 88 9.34 7.63 -5.30
CA GLY A 88 9.96 6.45 -5.80
C GLY A 88 10.93 6.79 -6.91
N ALA A 89 10.91 6.01 -7.96
CA ALA A 89 11.78 6.24 -9.09
C ALA A 89 11.20 7.36 -9.94
N PRO A 90 12.02 8.05 -10.74
CA PRO A 90 11.55 9.12 -11.57
C PRO A 90 10.61 8.62 -12.66
N CYS A 91 9.43 9.16 -12.67
CA CYS A 91 8.36 8.77 -13.54
C CYS A 91 8.44 9.54 -14.85
N PRO A 92 8.77 8.85 -15.95
CA PRO A 92 8.94 9.44 -17.27
C PRO A 92 7.64 9.92 -17.87
N SER A 93 6.55 9.31 -17.42
CA SER A 93 5.22 9.64 -17.89
C SER A 93 4.88 11.08 -17.62
N LYS A 94 5.10 11.50 -16.40
CA LYS A 94 4.83 12.84 -16.00
C LYS A 94 6.06 13.69 -16.16
N ASN A 95 7.22 13.04 -16.06
CA ASN A 95 8.57 13.61 -16.27
C ASN A 95 9.01 14.48 -15.11
N ALA A 96 8.09 15.25 -14.63
CA ALA A 96 8.29 16.13 -13.50
C ALA A 96 8.29 15.38 -12.17
N LEU A 97 7.50 14.32 -12.05
CA LEU A 97 7.40 13.68 -10.76
C LEU A 97 8.00 12.30 -10.76
N LYS A 98 8.01 11.73 -9.60
CA LYS A 98 8.46 10.40 -9.37
C LYS A 98 7.25 9.54 -9.10
N TYR A 99 7.45 8.26 -9.07
CA TYR A 99 6.38 7.34 -8.78
C TYR A 99 6.04 7.39 -7.31
N LYS A 100 4.81 7.15 -7.03
CA LYS A 100 4.32 7.09 -5.75
C LYS A 100 3.25 6.05 -5.72
N SER A 101 3.16 5.38 -4.66
CA SER A 101 2.26 4.29 -4.53
C SER A 101 1.29 4.55 -3.42
N VAL A 102 0.05 4.21 -3.66
CA VAL A 102 -1.02 4.34 -2.72
C VAL A 102 -1.81 3.05 -2.63
N ILE A 103 -1.41 2.24 -1.73
CA ILE A 103 -2.06 0.98 -1.52
C ILE A 103 -3.21 1.17 -0.56
N SER A 104 -4.40 1.03 -1.06
CA SER A 104 -5.59 1.17 -0.29
C SER A 104 -5.98 -0.21 0.28
N PHE A 105 -5.98 -0.30 1.59
CA PHE A 105 -6.24 -1.51 2.32
C PHE A 105 -7.67 -1.53 2.75
N VAL A 106 -8.36 -2.35 2.10
CA VAL A 106 -9.75 -2.53 2.25
C VAL A 106 -10.03 -3.78 3.05
N CYS A 107 -10.75 -3.60 4.10
CA CYS A 107 -11.17 -4.66 5.02
C CYS A 107 -11.73 -5.90 4.29
N THR A 108 -11.17 -7.06 4.60
CA THR A 108 -11.68 -8.33 4.10
C THR A 108 -11.85 -9.30 5.26
N HIS A 109 -12.87 -10.13 5.18
CA HIS A 109 -13.21 -11.13 6.22
C HIS A 109 -12.16 -12.25 6.39
N ASP A 110 -11.06 -12.17 5.65
CA ASP A 110 -9.96 -13.17 5.73
C ASP A 110 -9.20 -13.07 7.07
N SER A 111 -8.02 -13.65 7.14
CA SER A 111 -7.23 -13.59 8.35
C SER A 111 -5.76 -13.16 8.04
N GLY A 112 -5.44 -11.85 8.25
CA GLY A 112 -4.09 -11.29 8.03
C GLY A 112 -3.46 -11.75 6.75
N ALA A 113 -4.10 -11.43 5.68
CA ALA A 113 -3.72 -11.88 4.35
C ALA A 113 -3.73 -10.71 3.40
N ASN A 114 -3.40 -10.95 2.15
CA ASN A 114 -3.40 -9.90 1.19
C ASN A 114 -4.61 -10.02 0.31
N ASN A 115 -5.15 -11.26 0.29
CA ASN A 115 -6.34 -11.65 -0.47
C ASN A 115 -6.10 -11.56 -1.96
N LYS A 116 -5.97 -10.36 -2.39
CA LYS A 116 -5.83 -10.00 -3.77
C LYS A 116 -5.50 -8.51 -3.88
N PRO A 117 -4.26 -8.16 -4.21
CA PRO A 117 -3.88 -6.80 -4.52
C PRO A 117 -4.14 -6.51 -6.01
N VAL A 118 -4.97 -5.54 -6.28
CA VAL A 118 -5.37 -5.21 -7.64
C VAL A 118 -4.91 -3.80 -7.97
N PHE A 119 -4.32 -3.62 -9.12
CA PHE A 119 -4.00 -2.31 -9.59
C PHE A 119 -5.24 -1.73 -10.17
N VAL A 120 -5.79 -0.78 -9.47
CA VAL A 120 -7.00 -0.16 -9.88
C VAL A 120 -6.74 0.94 -10.90
N SER A 121 -5.88 1.88 -10.58
CA SER A 121 -5.63 2.97 -11.49
C SER A 121 -4.28 3.61 -11.24
N LEU A 122 -3.79 4.31 -12.23
CA LEU A 122 -2.60 5.07 -12.11
C LEU A 122 -3.00 6.51 -12.17
N ASP A 123 -2.44 7.28 -11.33
CA ASP A 123 -2.71 8.68 -11.28
C ASP A 123 -1.67 9.31 -12.10
N LYS A 124 -2.08 9.81 -13.16
CA LYS A 124 -1.18 10.30 -14.17
C LYS A 124 -0.89 11.78 -13.95
N GLN A 125 -1.34 12.28 -12.82
CA GLN A 125 -1.09 13.65 -12.42
C GLN A 125 0.15 13.69 -11.55
N THR A 126 0.30 12.66 -10.73
CA THR A 126 1.44 12.57 -9.86
C THR A 126 2.10 11.17 -9.84
N CYS A 127 1.82 10.37 -10.88
CA CYS A 127 2.38 9.02 -11.05
C CYS A 127 2.12 8.15 -9.83
N THR A 128 0.90 8.20 -9.40
CA THR A 128 0.49 7.55 -8.20
C THR A 128 -0.22 6.21 -8.48
N LEU A 129 0.46 5.17 -8.14
CA LEU A 129 0.04 3.78 -8.30
C LEU A 129 -1.03 3.44 -7.26
N TYR A 130 -2.28 3.46 -7.67
CA TYR A 130 -3.37 3.10 -6.78
C TYR A 130 -3.55 1.61 -6.74
N PHE A 131 -3.38 1.05 -5.60
CA PHE A 131 -3.56 -0.37 -5.42
C PHE A 131 -4.73 -0.62 -4.53
N SER A 132 -5.48 -1.61 -4.86
CA SER A 132 -6.58 -2.02 -4.07
C SER A 132 -6.23 -3.33 -3.41
N TRP A 133 -6.22 -3.34 -2.12
CA TRP A 133 -5.77 -4.46 -1.36
C TRP A 133 -6.88 -4.84 -0.42
N HIS A 134 -7.19 -6.08 -0.36
CA HIS A 134 -8.19 -6.55 0.55
C HIS A 134 -7.46 -7.16 1.73
N THR A 135 -7.43 -6.48 2.84
CA THR A 135 -6.71 -7.01 3.95
C THR A 135 -7.61 -7.07 5.23
N PRO A 136 -7.53 -8.18 5.96
CA PRO A 136 -8.32 -8.43 7.19
C PRO A 136 -7.93 -7.53 8.33
N LEU A 137 -6.75 -7.03 8.26
CA LEU A 137 -6.21 -6.18 9.28
C LEU A 137 -6.72 -4.77 9.13
N ALA A 138 -7.29 -4.49 7.96
CA ALA A 138 -7.88 -3.21 7.66
C ALA A 138 -9.25 -3.20 8.23
N CYS A 139 -9.60 -4.31 8.77
CA CYS A 139 -10.83 -4.48 9.44
C CYS A 139 -10.60 -4.15 10.86
N GLU A 140 -11.37 -3.28 11.37
CA GLU A 140 -11.31 -2.98 12.73
C GLU A 140 -12.27 -3.95 13.39
N LYS A 141 -12.03 -4.27 14.61
CA LYS A 141 -12.88 -5.18 15.35
C LYS A 141 -14.25 -4.55 15.55
N GLU A 142 -14.25 -3.24 15.58
CA GLU A 142 -15.42 -2.44 15.70
C GLU A 142 -15.55 -1.62 14.43
N GLU A 143 -16.56 -0.84 14.32
CA GLU A 143 -16.70 -0.03 13.14
C GLU A 143 -16.94 1.43 13.51
N PRO A 144 -16.55 2.36 12.64
CA PRO A 144 -16.87 3.78 12.77
C PRO A 144 -18.38 4.03 12.59
N ARG A 145 -18.79 5.27 12.36
CA ARG A 145 -20.21 5.59 12.28
C ARG A 145 -20.90 4.95 11.07
N HIS A 146 -20.26 4.99 9.92
CA HIS A 146 -20.80 4.37 8.72
C HIS A 146 -19.74 3.60 8.00
N HIS A 147 -19.61 2.34 8.33
CA HIS A 147 -18.60 1.51 7.71
C HIS A 147 -19.30 0.55 6.79
N MET A 1 -7.68 13.72 18.42
CA MET A 1 -7.55 12.43 17.72
C MET A 1 -7.41 12.69 16.25
N LYS A 2 -6.55 11.96 15.61
CA LYS A 2 -6.34 12.09 14.20
C LYS A 2 -6.19 10.71 13.60
N SER A 3 -6.07 10.64 12.32
CA SER A 3 -5.77 9.39 11.69
C SER A 3 -4.28 9.16 11.91
N ASN A 4 -3.97 8.19 12.73
CA ASN A 4 -2.61 7.96 13.22
C ASN A 4 -1.61 7.52 12.17
N ILE A 5 -1.03 8.48 11.47
CA ILE A 5 0.03 8.29 10.51
C ILE A 5 1.32 7.94 11.30
N GLN A 6 1.46 6.71 11.67
CA GLN A 6 2.59 6.29 12.48
C GLN A 6 3.63 5.60 11.60
N ASP A 7 4.87 5.60 12.07
CA ASP A 7 6.04 5.02 11.34
C ASP A 7 6.19 3.54 11.58
N ASN A 8 5.26 2.97 12.26
CA ASN A 8 5.37 1.57 12.63
C ASN A 8 4.40 0.71 11.88
N CYS A 9 3.90 1.22 10.75
CA CYS A 9 2.97 0.49 9.88
C CYS A 9 1.70 0.15 10.67
N GLN A 10 1.26 1.12 11.45
CA GLN A 10 0.13 0.98 12.33
C GLN A 10 -0.63 2.30 12.33
N VAL A 11 -1.96 2.24 12.43
CA VAL A 11 -2.78 3.43 12.42
C VAL A 11 -3.96 3.26 13.38
N THR A 12 -4.12 4.16 14.26
CA THR A 12 -5.18 4.11 15.22
C THR A 12 -6.37 4.89 14.67
N ASN A 13 -7.51 4.24 14.63
CA ASN A 13 -8.77 4.87 14.22
C ASN A 13 -9.08 6.01 15.18
N PRO A 14 -9.20 7.24 14.69
CA PRO A 14 -9.54 8.38 15.53
C PRO A 14 -10.93 8.27 16.18
N ALA A 15 -11.78 7.34 15.72
CA ALA A 15 -13.12 7.25 16.25
C ALA A 15 -13.22 6.20 17.34
N THR A 16 -12.44 5.15 17.22
CA THR A 16 -12.55 4.05 18.16
C THR A 16 -11.33 3.87 18.99
N GLY A 17 -10.24 4.34 18.46
CA GLY A 17 -9.00 4.18 19.12
C GLY A 17 -8.42 2.83 18.82
N HIS A 18 -9.05 2.09 17.90
CA HIS A 18 -8.50 0.81 17.53
C HIS A 18 -7.37 0.95 16.54
N LEU A 19 -6.23 0.45 16.92
CA LEU A 19 -5.06 0.41 16.09
C LEU A 19 -5.21 -0.62 14.98
N PHE A 20 -4.74 -0.27 13.84
CA PHE A 20 -4.63 -1.14 12.71
C PHE A 20 -3.17 -1.41 12.49
N ASP A 21 -2.86 -2.58 12.03
CA ASP A 21 -1.48 -2.99 11.85
C ASP A 21 -1.32 -3.73 10.56
N LEU A 22 -0.30 -3.41 9.81
CA LEU A 22 -0.01 -4.09 8.59
C LEU A 22 1.35 -4.76 8.66
N ASN A 23 1.91 -4.84 9.84
CA ASN A 23 3.23 -5.45 10.01
C ASN A 23 3.20 -6.92 9.68
N SER A 24 2.00 -7.45 9.64
CA SER A 24 1.77 -8.82 9.27
C SER A 24 2.14 -9.11 7.81
N LEU A 25 2.03 -8.09 6.93
CA LEU A 25 2.36 -8.30 5.55
C LEU A 25 3.86 -8.14 5.30
N LYS A 26 4.55 -7.54 6.25
CA LYS A 26 6.01 -7.41 6.18
C LYS A 26 6.64 -8.77 6.10
N ASN A 27 6.96 -9.16 4.94
CA ASN A 27 7.59 -10.40 4.69
C ASN A 27 8.48 -10.22 3.48
N ASP A 28 9.55 -10.93 3.50
CA ASP A 28 10.62 -10.85 2.50
C ASP A 28 10.20 -11.48 1.19
N SER A 29 9.23 -12.38 1.27
CA SER A 29 8.69 -13.04 0.11
C SER A 29 8.20 -11.97 -0.88
N GLY A 30 7.40 -11.06 -0.39
CA GLY A 30 6.97 -9.96 -1.22
C GLY A 30 5.69 -10.22 -1.94
N TYR A 31 5.14 -9.17 -2.46
CA TYR A 31 3.86 -9.20 -3.14
C TYR A 31 4.02 -8.79 -4.58
N SER A 32 2.96 -8.94 -5.33
CA SER A 32 2.95 -8.67 -6.74
C SER A 32 1.56 -8.24 -7.22
N VAL A 33 1.52 -7.32 -8.16
CA VAL A 33 0.30 -6.75 -8.73
C VAL A 33 0.44 -6.64 -10.22
N ALA A 34 -0.04 -7.64 -10.91
CA ALA A 34 -0.03 -7.68 -12.38
C ALA A 34 -0.49 -6.37 -13.01
N TYR A 35 0.37 -5.81 -13.85
CA TYR A 35 0.09 -4.53 -14.48
C TYR A 35 -0.60 -4.79 -15.82
N SER A 36 -1.17 -3.76 -16.40
CA SER A 36 -1.94 -3.85 -17.62
C SER A 36 -1.07 -3.99 -18.89
N GLU A 37 0.20 -4.27 -18.75
CA GLU A 37 1.03 -4.42 -19.92
C GLU A 37 1.53 -5.86 -20.08
N LYS A 38 2.59 -6.22 -19.38
CA LYS A 38 3.18 -7.54 -19.58
C LYS A 38 3.71 -8.18 -18.29
N GLY A 39 3.80 -7.41 -17.23
CA GLY A 39 4.31 -7.93 -16.03
C GLY A 39 3.58 -7.31 -14.89
N LEU A 40 4.00 -7.58 -13.72
CA LEU A 40 3.38 -7.08 -12.57
C LEU A 40 4.20 -5.96 -11.90
N ILE A 41 3.66 -5.46 -10.83
CA ILE A 41 4.29 -4.49 -9.96
C ILE A 41 4.45 -5.13 -8.57
N TYR A 42 5.65 -5.33 -8.15
CA TYR A 42 5.93 -5.98 -6.89
C TYR A 42 5.73 -5.03 -5.74
N ILE A 43 5.34 -5.57 -4.63
CA ILE A 43 5.04 -4.78 -3.45
C ILE A 43 5.71 -5.33 -2.19
N GLY A 44 6.25 -4.43 -1.42
CA GLY A 44 6.74 -4.70 -0.10
C GLY A 44 5.98 -3.81 0.86
N ILE A 45 5.46 -4.37 1.90
CA ILE A 45 4.63 -3.62 2.85
C ILE A 45 5.40 -3.30 4.10
N CYS A 46 5.94 -2.06 4.18
CA CYS A 46 6.66 -1.55 5.36
C CYS A 46 7.91 -2.40 5.68
N GLY A 47 8.30 -3.24 4.75
CA GLY A 47 9.37 -4.13 4.98
C GLY A 47 10.02 -4.54 3.71
N GLY A 48 11.19 -5.13 3.83
CA GLY A 48 11.95 -5.51 2.68
C GLY A 48 11.50 -6.81 2.09
N THR A 49 11.55 -6.87 0.80
CA THR A 49 11.24 -8.03 0.05
C THR A 49 12.40 -8.35 -0.88
N LYS A 50 12.40 -9.53 -1.40
CA LYS A 50 13.38 -9.91 -2.36
C LYS A 50 12.94 -9.49 -3.76
N ASN A 51 11.66 -9.18 -3.90
CA ASN A 51 11.11 -8.81 -5.17
C ASN A 51 11.32 -7.34 -5.43
N CYS A 52 11.50 -6.59 -4.38
CA CYS A 52 11.76 -5.17 -4.48
C CYS A 52 12.92 -4.80 -3.59
N PRO A 53 13.77 -3.87 -4.03
CA PRO A 53 14.96 -3.45 -3.28
C PRO A 53 14.64 -2.95 -1.89
N SER A 54 15.54 -3.18 -1.00
CA SER A 54 15.45 -2.69 0.33
C SER A 54 15.59 -1.16 0.27
N GLY A 55 14.50 -0.49 0.56
CA GLY A 55 14.45 0.95 0.40
C GLY A 55 13.41 1.31 -0.64
N VAL A 56 12.93 0.30 -1.31
CA VAL A 56 11.92 0.40 -2.31
C VAL A 56 10.72 -0.37 -1.81
N GLY A 57 9.63 0.32 -1.65
CA GLY A 57 8.45 -0.31 -1.14
C GLY A 57 7.69 -0.98 -2.24
N VAL A 58 7.65 -0.36 -3.37
CA VAL A 58 6.94 -0.88 -4.52
C VAL A 58 7.78 -0.72 -5.75
N CYS A 59 7.83 -1.73 -6.57
CA CYS A 59 8.62 -1.67 -7.79
C CYS A 59 8.03 -2.54 -8.88
N PHE A 60 8.02 -2.04 -10.11
CA PHE A 60 7.56 -2.83 -11.24
C PHE A 60 8.49 -4.01 -11.44
N GLY A 61 7.95 -5.11 -11.80
CA GLY A 61 8.72 -6.32 -11.89
C GLY A 61 9.44 -6.49 -13.19
N LEU A 62 8.78 -6.18 -14.26
CA LEU A 62 9.30 -6.37 -15.59
C LEU A 62 10.53 -5.49 -15.79
N THR A 63 10.36 -4.23 -15.59
CA THR A 63 11.39 -3.27 -15.88
C THR A 63 11.98 -2.61 -14.62
N LYS A 64 11.71 -3.22 -13.48
CA LYS A 64 12.27 -2.83 -12.16
C LYS A 64 12.14 -1.34 -11.87
N ILE A 65 10.94 -0.86 -11.89
CA ILE A 65 10.65 0.55 -11.70
C ILE A 65 10.13 0.79 -10.31
N ASN A 66 10.95 1.30 -9.43
CA ASN A 66 10.50 1.69 -8.09
C ASN A 66 9.28 2.63 -8.19
N ALA A 67 8.16 2.12 -7.84
CA ALA A 67 6.90 2.82 -7.96
C ALA A 67 6.49 3.41 -6.63
N GLY A 68 7.40 3.43 -5.71
CA GLY A 68 7.12 3.99 -4.41
C GLY A 68 8.14 3.55 -3.41
N SER A 69 8.83 4.48 -2.83
CA SER A 69 9.90 4.14 -1.94
C SER A 69 9.39 3.71 -0.58
N TRP A 70 10.16 2.80 0.04
CA TRP A 70 9.90 2.18 1.38
C TRP A 70 9.34 3.19 2.36
N ASN A 71 8.21 2.87 2.95
CA ASN A 71 7.57 3.73 3.87
C ASN A 71 6.72 2.89 4.78
N SER A 72 6.42 3.43 5.90
CA SER A 72 5.64 2.76 6.90
C SER A 72 4.53 3.68 7.38
N GLN A 73 4.34 4.80 6.67
CA GLN A 73 3.32 5.78 7.05
C GLN A 73 1.95 5.26 6.76
N LEU A 74 1.36 4.67 7.74
CA LEU A 74 0.05 4.13 7.63
C LEU A 74 -0.96 5.11 8.12
N MET A 75 -2.04 5.18 7.42
CA MET A 75 -3.11 6.09 7.72
C MET A 75 -4.42 5.38 7.59
N TYR A 76 -5.49 6.03 7.94
CA TYR A 76 -6.79 5.45 7.94
C TYR A 76 -7.76 6.47 7.42
N VAL A 77 -7.98 6.43 6.17
CA VAL A 77 -8.75 7.40 5.48
C VAL A 77 -9.93 6.75 4.77
N ASP A 78 -11.10 7.11 5.23
CA ASP A 78 -12.37 6.62 4.77
C ASP A 78 -12.44 5.11 4.84
N GLN A 79 -12.20 4.61 6.07
CA GLN A 79 -12.22 3.19 6.41
C GLN A 79 -11.10 2.39 5.76
N VAL A 80 -10.22 3.08 5.11
CA VAL A 80 -9.16 2.45 4.38
C VAL A 80 -7.80 2.84 4.95
N LEU A 81 -7.03 1.83 5.28
CA LEU A 81 -5.68 1.99 5.77
C LEU A 81 -4.89 2.31 4.53
N GLN A 82 -4.10 3.31 4.56
CA GLN A 82 -3.45 3.70 3.36
C GLN A 82 -2.01 4.02 3.58
N LEU A 83 -1.18 3.45 2.74
CA LEU A 83 0.24 3.70 2.75
C LEU A 83 0.57 4.45 1.49
N VAL A 84 1.21 5.58 1.63
CA VAL A 84 1.62 6.36 0.48
C VAL A 84 3.13 6.33 0.36
N TYR A 85 3.59 5.41 -0.41
CA TYR A 85 4.99 5.26 -0.73
C TYR A 85 5.33 6.28 -1.79
N ASP A 86 5.84 7.40 -1.40
CA ASP A 86 6.10 8.45 -2.35
C ASP A 86 7.55 8.51 -2.70
N ASP A 87 7.83 9.39 -3.64
CA ASP A 87 9.16 9.66 -4.20
C ASP A 87 9.87 8.36 -4.54
N GLY A 88 9.27 7.64 -5.45
CA GLY A 88 9.87 6.42 -5.93
C GLY A 88 10.88 6.70 -7.00
N ALA A 89 10.82 5.97 -8.05
CA ALA A 89 11.69 6.18 -9.16
C ALA A 89 11.14 7.31 -10.01
N PRO A 90 11.97 7.94 -10.84
CA PRO A 90 11.53 9.02 -11.67
C PRO A 90 10.54 8.49 -12.69
N CYS A 91 9.45 9.14 -12.80
CA CYS A 91 8.38 8.76 -13.67
C CYS A 91 8.63 9.33 -15.05
N PRO A 92 8.97 8.48 -16.03
CA PRO A 92 9.26 8.92 -17.40
C PRO A 92 7.99 9.33 -18.14
N SER A 93 6.88 8.88 -17.62
CA SER A 93 5.58 9.17 -18.15
C SER A 93 5.30 10.67 -18.07
N LYS A 94 5.33 11.19 -16.87
CA LYS A 94 5.02 12.58 -16.65
C LYS A 94 6.27 13.41 -16.47
N ASN A 95 7.38 12.70 -16.46
CA ASN A 95 8.76 13.22 -16.47
C ASN A 95 9.18 13.86 -15.16
N ALA A 96 8.50 14.91 -14.81
CA ALA A 96 8.82 15.76 -13.68
C ALA A 96 8.67 15.08 -12.34
N LEU A 97 7.77 14.13 -12.22
CA LEU A 97 7.52 13.57 -10.92
C LEU A 97 8.07 12.19 -10.78
N LYS A 98 7.91 11.65 -9.61
CA LYS A 98 8.31 10.31 -9.32
C LYS A 98 7.07 9.48 -9.12
N TYR A 99 7.24 8.19 -9.16
CA TYR A 99 6.14 7.30 -8.90
C TYR A 99 5.80 7.26 -7.43
N LYS A 100 4.55 7.02 -7.14
CA LYS A 100 4.10 6.86 -5.78
C LYS A 100 3.25 5.68 -5.73
N SER A 101 3.03 5.25 -4.59
CA SER A 101 2.25 4.09 -4.38
C SER A 101 1.27 4.34 -3.27
N VAL A 102 0.03 4.21 -3.58
CA VAL A 102 -1.01 4.39 -2.65
C VAL A 102 -1.78 3.10 -2.55
N ILE A 103 -1.39 2.33 -1.60
CA ILE A 103 -1.99 1.05 -1.37
C ILE A 103 -3.11 1.24 -0.38
N SER A 104 -4.30 1.12 -0.87
CA SER A 104 -5.49 1.29 -0.10
C SER A 104 -5.92 -0.08 0.49
N PHE A 105 -5.91 -0.18 1.79
CA PHE A 105 -6.25 -1.39 2.50
C PHE A 105 -7.68 -1.37 2.87
N VAL A 106 -8.36 -2.27 2.30
CA VAL A 106 -9.76 -2.43 2.41
C VAL A 106 -10.10 -3.68 3.20
N CYS A 107 -10.88 -3.50 4.22
CA CYS A 107 -11.35 -4.56 5.11
C CYS A 107 -11.99 -5.70 4.34
N THR A 108 -11.48 -6.89 4.53
CA THR A 108 -12.02 -8.07 3.91
C THR A 108 -12.32 -9.11 4.98
N HIS A 109 -13.38 -9.87 4.77
CA HIS A 109 -13.90 -10.87 5.75
C HIS A 109 -12.92 -12.08 5.91
N ASP A 110 -11.80 -12.01 5.22
CA ASP A 110 -10.76 -13.06 5.26
C ASP A 110 -10.01 -13.04 6.59
N SER A 111 -8.92 -13.78 6.68
CA SER A 111 -8.14 -13.81 7.88
C SER A 111 -6.65 -13.55 7.56
N GLY A 112 -6.19 -12.32 7.89
CA GLY A 112 -4.80 -11.90 7.68
C GLY A 112 -4.28 -12.24 6.32
N ALA A 113 -4.91 -11.71 5.34
CA ALA A 113 -4.61 -12.02 3.98
C ALA A 113 -4.25 -10.77 3.22
N ASN A 114 -3.88 -10.95 1.98
CA ASN A 114 -3.63 -9.86 1.10
C ASN A 114 -4.62 -9.98 -0.01
N ASN A 115 -5.16 -11.21 -0.13
CA ASN A 115 -6.14 -11.58 -1.10
C ASN A 115 -5.55 -11.55 -2.47
N LYS A 116 -5.48 -10.40 -2.99
CA LYS A 116 -4.94 -10.11 -4.29
C LYS A 116 -4.90 -8.59 -4.43
N PRO A 117 -3.73 -7.96 -4.44
CA PRO A 117 -3.63 -6.52 -4.58
C PRO A 117 -3.93 -6.13 -6.04
N VAL A 118 -4.86 -5.24 -6.18
CA VAL A 118 -5.41 -4.83 -7.47
C VAL A 118 -4.86 -3.48 -7.87
N PHE A 119 -4.24 -3.40 -9.01
CA PHE A 119 -3.87 -2.14 -9.56
C PHE A 119 -5.10 -1.58 -10.20
N VAL A 120 -5.64 -0.60 -9.59
CA VAL A 120 -6.83 -0.01 -10.05
C VAL A 120 -6.53 1.18 -10.97
N SER A 121 -5.73 2.11 -10.53
CA SER A 121 -5.50 3.28 -11.35
C SER A 121 -4.11 3.85 -11.20
N LEU A 122 -3.55 4.29 -12.31
CA LEU A 122 -2.34 5.06 -12.27
C LEU A 122 -2.78 6.48 -12.33
N ASP A 123 -2.27 7.25 -11.47
CA ASP A 123 -2.59 8.62 -11.39
C ASP A 123 -1.61 9.28 -12.23
N LYS A 124 -2.02 9.71 -13.33
CA LYS A 124 -1.14 10.20 -14.35
C LYS A 124 -0.88 11.66 -14.17
N GLN A 125 -1.31 12.18 -13.09
CA GLN A 125 -1.06 13.54 -12.78
C GLN A 125 0.21 13.55 -11.94
N THR A 126 0.26 12.65 -10.98
CA THR A 126 1.36 12.62 -10.07
C THR A 126 2.07 11.25 -10.01
N CYS A 127 1.83 10.44 -11.04
CA CYS A 127 2.45 9.10 -11.22
C CYS A 127 2.23 8.20 -10.01
N THR A 128 1.04 8.24 -9.49
CA THR A 128 0.75 7.50 -8.29
C THR A 128 0.04 6.17 -8.61
N LEU A 129 0.65 5.10 -8.21
CA LEU A 129 0.16 3.75 -8.36
C LEU A 129 -0.90 3.49 -7.29
N TYR A 130 -2.14 3.47 -7.67
CA TYR A 130 -3.21 3.16 -6.76
C TYR A 130 -3.49 1.68 -6.72
N PHE A 131 -3.28 1.09 -5.57
CA PHE A 131 -3.51 -0.30 -5.37
C PHE A 131 -4.67 -0.48 -4.41
N SER A 132 -5.48 -1.44 -4.71
CA SER A 132 -6.57 -1.81 -3.89
C SER A 132 -6.24 -3.16 -3.26
N TRP A 133 -6.19 -3.18 -1.95
CA TRP A 133 -5.76 -4.34 -1.23
C TRP A 133 -6.86 -4.73 -0.27
N HIS A 134 -7.26 -5.95 -0.31
CA HIS A 134 -8.23 -6.45 0.63
C HIS A 134 -7.48 -7.09 1.77
N THR A 135 -7.57 -6.52 2.94
CA THR A 135 -6.93 -7.09 4.05
C THR A 135 -7.84 -7.07 5.28
N PRO A 136 -7.87 -8.18 6.01
CA PRO A 136 -8.63 -8.34 7.27
C PRO A 136 -8.05 -7.47 8.38
N LEU A 137 -6.90 -6.93 8.11
CA LEU A 137 -6.19 -6.07 9.01
C LEU A 137 -6.79 -4.70 8.96
N ALA A 138 -7.47 -4.45 7.87
CA ALA A 138 -8.15 -3.21 7.66
C ALA A 138 -9.49 -3.29 8.33
N CYS A 139 -9.77 -4.46 8.86
CA CYS A 139 -10.98 -4.69 9.58
C CYS A 139 -10.73 -4.41 11.04
N GLU A 140 -11.47 -3.48 11.57
CA GLU A 140 -11.38 -3.14 12.93
C GLU A 140 -12.11 -4.22 13.71
N LYS A 141 -11.81 -4.34 14.97
CA LYS A 141 -12.45 -5.33 15.83
C LYS A 141 -13.95 -5.14 15.91
N GLU A 142 -14.37 -3.94 16.15
CA GLU A 142 -15.77 -3.66 16.18
C GLU A 142 -16.16 -3.00 14.86
N GLU A 143 -17.39 -3.15 14.48
CA GLU A 143 -17.86 -2.60 13.24
C GLU A 143 -18.42 -1.21 13.48
N PRO A 144 -18.16 -0.28 12.58
CA PRO A 144 -18.64 1.09 12.68
C PRO A 144 -20.11 1.22 12.26
N ARG A 145 -20.54 2.46 12.02
CA ARG A 145 -21.89 2.80 11.54
C ARG A 145 -22.30 1.92 10.38
N HIS A 146 -21.47 1.90 9.37
CA HIS A 146 -21.68 1.09 8.20
C HIS A 146 -20.43 0.30 7.96
N HIS A 147 -20.44 -0.93 8.39
CA HIS A 147 -19.29 -1.82 8.24
C HIS A 147 -18.98 -2.10 6.77
N MET A 1 -10.06 12.43 17.23
CA MET A 1 -8.81 11.71 16.95
C MET A 1 -8.42 12.02 15.52
N LYS A 2 -7.23 11.62 15.13
CA LYS A 2 -6.75 11.83 13.80
C LYS A 2 -6.19 10.54 13.25
N SER A 3 -5.84 10.54 11.99
CA SER A 3 -5.25 9.42 11.35
C SER A 3 -3.83 9.28 11.86
N ASN A 4 -3.56 8.20 12.55
CA ASN A 4 -2.25 7.99 13.12
C ASN A 4 -1.26 7.49 12.10
N ILE A 5 -0.67 8.42 11.37
CA ILE A 5 0.39 8.12 10.43
C ILE A 5 1.66 7.78 11.23
N GLN A 6 1.73 6.58 11.72
CA GLN A 6 2.85 6.21 12.52
C GLN A 6 3.69 5.20 11.80
N ASP A 7 4.96 5.37 11.94
CA ASP A 7 5.96 4.61 11.19
C ASP A 7 6.30 3.29 11.88
N ASN A 8 5.31 2.70 12.45
CA ASN A 8 5.43 1.41 13.12
C ASN A 8 4.57 0.41 12.34
N CYS A 9 4.23 0.81 11.10
CA CYS A 9 3.39 0.02 10.17
C CYS A 9 1.98 -0.11 10.77
N GLN A 10 1.54 0.93 11.49
CA GLN A 10 0.31 0.88 12.24
C GLN A 10 -0.41 2.21 12.14
N VAL A 11 -1.71 2.17 12.33
CA VAL A 11 -2.51 3.39 12.30
C VAL A 11 -3.70 3.26 13.25
N THR A 12 -3.88 4.22 14.08
CA THR A 12 -4.97 4.21 15.00
C THR A 12 -6.13 4.95 14.35
N ASN A 13 -7.27 4.30 14.31
CA ASN A 13 -8.51 4.82 13.71
C ASN A 13 -8.90 6.13 14.38
N PRO A 14 -9.02 7.22 13.61
CA PRO A 14 -9.48 8.51 14.12
C PRO A 14 -10.92 8.46 14.69
N ALA A 15 -11.64 7.38 14.45
CA ALA A 15 -12.98 7.30 14.93
C ALA A 15 -13.11 6.37 16.12
N THR A 16 -12.31 5.33 16.18
CA THR A 16 -12.53 4.34 17.22
C THR A 16 -11.35 4.16 18.11
N GLY A 17 -10.24 4.70 17.70
CA GLY A 17 -9.03 4.55 18.43
C GLY A 17 -8.47 3.16 18.29
N HIS A 18 -9.03 2.40 17.37
CA HIS A 18 -8.51 1.09 17.08
C HIS A 18 -7.30 1.16 16.20
N LEU A 19 -6.21 0.68 16.74
CA LEU A 19 -4.97 0.55 16.05
C LEU A 19 -5.06 -0.56 15.02
N PHE A 20 -4.55 -0.28 13.87
CA PHE A 20 -4.48 -1.16 12.74
C PHE A 20 -3.04 -1.45 12.47
N ASP A 21 -2.76 -2.59 11.88
CA ASP A 21 -1.40 -3.03 11.76
C ASP A 21 -1.17 -3.80 10.50
N LEU A 22 -0.06 -3.53 9.85
CA LEU A 22 0.33 -4.23 8.68
C LEU A 22 1.59 -5.05 8.92
N ASN A 23 2.06 -5.12 10.17
CA ASN A 23 3.23 -5.97 10.52
C ASN A 23 2.89 -7.43 10.33
N SER A 24 1.62 -7.70 10.23
CA SER A 24 1.15 -9.03 9.92
C SER A 24 1.44 -9.38 8.44
N LEU A 25 1.66 -8.34 7.63
CA LEU A 25 2.03 -8.50 6.25
C LEU A 25 3.53 -8.25 6.10
N LYS A 26 4.23 -8.27 7.21
CA LYS A 26 5.65 -8.17 7.23
C LYS A 26 6.21 -9.54 7.06
N ASN A 27 6.45 -9.89 5.84
CA ASN A 27 6.92 -11.16 5.49
C ASN A 27 8.11 -10.98 4.61
N ASP A 28 8.63 -12.06 4.14
CA ASP A 28 9.84 -12.05 3.33
C ASP A 28 9.52 -12.27 1.87
N SER A 29 8.43 -12.98 1.63
CA SER A 29 7.96 -13.32 0.30
C SER A 29 7.80 -12.06 -0.55
N GLY A 30 6.96 -11.17 -0.12
CA GLY A 30 6.74 -9.99 -0.84
C GLY A 30 5.52 -10.08 -1.66
N TYR A 31 5.13 -8.97 -2.18
CA TYR A 31 3.88 -8.87 -2.88
C TYR A 31 4.08 -8.51 -4.31
N SER A 32 3.08 -8.73 -5.07
CA SER A 32 3.11 -8.48 -6.48
C SER A 32 1.72 -8.08 -6.93
N VAL A 33 1.67 -7.25 -7.91
CA VAL A 33 0.44 -6.72 -8.44
C VAL A 33 0.55 -6.66 -9.94
N ALA A 34 0.11 -7.70 -10.58
CA ALA A 34 0.05 -7.77 -12.03
C ALA A 34 -0.59 -6.56 -12.63
N TYR A 35 0.14 -5.91 -13.49
CA TYR A 35 -0.33 -4.72 -14.14
C TYR A 35 -1.03 -5.15 -15.43
N SER A 36 -1.88 -4.29 -15.93
CA SER A 36 -2.72 -4.54 -17.09
C SER A 36 -1.93 -4.84 -18.41
N GLU A 37 -0.65 -4.52 -18.46
CA GLU A 37 0.11 -4.66 -19.70
C GLU A 37 0.78 -6.03 -19.86
N LYS A 38 1.97 -6.21 -19.28
CA LYS A 38 2.74 -7.45 -19.47
C LYS A 38 3.63 -7.77 -18.29
N GLY A 39 3.42 -7.06 -17.22
CA GLY A 39 4.21 -7.27 -16.06
C GLY A 39 3.42 -6.88 -14.86
N LEU A 40 4.00 -7.01 -13.74
CA LEU A 40 3.38 -6.70 -12.50
C LEU A 40 4.16 -5.61 -11.78
N ILE A 41 3.69 -5.26 -10.62
CA ILE A 41 4.31 -4.32 -9.76
C ILE A 41 4.54 -4.98 -8.40
N TYR A 42 5.78 -5.11 -8.00
CA TYR A 42 6.12 -5.76 -6.75
C TYR A 42 5.93 -4.80 -5.61
N ILE A 43 5.47 -5.30 -4.49
CA ILE A 43 5.21 -4.48 -3.35
C ILE A 43 5.83 -5.08 -2.07
N GLY A 44 6.37 -4.21 -1.24
CA GLY A 44 6.81 -4.56 0.07
C GLY A 44 6.03 -3.70 1.05
N ILE A 45 5.46 -4.28 2.05
CA ILE A 45 4.61 -3.53 2.95
C ILE A 45 5.35 -3.18 4.21
N CYS A 46 5.90 -1.94 4.25
CA CYS A 46 6.57 -1.38 5.42
C CYS A 46 7.81 -2.23 5.79
N GLY A 47 8.23 -3.05 4.85
CA GLY A 47 9.31 -3.96 5.05
C GLY A 47 9.92 -4.34 3.75
N GLY A 48 11.07 -4.94 3.81
CA GLY A 48 11.78 -5.30 2.63
C GLY A 48 11.46 -6.69 2.19
N THR A 49 11.42 -6.86 0.93
CA THR A 49 11.14 -8.10 0.32
C THR A 49 12.25 -8.47 -0.64
N LYS A 50 12.27 -9.69 -1.06
CA LYS A 50 13.19 -10.15 -2.06
C LYS A 50 12.58 -9.95 -3.45
N ASN A 51 11.31 -9.57 -3.48
CA ASN A 51 10.62 -9.28 -4.72
C ASN A 51 10.76 -7.83 -5.11
N CYS A 52 11.02 -6.99 -4.15
CA CYS A 52 11.21 -5.58 -4.43
C CYS A 52 12.40 -5.13 -3.59
N PRO A 53 13.27 -4.24 -4.12
CA PRO A 53 14.51 -3.81 -3.44
C PRO A 53 14.36 -3.31 -2.00
N SER A 54 15.40 -3.48 -1.24
CA SER A 54 15.46 -2.98 0.09
C SER A 54 15.64 -1.46 0.02
N GLY A 55 14.66 -0.75 0.53
CA GLY A 55 14.65 0.69 0.42
C GLY A 55 13.57 1.12 -0.55
N VAL A 56 12.97 0.12 -1.18
CA VAL A 56 11.94 0.32 -2.15
C VAL A 56 10.66 -0.30 -1.64
N GLY A 57 9.63 0.50 -1.56
CA GLY A 57 8.37 0.04 -1.06
C GLY A 57 7.57 -0.65 -2.14
N VAL A 58 7.61 -0.10 -3.32
CA VAL A 58 6.88 -0.63 -4.46
C VAL A 58 7.73 -0.44 -5.70
N CYS A 59 7.70 -1.39 -6.60
CA CYS A 59 8.50 -1.32 -7.81
C CYS A 59 7.89 -2.13 -8.95
N PHE A 60 7.88 -1.56 -10.16
CA PHE A 60 7.42 -2.28 -11.33
C PHE A 60 8.34 -3.46 -11.57
N GLY A 61 7.79 -4.53 -11.96
CA GLY A 61 8.53 -5.74 -12.13
C GLY A 61 9.05 -5.90 -13.51
N LEU A 62 8.47 -5.13 -14.41
CA LEU A 62 8.81 -5.14 -15.79
C LEU A 62 10.28 -4.84 -15.98
N THR A 63 10.68 -3.65 -15.62
CA THR A 63 12.04 -3.24 -15.78
C THR A 63 12.60 -2.72 -14.45
N LYS A 64 11.90 -3.09 -13.36
CA LYS A 64 12.24 -2.68 -11.99
C LYS A 64 12.27 -1.17 -11.80
N ILE A 65 11.09 -0.59 -11.93
CA ILE A 65 10.87 0.84 -11.76
C ILE A 65 10.19 1.07 -10.43
N ASN A 66 10.92 1.41 -9.40
CA ASN A 66 10.32 1.59 -8.11
C ASN A 66 9.22 2.65 -8.08
N ALA A 67 8.04 2.21 -7.87
CA ALA A 67 6.87 3.04 -7.94
C ALA A 67 6.60 3.71 -6.59
N GLY A 68 7.52 3.56 -5.67
CA GLY A 68 7.39 4.16 -4.38
C GLY A 68 8.56 3.79 -3.52
N SER A 69 8.92 4.64 -2.63
CA SER A 69 10.01 4.36 -1.75
C SER A 69 9.49 3.72 -0.47
N TRP A 70 10.30 2.86 0.10
CA TRP A 70 10.06 2.20 1.40
C TRP A 70 9.51 3.19 2.44
N ASN A 71 8.35 2.89 3.02
CA ASN A 71 7.79 3.77 4.05
C ASN A 71 7.03 2.96 5.05
N SER A 72 6.77 3.58 6.16
CA SER A 72 6.01 3.01 7.23
C SER A 72 4.84 3.94 7.51
N GLN A 73 4.61 4.82 6.55
CA GLN A 73 3.58 5.85 6.59
C GLN A 73 2.20 5.26 6.36
N LEU A 74 1.63 4.74 7.42
CA LEU A 74 0.33 4.16 7.36
C LEU A 74 -0.70 5.10 7.89
N MET A 75 -1.82 5.11 7.25
CA MET A 75 -2.93 5.94 7.63
C MET A 75 -4.19 5.14 7.54
N TYR A 76 -5.26 5.71 7.98
CA TYR A 76 -6.55 5.08 7.95
C TYR A 76 -7.51 6.15 7.58
N VAL A 77 -7.97 6.09 6.40
CA VAL A 77 -8.84 7.07 5.85
C VAL A 77 -9.96 6.40 5.07
N ASP A 78 -11.20 6.69 5.49
CA ASP A 78 -12.43 6.18 4.88
C ASP A 78 -12.50 4.65 5.00
N GLN A 79 -12.25 4.16 6.22
CA GLN A 79 -12.21 2.71 6.55
C GLN A 79 -11.09 1.98 5.86
N VAL A 80 -10.21 2.72 5.29
CA VAL A 80 -9.14 2.16 4.51
C VAL A 80 -7.77 2.60 5.04
N LEU A 81 -6.93 1.63 5.30
CA LEU A 81 -5.56 1.86 5.72
C LEU A 81 -4.84 2.28 4.46
N GLN A 82 -4.10 3.32 4.49
CA GLN A 82 -3.52 3.79 3.30
C GLN A 82 -2.06 4.11 3.46
N LEU A 83 -1.26 3.53 2.59
CA LEU A 83 0.17 3.78 2.57
C LEU A 83 0.49 4.57 1.33
N VAL A 84 1.13 5.68 1.49
CA VAL A 84 1.57 6.48 0.37
C VAL A 84 3.09 6.43 0.30
N TYR A 85 3.57 5.57 -0.53
CA TYR A 85 4.98 5.47 -0.78
C TYR A 85 5.30 6.47 -1.87
N ASP A 86 5.68 7.67 -1.51
CA ASP A 86 5.98 8.67 -2.50
C ASP A 86 7.45 8.78 -2.72
N ASP A 87 7.79 9.55 -3.72
CA ASP A 87 9.17 9.77 -4.15
C ASP A 87 9.85 8.45 -4.50
N GLY A 88 9.30 7.80 -5.48
CA GLY A 88 9.86 6.60 -5.95
C GLY A 88 10.86 6.85 -7.05
N ALA A 89 10.80 6.05 -8.05
CA ALA A 89 11.64 6.15 -9.19
C ALA A 89 11.13 7.28 -10.08
N PRO A 90 11.95 7.76 -11.02
CA PRO A 90 11.56 8.84 -11.87
C PRO A 90 10.50 8.43 -12.87
N CYS A 91 9.50 9.21 -12.97
CA CYS A 91 8.45 9.00 -13.88
C CYS A 91 8.74 9.81 -15.14
N PRO A 92 9.09 9.15 -16.23
CA PRO A 92 9.29 9.81 -17.51
C PRO A 92 8.04 9.74 -18.36
N SER A 93 7.04 9.10 -17.79
CA SER A 93 5.78 8.80 -18.40
C SER A 93 5.04 10.05 -18.90
N LYS A 94 4.69 10.92 -17.99
CA LYS A 94 3.87 12.07 -18.32
C LYS A 94 4.51 13.30 -17.74
N ASN A 95 4.48 13.40 -16.45
CA ASN A 95 5.19 14.45 -15.79
C ASN A 95 6.46 13.86 -15.28
N ALA A 96 7.43 14.67 -15.02
CA ALA A 96 8.77 14.22 -14.73
C ALA A 96 9.02 14.17 -13.24
N LEU A 97 8.00 13.79 -12.53
CA LEU A 97 8.05 13.63 -11.09
C LEU A 97 8.39 12.21 -10.76
N LYS A 98 8.24 11.86 -9.53
CA LYS A 98 8.53 10.52 -9.14
C LYS A 98 7.25 9.76 -8.91
N TYR A 99 7.33 8.46 -9.09
CA TYR A 99 6.20 7.59 -8.86
C TYR A 99 5.86 7.55 -7.39
N LYS A 100 4.62 7.30 -7.08
CA LYS A 100 4.23 7.04 -5.72
C LYS A 100 3.20 5.96 -5.76
N SER A 101 3.04 5.29 -4.69
CA SER A 101 2.09 4.23 -4.59
C SER A 101 1.19 4.48 -3.42
N VAL A 102 -0.08 4.45 -3.66
CA VAL A 102 -1.07 4.64 -2.67
C VAL A 102 -1.84 3.34 -2.52
N ILE A 103 -1.43 2.58 -1.58
CA ILE A 103 -2.01 1.30 -1.32
C ILE A 103 -3.16 1.47 -0.35
N SER A 104 -4.32 1.29 -0.87
CA SER A 104 -5.54 1.42 -0.14
C SER A 104 -5.95 0.04 0.42
N PHE A 105 -5.86 -0.12 1.73
CA PHE A 105 -6.19 -1.36 2.40
C PHE A 105 -7.62 -1.37 2.77
N VAL A 106 -8.30 -2.19 2.11
CA VAL A 106 -9.69 -2.36 2.21
C VAL A 106 -9.99 -3.63 2.97
N CYS A 107 -10.85 -3.50 3.92
CA CYS A 107 -11.31 -4.60 4.74
C CYS A 107 -11.85 -5.73 3.88
N THR A 108 -11.30 -6.90 4.09
CA THR A 108 -11.72 -8.04 3.35
C THR A 108 -12.13 -9.17 4.33
N HIS A 109 -13.15 -9.94 3.96
CA HIS A 109 -13.76 -10.98 4.85
C HIS A 109 -12.84 -12.15 5.26
N ASP A 110 -11.59 -12.11 4.86
CA ASP A 110 -10.64 -13.19 5.19
C ASP A 110 -10.23 -13.10 6.65
N SER A 111 -9.30 -13.92 7.07
CA SER A 111 -8.83 -13.88 8.42
C SER A 111 -7.30 -13.93 8.42
N GLY A 112 -6.67 -12.76 8.54
CA GLY A 112 -5.25 -12.72 8.61
C GLY A 112 -4.58 -13.03 7.28
N ALA A 113 -4.87 -12.23 6.29
CA ALA A 113 -4.38 -12.48 4.96
C ALA A 113 -4.06 -11.17 4.25
N ASN A 114 -3.60 -11.23 3.03
CA ASN A 114 -3.41 -10.03 2.25
C ASN A 114 -4.36 -10.11 1.11
N ASN A 115 -4.93 -11.33 0.93
CA ASN A 115 -5.91 -11.69 -0.09
C ASN A 115 -5.38 -11.45 -1.48
N LYS A 116 -5.36 -10.23 -1.84
CA LYS A 116 -4.92 -9.79 -3.15
C LYS A 116 -4.81 -8.28 -3.23
N PRO A 117 -3.61 -7.80 -3.54
CA PRO A 117 -3.41 -6.42 -3.96
C PRO A 117 -3.76 -6.30 -5.45
N VAL A 118 -4.68 -5.43 -5.75
CA VAL A 118 -5.21 -5.25 -7.09
C VAL A 118 -4.88 -3.85 -7.57
N PHE A 119 -4.34 -3.72 -8.74
CA PHE A 119 -4.13 -2.44 -9.34
C PHE A 119 -5.48 -1.87 -9.72
N VAL A 120 -5.88 -0.84 -9.04
CA VAL A 120 -7.14 -0.24 -9.28
C VAL A 120 -7.03 0.86 -10.34
N SER A 121 -6.13 1.78 -10.13
CA SER A 121 -5.99 2.88 -11.06
C SER A 121 -4.59 3.50 -11.01
N LEU A 122 -4.25 4.23 -12.04
CA LEU A 122 -3.00 4.94 -12.09
C LEU A 122 -3.31 6.41 -12.29
N ASP A 123 -2.68 7.24 -11.53
CA ASP A 123 -2.81 8.66 -11.68
C ASP A 123 -1.74 9.03 -12.57
N LYS A 124 -2.11 9.37 -13.72
CA LYS A 124 -1.18 9.53 -14.79
C LYS A 124 -0.64 10.91 -14.86
N GLN A 125 -1.01 11.75 -13.94
CA GLN A 125 -0.49 13.06 -13.90
C GLN A 125 0.68 13.08 -12.95
N THR A 126 0.46 12.46 -11.83
CA THR A 126 1.39 12.53 -10.73
C THR A 126 1.94 11.17 -10.44
N CYS A 127 1.78 10.31 -11.44
CA CYS A 127 2.31 8.95 -11.47
C CYS A 127 2.04 8.20 -10.17
N THR A 128 0.79 8.26 -9.76
CA THR A 128 0.38 7.68 -8.52
C THR A 128 -0.27 6.32 -8.73
N LEU A 129 0.43 5.31 -8.32
CA LEU A 129 0.00 3.94 -8.41
C LEU A 129 -1.04 3.69 -7.33
N TYR A 130 -2.26 3.51 -7.71
CA TYR A 130 -3.29 3.21 -6.77
C TYR A 130 -3.47 1.72 -6.68
N PHE A 131 -3.27 1.19 -5.52
CA PHE A 131 -3.45 -0.20 -5.29
C PHE A 131 -4.60 -0.39 -4.34
N SER A 132 -5.38 -1.35 -4.62
CA SER A 132 -6.46 -1.72 -3.77
C SER A 132 -6.08 -3.03 -3.14
N TRP A 133 -6.00 -3.05 -1.87
CA TRP A 133 -5.52 -4.18 -1.18
C TRP A 133 -6.63 -4.66 -0.30
N HIS A 134 -7.11 -5.81 -0.56
CA HIS A 134 -8.16 -6.36 0.24
C HIS A 134 -7.51 -7.13 1.37
N THR A 135 -7.52 -6.58 2.54
CA THR A 135 -6.87 -7.20 3.66
C THR A 135 -7.83 -7.23 4.86
N PRO A 136 -7.88 -8.36 5.57
CA PRO A 136 -8.74 -8.54 6.75
C PRO A 136 -8.25 -7.74 7.93
N LEU A 137 -7.03 -7.28 7.86
CA LEU A 137 -6.49 -6.53 8.93
C LEU A 137 -6.97 -5.11 8.92
N ALA A 138 -7.48 -4.71 7.76
CA ALA A 138 -8.06 -3.40 7.54
C ALA A 138 -9.47 -3.43 8.06
N CYS A 139 -9.85 -4.57 8.51
CA CYS A 139 -11.11 -4.77 9.13
C CYS A 139 -10.93 -4.55 10.58
N GLU A 140 -11.67 -3.63 11.12
CA GLU A 140 -11.61 -3.38 12.50
C GLU A 140 -12.23 -4.57 13.21
N LYS A 141 -11.64 -4.92 14.31
CA LYS A 141 -12.08 -6.09 15.11
C LYS A 141 -13.56 -6.02 15.44
N GLU A 142 -14.00 -4.90 15.92
CA GLU A 142 -15.39 -4.65 16.14
C GLU A 142 -15.83 -3.70 15.02
N GLU A 143 -17.07 -3.34 14.96
CA GLU A 143 -17.44 -2.42 13.90
C GLU A 143 -17.12 -0.98 14.29
N PRO A 144 -16.56 -0.21 13.35
CA PRO A 144 -16.24 1.19 13.55
C PRO A 144 -17.52 2.05 13.70
N ARG A 145 -17.34 3.36 13.74
CA ARG A 145 -18.42 4.29 13.99
C ARG A 145 -19.33 4.40 12.76
N HIS A 146 -18.74 4.30 11.60
CA HIS A 146 -19.50 4.30 10.36
C HIS A 146 -19.19 3.05 9.57
N HIS A 147 -19.88 1.98 9.88
CA HIS A 147 -19.66 0.73 9.18
C HIS A 147 -20.98 0.20 8.68
N MET A 1 -8.86 15.83 13.32
CA MET A 1 -8.27 16.73 12.33
C MET A 1 -7.54 15.90 11.29
N LYS A 2 -8.06 15.93 10.06
CA LYS A 2 -7.52 15.14 8.93
C LYS A 2 -7.67 13.64 9.20
N SER A 3 -7.16 12.83 8.32
CA SER A 3 -7.15 11.43 8.51
C SER A 3 -5.92 11.07 9.35
N ASN A 4 -5.95 9.94 9.99
CA ASN A 4 -4.81 9.53 10.78
C ASN A 4 -3.71 9.05 9.85
N ILE A 5 -2.55 9.65 10.02
CA ILE A 5 -1.34 9.45 9.29
C ILE A 5 -0.26 9.09 10.33
N GLN A 6 -0.04 7.83 10.56
CA GLN A 6 0.87 7.41 11.58
C GLN A 6 2.07 6.71 10.94
N ASP A 7 3.19 6.69 11.62
CA ASP A 7 4.41 6.19 11.04
C ASP A 7 5.00 5.09 11.87
N ASN A 8 4.48 3.92 11.69
CA ASN A 8 5.02 2.70 12.30
C ASN A 8 4.37 1.50 11.62
N CYS A 9 3.82 1.77 10.43
CA CYS A 9 3.03 0.81 9.65
C CYS A 9 1.79 0.41 10.46
N GLN A 10 1.34 1.34 11.25
CA GLN A 10 0.21 1.19 12.10
C GLN A 10 -0.57 2.47 12.01
N VAL A 11 -1.85 2.41 12.22
CA VAL A 11 -2.68 3.58 12.20
C VAL A 11 -3.80 3.36 13.18
N THR A 12 -4.24 4.36 13.85
CA THR A 12 -5.24 4.16 14.86
C THR A 12 -6.54 4.85 14.42
N ASN A 13 -7.63 4.12 14.48
CA ASN A 13 -8.94 4.72 14.17
C ASN A 13 -9.20 5.83 15.17
N PRO A 14 -9.38 7.06 14.73
CA PRO A 14 -9.66 8.19 15.61
C PRO A 14 -11.06 8.10 16.27
N ALA A 15 -11.86 7.10 15.91
CA ALA A 15 -13.18 6.96 16.48
C ALA A 15 -13.19 5.94 17.61
N THR A 16 -12.33 4.96 17.52
CA THR A 16 -12.35 3.88 18.48
C THR A 16 -11.06 3.77 19.25
N GLY A 17 -10.00 4.17 18.61
CA GLY A 17 -8.72 3.98 19.14
C GLY A 17 -8.20 2.62 18.74
N HIS A 18 -8.89 1.97 17.81
CA HIS A 18 -8.42 0.70 17.29
C HIS A 18 -7.22 0.89 16.39
N LEU A 19 -6.09 0.44 16.86
CA LEU A 19 -4.86 0.44 16.14
C LEU A 19 -4.88 -0.67 15.06
N PHE A 20 -4.44 -0.30 13.91
CA PHE A 20 -4.32 -1.15 12.75
C PHE A 20 -2.86 -1.35 12.52
N ASP A 21 -2.46 -2.52 12.06
CA ASP A 21 -1.06 -2.83 11.95
C ASP A 21 -0.76 -3.72 10.80
N LEU A 22 -0.08 -3.19 9.84
CA LEU A 22 0.24 -3.92 8.67
C LEU A 22 1.62 -4.54 8.80
N ASN A 23 2.24 -4.44 9.99
CA ASN A 23 3.56 -5.05 10.21
C ASN A 23 3.49 -6.56 10.07
N SER A 24 2.29 -7.07 10.16
CA SER A 24 2.01 -8.47 9.98
C SER A 24 2.19 -8.87 8.49
N LEU A 25 2.13 -7.89 7.59
CA LEU A 25 2.26 -8.11 6.18
C LEU A 25 3.70 -7.87 5.72
N LYS A 26 4.58 -7.64 6.67
CA LYS A 26 5.98 -7.43 6.35
C LYS A 26 6.62 -8.75 6.10
N ASN A 27 6.61 -9.10 4.87
CA ASN A 27 7.08 -10.33 4.40
C ASN A 27 8.12 -10.11 3.36
N ASP A 28 9.18 -10.80 3.53
CA ASP A 28 10.32 -10.74 2.63
C ASP A 28 9.99 -11.41 1.31
N SER A 29 9.00 -12.32 1.36
CA SER A 29 8.51 -13.01 0.18
C SER A 29 8.13 -12.02 -0.88
N GLY A 30 7.35 -11.05 -0.47
CA GLY A 30 6.98 -9.98 -1.35
C GLY A 30 5.69 -10.21 -2.03
N TYR A 31 5.17 -9.17 -2.56
CA TYR A 31 3.88 -9.19 -3.19
C TYR A 31 4.02 -8.80 -4.64
N SER A 32 2.98 -8.98 -5.37
CA SER A 32 2.96 -8.66 -6.77
C SER A 32 1.59 -8.21 -7.21
N VAL A 33 1.57 -7.41 -8.23
CA VAL A 33 0.38 -6.86 -8.77
C VAL A 33 0.50 -6.84 -10.26
N ALA A 34 0.02 -7.86 -10.89
CA ALA A 34 -0.04 -7.93 -12.35
C ALA A 34 -0.64 -6.66 -12.93
N TYR A 35 0.10 -6.03 -13.79
CA TYR A 35 -0.33 -4.79 -14.39
C TYR A 35 -1.13 -5.15 -15.64
N SER A 36 -1.90 -4.22 -16.10
CA SER A 36 -2.81 -4.41 -17.21
C SER A 36 -2.11 -4.48 -18.60
N GLU A 37 -0.78 -4.50 -18.64
CA GLU A 37 -0.12 -4.52 -19.93
C GLU A 37 0.62 -5.83 -20.22
N LYS A 38 1.81 -5.99 -19.66
CA LYS A 38 2.62 -7.19 -19.96
C LYS A 38 3.57 -7.57 -18.81
N GLY A 39 3.30 -7.03 -17.65
CA GLY A 39 4.10 -7.31 -16.51
C GLY A 39 3.30 -7.02 -15.28
N LEU A 40 3.93 -7.09 -14.15
CA LEU A 40 3.33 -6.82 -12.88
C LEU A 40 4.11 -5.73 -12.14
N ILE A 41 3.67 -5.44 -10.94
CA ILE A 41 4.30 -4.50 -10.03
C ILE A 41 4.47 -5.20 -8.68
N TYR A 42 5.68 -5.33 -8.23
CA TYR A 42 5.96 -6.00 -6.97
C TYR A 42 5.73 -5.04 -5.81
N ILE A 43 5.33 -5.58 -4.68
CA ILE A 43 5.05 -4.79 -3.52
C ILE A 43 5.72 -5.36 -2.26
N GLY A 44 6.18 -4.46 -1.43
CA GLY A 44 6.63 -4.75 -0.11
C GLY A 44 5.86 -3.86 0.85
N ILE A 45 5.42 -4.38 1.95
CA ILE A 45 4.59 -3.60 2.87
C ILE A 45 5.37 -3.23 4.10
N CYS A 46 5.91 -1.98 4.14
CA CYS A 46 6.64 -1.43 5.30
C CYS A 46 7.89 -2.25 5.63
N GLY A 47 8.23 -3.16 4.76
CA GLY A 47 9.28 -4.05 5.01
C GLY A 47 9.88 -4.54 3.74
N GLY A 48 11.11 -4.99 3.84
CA GLY A 48 11.85 -5.41 2.73
C GLY A 48 11.36 -6.70 2.15
N THR A 49 11.46 -6.79 0.87
CA THR A 49 11.12 -7.94 0.12
C THR A 49 12.26 -8.27 -0.80
N LYS A 50 12.25 -9.43 -1.34
CA LYS A 50 13.19 -9.82 -2.32
C LYS A 50 12.67 -9.46 -3.72
N ASN A 51 11.40 -9.11 -3.79
CA ASN A 51 10.76 -8.74 -5.04
C ASN A 51 11.02 -7.28 -5.36
N CYS A 52 11.31 -6.51 -4.34
CA CYS A 52 11.66 -5.11 -4.50
C CYS A 52 12.84 -4.81 -3.64
N PRO A 53 13.75 -3.94 -4.10
CA PRO A 53 14.94 -3.54 -3.35
C PRO A 53 14.65 -3.09 -1.91
N SER A 54 15.62 -3.26 -1.08
CA SER A 54 15.58 -2.78 0.26
C SER A 54 15.60 -1.26 0.19
N GLY A 55 14.52 -0.63 0.61
CA GLY A 55 14.40 0.80 0.48
C GLY A 55 13.34 1.14 -0.54
N VAL A 56 12.88 0.12 -1.23
CA VAL A 56 11.86 0.25 -2.22
C VAL A 56 10.62 -0.47 -1.72
N GLY A 57 9.54 0.25 -1.61
CA GLY A 57 8.33 -0.32 -1.13
C GLY A 57 7.56 -0.97 -2.23
N VAL A 58 7.53 -0.34 -3.36
CA VAL A 58 6.82 -0.85 -4.53
C VAL A 58 7.67 -0.65 -5.75
N CYS A 59 7.70 -1.62 -6.61
CA CYS A 59 8.49 -1.51 -7.81
C CYS A 59 7.86 -2.30 -8.95
N PHE A 60 7.81 -1.70 -10.15
CA PHE A 60 7.33 -2.40 -11.32
C PHE A 60 8.21 -3.60 -11.57
N GLY A 61 7.64 -4.65 -12.01
CA GLY A 61 8.38 -5.87 -12.19
C GLY A 61 8.92 -6.02 -13.57
N LEU A 62 8.33 -5.27 -14.49
CA LEU A 62 8.68 -5.33 -15.88
C LEU A 62 10.15 -4.96 -16.08
N THR A 63 10.52 -3.76 -15.71
CA THR A 63 11.90 -3.33 -15.83
C THR A 63 12.46 -2.87 -14.47
N LYS A 64 11.74 -3.26 -13.40
CA LYS A 64 12.08 -2.95 -12.01
C LYS A 64 12.17 -1.45 -11.74
N ILE A 65 11.02 -0.81 -11.84
CA ILE A 65 10.88 0.63 -11.65
C ILE A 65 10.26 0.90 -10.31
N ASN A 66 11.05 1.33 -9.36
CA ASN A 66 10.53 1.70 -8.03
C ASN A 66 9.33 2.67 -8.16
N ALA A 67 8.18 2.15 -7.86
CA ALA A 67 6.94 2.87 -7.99
C ALA A 67 6.53 3.48 -6.67
N GLY A 68 7.43 3.48 -5.73
CA GLY A 68 7.14 4.06 -4.45
C GLY A 68 8.10 3.56 -3.42
N SER A 69 8.84 4.46 -2.82
CA SER A 69 9.85 4.07 -1.90
C SER A 69 9.28 3.70 -0.53
N TRP A 70 10.00 2.78 0.09
CA TRP A 70 9.75 2.20 1.42
C TRP A 70 9.25 3.22 2.42
N ASN A 71 8.10 2.97 3.01
CA ASN A 71 7.55 3.84 4.04
C ASN A 71 6.82 3.02 5.06
N SER A 72 6.57 3.63 6.17
CA SER A 72 5.81 3.06 7.27
C SER A 72 4.62 4.00 7.55
N GLN A 73 4.40 4.88 6.59
CA GLN A 73 3.35 5.90 6.59
C GLN A 73 2.01 5.29 6.33
N LEU A 74 1.34 4.92 7.39
CA LEU A 74 0.07 4.31 7.28
C LEU A 74 -0.99 5.27 7.70
N MET A 75 -2.01 5.30 6.97
CA MET A 75 -3.10 6.16 7.23
C MET A 75 -4.36 5.39 7.28
N TYR A 76 -5.38 6.02 7.73
CA TYR A 76 -6.67 5.46 7.83
C TYR A 76 -7.62 6.52 7.38
N VAL A 77 -8.02 6.40 6.18
CA VAL A 77 -8.84 7.36 5.53
C VAL A 77 -10.03 6.67 4.88
N ASP A 78 -11.20 7.03 5.36
CA ASP A 78 -12.50 6.52 4.94
C ASP A 78 -12.57 5.00 5.02
N GLN A 79 -12.31 4.51 6.24
CA GLN A 79 -12.32 3.08 6.59
C GLN A 79 -11.28 2.26 5.85
N VAL A 80 -10.37 2.94 5.23
CA VAL A 80 -9.32 2.33 4.47
C VAL A 80 -7.94 2.77 4.96
N LEU A 81 -7.12 1.80 5.28
CA LEU A 81 -5.75 2.02 5.69
C LEU A 81 -5.01 2.36 4.41
N GLN A 82 -4.19 3.33 4.40
CA GLN A 82 -3.60 3.70 3.17
C GLN A 82 -2.13 3.97 3.32
N LEU A 83 -1.34 3.32 2.52
CA LEU A 83 0.10 3.53 2.49
C LEU A 83 0.45 4.29 1.25
N VAL A 84 1.11 5.40 1.42
CA VAL A 84 1.60 6.18 0.31
C VAL A 84 3.11 6.13 0.30
N TYR A 85 3.62 5.25 -0.48
CA TYR A 85 5.03 5.11 -0.71
C TYR A 85 5.42 6.17 -1.71
N ASP A 86 5.99 7.24 -1.24
CA ASP A 86 6.30 8.35 -2.09
C ASP A 86 7.76 8.40 -2.46
N ASP A 87 8.05 9.32 -3.36
CA ASP A 87 9.38 9.57 -3.93
C ASP A 87 10.05 8.27 -4.36
N GLY A 88 9.43 7.60 -5.29
CA GLY A 88 9.99 6.40 -5.84
C GLY A 88 11.01 6.71 -6.90
N ALA A 89 10.91 6.02 -7.99
CA ALA A 89 11.79 6.24 -9.12
C ALA A 89 11.20 7.39 -9.96
N PRO A 90 12.00 8.01 -10.86
CA PRO A 90 11.53 9.11 -11.66
C PRO A 90 10.52 8.63 -12.70
N CYS A 91 9.43 9.31 -12.77
CA CYS A 91 8.36 8.98 -13.64
C CYS A 91 8.48 9.75 -14.94
N PRO A 92 8.70 9.04 -16.03
CA PRO A 92 8.75 9.61 -17.35
C PRO A 92 7.46 9.35 -18.15
N SER A 93 6.51 8.71 -17.48
CA SER A 93 5.27 8.25 -18.08
C SER A 93 4.47 9.41 -18.67
N LYS A 94 4.03 10.33 -17.83
CA LYS A 94 3.19 11.43 -18.30
C LYS A 94 3.71 12.72 -17.71
N ASN A 95 3.61 12.82 -16.40
CA ASN A 95 4.22 13.92 -15.70
C ASN A 95 5.61 13.53 -15.32
N ALA A 96 6.37 14.43 -14.76
CA ALA A 96 7.77 14.18 -14.51
C ALA A 96 8.10 14.16 -13.02
N LEU A 97 7.17 13.66 -12.23
CA LEU A 97 7.37 13.51 -10.80
C LEU A 97 7.98 12.17 -10.55
N LYS A 98 8.00 11.75 -9.34
CA LYS A 98 8.42 10.44 -9.05
C LYS A 98 7.21 9.59 -8.83
N TYR A 99 7.39 8.31 -8.97
CA TYR A 99 6.31 7.39 -8.71
C TYR A 99 6.01 7.35 -7.24
N LYS A 100 4.78 7.10 -6.92
CA LYS A 100 4.37 6.90 -5.58
C LYS A 100 3.34 5.80 -5.63
N SER A 101 3.22 5.08 -4.59
CA SER A 101 2.31 4.00 -4.55
C SER A 101 1.34 4.22 -3.43
N VAL A 102 0.08 4.15 -3.74
CA VAL A 102 -0.94 4.32 -2.78
C VAL A 102 -1.78 3.07 -2.73
N ILE A 103 -1.51 2.29 -1.75
CA ILE A 103 -2.18 1.03 -1.55
C ILE A 103 -3.31 1.25 -0.55
N SER A 104 -4.52 1.06 -1.01
CA SER A 104 -5.67 1.20 -0.18
C SER A 104 -6.03 -0.14 0.46
N PHE A 105 -5.97 -0.19 1.76
CA PHE A 105 -6.26 -1.38 2.50
C PHE A 105 -7.68 -1.38 2.90
N VAL A 106 -8.37 -2.22 2.27
CA VAL A 106 -9.77 -2.37 2.38
C VAL A 106 -10.09 -3.59 3.23
N CYS A 107 -10.99 -3.40 4.14
CA CYS A 107 -11.49 -4.45 5.03
C CYS A 107 -12.01 -5.64 4.25
N THR A 108 -11.47 -6.78 4.54
CA THR A 108 -12.05 -7.99 4.03
C THR A 108 -12.41 -8.87 5.21
N HIS A 109 -13.51 -9.59 5.10
CA HIS A 109 -14.10 -10.39 6.20
C HIS A 109 -13.22 -11.58 6.64
N ASP A 110 -12.05 -11.71 6.03
CA ASP A 110 -11.08 -12.78 6.34
C ASP A 110 -10.46 -12.51 7.72
N SER A 111 -9.40 -13.21 8.08
CA SER A 111 -8.80 -12.95 9.37
C SER A 111 -7.25 -12.83 9.27
N GLY A 112 -6.75 -11.58 9.32
CA GLY A 112 -5.31 -11.29 9.28
C GLY A 112 -4.62 -11.86 8.07
N ALA A 113 -5.15 -11.54 6.93
CA ALA A 113 -4.68 -12.01 5.66
C ALA A 113 -4.30 -10.82 4.81
N ASN A 114 -3.86 -11.04 3.61
CA ASN A 114 -3.58 -9.93 2.75
C ASN A 114 -4.39 -10.06 1.50
N ASN A 115 -4.84 -11.30 1.25
CA ASN A 115 -5.70 -11.67 0.13
C ASN A 115 -5.04 -11.49 -1.19
N LYS A 116 -4.96 -10.27 -1.57
CA LYS A 116 -4.47 -9.89 -2.88
C LYS A 116 -4.27 -8.38 -3.00
N PRO A 117 -3.11 -7.96 -3.47
CA PRO A 117 -2.88 -6.60 -3.90
C PRO A 117 -3.22 -6.47 -5.40
N VAL A 118 -4.02 -5.50 -5.75
CA VAL A 118 -4.42 -5.36 -7.14
C VAL A 118 -4.21 -3.94 -7.60
N PHE A 119 -4.11 -3.75 -8.89
CA PHE A 119 -3.98 -2.48 -9.48
C PHE A 119 -5.32 -2.05 -9.95
N VAL A 120 -5.66 -0.85 -9.65
CA VAL A 120 -6.89 -0.30 -10.07
C VAL A 120 -6.66 0.87 -11.03
N SER A 121 -5.86 1.82 -10.64
CA SER A 121 -5.67 2.98 -11.46
C SER A 121 -4.29 3.61 -11.26
N LEU A 122 -3.77 4.20 -12.31
CA LEU A 122 -2.55 4.93 -12.23
C LEU A 122 -2.89 6.38 -12.37
N ASP A 123 -2.24 7.19 -11.61
CA ASP A 123 -2.47 8.59 -11.59
C ASP A 123 -1.38 9.19 -12.38
N LYS A 124 -1.72 9.77 -13.43
CA LYS A 124 -0.75 10.30 -14.36
C LYS A 124 -0.40 11.72 -14.03
N GLN A 125 -0.99 12.23 -12.99
CA GLN A 125 -0.79 13.60 -12.57
C GLN A 125 0.41 13.67 -11.68
N THR A 126 0.51 12.71 -10.81
CA THR A 126 1.56 12.67 -9.85
C THR A 126 2.19 11.28 -9.77
N CYS A 127 1.95 10.49 -10.82
CA CYS A 127 2.49 9.14 -11.00
C CYS A 127 2.24 8.26 -9.79
N THR A 128 0.98 8.19 -9.43
CA THR A 128 0.54 7.50 -8.27
C THR A 128 -0.10 6.15 -8.61
N LEU A 129 0.57 5.11 -8.21
CA LEU A 129 0.14 3.74 -8.39
C LEU A 129 -0.95 3.43 -7.38
N TYR A 130 -2.19 3.37 -7.81
CA TYR A 130 -3.27 3.02 -6.94
C TYR A 130 -3.51 1.54 -6.94
N PHE A 131 -3.26 0.95 -5.81
CA PHE A 131 -3.48 -0.45 -5.60
C PHE A 131 -4.59 -0.62 -4.59
N SER A 132 -5.34 -1.68 -4.71
CA SER A 132 -6.33 -1.95 -3.75
C SER A 132 -6.04 -3.30 -3.12
N TRP A 133 -5.99 -3.30 -1.83
CA TRP A 133 -5.58 -4.42 -1.06
C TRP A 133 -6.69 -4.76 -0.10
N HIS A 134 -7.22 -5.93 -0.21
CA HIS A 134 -8.25 -6.35 0.70
C HIS A 134 -7.62 -7.10 1.84
N THR A 135 -7.54 -6.46 2.97
CA THR A 135 -6.95 -7.06 4.10
C THR A 135 -7.91 -6.97 5.31
N PRO A 136 -8.02 -8.05 6.08
CA PRO A 136 -8.88 -8.12 7.29
C PRO A 136 -8.31 -7.28 8.39
N LEU A 137 -7.07 -6.95 8.19
CA LEU A 137 -6.31 -6.25 9.06
C LEU A 137 -6.73 -4.76 8.94
N ALA A 138 -7.31 -4.41 7.80
CA ALA A 138 -7.79 -3.09 7.53
C ALA A 138 -9.17 -2.95 8.11
N CYS A 139 -9.66 -4.04 8.57
CA CYS A 139 -10.97 -4.08 9.04
C CYS A 139 -10.97 -3.87 10.52
N GLU A 140 -11.89 -3.11 10.98
CA GLU A 140 -12.00 -2.88 12.36
C GLU A 140 -12.88 -3.94 12.92
N LYS A 141 -12.29 -4.72 13.73
CA LYS A 141 -12.95 -5.82 14.39
C LYS A 141 -13.69 -5.32 15.62
N GLU A 142 -13.33 -4.11 16.04
CA GLU A 142 -14.03 -3.44 17.10
C GLU A 142 -15.39 -3.05 16.56
N GLU A 143 -16.42 -3.49 17.19
CA GLU A 143 -17.73 -3.21 16.70
C GLU A 143 -18.14 -1.77 16.97
N PRO A 144 -18.78 -1.15 15.98
CA PRO A 144 -19.16 0.27 16.00
C PRO A 144 -20.10 0.67 17.14
N ARG A 145 -20.32 1.99 17.24
CA ARG A 145 -21.20 2.58 18.23
C ARG A 145 -22.60 2.00 18.14
N HIS A 146 -23.01 1.70 16.93
CA HIS A 146 -24.24 1.01 16.71
C HIS A 146 -23.94 -0.20 15.85
N HIS A 147 -23.61 -1.26 16.49
CA HIS A 147 -23.28 -2.50 15.83
C HIS A 147 -24.53 -3.36 15.72
N MET A 1 -9.96 15.06 11.57
CA MET A 1 -9.31 14.13 12.47
C MET A 1 -8.35 13.28 11.68
N LYS A 2 -7.12 13.20 12.15
CA LYS A 2 -6.12 12.38 11.51
C LYS A 2 -5.99 11.07 12.25
N SER A 3 -5.50 10.10 11.56
CA SER A 3 -5.30 8.81 12.11
C SER A 3 -3.86 8.70 12.60
N ASN A 4 -3.44 7.52 13.02
CA ASN A 4 -2.09 7.34 13.53
C ASN A 4 -1.09 7.17 12.38
N ILE A 5 -0.82 8.26 11.71
CA ILE A 5 0.19 8.32 10.68
C ILE A 5 1.59 8.27 11.33
N GLN A 6 2.04 7.08 11.59
CA GLN A 6 3.31 6.87 12.21
C GLN A 6 4.02 5.75 11.44
N ASP A 7 5.33 5.68 11.57
CA ASP A 7 6.14 4.72 10.79
C ASP A 7 6.26 3.38 11.48
N ASN A 8 5.27 3.03 12.22
CA ASN A 8 5.25 1.75 12.90
C ASN A 8 4.36 0.78 12.15
N CYS A 9 3.90 1.24 10.97
CA CYS A 9 3.07 0.44 10.05
C CYS A 9 1.77 0.03 10.76
N GLN A 10 1.26 0.95 11.53
CA GLN A 10 0.09 0.76 12.34
C GLN A 10 -0.69 2.07 12.36
N VAL A 11 -2.00 1.99 12.39
CA VAL A 11 -2.80 3.18 12.34
C VAL A 11 -4.01 3.06 13.25
N THR A 12 -4.16 3.99 14.09
CA THR A 12 -5.28 4.04 14.98
C THR A 12 -6.39 4.87 14.34
N ASN A 13 -7.56 4.28 14.29
CA ASN A 13 -8.77 4.97 13.83
C ASN A 13 -9.08 6.07 14.80
N PRO A 14 -9.16 7.33 14.35
CA PRO A 14 -9.46 8.46 15.21
C PRO A 14 -10.88 8.40 15.83
N ALA A 15 -11.70 7.44 15.39
CA ALA A 15 -13.03 7.34 15.93
C ALA A 15 -13.12 6.29 17.01
N THR A 16 -12.51 5.16 16.78
CA THR A 16 -12.68 4.03 17.66
C THR A 16 -11.48 3.83 18.54
N GLY A 17 -10.40 4.43 18.14
CA GLY A 17 -9.17 4.25 18.79
C GLY A 17 -8.61 2.89 18.47
N HIS A 18 -9.19 2.22 17.47
CA HIS A 18 -8.71 0.93 17.06
C HIS A 18 -7.46 1.04 16.23
N LEU A 19 -6.39 0.54 16.76
CA LEU A 19 -5.13 0.43 16.09
C LEU A 19 -5.19 -0.72 15.08
N PHE A 20 -4.74 -0.43 13.92
CA PHE A 20 -4.66 -1.34 12.82
C PHE A 20 -3.21 -1.65 12.59
N ASP A 21 -2.91 -2.82 12.09
CA ASP A 21 -1.52 -3.25 11.96
C ASP A 21 -1.32 -3.96 10.65
N LEU A 22 -0.26 -3.64 9.95
CA LEU A 22 0.06 -4.32 8.73
C LEU A 22 1.41 -4.99 8.87
N ASN A 23 1.92 -5.01 10.09
CA ASN A 23 3.27 -5.54 10.34
C ASN A 23 3.38 -7.03 10.06
N SER A 24 2.25 -7.72 10.11
CA SER A 24 2.22 -9.13 9.77
C SER A 24 2.43 -9.34 8.26
N LEU A 25 2.31 -8.28 7.47
CA LEU A 25 2.55 -8.34 6.05
C LEU A 25 4.00 -8.06 5.73
N LYS A 26 4.79 -7.85 6.75
CA LYS A 26 6.21 -7.64 6.56
C LYS A 26 6.87 -8.96 6.46
N ASN A 27 7.14 -9.35 5.27
CA ASN A 27 7.78 -10.56 5.00
C ASN A 27 8.60 -10.34 3.76
N ASP A 28 9.64 -11.08 3.65
CA ASP A 28 10.63 -10.96 2.58
C ASP A 28 10.09 -11.50 1.29
N SER A 29 9.11 -12.38 1.38
CA SER A 29 8.51 -13.03 0.23
C SER A 29 8.02 -11.98 -0.75
N GLY A 30 7.33 -10.99 -0.24
CA GLY A 30 6.90 -9.93 -1.07
C GLY A 30 5.65 -10.22 -1.81
N TYR A 31 5.16 -9.21 -2.46
CA TYR A 31 3.88 -9.26 -3.14
C TYR A 31 4.04 -8.83 -4.59
N SER A 32 2.97 -8.94 -5.32
CA SER A 32 2.90 -8.61 -6.72
C SER A 32 1.49 -8.22 -7.15
N VAL A 33 1.42 -7.33 -8.11
CA VAL A 33 0.18 -6.82 -8.63
C VAL A 33 0.27 -6.79 -10.13
N ALA A 34 -0.19 -7.84 -10.73
CA ALA A 34 -0.24 -7.98 -12.17
C ALA A 34 -0.90 -6.77 -12.83
N TYR A 35 -0.19 -6.17 -13.71
CA TYR A 35 -0.64 -5.01 -14.40
C TYR A 35 -1.34 -5.52 -15.64
N SER A 36 -2.41 -4.90 -16.00
CA SER A 36 -3.25 -5.29 -17.12
C SER A 36 -2.50 -5.36 -18.49
N GLU A 37 -1.32 -4.73 -18.58
CA GLU A 37 -0.54 -4.73 -19.81
C GLU A 37 0.04 -6.11 -20.14
N LYS A 38 1.12 -6.47 -19.46
CA LYS A 38 1.88 -7.68 -19.71
C LYS A 38 2.94 -7.90 -18.63
N GLY A 39 2.71 -7.32 -17.50
CA GLY A 39 3.64 -7.43 -16.42
C GLY A 39 2.93 -7.26 -15.13
N LEU A 40 3.64 -7.00 -14.09
CA LEU A 40 3.08 -6.77 -12.80
C LEU A 40 3.86 -5.70 -12.06
N ILE A 41 3.39 -5.37 -10.89
CA ILE A 41 4.05 -4.43 -10.02
C ILE A 41 4.32 -5.14 -8.69
N TYR A 42 5.56 -5.25 -8.31
CA TYR A 42 5.92 -5.93 -7.09
C TYR A 42 5.71 -4.99 -5.91
N ILE A 43 5.33 -5.55 -4.78
CA ILE A 43 5.05 -4.77 -3.60
C ILE A 43 5.72 -5.35 -2.34
N GLY A 44 6.17 -4.45 -1.50
CA GLY A 44 6.61 -4.75 -0.18
C GLY A 44 5.81 -3.89 0.76
N ILE A 45 5.49 -4.39 1.90
CA ILE A 45 4.64 -3.67 2.85
C ILE A 45 5.44 -3.30 4.07
N CYS A 46 5.92 -2.02 4.10
CA CYS A 46 6.64 -1.42 5.24
C CYS A 46 7.85 -2.26 5.66
N GLY A 47 8.29 -3.09 4.75
CA GLY A 47 9.33 -4.02 4.99
C GLY A 47 10.01 -4.41 3.73
N GLY A 48 11.14 -5.07 3.88
CA GLY A 48 11.93 -5.47 2.77
C GLY A 48 11.44 -6.72 2.15
N THR A 49 11.50 -6.75 0.87
CA THR A 49 11.10 -7.86 0.10
C THR A 49 12.18 -8.24 -0.87
N LYS A 50 12.07 -9.39 -1.45
CA LYS A 50 12.95 -9.85 -2.46
C LYS A 50 12.38 -9.45 -3.83
N ASN A 51 11.12 -9.02 -3.83
CA ASN A 51 10.42 -8.63 -5.04
C ASN A 51 10.74 -7.20 -5.40
N CYS A 52 11.11 -6.44 -4.41
CA CYS A 52 11.52 -5.06 -4.57
C CYS A 52 12.74 -4.80 -3.74
N PRO A 53 13.67 -3.96 -4.21
CA PRO A 53 14.87 -3.61 -3.48
C PRO A 53 14.61 -3.08 -2.08
N SER A 54 15.53 -3.31 -1.20
CA SER A 54 15.49 -2.75 0.11
C SER A 54 15.55 -1.22 0.00
N GLY A 55 14.54 -0.56 0.50
CA GLY A 55 14.43 0.86 0.36
C GLY A 55 13.35 1.20 -0.64
N VAL A 56 12.91 0.19 -1.34
CA VAL A 56 11.88 0.31 -2.32
C VAL A 56 10.66 -0.44 -1.82
N GLY A 57 9.58 0.27 -1.68
CA GLY A 57 8.38 -0.32 -1.19
C GLY A 57 7.59 -0.94 -2.31
N VAL A 58 7.57 -0.27 -3.43
CA VAL A 58 6.84 -0.72 -4.61
C VAL A 58 7.69 -0.54 -5.83
N CYS A 59 7.66 -1.49 -6.72
CA CYS A 59 8.45 -1.42 -7.92
C CYS A 59 7.80 -2.18 -9.09
N PHE A 60 7.80 -1.59 -10.26
CA PHE A 60 7.31 -2.25 -11.45
C PHE A 60 8.17 -3.45 -11.74
N GLY A 61 7.55 -4.48 -12.18
CA GLY A 61 8.19 -5.74 -12.33
C GLY A 61 8.83 -5.91 -13.65
N LEU A 62 8.40 -5.11 -14.61
CA LEU A 62 8.88 -5.15 -15.92
C LEU A 62 10.37 -4.94 -15.95
N THR A 63 10.76 -3.74 -15.63
CA THR A 63 12.13 -3.38 -15.72
C THR A 63 12.63 -2.87 -14.37
N LYS A 64 11.88 -3.21 -13.30
CA LYS A 64 12.20 -2.79 -11.92
C LYS A 64 12.22 -1.29 -11.76
N ILE A 65 11.05 -0.71 -11.86
CA ILE A 65 10.86 0.71 -11.70
C ILE A 65 10.25 0.99 -10.36
N ASN A 66 11.08 1.35 -9.43
CA ASN A 66 10.68 1.77 -8.09
C ASN A 66 9.46 2.76 -8.14
N ALA A 67 8.30 2.22 -7.90
CA ALA A 67 7.04 2.95 -8.02
C ALA A 67 6.60 3.50 -6.69
N GLY A 68 7.48 3.46 -5.76
CA GLY A 68 7.23 3.95 -4.44
C GLY A 68 8.30 3.45 -3.54
N SER A 69 8.84 4.30 -2.76
CA SER A 69 9.93 3.89 -1.92
C SER A 69 9.41 3.50 -0.57
N TRP A 70 10.18 2.67 0.11
CA TRP A 70 9.89 2.14 1.46
C TRP A 70 9.27 3.18 2.39
N ASN A 71 8.10 2.86 2.90
CA ASN A 71 7.44 3.69 3.86
C ASN A 71 6.71 2.82 4.80
N SER A 72 6.46 3.35 5.94
CA SER A 72 5.69 2.71 6.95
C SER A 72 4.58 3.66 7.37
N GLN A 73 4.42 4.71 6.56
CA GLN A 73 3.43 5.77 6.75
C GLN A 73 2.04 5.20 6.52
N LEU A 74 1.42 4.80 7.59
CA LEU A 74 0.11 4.24 7.52
C LEU A 74 -0.93 5.17 8.07
N MET A 75 -1.97 5.33 7.31
CA MET A 75 -3.08 6.18 7.68
C MET A 75 -4.37 5.43 7.52
N TYR A 76 -5.45 6.05 7.91
CA TYR A 76 -6.77 5.45 7.83
C TYR A 76 -7.70 6.49 7.26
N VAL A 77 -7.80 6.47 5.98
CA VAL A 77 -8.48 7.47 5.21
C VAL A 77 -9.55 6.79 4.32
N ASP A 78 -10.79 7.24 4.51
CA ASP A 78 -11.96 6.69 3.82
C ASP A 78 -12.21 5.25 4.18
N GLN A 79 -11.99 4.94 5.46
CA GLN A 79 -12.16 3.57 6.01
C GLN A 79 -11.12 2.63 5.44
N VAL A 80 -10.14 3.20 4.83
CA VAL A 80 -9.09 2.48 4.21
C VAL A 80 -7.74 2.83 4.82
N LEU A 81 -6.99 1.82 5.17
CA LEU A 81 -5.65 1.98 5.67
C LEU A 81 -4.83 2.29 4.46
N GLN A 82 -3.99 3.23 4.50
CA GLN A 82 -3.30 3.58 3.30
C GLN A 82 -1.86 3.87 3.56
N LEU A 83 -1.03 3.26 2.76
CA LEU A 83 0.39 3.49 2.79
C LEU A 83 0.75 4.28 1.55
N VAL A 84 1.38 5.41 1.74
CA VAL A 84 1.79 6.23 0.63
C VAL A 84 3.29 6.16 0.47
N TYR A 85 3.71 5.31 -0.39
CA TYR A 85 5.11 5.14 -0.71
C TYR A 85 5.49 6.23 -1.69
N ASP A 86 5.91 7.35 -1.18
CA ASP A 86 6.22 8.51 -2.00
C ASP A 86 7.69 8.57 -2.30
N ASP A 87 8.03 9.45 -3.21
CA ASP A 87 9.40 9.67 -3.68
C ASP A 87 10.03 8.37 -4.15
N GLY A 88 9.42 7.79 -5.15
CA GLY A 88 9.95 6.58 -5.73
C GLY A 88 10.96 6.90 -6.81
N ALA A 89 10.95 6.14 -7.86
CA ALA A 89 11.86 6.33 -8.95
C ALA A 89 11.27 7.37 -9.88
N PRO A 90 12.05 7.93 -10.81
CA PRO A 90 11.54 8.90 -11.74
C PRO A 90 10.48 8.26 -12.62
N CYS A 91 9.40 8.95 -12.80
CA CYS A 91 8.28 8.46 -13.55
C CYS A 91 8.43 8.85 -15.01
N PRO A 92 8.77 7.89 -15.88
CA PRO A 92 8.92 8.13 -17.32
C PRO A 92 7.59 8.12 -18.04
N SER A 93 6.54 7.81 -17.29
CA SER A 93 5.21 7.80 -17.80
C SER A 93 4.78 9.24 -18.08
N LYS A 94 4.97 10.10 -17.09
CA LYS A 94 4.59 11.49 -17.20
C LYS A 94 5.81 12.40 -17.22
N ASN A 95 6.96 11.79 -16.98
CA ASN A 95 8.31 12.41 -17.02
C ASN A 95 8.61 13.32 -15.85
N ALA A 96 7.75 14.25 -15.64
CA ALA A 96 7.93 15.31 -14.66
C ALA A 96 8.04 14.82 -13.22
N LEU A 97 7.28 13.83 -12.85
CA LEU A 97 7.26 13.44 -11.43
C LEU A 97 7.97 12.14 -11.18
N LYS A 98 7.93 11.73 -9.93
CA LYS A 98 8.45 10.47 -9.48
C LYS A 98 7.27 9.57 -9.28
N TYR A 99 7.50 8.31 -9.15
CA TYR A 99 6.43 7.42 -8.82
C TYR A 99 6.15 7.45 -7.34
N LYS A 100 4.95 7.17 -6.99
CA LYS A 100 4.58 7.01 -5.64
C LYS A 100 3.43 6.07 -5.62
N SER A 101 3.21 5.48 -4.53
CA SER A 101 2.26 4.45 -4.42
C SER A 101 1.31 4.71 -3.29
N VAL A 102 0.09 4.34 -3.48
CA VAL A 102 -0.95 4.46 -2.50
C VAL A 102 -1.71 3.17 -2.40
N ILE A 103 -1.27 2.35 -1.53
CA ILE A 103 -1.87 1.08 -1.33
C ILE A 103 -3.00 1.25 -0.34
N SER A 104 -4.19 1.13 -0.85
CA SER A 104 -5.37 1.28 -0.11
C SER A 104 -5.81 -0.08 0.45
N PHE A 105 -5.82 -0.18 1.75
CA PHE A 105 -6.15 -1.39 2.45
C PHE A 105 -7.59 -1.38 2.82
N VAL A 106 -8.27 -2.23 2.19
CA VAL A 106 -9.66 -2.40 2.29
C VAL A 106 -9.95 -3.67 3.06
N CYS A 107 -10.76 -3.54 4.06
CA CYS A 107 -11.19 -4.63 4.91
C CYS A 107 -11.72 -5.81 4.09
N THR A 108 -11.24 -6.99 4.39
CA THR A 108 -11.76 -8.17 3.76
C THR A 108 -12.12 -9.20 4.84
N HIS A 109 -13.20 -9.92 4.60
CA HIS A 109 -13.80 -10.89 5.55
C HIS A 109 -12.86 -12.10 5.84
N ASP A 110 -11.67 -12.09 5.26
CA ASP A 110 -10.67 -13.15 5.45
C ASP A 110 -10.08 -13.05 6.86
N SER A 111 -9.07 -13.81 7.18
CA SER A 111 -8.49 -13.73 8.49
C SER A 111 -6.96 -13.66 8.41
N GLY A 112 -6.44 -12.44 8.53
CA GLY A 112 -5.01 -12.20 8.43
C GLY A 112 -4.44 -12.63 7.10
N ALA A 113 -4.93 -12.01 6.07
CA ALA A 113 -4.54 -12.35 4.73
C ALA A 113 -4.11 -11.11 3.99
N ASN A 114 -3.62 -11.29 2.80
CA ASN A 114 -3.29 -10.19 1.95
C ASN A 114 -4.33 -10.17 0.88
N ASN A 115 -5.00 -11.34 0.73
CA ASN A 115 -6.11 -11.60 -0.18
C ASN A 115 -5.71 -11.40 -1.60
N LYS A 116 -5.60 -10.19 -1.95
CA LYS A 116 -5.29 -9.76 -3.28
C LYS A 116 -5.04 -8.25 -3.34
N PRO A 117 -3.86 -7.85 -3.80
CA PRO A 117 -3.60 -6.49 -4.16
C PRO A 117 -3.89 -6.27 -5.66
N VAL A 118 -4.79 -5.38 -5.94
CA VAL A 118 -5.25 -5.12 -7.30
C VAL A 118 -4.86 -3.70 -7.69
N PHE A 119 -4.39 -3.51 -8.90
CA PHE A 119 -4.13 -2.21 -9.40
C PHE A 119 -5.44 -1.61 -9.84
N VAL A 120 -5.85 -0.60 -9.15
CA VAL A 120 -7.09 0.05 -9.47
C VAL A 120 -6.88 1.19 -10.46
N SER A 121 -6.01 2.10 -10.13
CA SER A 121 -5.88 3.28 -10.95
C SER A 121 -4.47 3.83 -10.89
N LEU A 122 -4.01 4.36 -11.99
CA LEU A 122 -2.78 5.07 -12.03
C LEU A 122 -3.16 6.51 -12.15
N ASP A 123 -2.56 7.29 -11.36
CA ASP A 123 -2.80 8.69 -11.36
C ASP A 123 -1.80 9.28 -12.24
N LYS A 124 -2.23 9.70 -13.34
CA LYS A 124 -1.36 10.16 -14.38
C LYS A 124 -1.07 11.64 -14.22
N GLN A 125 -1.52 12.20 -13.14
CA GLN A 125 -1.27 13.59 -12.89
C GLN A 125 -0.02 13.69 -12.02
N THR A 126 0.09 12.78 -11.08
CA THR A 126 1.20 12.81 -10.15
C THR A 126 1.92 11.45 -10.02
N CYS A 127 1.71 10.58 -11.02
CA CYS A 127 2.33 9.24 -11.10
C CYS A 127 2.08 8.44 -9.83
N THR A 128 0.83 8.32 -9.49
CA THR A 128 0.42 7.69 -8.25
C THR A 128 -0.19 6.32 -8.50
N LEU A 129 0.50 5.31 -8.05
CA LEU A 129 0.09 3.92 -8.16
C LEU A 129 -0.97 3.60 -7.11
N TYR A 130 -2.22 3.62 -7.48
CA TYR A 130 -3.28 3.27 -6.56
C TYR A 130 -3.48 1.79 -6.55
N PHE A 131 -3.31 1.21 -5.40
CA PHE A 131 -3.52 -0.20 -5.24
C PHE A 131 -4.66 -0.45 -4.32
N SER A 132 -5.44 -1.42 -4.62
CA SER A 132 -6.50 -1.84 -3.77
C SER A 132 -6.12 -3.16 -3.16
N TRP A 133 -6.01 -3.18 -1.87
CA TRP A 133 -5.58 -4.33 -1.16
C TRP A 133 -6.68 -4.75 -0.25
N HIS A 134 -7.06 -5.96 -0.33
CA HIS A 134 -8.08 -6.47 0.54
C HIS A 134 -7.41 -7.13 1.73
N THR A 135 -7.51 -6.55 2.88
CA THR A 135 -6.86 -7.12 4.02
C THR A 135 -7.77 -7.10 5.27
N PRO A 136 -7.77 -8.21 6.02
CA PRO A 136 -8.53 -8.36 7.30
C PRO A 136 -7.94 -7.48 8.39
N LEU A 137 -6.79 -6.95 8.09
CA LEU A 137 -6.04 -6.09 8.96
C LEU A 137 -6.64 -4.72 8.91
N ALA A 138 -7.36 -4.47 7.82
CA ALA A 138 -8.05 -3.23 7.62
C ALA A 138 -9.43 -3.36 8.23
N CYS A 139 -9.71 -4.54 8.72
CA CYS A 139 -10.99 -4.80 9.33
C CYS A 139 -11.02 -4.40 10.78
N GLU A 140 -11.96 -3.59 11.10
CA GLU A 140 -12.20 -3.16 12.42
C GLU A 140 -13.43 -3.87 12.90
N LYS A 141 -13.41 -4.30 14.12
CA LYS A 141 -14.55 -5.00 14.71
C LYS A 141 -15.41 -4.01 15.43
N GLU A 142 -14.81 -2.88 15.71
CA GLU A 142 -15.50 -1.77 16.29
C GLU A 142 -16.13 -1.03 15.13
N GLU A 143 -17.03 -0.16 15.41
CA GLU A 143 -17.58 0.64 14.38
C GLU A 143 -17.96 2.00 14.90
N PRO A 144 -17.62 3.02 14.15
CA PRO A 144 -18.00 4.37 14.44
C PRO A 144 -19.36 4.67 13.79
N ARG A 145 -19.70 5.93 13.66
CA ARG A 145 -20.99 6.33 13.05
C ARG A 145 -21.06 5.92 11.55
N HIS A 146 -19.90 5.71 10.93
CA HIS A 146 -19.83 5.28 9.53
C HIS A 146 -18.89 4.10 9.39
N HIS A 147 -19.44 2.93 9.26
CA HIS A 147 -18.65 1.73 9.05
C HIS A 147 -19.28 0.92 7.93
N MET A 1 -8.88 12.63 18.29
CA MET A 1 -8.39 11.41 17.65
C MET A 1 -8.43 11.57 16.14
N LYS A 2 -7.27 11.47 15.52
CA LYS A 2 -7.16 11.55 14.08
C LYS A 2 -6.57 10.25 13.57
N SER A 3 -6.32 10.19 12.29
CA SER A 3 -5.69 9.04 11.73
C SER A 3 -4.25 9.02 12.19
N ASN A 4 -3.96 8.15 13.11
CA ASN A 4 -2.66 8.13 13.75
C ASN A 4 -1.63 7.44 12.90
N ILE A 5 -1.11 8.19 11.95
CA ILE A 5 -0.05 7.76 11.08
C ILE A 5 1.27 7.71 11.85
N GLN A 6 1.74 6.54 12.12
CA GLN A 6 2.99 6.38 12.80
C GLN A 6 3.87 5.46 11.98
N ASP A 7 5.18 5.61 12.12
CA ASP A 7 6.18 4.88 11.30
C ASP A 7 6.39 3.46 11.79
N ASN A 8 5.46 2.95 12.53
CA ASN A 8 5.56 1.58 13.03
C ASN A 8 4.64 0.71 12.18
N CYS A 9 4.19 1.30 11.06
CA CYS A 9 3.31 0.63 10.09
C CYS A 9 2.00 0.29 10.79
N GLN A 10 1.51 1.27 11.52
CA GLN A 10 0.32 1.12 12.29
C GLN A 10 -0.45 2.45 12.26
N VAL A 11 -1.75 2.38 12.41
CA VAL A 11 -2.58 3.55 12.47
C VAL A 11 -3.71 3.35 13.47
N THR A 12 -3.87 4.26 14.38
CA THR A 12 -4.93 4.16 15.34
C THR A 12 -6.15 4.88 14.76
N ASN A 13 -7.26 4.18 14.72
CA ASN A 13 -8.54 4.69 14.21
C ASN A 13 -9.00 5.91 14.99
N PRO A 14 -9.20 7.03 14.29
CA PRO A 14 -9.74 8.26 14.89
C PRO A 14 -11.11 8.06 15.57
N ALA A 15 -11.83 7.01 15.23
CA ALA A 15 -13.15 6.82 15.74
C ALA A 15 -13.18 5.84 16.90
N THR A 16 -12.39 4.79 16.82
CA THR A 16 -12.49 3.73 17.81
C THR A 16 -11.28 3.66 18.69
N GLY A 17 -10.21 4.22 18.20
CA GLY A 17 -8.96 4.13 18.88
C GLY A 17 -8.31 2.80 18.66
N HIS A 18 -8.90 2.01 17.78
CA HIS A 18 -8.36 0.72 17.40
C HIS A 18 -7.17 0.88 16.47
N LEU A 19 -6.04 0.45 16.94
CA LEU A 19 -4.81 0.43 16.22
C LEU A 19 -4.86 -0.62 15.10
N PHE A 20 -4.40 -0.21 13.97
CA PHE A 20 -4.31 -1.00 12.77
C PHE A 20 -2.87 -1.31 12.50
N ASP A 21 -2.60 -2.40 11.86
CA ASP A 21 -1.27 -2.88 11.70
C ASP A 21 -1.11 -3.60 10.39
N LEU A 22 -0.05 -3.30 9.69
CA LEU A 22 0.28 -3.99 8.47
C LEU A 22 1.57 -4.76 8.61
N ASN A 23 2.06 -4.84 9.83
CA ASN A 23 3.33 -5.56 10.09
C ASN A 23 3.18 -7.03 9.84
N SER A 24 1.94 -7.49 9.85
CA SER A 24 1.62 -8.86 9.51
C SER A 24 1.96 -9.16 8.04
N LEU A 25 2.02 -8.12 7.22
CA LEU A 25 2.28 -8.26 5.81
C LEU A 25 3.76 -7.97 5.50
N LYS A 26 4.56 -7.82 6.54
CA LYS A 26 5.93 -7.62 6.37
C LYS A 26 6.60 -8.97 6.22
N ASN A 27 6.69 -9.41 5.00
CA ASN A 27 7.24 -10.68 4.67
C ASN A 27 8.24 -10.55 3.59
N ASP A 28 9.26 -11.32 3.74
CA ASP A 28 10.42 -11.39 2.87
C ASP A 28 10.05 -11.79 1.46
N SER A 29 9.09 -12.69 1.37
CA SER A 29 8.54 -13.17 0.11
C SER A 29 8.14 -12.01 -0.76
N GLY A 30 7.29 -11.19 -0.23
CA GLY A 30 6.86 -10.06 -0.95
C GLY A 30 5.58 -10.26 -1.68
N TYR A 31 5.15 -9.22 -2.29
CA TYR A 31 3.88 -9.17 -2.97
C TYR A 31 4.08 -8.71 -4.40
N SER A 32 3.08 -8.92 -5.20
CA SER A 32 3.06 -8.56 -6.60
C SER A 32 1.66 -8.18 -7.04
N VAL A 33 1.57 -7.35 -8.05
CA VAL A 33 0.33 -6.83 -8.57
C VAL A 33 0.46 -6.66 -10.07
N ALA A 34 0.05 -7.65 -10.81
CA ALA A 34 0.02 -7.60 -12.29
C ALA A 34 -0.49 -6.26 -12.83
N TYR A 35 0.35 -5.65 -13.61
CA TYR A 35 0.10 -4.35 -14.18
C TYR A 35 -0.55 -4.53 -15.55
N SER A 36 -1.30 -3.54 -15.97
CA SER A 36 -2.11 -3.59 -17.17
C SER A 36 -1.28 -3.76 -18.47
N GLU A 37 -0.07 -3.23 -18.50
CA GLU A 37 0.76 -3.29 -19.71
C GLU A 37 1.35 -4.68 -19.98
N LYS A 38 2.52 -4.92 -19.46
CA LYS A 38 3.23 -6.15 -19.76
C LYS A 38 4.15 -6.58 -18.62
N GLY A 39 3.75 -6.25 -17.42
CA GLY A 39 4.47 -6.63 -16.26
C GLY A 39 3.58 -6.61 -15.08
N LEU A 40 4.14 -6.72 -13.93
CA LEU A 40 3.46 -6.61 -12.70
C LEU A 40 4.16 -5.55 -11.86
N ILE A 41 3.63 -5.27 -10.74
CA ILE A 41 4.21 -4.34 -9.82
C ILE A 41 4.40 -5.05 -8.49
N TYR A 42 5.62 -5.20 -8.08
CA TYR A 42 5.91 -5.88 -6.84
C TYR A 42 5.68 -4.93 -5.68
N ILE A 43 5.31 -5.46 -4.55
CA ILE A 43 5.02 -4.67 -3.39
C ILE A 43 5.68 -5.25 -2.13
N GLY A 44 6.27 -4.38 -1.36
CA GLY A 44 6.75 -4.70 -0.06
C GLY A 44 6.00 -3.83 0.93
N ILE A 45 5.46 -4.44 1.94
CA ILE A 45 4.62 -3.70 2.89
C ILE A 45 5.43 -3.32 4.12
N CYS A 46 5.93 -2.07 4.14
CA CYS A 46 6.70 -1.51 5.27
C CYS A 46 8.00 -2.27 5.53
N GLY A 47 8.38 -3.13 4.61
CA GLY A 47 9.52 -3.96 4.84
C GLY A 47 10.16 -4.41 3.56
N GLY A 48 11.31 -5.00 3.70
CA GLY A 48 12.08 -5.44 2.57
C GLY A 48 11.63 -6.76 2.06
N THR A 49 11.59 -6.85 0.78
CA THR A 49 11.23 -8.02 0.09
C THR A 49 12.29 -8.36 -0.92
N LYS A 50 12.24 -9.54 -1.42
CA LYS A 50 13.12 -9.95 -2.46
C LYS A 50 12.51 -9.57 -3.82
N ASN A 51 11.25 -9.13 -3.78
CA ASN A 51 10.54 -8.73 -4.99
C ASN A 51 10.80 -7.26 -5.30
N CYS A 52 11.13 -6.49 -4.28
CA CYS A 52 11.50 -5.08 -4.42
C CYS A 52 12.68 -4.77 -3.54
N PRO A 53 13.60 -3.92 -3.99
CA PRO A 53 14.78 -3.53 -3.22
C PRO A 53 14.46 -2.97 -1.84
N SER A 54 15.32 -3.20 -0.90
CA SER A 54 15.21 -2.58 0.40
C SER A 54 15.40 -1.07 0.23
N GLY A 55 14.36 -0.34 0.51
CA GLY A 55 14.35 1.08 0.28
C GLY A 55 13.27 1.39 -0.73
N VAL A 56 12.82 0.36 -1.38
CA VAL A 56 11.78 0.41 -2.35
C VAL A 56 10.58 -0.33 -1.80
N GLY A 57 9.50 0.37 -1.67
CA GLY A 57 8.31 -0.23 -1.14
C GLY A 57 7.50 -0.87 -2.21
N VAL A 58 7.45 -0.24 -3.33
CA VAL A 58 6.71 -0.73 -4.49
C VAL A 58 7.55 -0.56 -5.73
N CYS A 59 7.55 -1.54 -6.60
CA CYS A 59 8.36 -1.42 -7.80
C CYS A 59 7.78 -2.20 -8.98
N PHE A 60 7.77 -1.59 -10.16
CA PHE A 60 7.33 -2.27 -11.37
C PHE A 60 8.32 -3.35 -11.69
N GLY A 61 7.82 -4.52 -11.90
CA GLY A 61 8.62 -5.70 -12.15
C GLY A 61 9.17 -5.74 -13.53
N LEU A 62 8.85 -4.71 -14.29
CA LEU A 62 9.34 -4.50 -15.64
C LEU A 62 10.87 -4.55 -15.60
N THR A 63 11.42 -3.89 -14.60
CA THR A 63 12.85 -3.90 -14.38
C THR A 63 13.14 -3.27 -13.00
N LYS A 64 12.20 -3.47 -12.07
CA LYS A 64 12.25 -2.90 -10.72
C LYS A 64 12.28 -1.40 -10.74
N ILE A 65 11.20 -0.86 -11.25
CA ILE A 65 10.98 0.57 -11.32
C ILE A 65 10.26 0.96 -10.09
N ASN A 66 10.99 1.44 -9.13
CA ASN A 66 10.46 1.87 -7.85
C ASN A 66 9.25 2.81 -8.03
N ALA A 67 8.11 2.31 -7.71
CA ALA A 67 6.89 3.04 -7.85
C ALA A 67 6.46 3.64 -6.53
N GLY A 68 7.37 3.66 -5.61
CA GLY A 68 7.11 4.22 -4.30
C GLY A 68 8.08 3.66 -3.30
N SER A 69 8.78 4.51 -2.61
CA SER A 69 9.82 4.04 -1.73
C SER A 69 9.28 3.59 -0.38
N TRP A 70 10.04 2.69 0.23
CA TRP A 70 9.79 2.10 1.57
C TRP A 70 9.26 3.09 2.58
N ASN A 71 8.12 2.82 3.14
CA ASN A 71 7.56 3.61 4.22
C ASN A 71 6.81 2.71 5.13
N SER A 72 6.56 3.19 6.29
CA SER A 72 5.73 2.53 7.26
C SER A 72 4.65 3.54 7.66
N GLN A 73 4.45 4.50 6.76
CA GLN A 73 3.50 5.59 6.88
C GLN A 73 2.10 5.07 6.64
N LEU A 74 1.51 4.55 7.66
CA LEU A 74 0.20 3.99 7.56
C LEU A 74 -0.83 4.93 8.10
N MET A 75 -1.94 4.98 7.43
CA MET A 75 -3.04 5.83 7.80
C MET A 75 -4.33 5.09 7.62
N TYR A 76 -5.34 5.61 8.20
CA TYR A 76 -6.68 5.08 8.13
C TYR A 76 -7.53 6.21 7.65
N VAL A 77 -7.85 6.15 6.43
CA VAL A 77 -8.52 7.20 5.74
C VAL A 77 -9.62 6.61 4.85
N ASP A 78 -10.85 7.03 5.13
CA ASP A 78 -12.07 6.57 4.44
C ASP A 78 -12.31 5.11 4.69
N GLN A 79 -12.01 4.70 5.92
CA GLN A 79 -12.15 3.31 6.38
C GLN A 79 -11.19 2.39 5.64
N VAL A 80 -10.22 2.99 5.03
CA VAL A 80 -9.20 2.32 4.31
C VAL A 80 -7.82 2.64 4.89
N LEU A 81 -7.05 1.63 5.16
CA LEU A 81 -5.68 1.83 5.57
C LEU A 81 -4.92 2.20 4.34
N GLN A 82 -4.07 3.14 4.42
CA GLN A 82 -3.41 3.54 3.23
C GLN A 82 -1.97 3.81 3.47
N LEU A 83 -1.16 3.26 2.62
CA LEU A 83 0.25 3.52 2.63
C LEU A 83 0.56 4.35 1.42
N VAL A 84 1.17 5.48 1.63
CA VAL A 84 1.54 6.33 0.55
C VAL A 84 3.04 6.29 0.40
N TYR A 85 3.47 5.49 -0.50
CA TYR A 85 4.86 5.36 -0.79
C TYR A 85 5.20 6.41 -1.83
N ASP A 86 5.70 7.52 -1.42
CA ASP A 86 6.07 8.59 -2.35
C ASP A 86 7.54 8.47 -2.65
N ASP A 87 8.05 9.43 -3.38
CA ASP A 87 9.43 9.53 -3.85
C ASP A 87 9.94 8.21 -4.39
N GLY A 88 9.30 7.72 -5.40
CA GLY A 88 9.75 6.51 -6.02
C GLY A 88 10.84 6.79 -7.02
N ALA A 89 10.82 6.04 -8.07
CA ALA A 89 11.77 6.20 -9.14
C ALA A 89 11.32 7.34 -10.02
N PRO A 90 12.21 7.85 -10.89
CA PRO A 90 11.85 8.89 -11.79
C PRO A 90 10.92 8.36 -12.86
N CYS A 91 9.79 8.97 -12.96
CA CYS A 91 8.80 8.64 -13.93
C CYS A 91 8.96 9.56 -15.11
N PRO A 92 9.49 9.06 -16.23
CA PRO A 92 9.51 9.78 -17.49
C PRO A 92 8.45 9.22 -18.43
N SER A 93 7.72 8.30 -17.91
CA SER A 93 6.82 7.50 -18.63
C SER A 93 5.42 8.12 -18.73
N LYS A 94 4.77 8.30 -17.60
CA LYS A 94 3.41 8.80 -17.62
C LYS A 94 3.40 10.30 -17.71
N ASN A 95 4.28 10.86 -16.96
CA ASN A 95 4.54 12.26 -16.97
C ASN A 95 5.98 12.31 -16.56
N ALA A 96 6.44 13.39 -16.05
CA ALA A 96 7.82 13.51 -15.68
C ALA A 96 7.98 13.76 -14.18
N LEU A 97 7.18 13.06 -13.40
CA LEU A 97 7.26 13.15 -11.93
C LEU A 97 7.97 11.95 -11.37
N LYS A 98 7.89 11.74 -10.10
CA LYS A 98 8.39 10.54 -9.51
C LYS A 98 7.21 9.64 -9.28
N TYR A 99 7.44 8.37 -9.25
CA TYR A 99 6.35 7.46 -8.96
C TYR A 99 6.00 7.51 -7.49
N LYS A 100 4.76 7.29 -7.21
CA LYS A 100 4.32 7.13 -5.86
C LYS A 100 3.21 6.13 -5.85
N SER A 101 2.96 5.58 -4.74
CA SER A 101 2.05 4.50 -4.62
C SER A 101 1.07 4.76 -3.50
N VAL A 102 -0.16 4.44 -3.75
CA VAL A 102 -1.23 4.59 -2.79
C VAL A 102 -2.02 3.30 -2.68
N ILE A 103 -1.57 2.49 -1.79
CA ILE A 103 -2.16 1.20 -1.55
C ILE A 103 -3.29 1.37 -0.55
N SER A 104 -4.50 1.24 -1.03
CA SER A 104 -5.66 1.34 -0.21
C SER A 104 -6.05 -0.04 0.33
N PHE A 105 -6.00 -0.16 1.62
CA PHE A 105 -6.30 -1.37 2.33
C PHE A 105 -7.73 -1.37 2.74
N VAL A 106 -8.42 -2.20 2.10
CA VAL A 106 -9.82 -2.34 2.20
C VAL A 106 -10.16 -3.61 2.95
N CYS A 107 -10.95 -3.45 3.97
CA CYS A 107 -11.39 -4.54 4.85
C CYS A 107 -11.97 -5.73 4.10
N THR A 108 -11.41 -6.89 4.37
CA THR A 108 -11.94 -8.13 3.82
C THR A 108 -12.19 -9.11 4.98
N HIS A 109 -13.24 -9.89 4.90
CA HIS A 109 -13.68 -10.84 5.97
C HIS A 109 -12.67 -11.96 6.29
N ASP A 110 -11.54 -11.95 5.63
CA ASP A 110 -10.47 -12.95 5.82
C ASP A 110 -9.75 -12.70 7.17
N SER A 111 -8.57 -13.25 7.36
CA SER A 111 -7.82 -13.02 8.59
C SER A 111 -6.34 -12.67 8.31
N GLY A 112 -5.97 -11.38 8.52
CA GLY A 112 -4.61 -10.84 8.33
C GLY A 112 -3.90 -11.36 7.09
N ALA A 113 -4.57 -11.23 5.99
CA ALA A 113 -4.10 -11.76 4.73
C ALA A 113 -3.90 -10.64 3.73
N ASN A 114 -3.45 -10.98 2.53
CA ASN A 114 -3.32 -9.99 1.49
C ASN A 114 -4.53 -10.06 0.65
N ASN A 115 -5.12 -11.28 0.64
CA ASN A 115 -6.30 -11.69 -0.12
C ASN A 115 -6.11 -11.53 -1.60
N LYS A 116 -6.00 -10.33 -2.00
CA LYS A 116 -5.88 -9.96 -3.37
C LYS A 116 -5.52 -8.48 -3.52
N PRO A 117 -4.27 -8.19 -3.89
CA PRO A 117 -3.85 -6.85 -4.27
C PRO A 117 -4.18 -6.61 -5.76
N VAL A 118 -4.97 -5.60 -6.00
CA VAL A 118 -5.46 -5.30 -7.33
C VAL A 118 -4.97 -3.92 -7.74
N PHE A 119 -4.43 -3.82 -8.92
CA PHE A 119 -4.09 -2.55 -9.47
C PHE A 119 -5.34 -1.92 -10.03
N VAL A 120 -5.82 -0.94 -9.35
CA VAL A 120 -7.03 -0.31 -9.74
C VAL A 120 -6.79 0.75 -10.82
N SER A 121 -5.91 1.67 -10.57
CA SER A 121 -5.74 2.75 -11.51
C SER A 121 -4.33 3.30 -11.44
N LEU A 122 -3.87 3.82 -12.54
CA LEU A 122 -2.63 4.50 -12.57
C LEU A 122 -2.91 5.93 -12.87
N ASP A 123 -2.22 6.78 -12.20
CA ASP A 123 -2.40 8.19 -12.39
C ASP A 123 -1.29 8.67 -13.22
N LYS A 124 -1.60 8.95 -14.43
CA LYS A 124 -0.60 9.32 -15.42
C LYS A 124 -0.29 10.78 -15.36
N GLN A 125 -0.88 11.45 -14.43
CA GLN A 125 -0.66 12.85 -14.29
C GLN A 125 0.44 13.06 -13.29
N THR A 126 0.44 12.25 -12.26
CA THR A 126 1.36 12.42 -11.16
C THR A 126 2.16 11.16 -10.89
N CYS A 127 2.02 10.23 -11.81
CA CYS A 127 2.68 8.91 -11.74
C CYS A 127 2.35 8.18 -10.42
N THR A 128 1.06 8.12 -10.13
CA THR A 128 0.57 7.58 -8.86
C THR A 128 -0.08 6.19 -9.05
N LEU A 129 0.55 5.21 -8.46
CA LEU A 129 0.13 3.82 -8.47
C LEU A 129 -0.99 3.58 -7.45
N TYR A 130 -2.21 3.48 -7.91
CA TYR A 130 -3.32 3.20 -7.03
C TYR A 130 -3.50 1.72 -6.87
N PHE A 131 -3.38 1.24 -5.67
CA PHE A 131 -3.56 -0.16 -5.41
C PHE A 131 -4.74 -0.38 -4.52
N SER A 132 -5.46 -1.42 -4.80
CA SER A 132 -6.56 -1.80 -4.00
C SER A 132 -6.19 -3.11 -3.35
N TRP A 133 -6.15 -3.11 -2.07
CA TRP A 133 -5.71 -4.23 -1.33
C TRP A 133 -6.83 -4.62 -0.41
N HIS A 134 -7.29 -5.82 -0.54
CA HIS A 134 -8.33 -6.29 0.31
C HIS A 134 -7.68 -6.97 1.51
N THR A 135 -7.58 -6.28 2.62
CA THR A 135 -6.91 -6.85 3.75
C THR A 135 -7.86 -6.91 4.96
N PRO A 136 -7.84 -8.02 5.67
CA PRO A 136 -8.69 -8.27 6.85
C PRO A 136 -8.32 -7.43 8.03
N LEU A 137 -7.13 -6.96 8.02
CA LEU A 137 -6.63 -6.20 9.10
C LEU A 137 -7.12 -4.78 9.05
N ALA A 138 -7.62 -4.40 7.88
CA ALA A 138 -8.17 -3.06 7.63
C ALA A 138 -9.58 -3.02 8.15
N CYS A 139 -9.98 -4.13 8.64
CA CYS A 139 -11.30 -4.29 9.20
C CYS A 139 -11.45 -3.60 10.56
N GLU A 140 -12.54 -2.89 10.67
CA GLU A 140 -12.89 -2.14 11.82
C GLU A 140 -14.31 -2.52 12.23
N LYS A 141 -14.68 -2.22 13.46
CA LYS A 141 -16.01 -2.50 13.96
C LYS A 141 -17.05 -1.57 13.31
N GLU A 142 -16.55 -0.57 12.60
CA GLU A 142 -17.35 0.31 11.81
C GLU A 142 -17.73 -0.42 10.54
N GLU A 143 -18.89 -0.16 10.03
CA GLU A 143 -19.34 -0.77 8.82
C GLU A 143 -18.89 0.09 7.65
N PRO A 144 -18.42 -0.54 6.57
CA PRO A 144 -17.90 0.16 5.41
C PRO A 144 -18.97 0.92 4.63
N ARG A 145 -18.56 1.56 3.52
CA ARG A 145 -19.47 2.31 2.66
C ARG A 145 -20.61 1.42 2.20
N HIS A 146 -20.27 0.27 1.72
CA HIS A 146 -21.22 -0.74 1.37
C HIS A 146 -21.00 -1.93 2.28
N HIS A 147 -21.86 -2.07 3.25
CA HIS A 147 -21.77 -3.18 4.15
C HIS A 147 -22.77 -4.24 3.72
N MET A 1 -8.88 14.09 17.28
CA MET A 1 -7.86 13.10 17.00
C MET A 1 -7.65 12.97 15.49
N LYS A 2 -6.41 12.87 15.08
CA LYS A 2 -6.06 12.67 13.70
C LYS A 2 -5.86 11.18 13.43
N SER A 3 -5.91 10.82 12.17
CA SER A 3 -5.60 9.49 11.73
C SER A 3 -4.14 9.20 12.08
N ASN A 4 -3.93 8.18 12.90
CA ASN A 4 -2.61 7.85 13.44
C ASN A 4 -1.60 7.38 12.39
N ILE A 5 -1.00 8.32 11.71
CA ILE A 5 0.10 8.06 10.81
C ILE A 5 1.35 7.71 11.63
N GLN A 6 1.41 6.47 12.04
CA GLN A 6 2.48 5.98 12.85
C GLN A 6 3.53 5.38 11.92
N ASP A 7 4.73 5.16 12.42
CA ASP A 7 5.84 4.62 11.63
C ASP A 7 6.11 3.16 12.07
N ASN A 8 5.15 2.59 12.74
CA ASN A 8 5.28 1.21 13.25
C ASN A 8 4.45 0.24 12.42
N CYS A 9 4.13 0.64 11.17
CA CYS A 9 3.30 -0.16 10.22
C CYS A 9 1.92 -0.38 10.82
N GLN A 10 1.44 0.61 11.55
CA GLN A 10 0.21 0.51 12.28
C GLN A 10 -0.50 1.85 12.26
N VAL A 11 -1.82 1.83 12.44
CA VAL A 11 -2.60 3.08 12.44
C VAL A 11 -3.77 2.95 13.39
N THR A 12 -3.94 3.91 14.23
CA THR A 12 -5.03 3.94 15.16
C THR A 12 -6.18 4.75 14.54
N ASN A 13 -7.35 4.16 14.50
CA ASN A 13 -8.57 4.82 14.03
C ASN A 13 -8.86 6.02 14.90
N PRO A 14 -8.97 7.21 14.34
CA PRO A 14 -9.32 8.40 15.10
C PRO A 14 -10.74 8.34 15.74
N ALA A 15 -11.56 7.38 15.32
CA ALA A 15 -12.92 7.30 15.82
C ALA A 15 -13.07 6.25 16.92
N THR A 16 -12.28 5.20 16.86
CA THR A 16 -12.45 4.11 17.83
C THR A 16 -11.23 3.91 18.67
N GLY A 17 -10.13 4.37 18.16
CA GLY A 17 -8.91 4.13 18.81
C GLY A 17 -8.38 2.76 18.49
N HIS A 18 -9.04 2.07 17.56
CA HIS A 18 -8.60 0.77 17.14
C HIS A 18 -7.31 0.86 16.30
N LEU A 19 -6.24 0.34 16.84
CA LEU A 19 -4.99 0.23 16.15
C LEU A 19 -5.07 -0.90 15.11
N PHE A 20 -4.58 -0.61 13.95
CA PHE A 20 -4.54 -1.52 12.83
C PHE A 20 -3.09 -1.88 12.57
N ASP A 21 -2.83 -3.10 12.19
CA ASP A 21 -1.47 -3.58 11.99
C ASP A 21 -1.31 -4.27 10.65
N LEU A 22 -0.26 -3.93 9.95
CA LEU A 22 0.04 -4.57 8.70
C LEU A 22 1.32 -5.40 8.79
N ASN A 23 1.94 -5.43 9.97
CA ASN A 23 3.20 -6.18 10.17
C ASN A 23 2.93 -7.66 10.01
N SER A 24 1.69 -8.00 10.18
CA SER A 24 1.20 -9.36 10.05
C SER A 24 1.37 -9.89 8.60
N LEU A 25 1.65 -9.00 7.64
CA LEU A 25 1.85 -9.38 6.25
C LEU A 25 3.22 -10.03 6.05
N LYS A 26 4.12 -9.77 7.00
CA LYS A 26 5.48 -10.35 7.10
C LYS A 26 6.47 -10.00 5.95
N ASN A 27 5.99 -10.04 4.71
CA ASN A 27 6.74 -9.57 3.51
C ASN A 27 7.89 -10.45 3.06
N ASP A 28 8.13 -11.54 3.74
CA ASP A 28 9.22 -12.46 3.33
C ASP A 28 8.79 -13.27 2.14
N SER A 29 7.56 -13.16 1.83
CA SER A 29 6.98 -13.75 0.68
C SER A 29 7.12 -12.78 -0.49
N GLY A 30 6.81 -11.55 -0.20
CA GLY A 30 6.85 -10.47 -1.14
C GLY A 30 5.57 -10.40 -1.88
N TYR A 31 5.30 -9.29 -2.50
CA TYR A 31 4.05 -9.14 -3.17
C TYR A 31 4.21 -8.72 -4.60
N SER A 32 3.18 -8.94 -5.35
CA SER A 32 3.14 -8.63 -6.75
C SER A 32 1.73 -8.30 -7.17
N VAL A 33 1.62 -7.41 -8.12
CA VAL A 33 0.38 -6.90 -8.60
C VAL A 33 0.51 -6.73 -10.09
N ALA A 34 0.08 -7.73 -10.82
CA ALA A 34 0.03 -7.67 -12.28
C ALA A 34 -0.54 -6.35 -12.79
N TYR A 35 0.25 -5.69 -13.57
CA TYR A 35 -0.06 -4.40 -14.11
C TYR A 35 -0.73 -4.57 -15.47
N SER A 36 -1.61 -3.65 -15.78
CA SER A 36 -2.45 -3.67 -16.96
C SER A 36 -1.67 -3.84 -18.29
N GLU A 37 -0.48 -3.29 -18.39
CA GLU A 37 0.25 -3.37 -19.64
C GLU A 37 0.85 -4.75 -19.94
N LYS A 38 2.07 -4.98 -19.51
CA LYS A 38 2.73 -6.25 -19.84
C LYS A 38 3.60 -6.79 -18.71
N GLY A 39 3.40 -6.31 -17.52
CA GLY A 39 4.18 -6.76 -16.41
C GLY A 39 3.39 -6.65 -15.17
N LEU A 40 4.02 -6.79 -14.05
CA LEU A 40 3.41 -6.65 -12.78
C LEU A 40 4.17 -5.59 -11.96
N ILE A 41 3.67 -5.33 -10.79
CA ILE A 41 4.27 -4.42 -9.86
C ILE A 41 4.55 -5.16 -8.55
N TYR A 42 5.80 -5.22 -8.16
CA TYR A 42 6.20 -5.89 -6.94
C TYR A 42 6.01 -4.93 -5.80
N ILE A 43 5.50 -5.42 -4.70
CA ILE A 43 5.22 -4.57 -3.57
C ILE A 43 5.74 -5.15 -2.23
N GLY A 44 6.25 -4.27 -1.40
CA GLY A 44 6.65 -4.59 -0.06
C GLY A 44 5.92 -3.65 0.88
N ILE A 45 5.30 -4.19 1.87
CA ILE A 45 4.43 -3.43 2.75
C ILE A 45 5.09 -3.17 4.07
N CYS A 46 5.72 -1.99 4.19
CA CYS A 46 6.37 -1.54 5.43
C CYS A 46 7.43 -2.57 5.88
N GLY A 47 7.91 -3.33 4.92
CA GLY A 47 8.86 -4.36 5.18
C GLY A 47 9.65 -4.66 3.95
N GLY A 48 10.77 -5.29 4.12
CA GLY A 48 11.64 -5.58 3.00
C GLY A 48 11.31 -6.90 2.38
N THR A 49 11.34 -6.93 1.08
CA THR A 49 11.04 -8.12 0.34
C THR A 49 12.16 -8.47 -0.62
N LYS A 50 12.12 -9.67 -1.12
CA LYS A 50 13.03 -10.11 -2.13
C LYS A 50 12.45 -9.80 -3.51
N ASN A 51 11.17 -9.43 -3.54
CA ASN A 51 10.48 -9.10 -4.78
C ASN A 51 10.73 -7.66 -5.16
N CYS A 52 11.03 -6.86 -4.18
CA CYS A 52 11.25 -5.44 -4.41
C CYS A 52 12.48 -5.06 -3.60
N PRO A 53 13.29 -4.11 -4.04
CA PRO A 53 14.53 -3.75 -3.36
C PRO A 53 14.32 -3.19 -1.96
N SER A 54 15.30 -3.39 -1.12
CA SER A 54 15.33 -2.83 0.18
C SER A 54 15.33 -1.30 0.09
N GLY A 55 14.43 -0.68 0.80
CA GLY A 55 14.30 0.76 0.73
C GLY A 55 13.31 1.16 -0.36
N VAL A 56 12.76 0.18 -1.03
CA VAL A 56 11.78 0.39 -2.04
C VAL A 56 10.51 -0.29 -1.59
N GLY A 57 9.45 0.46 -1.54
CA GLY A 57 8.21 -0.08 -1.08
C GLY A 57 7.46 -0.72 -2.21
N VAL A 58 7.47 -0.06 -3.34
CA VAL A 58 6.76 -0.53 -4.51
C VAL A 58 7.64 -0.39 -5.71
N CYS A 59 7.60 -1.35 -6.59
CA CYS A 59 8.43 -1.30 -7.78
C CYS A 59 7.88 -2.16 -8.92
N PHE A 60 7.88 -1.63 -10.13
CA PHE A 60 7.45 -2.38 -11.32
C PHE A 60 8.39 -3.55 -11.57
N GLY A 61 7.89 -4.56 -12.21
CA GLY A 61 8.66 -5.74 -12.49
C GLY A 61 9.18 -5.78 -13.89
N LEU A 62 8.66 -4.90 -14.73
CA LEU A 62 9.03 -4.84 -16.10
C LEU A 62 10.45 -4.34 -16.21
N THR A 63 10.65 -3.13 -15.79
CA THR A 63 11.91 -2.51 -15.85
C THR A 63 12.40 -2.14 -14.45
N LYS A 64 11.86 -2.85 -13.43
CA LYS A 64 12.18 -2.63 -12.01
C LYS A 64 12.18 -1.17 -11.61
N ILE A 65 11.03 -0.59 -11.67
CA ILE A 65 10.85 0.83 -11.42
C ILE A 65 10.26 1.04 -10.05
N ASN A 66 11.05 1.50 -9.12
CA ASN A 66 10.55 1.91 -7.82
C ASN A 66 9.36 2.87 -8.02
N ALA A 67 8.23 2.44 -7.63
CA ALA A 67 7.00 3.16 -7.85
C ALA A 67 6.51 3.73 -6.55
N GLY A 68 7.39 3.77 -5.59
CA GLY A 68 7.06 4.32 -4.30
C GLY A 68 8.05 3.86 -3.27
N SER A 69 8.77 4.80 -2.71
CA SER A 69 9.80 4.46 -1.77
C SER A 69 9.25 4.06 -0.42
N TRP A 70 9.90 3.04 0.14
CA TRP A 70 9.62 2.36 1.41
C TRP A 70 9.19 3.32 2.52
N ASN A 71 8.14 2.99 3.22
CA ASN A 71 7.74 3.78 4.36
C ASN A 71 7.02 2.91 5.34
N SER A 72 6.88 3.45 6.50
CA SER A 72 6.21 2.81 7.56
C SER A 72 5.02 3.65 7.99
N GLN A 73 4.79 4.70 7.22
CA GLN A 73 3.79 5.71 7.50
C GLN A 73 2.41 5.22 7.11
N LEU A 74 1.74 4.64 8.06
CA LEU A 74 0.43 4.10 7.81
C LEU A 74 -0.62 5.02 8.33
N MET A 75 -1.65 5.19 7.56
CA MET A 75 -2.74 6.05 7.91
C MET A 75 -4.03 5.31 7.76
N TYR A 76 -5.10 5.96 8.14
CA TYR A 76 -6.43 5.43 8.07
C TYR A 76 -7.29 6.55 7.61
N VAL A 77 -7.64 6.51 6.39
CA VAL A 77 -8.35 7.55 5.75
C VAL A 77 -9.45 6.98 4.87
N ASP A 78 -10.67 7.41 5.15
CA ASP A 78 -11.87 7.03 4.44
C ASP A 78 -12.14 5.54 4.62
N GLN A 79 -11.96 5.08 5.89
CA GLN A 79 -12.16 3.69 6.31
C GLN A 79 -11.13 2.75 5.68
N VAL A 80 -10.11 3.33 5.12
CA VAL A 80 -9.07 2.62 4.45
C VAL A 80 -7.71 2.94 5.04
N LEU A 81 -6.94 1.90 5.33
CA LEU A 81 -5.57 2.06 5.80
C LEU A 81 -4.77 2.44 4.58
N GLN A 82 -3.97 3.42 4.67
CA GLN A 82 -3.33 3.88 3.49
C GLN A 82 -1.88 4.16 3.70
N LEU A 83 -1.10 3.64 2.81
CA LEU A 83 0.30 3.91 2.75
C LEU A 83 0.54 4.61 1.43
N VAL A 84 1.11 5.78 1.50
CA VAL A 84 1.45 6.53 0.33
C VAL A 84 2.95 6.50 0.16
N TYR A 85 3.40 5.58 -0.61
CA TYR A 85 4.79 5.42 -0.92
C TYR A 85 5.16 6.46 -1.95
N ASP A 86 5.69 7.54 -1.51
CA ASP A 86 5.99 8.69 -2.35
C ASP A 86 7.46 8.72 -2.70
N ASP A 87 7.78 9.63 -3.61
CA ASP A 87 9.14 9.85 -4.13
C ASP A 87 9.76 8.55 -4.56
N GLY A 88 9.16 7.91 -5.52
CA GLY A 88 9.70 6.71 -6.04
C GLY A 88 10.74 7.00 -7.09
N ALA A 89 10.72 6.25 -8.11
CA ALA A 89 11.63 6.44 -9.20
C ALA A 89 11.04 7.45 -10.17
N PRO A 90 11.86 8.08 -11.00
CA PRO A 90 11.38 9.07 -11.93
C PRO A 90 10.71 8.41 -13.14
N CYS A 91 9.68 9.04 -13.62
CA CYS A 91 8.94 8.64 -14.76
C CYS A 91 9.51 9.26 -16.05
N PRO A 92 10.16 8.46 -16.89
CA PRO A 92 10.51 8.85 -18.25
C PRO A 92 9.56 8.15 -19.24
N SER A 93 8.61 7.50 -18.64
CA SER A 93 7.67 6.65 -19.30
C SER A 93 6.44 7.38 -19.81
N LYS A 94 5.68 7.96 -18.91
CA LYS A 94 4.40 8.57 -19.27
C LYS A 94 4.42 10.00 -18.87
N ASN A 95 4.50 10.20 -17.58
CA ASN A 95 4.67 11.51 -17.04
C ASN A 95 6.12 11.72 -16.88
N ALA A 96 6.48 12.84 -16.39
CA ALA A 96 7.85 13.14 -16.14
C ALA A 96 8.05 13.42 -14.66
N LEU A 97 7.14 12.89 -13.85
CA LEU A 97 7.21 13.07 -12.39
C LEU A 97 7.82 11.86 -11.78
N LYS A 98 7.81 11.79 -10.48
CA LYS A 98 8.25 10.60 -9.82
C LYS A 98 7.06 9.74 -9.52
N TYR A 99 7.28 8.47 -9.60
CA TYR A 99 6.26 7.51 -9.24
C TYR A 99 5.97 7.57 -7.75
N LYS A 100 4.75 7.33 -7.41
CA LYS A 100 4.36 7.17 -6.03
C LYS A 100 3.22 6.23 -6.00
N SER A 101 2.94 5.68 -4.89
CA SER A 101 1.95 4.67 -4.78
C SER A 101 1.07 4.94 -3.60
N VAL A 102 -0.19 4.69 -3.74
CA VAL A 102 -1.13 4.85 -2.71
C VAL A 102 -1.87 3.55 -2.55
N ILE A 103 -1.43 2.82 -1.59
CA ILE A 103 -1.96 1.54 -1.29
C ILE A 103 -3.13 1.67 -0.34
N SER A 104 -4.29 1.40 -0.84
CA SER A 104 -5.48 1.47 -0.08
C SER A 104 -5.81 0.08 0.50
N PHE A 105 -5.78 -0.01 1.80
CA PHE A 105 -6.11 -1.23 2.50
C PHE A 105 -7.57 -1.27 2.78
N VAL A 106 -8.18 -2.16 2.12
CA VAL A 106 -9.57 -2.35 2.10
C VAL A 106 -9.91 -3.63 2.82
N CYS A 107 -10.71 -3.50 3.83
CA CYS A 107 -11.14 -4.60 4.68
C CYS A 107 -11.72 -5.81 3.90
N THR A 108 -11.25 -7.00 4.26
CA THR A 108 -11.79 -8.25 3.71
C THR A 108 -12.07 -9.23 4.86
N HIS A 109 -13.14 -10.00 4.74
CA HIS A 109 -13.62 -10.94 5.80
C HIS A 109 -12.65 -12.08 6.12
N ASP A 110 -11.50 -12.10 5.46
CA ASP A 110 -10.51 -13.17 5.64
C ASP A 110 -9.81 -13.03 7.00
N SER A 111 -8.76 -13.79 7.22
CA SER A 111 -8.01 -13.67 8.44
C SER A 111 -6.54 -13.40 8.11
N GLY A 112 -6.12 -12.13 8.27
CA GLY A 112 -4.75 -11.70 7.99
C GLY A 112 -4.24 -12.14 6.64
N ALA A 113 -4.91 -11.70 5.61
CA ALA A 113 -4.65 -12.13 4.25
C ALA A 113 -4.32 -10.97 3.35
N ASN A 114 -4.05 -11.28 2.09
CA ASN A 114 -3.82 -10.26 1.10
C ASN A 114 -5.00 -10.26 0.15
N ASN A 115 -5.68 -11.45 0.09
CA ASN A 115 -6.94 -11.69 -0.65
C ASN A 115 -6.81 -11.53 -2.15
N LYS A 116 -6.50 -10.36 -2.52
CA LYS A 116 -6.40 -9.94 -3.88
C LYS A 116 -5.77 -8.56 -3.95
N PRO A 117 -4.53 -8.49 -4.39
CA PRO A 117 -3.87 -7.24 -4.72
C PRO A 117 -4.40 -6.75 -6.06
N VAL A 118 -4.97 -5.58 -6.06
CA VAL A 118 -5.60 -5.05 -7.25
C VAL A 118 -5.01 -3.70 -7.61
N PHE A 119 -4.36 -3.62 -8.73
CA PHE A 119 -3.95 -2.37 -9.22
C PHE A 119 -5.14 -1.78 -9.91
N VAL A 120 -5.74 -0.84 -9.25
CA VAL A 120 -6.95 -0.27 -9.70
C VAL A 120 -6.71 0.79 -10.77
N SER A 121 -5.88 1.74 -10.49
CA SER A 121 -5.69 2.85 -11.40
C SER A 121 -4.28 3.42 -11.30
N LEU A 122 -3.78 3.92 -12.40
CA LEU A 122 -2.54 4.63 -12.39
C LEU A 122 -2.89 6.05 -12.60
N ASP A 123 -2.30 6.91 -11.87
CA ASP A 123 -2.58 8.29 -11.96
C ASP A 123 -1.60 8.89 -12.84
N LYS A 124 -2.06 9.26 -13.96
CA LYS A 124 -1.25 9.76 -15.03
C LYS A 124 -1.10 11.24 -14.93
N GLN A 125 -1.48 11.78 -13.82
CA GLN A 125 -1.25 13.17 -13.57
C GLN A 125 0.06 13.30 -12.78
N THR A 126 0.25 12.41 -11.83
CA THR A 126 1.42 12.48 -10.96
C THR A 126 2.12 11.10 -10.73
N CYS A 127 1.87 10.14 -11.63
CA CYS A 127 2.48 8.80 -11.56
C CYS A 127 2.09 8.07 -10.26
N THR A 128 0.85 8.17 -9.86
CA THR A 128 0.42 7.56 -8.62
C THR A 128 -0.20 6.17 -8.84
N LEU A 129 0.50 5.17 -8.38
CA LEU A 129 0.10 3.78 -8.41
C LEU A 129 -0.99 3.55 -7.38
N TYR A 130 -2.22 3.51 -7.81
CA TYR A 130 -3.31 3.23 -6.92
C TYR A 130 -3.49 1.76 -6.81
N PHE A 131 -3.23 1.27 -5.66
CA PHE A 131 -3.31 -0.09 -5.39
C PHE A 131 -4.37 -0.30 -4.32
N SER A 132 -4.99 -1.41 -4.40
CA SER A 132 -6.01 -1.78 -3.49
C SER A 132 -5.70 -3.15 -2.93
N TRP A 133 -5.65 -3.24 -1.65
CA TRP A 133 -5.30 -4.45 -0.98
C TRP A 133 -6.47 -4.83 -0.13
N HIS A 134 -6.99 -6.00 -0.35
CA HIS A 134 -8.07 -6.46 0.46
C HIS A 134 -7.49 -7.14 1.66
N THR A 135 -7.51 -6.50 2.77
CA THR A 135 -6.90 -7.08 3.90
C THR A 135 -7.80 -7.06 5.13
N PRO A 136 -7.79 -8.14 5.89
CA PRO A 136 -8.49 -8.27 7.17
C PRO A 136 -7.86 -7.39 8.24
N LEU A 137 -6.70 -6.85 7.92
CA LEU A 137 -5.98 -5.99 8.82
C LEU A 137 -6.62 -4.63 8.79
N ALA A 138 -7.34 -4.39 7.71
CA ALA A 138 -8.06 -3.16 7.54
C ALA A 138 -9.40 -3.28 8.20
N CYS A 139 -9.68 -4.48 8.64
CA CYS A 139 -10.93 -4.77 9.28
C CYS A 139 -10.87 -4.46 10.74
N GLU A 140 -11.75 -3.63 11.15
CA GLU A 140 -11.86 -3.24 12.50
C GLU A 140 -12.76 -4.21 13.22
N LYS A 141 -12.26 -4.67 14.32
CA LYS A 141 -12.93 -5.67 15.16
C LYS A 141 -14.01 -5.00 16.01
N GLU A 142 -13.97 -3.70 16.02
CA GLU A 142 -14.84 -2.85 16.78
C GLU A 142 -15.66 -2.04 15.81
N GLU A 143 -16.55 -1.20 16.30
CA GLU A 143 -17.35 -0.39 15.41
C GLU A 143 -17.55 1.01 15.98
N PRO A 144 -17.35 2.02 15.14
CA PRO A 144 -17.43 3.42 15.53
C PRO A 144 -18.85 3.93 15.78
N ARG A 145 -18.92 5.21 16.11
CA ARG A 145 -20.15 5.95 16.39
C ARG A 145 -21.18 5.84 15.25
N HIS A 146 -20.72 5.76 14.03
CA HIS A 146 -21.61 5.55 12.92
C HIS A 146 -21.11 4.37 12.12
N HIS A 147 -21.63 3.23 12.43
CA HIS A 147 -21.32 2.01 11.73
C HIS A 147 -22.61 1.31 11.41
N MET A 1 -6.20 8.10 20.79
CA MET A 1 -4.80 7.71 20.64
C MET A 1 -4.15 8.57 19.59
N LYS A 2 -4.51 8.34 18.35
CA LYS A 2 -3.98 9.08 17.24
C LYS A 2 -4.92 8.91 16.07
N SER A 3 -4.95 9.87 15.22
CA SER A 3 -5.76 9.85 14.04
C SER A 3 -4.98 9.20 12.89
N ASN A 4 -5.43 9.41 11.67
CA ASN A 4 -4.73 8.88 10.53
C ASN A 4 -3.46 9.68 10.25
N ILE A 5 -2.43 9.29 10.94
CA ILE A 5 -1.13 9.89 10.91
C ILE A 5 -0.13 8.74 10.87
N GLN A 6 1.04 8.99 10.34
CA GLN A 6 2.10 8.02 10.19
C GLN A 6 2.55 7.44 11.55
N ASP A 7 3.29 6.34 11.48
CA ASP A 7 3.80 5.66 12.67
C ASP A 7 4.77 4.56 12.25
N ASN A 8 4.27 3.35 12.10
CA ASN A 8 5.07 2.23 11.66
C ASN A 8 4.15 1.15 11.16
N CYS A 9 3.64 1.37 9.93
CA CYS A 9 2.74 0.44 9.23
C CYS A 9 1.56 -0.02 10.09
N GLN A 10 1.09 0.92 10.89
CA GLN A 10 -0.02 0.76 11.78
C GLN A 10 -0.67 2.12 11.90
N VAL A 11 -1.97 2.15 12.01
CA VAL A 11 -2.71 3.39 12.07
C VAL A 11 -3.78 3.25 13.11
N THR A 12 -4.15 4.29 13.73
CA THR A 12 -5.18 4.24 14.71
C THR A 12 -6.37 5.08 14.24
N ASN A 13 -7.55 4.49 14.26
CA ASN A 13 -8.77 5.20 13.87
C ASN A 13 -9.02 6.34 14.85
N PRO A 14 -9.11 7.58 14.37
CA PRO A 14 -9.42 8.72 15.21
C PRO A 14 -10.80 8.64 15.90
N ALA A 15 -11.67 7.74 15.44
CA ALA A 15 -13.01 7.68 15.99
C ALA A 15 -13.14 6.63 17.06
N THR A 16 -12.32 5.61 17.00
CA THR A 16 -12.44 4.51 17.93
C THR A 16 -11.18 4.28 18.71
N GLY A 17 -10.10 4.77 18.20
CA GLY A 17 -8.84 4.56 18.81
C GLY A 17 -8.35 3.17 18.52
N HIS A 18 -9.03 2.48 17.60
CA HIS A 18 -8.59 1.16 17.24
C HIS A 18 -7.45 1.20 16.25
N LEU A 19 -6.37 0.61 16.65
CA LEU A 19 -5.17 0.47 15.89
C LEU A 19 -5.36 -0.60 14.81
N PHE A 20 -4.84 -0.30 13.66
CA PHE A 20 -4.81 -1.13 12.51
C PHE A 20 -3.39 -1.41 12.24
N ASP A 21 -3.06 -2.59 11.86
CA ASP A 21 -1.69 -2.96 11.73
C ASP A 21 -1.44 -3.78 10.50
N LEU A 22 -0.40 -3.45 9.77
CA LEU A 22 -0.03 -4.16 8.59
C LEU A 22 1.31 -4.84 8.78
N ASN A 23 1.77 -4.88 10.01
CA ASN A 23 3.08 -5.47 10.33
C ASN A 23 3.10 -6.95 10.06
N SER A 24 1.94 -7.56 10.03
CA SER A 24 1.85 -8.98 9.72
C SER A 24 2.05 -9.21 8.21
N LEU A 25 2.00 -8.16 7.41
CA LEU A 25 2.21 -8.27 5.99
C LEU A 25 3.67 -8.05 5.65
N LYS A 26 4.49 -7.95 6.65
CA LYS A 26 5.90 -7.77 6.44
C LYS A 26 6.51 -9.11 6.20
N ASN A 27 6.67 -9.40 4.98
CA ASN A 27 7.21 -10.62 4.53
C ASN A 27 8.30 -10.33 3.56
N ASP A 28 9.36 -11.05 3.70
CA ASP A 28 10.54 -10.91 2.85
C ASP A 28 10.27 -11.52 1.51
N SER A 29 9.30 -12.40 1.47
CA SER A 29 8.81 -12.97 0.29
C SER A 29 8.38 -11.86 -0.67
N GLY A 30 7.46 -11.04 -0.24
CA GLY A 30 7.07 -9.93 -1.06
C GLY A 30 5.81 -10.19 -1.84
N TYR A 31 5.24 -9.12 -2.30
CA TYR A 31 3.98 -9.14 -2.97
C TYR A 31 4.13 -8.73 -4.41
N SER A 32 3.09 -8.90 -5.15
CA SER A 32 3.05 -8.59 -6.54
C SER A 32 1.64 -8.23 -7.00
N VAL A 33 1.58 -7.35 -7.95
CA VAL A 33 0.36 -6.83 -8.49
C VAL A 33 0.51 -6.71 -9.98
N ALA A 34 0.07 -7.71 -10.67
CA ALA A 34 0.06 -7.69 -12.12
C ALA A 34 -0.60 -6.43 -12.65
N TYR A 35 0.09 -5.74 -13.51
CA TYR A 35 -0.40 -4.49 -14.05
C TYR A 35 -1.23 -4.80 -15.29
N SER A 36 -2.18 -3.94 -15.56
CA SER A 36 -3.16 -4.07 -16.62
C SER A 36 -2.56 -4.34 -18.03
N GLU A 37 -1.30 -3.95 -18.25
CA GLU A 37 -0.69 -4.12 -19.57
C GLU A 37 -0.06 -5.49 -19.79
N LYS A 38 1.16 -5.69 -19.29
CA LYS A 38 1.87 -6.94 -19.59
C LYS A 38 2.72 -7.53 -18.45
N GLY A 39 2.99 -6.75 -17.42
CA GLY A 39 3.81 -7.22 -16.36
C GLY A 39 3.20 -6.82 -15.07
N LEU A 40 3.84 -7.15 -14.01
CA LEU A 40 3.35 -6.90 -12.68
C LEU A 40 4.16 -5.83 -11.97
N ILE A 41 3.70 -5.46 -10.81
CA ILE A 41 4.34 -4.52 -9.92
C ILE A 41 4.57 -5.21 -8.57
N TYR A 42 5.80 -5.32 -8.14
CA TYR A 42 6.12 -5.97 -6.88
C TYR A 42 5.92 -5.00 -5.73
N ILE A 43 5.51 -5.53 -4.60
CA ILE A 43 5.24 -4.72 -3.44
C ILE A 43 5.91 -5.31 -2.18
N GLY A 44 6.45 -4.43 -1.37
CA GLY A 44 6.94 -4.75 -0.07
C GLY A 44 6.18 -3.92 0.94
N ILE A 45 5.65 -4.53 1.96
CA ILE A 45 4.82 -3.81 2.92
C ILE A 45 5.58 -3.53 4.20
N CYS A 46 6.14 -2.29 4.29
CA CYS A 46 6.85 -1.80 5.50
C CYS A 46 8.10 -2.67 5.79
N GLY A 47 8.48 -3.46 4.84
CA GLY A 47 9.55 -4.40 5.02
C GLY A 47 10.18 -4.74 3.72
N GLY A 48 11.37 -5.25 3.77
CA GLY A 48 12.11 -5.57 2.59
C GLY A 48 11.80 -6.93 2.05
N THR A 49 11.64 -6.98 0.77
CA THR A 49 11.35 -8.17 0.06
C THR A 49 12.52 -8.57 -0.84
N LYS A 50 12.50 -9.78 -1.30
CA LYS A 50 13.47 -10.26 -2.24
C LYS A 50 12.99 -10.01 -3.67
N ASN A 51 11.71 -9.70 -3.81
CA ASN A 51 11.11 -9.47 -5.11
C ASN A 51 11.21 -8.01 -5.49
N CYS A 52 11.37 -7.18 -4.51
CA CYS A 52 11.49 -5.76 -4.72
C CYS A 52 12.64 -5.29 -3.84
N PRO A 53 13.46 -4.34 -4.31
CA PRO A 53 14.68 -3.89 -3.60
C PRO A 53 14.47 -3.39 -2.17
N SER A 54 15.50 -3.53 -1.36
CA SER A 54 15.51 -3.00 -0.04
C SER A 54 15.59 -1.47 -0.16
N GLY A 55 14.65 -0.80 0.45
CA GLY A 55 14.56 0.63 0.30
C GLY A 55 13.50 0.99 -0.71
N VAL A 56 12.92 -0.02 -1.32
CA VAL A 56 11.89 0.14 -2.29
C VAL A 56 10.62 -0.53 -1.76
N GLY A 57 9.54 0.22 -1.73
CA GLY A 57 8.31 -0.30 -1.22
C GLY A 57 7.49 -0.93 -2.30
N VAL A 58 7.53 -0.33 -3.45
CA VAL A 58 6.81 -0.81 -4.60
C VAL A 58 7.68 -0.62 -5.83
N CYS A 59 7.69 -1.59 -6.70
CA CYS A 59 8.50 -1.49 -7.90
C CYS A 59 7.92 -2.31 -9.05
N PHE A 60 7.91 -1.74 -10.25
CA PHE A 60 7.46 -2.47 -11.42
C PHE A 60 8.39 -3.65 -11.66
N GLY A 61 7.83 -4.73 -12.10
CA GLY A 61 8.58 -5.96 -12.24
C GLY A 61 9.18 -6.13 -13.59
N LEU A 62 8.67 -5.37 -14.53
CA LEU A 62 9.12 -5.39 -15.86
C LEU A 62 10.55 -4.89 -15.97
N THR A 63 10.68 -3.60 -15.81
CA THR A 63 11.95 -2.96 -15.99
C THR A 63 12.47 -2.44 -14.65
N LYS A 64 11.87 -2.95 -13.57
CA LYS A 64 12.24 -2.65 -12.18
C LYS A 64 12.20 -1.16 -11.90
N ILE A 65 11.00 -0.64 -11.91
CA ILE A 65 10.77 0.77 -11.67
C ILE A 65 10.20 0.97 -10.29
N ASN A 66 11.04 1.36 -9.35
CA ASN A 66 10.55 1.73 -8.01
C ASN A 66 9.39 2.72 -8.11
N ALA A 67 8.25 2.24 -7.80
CA ALA A 67 7.03 2.98 -7.94
C ALA A 67 6.63 3.60 -6.62
N GLY A 68 7.49 3.55 -5.67
CA GLY A 68 7.25 4.17 -4.39
C GLY A 68 8.18 3.65 -3.35
N SER A 69 8.88 4.53 -2.66
CA SER A 69 9.86 4.07 -1.74
C SER A 69 9.30 3.56 -0.46
N TRP A 70 10.03 2.61 0.02
CA TRP A 70 9.85 1.90 1.27
C TRP A 70 9.45 2.85 2.39
N ASN A 71 8.33 2.59 3.00
CA ASN A 71 7.82 3.45 4.09
C ASN A 71 7.00 2.64 5.05
N SER A 72 6.67 3.24 6.16
CA SER A 72 5.79 2.69 7.15
C SER A 72 4.65 3.68 7.37
N GLN A 73 4.49 4.57 6.39
CA GLN A 73 3.53 5.66 6.42
C GLN A 73 2.13 5.14 6.19
N LEU A 74 1.46 4.78 7.26
CA LEU A 74 0.12 4.27 7.16
C LEU A 74 -0.85 5.27 7.70
N MET A 75 -1.96 5.36 7.05
CA MET A 75 -3.04 6.21 7.45
C MET A 75 -4.34 5.45 7.29
N TYR A 76 -5.42 6.08 7.65
CA TYR A 76 -6.73 5.49 7.63
C TYR A 76 -7.67 6.54 7.12
N VAL A 77 -7.94 6.46 5.89
CA VAL A 77 -8.70 7.43 5.19
C VAL A 77 -9.76 6.74 4.32
N ASP A 78 -11.02 7.12 4.53
CA ASP A 78 -12.20 6.57 3.84
C ASP A 78 -12.43 5.12 4.21
N GLN A 79 -12.18 4.81 5.49
CA GLN A 79 -12.30 3.47 6.06
C GLN A 79 -11.27 2.54 5.44
N VAL A 80 -10.32 3.14 4.80
CA VAL A 80 -9.27 2.46 4.14
C VAL A 80 -7.90 2.88 4.71
N LEU A 81 -7.12 1.91 5.07
CA LEU A 81 -5.77 2.12 5.56
C LEU A 81 -4.99 2.42 4.32
N GLN A 82 -4.14 3.36 4.33
CA GLN A 82 -3.47 3.68 3.13
C GLN A 82 -2.02 3.94 3.35
N LEU A 83 -1.20 3.22 2.62
CA LEU A 83 0.23 3.43 2.66
C LEU A 83 0.60 4.25 1.47
N VAL A 84 1.26 5.33 1.72
CA VAL A 84 1.72 6.18 0.67
C VAL A 84 3.22 6.04 0.57
N TYR A 85 3.63 5.20 -0.31
CA TYR A 85 5.01 5.02 -0.61
C TYR A 85 5.40 6.08 -1.60
N ASP A 86 5.88 7.18 -1.11
CA ASP A 86 6.21 8.28 -1.96
C ASP A 86 7.67 8.33 -2.24
N ASP A 87 8.03 9.25 -3.11
CA ASP A 87 9.39 9.52 -3.54
C ASP A 87 10.07 8.25 -4.06
N GLY A 88 9.46 7.64 -5.06
CA GLY A 88 10.03 6.44 -5.64
C GLY A 88 11.04 6.77 -6.72
N ALA A 89 10.97 6.05 -7.81
CA ALA A 89 11.85 6.29 -8.93
C ALA A 89 11.25 7.38 -9.80
N PRO A 90 12.04 8.03 -10.66
CA PRO A 90 11.54 9.10 -11.49
C PRO A 90 10.56 8.58 -12.54
N CYS A 91 9.44 9.21 -12.60
CA CYS A 91 8.36 8.83 -13.47
C CYS A 91 8.55 9.44 -14.84
N PRO A 92 8.84 8.61 -15.83
CA PRO A 92 9.05 9.06 -17.20
C PRO A 92 7.73 9.32 -17.92
N SER A 93 6.64 8.87 -17.31
CA SER A 93 5.31 9.05 -17.88
C SER A 93 4.91 10.52 -17.89
N LYS A 94 4.93 11.14 -16.72
CA LYS A 94 4.53 12.51 -16.60
C LYS A 94 5.70 13.44 -16.43
N ASN A 95 6.86 12.82 -16.45
CA ASN A 95 8.18 13.47 -16.54
C ASN A 95 8.62 14.18 -15.27
N ALA A 96 7.85 15.13 -14.86
CA ALA A 96 8.18 16.01 -13.75
C ALA A 96 8.21 15.32 -12.40
N LEU A 97 7.48 14.25 -12.22
CA LEU A 97 7.41 13.69 -10.89
C LEU A 97 8.03 12.32 -10.81
N LYS A 98 8.03 11.77 -9.63
CA LYS A 98 8.47 10.44 -9.38
C LYS A 98 7.25 9.58 -9.18
N TYR A 99 7.45 8.29 -9.13
CA TYR A 99 6.38 7.40 -8.83
C TYR A 99 6.15 7.36 -7.35
N LYS A 100 4.92 7.11 -6.98
CA LYS A 100 4.59 6.87 -5.62
C LYS A 100 3.38 5.97 -5.62
N SER A 101 3.19 5.30 -4.55
CA SER A 101 2.17 4.31 -4.45
C SER A 101 1.24 4.60 -3.31
N VAL A 102 0.01 4.28 -3.52
CA VAL A 102 -1.05 4.43 -2.56
C VAL A 102 -1.82 3.15 -2.45
N ILE A 103 -1.40 2.35 -1.57
CA ILE A 103 -2.02 1.09 -1.35
C ILE A 103 -3.17 1.29 -0.41
N SER A 104 -4.35 1.17 -0.94
CA SER A 104 -5.56 1.33 -0.21
C SER A 104 -5.97 -0.03 0.37
N PHE A 105 -5.96 -0.12 1.66
CA PHE A 105 -6.26 -1.33 2.37
C PHE A 105 -7.70 -1.34 2.75
N VAL A 106 -8.36 -2.24 2.15
CA VAL A 106 -9.75 -2.43 2.26
C VAL A 106 -10.03 -3.69 3.05
N CYS A 107 -10.88 -3.56 4.02
CA CYS A 107 -11.28 -4.66 4.89
C CYS A 107 -11.79 -5.87 4.09
N THR A 108 -11.22 -7.04 4.38
CA THR A 108 -11.65 -8.28 3.75
C THR A 108 -12.01 -9.29 4.82
N HIS A 109 -13.02 -10.11 4.54
CA HIS A 109 -13.58 -11.14 5.47
C HIS A 109 -12.57 -12.23 5.86
N ASP A 110 -11.34 -12.15 5.37
CA ASP A 110 -10.29 -13.15 5.65
C ASP A 110 -9.71 -12.91 7.05
N SER A 111 -8.65 -13.62 7.40
CA SER A 111 -7.99 -13.38 8.67
C SER A 111 -6.47 -13.33 8.46
N GLY A 112 -5.84 -12.18 8.79
CA GLY A 112 -4.40 -12.02 8.66
C GLY A 112 -3.84 -12.36 7.29
N ALA A 113 -4.55 -11.93 6.29
CA ALA A 113 -4.19 -12.22 4.93
C ALA A 113 -3.96 -10.94 4.17
N ASN A 114 -3.59 -11.07 2.92
CA ASN A 114 -3.41 -9.94 2.07
C ASN A 114 -4.40 -10.09 0.97
N ASN A 115 -5.01 -11.29 0.92
CA ASN A 115 -5.99 -11.74 -0.05
C ASN A 115 -5.39 -11.68 -1.43
N LYS A 116 -5.38 -10.52 -1.97
CA LYS A 116 -4.80 -10.23 -3.26
C LYS A 116 -4.85 -8.71 -3.51
N PRO A 117 -3.70 -8.07 -3.75
CA PRO A 117 -3.64 -6.65 -4.12
C PRO A 117 -3.92 -6.44 -5.61
N VAL A 118 -4.84 -5.54 -5.91
CA VAL A 118 -5.27 -5.26 -7.27
C VAL A 118 -4.89 -3.83 -7.62
N PHE A 119 -4.32 -3.63 -8.76
CA PHE A 119 -4.05 -2.31 -9.24
C PHE A 119 -5.34 -1.75 -9.77
N VAL A 120 -5.80 -0.72 -9.13
CA VAL A 120 -7.03 -0.12 -9.52
C VAL A 120 -6.82 0.98 -10.57
N SER A 121 -5.94 1.91 -10.31
CA SER A 121 -5.75 3.01 -11.24
C SER A 121 -4.40 3.69 -11.03
N LEU A 122 -3.89 4.30 -12.08
CA LEU A 122 -2.68 5.08 -11.99
C LEU A 122 -3.10 6.53 -12.01
N ASP A 123 -2.43 7.32 -11.24
CA ASP A 123 -2.73 8.72 -11.14
C ASP A 123 -1.78 9.41 -12.01
N LYS A 124 -2.28 9.90 -13.05
CA LYS A 124 -1.48 10.50 -14.08
C LYS A 124 -1.23 11.97 -13.81
N GLN A 125 -1.59 12.39 -12.66
CA GLN A 125 -1.32 13.75 -12.27
C GLN A 125 -0.01 13.79 -11.50
N THR A 126 0.20 12.79 -10.67
CA THR A 126 1.37 12.73 -9.83
C THR A 126 2.07 11.34 -9.83
N CYS A 127 1.78 10.52 -10.85
CA CYS A 127 2.37 9.18 -11.03
C CYS A 127 2.15 8.32 -9.79
N THR A 128 0.93 8.31 -9.34
CA THR A 128 0.55 7.65 -8.11
C THR A 128 -0.16 6.31 -8.40
N LEU A 129 0.50 5.25 -8.01
CA LEU A 129 0.06 3.87 -8.17
C LEU A 129 -1.03 3.56 -7.14
N TYR A 130 -2.28 3.57 -7.53
CA TYR A 130 -3.35 3.22 -6.63
C TYR A 130 -3.54 1.73 -6.59
N PHE A 131 -3.37 1.16 -5.42
CA PHE A 131 -3.55 -0.25 -5.24
C PHE A 131 -4.71 -0.51 -4.34
N SER A 132 -5.46 -1.52 -4.62
CA SER A 132 -6.54 -1.93 -3.78
C SER A 132 -6.14 -3.22 -3.12
N TRP A 133 -6.08 -3.22 -1.84
CA TRP A 133 -5.60 -4.33 -1.10
C TRP A 133 -6.70 -4.81 -0.20
N HIS A 134 -7.07 -6.04 -0.33
CA HIS A 134 -8.10 -6.60 0.50
C HIS A 134 -7.42 -7.20 1.73
N THR A 135 -7.49 -6.55 2.86
CA THR A 135 -6.84 -7.06 4.02
C THR A 135 -7.76 -7.00 5.26
N PRO A 136 -7.76 -8.06 6.09
CA PRO A 136 -8.55 -8.15 7.34
C PRO A 136 -7.98 -7.22 8.40
N LEU A 137 -6.83 -6.73 8.09
CA LEU A 137 -6.08 -5.84 8.92
C LEU A 137 -6.66 -4.46 8.78
N ALA A 138 -7.38 -4.27 7.68
CA ALA A 138 -8.05 -3.04 7.41
C ALA A 138 -9.39 -3.08 8.06
N CYS A 139 -9.70 -4.22 8.60
CA CYS A 139 -10.92 -4.39 9.33
C CYS A 139 -10.69 -3.95 10.73
N GLU A 140 -11.54 -3.07 11.22
CA GLU A 140 -11.43 -2.63 12.56
C GLU A 140 -11.89 -3.78 13.43
N LYS A 141 -11.33 -3.86 14.57
CA LYS A 141 -11.60 -4.94 15.50
C LYS A 141 -13.09 -5.08 15.82
N GLU A 142 -13.77 -3.98 16.09
CA GLU A 142 -15.20 -4.04 16.21
C GLU A 142 -15.79 -3.49 14.91
N GLU A 143 -17.08 -3.49 14.76
CA GLU A 143 -17.68 -2.99 13.55
C GLU A 143 -17.69 -1.47 13.52
N PRO A 144 -17.39 -0.86 12.36
CA PRO A 144 -17.34 0.59 12.19
C PRO A 144 -18.73 1.21 12.23
N ARG A 145 -18.83 2.48 11.85
CA ARG A 145 -20.10 3.17 11.83
C ARG A 145 -20.95 2.60 10.71
N HIS A 146 -20.29 2.23 9.64
CA HIS A 146 -20.95 1.60 8.52
C HIS A 146 -20.04 0.51 7.97
N HIS A 147 -20.48 -0.72 8.09
CA HIS A 147 -19.73 -1.86 7.61
C HIS A 147 -20.43 -2.40 6.37
#